data_7XHP
#
_entry.id   7XHP
#
_cell.length_a   80.610
_cell.length_b   101.073
_cell.length_c   321.066
_cell.angle_alpha   90.000
_cell.angle_beta   90.020
_cell.angle_gamma   90.000
#
_symmetry.space_group_name_H-M   'P 1 21 1'
#
loop_
_entity.id
_entity.type
_entity.pdbx_description
1 polymer 'Glucose 6-Phosphate Dehydrogenase'
2 water water
#
_entity_poly.entity_id   1
_entity_poly.type   'polypeptide(L)'
_entity_poly.pdbx_seq_one_letter_code
;MTNTVSTMILFGSTGDLSQRMLLPSLYGLDADGLLADDLRIVCTSRSEYDTDGFRDFAEKALDRFVASDRLNDDAKAKFL
NKLFYATVDITDPTQFGKIADLCGPVEKGIAIYLSTSPSLFEGAIAGLKQAGLAGPTSRLALEKPLGQDLASSDHINDAV
LKVFSEKQVYRIDHYLGKETVQNLLTLRFGNALFEPLWNSKGIDHVQISVAETVGLEGRIGYFDSSGSLRDMVQSHILQL
VALVAMEPPAHMEANAVRDEKVKVFRALRPINNDTVITHTVTGQYGAGVSGGKEVAGYIDELGQPSDTETFVAIKAHVDN
WRWHGVPFYIRTGKRLPARRSEIVVQFKPVPHSIFSSSGGILQPNKLRIVLQPDETIQISIMVKEPGLDRNGAHMREVWL
DLSLTDVFKDRKRRIAYERLMLDLIEGDATLFVRRDEVEAQWIWIDGIREGWKANSMKPKTYVSGTWGPITAIALVERDG
VTWYDLEHHHHHH
;
_entity_poly.pdbx_strand_id   A,B,C,D,E,F,G,H
#
# COMPACT_ATOMS: atom_id res chain seq x y z
N SER A 6 41.67 21.87 -14.49
CA SER A 6 41.04 23.15 -14.21
C SER A 6 40.83 23.95 -15.49
N THR A 7 41.02 23.32 -16.64
CA THR A 7 40.99 24.00 -17.93
C THR A 7 40.73 23.00 -19.05
N MET A 8 39.93 23.42 -20.04
CA MET A 8 39.62 22.60 -21.20
C MET A 8 39.70 23.48 -22.46
N ILE A 9 40.24 22.93 -23.53
CA ILE A 9 40.58 23.70 -24.73
C ILE A 9 39.89 23.13 -25.96
N LEU A 10 39.25 24.02 -26.73
CA LEU A 10 38.55 23.71 -27.97
C LEU A 10 38.80 24.88 -28.91
N PHE A 11 39.19 24.63 -30.16
CA PHE A 11 39.54 25.75 -31.08
C PHE A 11 38.33 26.20 -31.91
N GLY A 12 37.21 25.48 -31.85
CA GLY A 12 36.03 25.80 -32.68
C GLY A 12 34.83 26.36 -31.94
N SER A 13 34.96 26.83 -30.71
CA SER A 13 33.75 27.18 -29.92
C SER A 13 32.89 28.27 -30.56
N THR A 14 33.47 29.36 -31.07
CA THR A 14 32.61 30.35 -31.76
C THR A 14 32.03 29.66 -33.01
N GLY A 15 32.73 28.69 -33.57
CA GLY A 15 32.26 28.10 -34.84
C GLY A 15 31.47 26.82 -34.74
N ASP A 16 30.57 26.57 -35.69
CA ASP A 16 29.83 25.28 -35.83
C ASP A 16 29.03 24.82 -34.61
N LEU A 17 29.15 23.54 -34.26
CA LEU A 17 28.36 22.91 -33.16
C LEU A 17 28.66 23.55 -31.82
N SER A 18 29.91 23.90 -31.60
CA SER A 18 30.32 24.41 -30.26
C SER A 18 29.51 25.66 -29.98
N GLN A 19 29.29 26.49 -30.99
CA GLN A 19 28.57 27.75 -30.74
C GLN A 19 27.15 27.48 -30.23
N ARG A 20 26.43 26.50 -30.79
CA ARG A 20 25.00 26.36 -30.36
C ARG A 20 24.70 25.32 -29.27
N MET A 21 25.18 24.07 -29.37
CA MET A 21 24.74 23.06 -28.35
C MET A 21 25.85 22.43 -27.50
N LEU A 22 27.09 22.36 -27.98
CA LEU A 22 28.18 21.62 -27.27
C LEU A 22 28.56 22.22 -25.91
N LEU A 23 28.60 23.55 -25.79
CA LEU A 23 29.13 24.20 -24.55
C LEU A 23 28.34 23.89 -23.27
N PRO A 24 26.99 23.79 -23.26
CA PRO A 24 26.27 23.63 -22.01
C PRO A 24 26.73 22.35 -21.31
N SER A 25 26.96 21.26 -22.04
CA SER A 25 27.53 20.07 -21.37
C SER A 25 28.54 20.52 -20.30
N LEU A 26 29.36 21.53 -20.62
CA LEU A 26 30.39 22.00 -19.69
C LEU A 26 29.73 22.85 -18.62
N TYR A 27 28.87 23.78 -19.03
CA TYR A 27 28.24 24.70 -18.06
C TYR A 27 27.18 23.96 -17.24
N GLY A 28 26.33 23.20 -17.90
CA GLY A 28 25.20 22.54 -17.21
C GLY A 28 25.64 21.54 -16.16
N LEU A 29 26.68 20.77 -16.44
CA LEU A 29 27.01 19.70 -15.47
C LEU A 29 27.37 20.27 -14.11
N ASP A 30 28.15 21.35 -14.03
CA ASP A 30 28.41 21.90 -12.66
C ASP A 30 27.56 23.13 -12.33
N ALA A 31 26.71 23.63 -13.23
CA ALA A 31 26.01 24.89 -12.88
C ALA A 31 25.09 24.71 -11.67
N ASP A 32 24.30 23.64 -11.63
CA ASP A 32 23.49 23.34 -10.42
C ASP A 32 23.86 21.94 -9.94
N GLY A 33 24.80 21.29 -10.61
CA GLY A 33 25.11 19.88 -10.29
C GLY A 33 26.54 19.71 -9.86
N LEU A 34 26.74 18.96 -8.78
CA LEU A 34 28.11 18.76 -8.26
C LEU A 34 28.51 20.08 -7.62
N LEU A 35 29.80 20.31 -7.43
CA LEU A 35 30.23 21.61 -6.89
C LEU A 35 31.62 21.90 -7.45
N ALA A 36 31.82 23.13 -7.88
CA ALA A 36 33.14 23.56 -8.39
C ALA A 36 33.31 25.02 -8.00
N ASP A 37 34.55 25.48 -7.86
CA ASP A 37 34.77 26.88 -7.41
C ASP A 37 36.10 27.38 -8.00
N ASP A 38 37.14 26.54 -8.02
CA ASP A 38 38.37 27.04 -8.68
C ASP A 38 38.56 26.34 -10.01
N LEU A 39 38.54 27.10 -11.11
CA LEU A 39 38.79 26.52 -12.45
C LEU A 39 39.21 27.68 -13.34
N ARG A 40 39.87 27.40 -14.46
CA ARG A 40 40.35 28.48 -15.34
C ARG A 40 40.13 28.05 -16.77
N ILE A 41 38.90 28.12 -17.26
CA ILE A 41 38.66 27.61 -18.60
C ILE A 41 39.34 28.52 -19.62
N VAL A 42 40.38 28.01 -20.27
CA VAL A 42 41.08 28.75 -21.31
C VAL A 42 40.55 28.27 -22.65
N CYS A 43 39.85 29.16 -23.34
CA CYS A 43 39.16 28.87 -24.60
C CYS A 43 39.72 29.75 -25.71
N THR A 44 39.69 29.21 -26.91
CA THR A 44 40.32 29.85 -28.06
C THR A 44 39.55 29.40 -29.29
N SER A 45 39.20 30.33 -30.17
CA SER A 45 38.46 29.89 -31.34
C SER A 45 38.42 30.96 -32.42
N ARG A 46 37.92 30.56 -33.58
CA ARG A 46 37.66 31.45 -34.70
C ARG A 46 36.20 31.91 -34.65
N LYS A 78 28.50 27.55 -10.29
CA LYS A 78 29.56 28.60 -10.19
C LYS A 78 30.56 28.41 -11.34
N PHE A 79 31.66 29.19 -11.34
CA PHE A 79 32.70 29.08 -12.39
C PHE A 79 32.24 29.83 -13.64
N LEU A 80 31.12 30.55 -13.53
CA LEU A 80 30.66 31.40 -14.67
C LEU A 80 31.75 32.45 -14.89
N ASN A 81 32.33 32.95 -13.80
CA ASN A 81 33.42 33.96 -13.90
C ASN A 81 34.62 33.35 -14.64
N LYS A 82 34.92 32.07 -14.43
CA LYS A 82 36.16 31.48 -15.00
C LYS A 82 36.20 31.49 -16.53
N LEU A 83 35.09 31.21 -17.23
CA LEU A 83 35.17 31.11 -18.72
C LEU A 83 35.74 32.40 -19.35
N PHE A 84 36.73 32.26 -20.25
CA PHE A 84 37.36 33.45 -20.90
C PHE A 84 37.88 33.13 -22.31
N TYR A 85 37.35 33.80 -23.34
CA TYR A 85 37.71 33.55 -24.77
C TYR A 85 39.12 34.01 -25.16
N ALA A 86 39.73 33.32 -26.13
CA ALA A 86 41.08 33.67 -26.67
C ALA A 86 41.12 33.33 -28.16
N THR A 87 42.09 33.86 -28.91
CA THR A 87 42.23 33.51 -30.35
C THR A 87 43.58 32.82 -30.65
N VAL A 88 43.57 31.70 -31.40
CA VAL A 88 44.84 31.00 -31.78
C VAL A 88 44.74 30.47 -33.23
N ASP A 89 45.87 30.38 -33.93
CA ASP A 89 45.88 29.86 -35.32
C ASP A 89 47.20 29.12 -35.59
N ILE A 90 47.13 27.88 -36.03
CA ILE A 90 48.33 27.04 -36.35
C ILE A 90 49.15 27.59 -37.52
N THR A 91 48.53 28.21 -38.54
CA THR A 91 49.25 28.56 -39.80
C THR A 91 50.44 29.50 -39.56
N ASP A 92 50.36 30.49 -38.65
CA ASP A 92 51.59 31.29 -38.41
C ASP A 92 52.38 30.67 -37.25
N PRO A 93 53.63 30.20 -37.49
CA PRO A 93 54.49 29.62 -36.46
C PRO A 93 54.88 30.64 -35.37
N THR A 94 55.24 31.85 -35.76
CA THR A 94 55.72 32.82 -34.74
C THR A 94 54.59 33.07 -33.74
N GLN A 95 53.35 32.78 -34.14
CA GLN A 95 52.18 33.07 -33.27
C GLN A 95 52.26 32.27 -31.97
N PHE A 96 52.72 31.01 -32.04
CA PHE A 96 52.68 30.14 -30.84
C PHE A 96 53.52 30.73 -29.71
N GLY A 97 54.70 31.28 -30.07
CA GLY A 97 55.54 31.91 -29.05
C GLY A 97 54.81 33.09 -28.47
N LYS A 98 54.10 33.82 -29.31
CA LYS A 98 53.39 35.05 -28.86
C LYS A 98 52.29 34.76 -27.84
N ILE A 99 51.52 33.67 -27.99
CA ILE A 99 50.36 33.57 -27.06
C ILE A 99 50.83 33.50 -25.61
N ALA A 100 51.82 32.66 -25.27
CA ALA A 100 52.43 32.76 -23.94
C ALA A 100 51.37 32.81 -22.82
N ASP A 101 50.33 31.97 -22.84
CA ASP A 101 49.25 32.18 -21.82
C ASP A 101 49.01 30.97 -20.91
N LEU A 102 48.89 31.23 -19.60
CA LEU A 102 48.64 30.17 -18.59
C LEU A 102 47.70 30.71 -17.51
N CYS A 103 46.47 30.20 -17.44
CA CYS A 103 45.54 30.63 -16.35
C CYS A 103 45.56 29.54 -15.28
N GLY A 104 45.73 29.93 -14.03
CA GLY A 104 45.80 28.95 -12.93
C GLY A 104 47.24 28.54 -12.64
N PRO A 105 47.53 27.95 -11.47
CA PRO A 105 48.90 27.62 -11.08
C PRO A 105 49.53 26.51 -11.92
N VAL A 106 50.84 26.53 -12.09
CA VAL A 106 51.55 25.46 -12.83
C VAL A 106 51.32 24.16 -12.05
N GLU A 107 51.36 24.23 -10.72
CA GLU A 107 51.08 23.04 -9.87
C GLU A 107 49.58 22.73 -9.93
N LYS A 108 49.03 22.49 -11.13
CA LYS A 108 47.60 22.21 -11.28
C LYS A 108 47.29 21.13 -12.31
N GLY A 109 47.93 21.19 -13.47
CA GLY A 109 47.71 20.20 -14.51
C GLY A 109 46.99 20.80 -15.71
N ILE A 110 47.39 20.37 -16.90
CA ILE A 110 46.95 20.96 -18.16
C ILE A 110 46.17 19.91 -18.92
N ALA A 111 44.84 20.01 -18.89
CA ALA A 111 43.97 19.13 -19.67
C ALA A 111 43.43 19.90 -20.87
N ILE A 112 43.38 19.23 -22.02
CA ILE A 112 43.00 19.87 -23.27
C ILE A 112 42.70 18.84 -24.34
N TYR A 113 41.78 19.16 -25.24
CA TYR A 113 41.42 18.33 -26.38
C TYR A 113 41.59 19.16 -27.63
N LEU A 114 42.40 18.68 -28.57
CA LEU A 114 42.63 19.42 -29.79
C LEU A 114 41.72 18.77 -30.82
N SER A 115 40.70 19.50 -31.24
CA SER A 115 39.70 18.96 -32.15
C SER A 115 39.90 19.58 -33.53
N THR A 116 41.06 19.28 -34.10
CA THR A 116 41.40 19.87 -35.40
C THR A 116 41.52 18.79 -36.46
N SER A 117 41.67 19.17 -37.72
CA SER A 117 41.88 18.20 -38.83
C SER A 117 43.31 17.65 -38.72
N PRO A 118 43.63 16.50 -39.33
CA PRO A 118 44.95 15.90 -39.14
C PRO A 118 46.14 16.76 -39.60
N SER A 119 47.24 16.74 -38.83
CA SER A 119 48.49 17.49 -39.12
C SER A 119 48.47 18.90 -38.52
N LEU A 120 47.33 19.32 -37.98
CA LEU A 120 47.31 20.62 -37.25
C LEU A 120 47.51 20.39 -35.75
N PHE A 121 47.39 19.14 -35.29
CA PHE A 121 47.61 18.84 -33.86
C PHE A 121 49.06 19.11 -33.48
N GLU A 122 50.00 18.71 -34.34
CA GLU A 122 51.44 18.80 -33.99
C GLU A 122 51.83 20.27 -33.78
N GLY A 123 51.32 21.17 -34.62
CA GLY A 123 51.70 22.59 -34.52
C GLY A 123 51.28 23.18 -33.20
N ALA A 124 50.08 22.84 -32.70
CA ALA A 124 49.58 23.50 -31.47
C ALA A 124 49.77 22.64 -30.22
N ILE A 125 50.50 21.53 -30.30
CA ILE A 125 50.77 20.72 -29.08
C ILE A 125 51.63 21.53 -28.11
N ALA A 126 52.60 22.31 -28.61
CA ALA A 126 53.59 23.02 -27.79
C ALA A 126 52.99 24.17 -26.97
N GLY A 127 51.76 24.58 -27.23
CA GLY A 127 51.21 25.80 -26.59
C GLY A 127 51.19 25.73 -25.07
N LEU A 128 50.94 24.55 -24.51
CA LEU A 128 51.00 24.40 -23.03
C LEU A 128 52.45 24.50 -22.60
N LYS A 129 53.40 24.18 -23.49
CA LYS A 129 54.85 24.34 -23.19
C LYS A 129 55.20 25.82 -22.99
N GLN A 130 54.61 26.72 -23.78
CA GLN A 130 54.87 28.15 -23.52
C GLN A 130 54.34 28.42 -22.12
N ALA A 131 53.17 27.88 -21.80
CA ALA A 131 52.70 27.92 -20.39
C ALA A 131 53.70 27.09 -19.57
N GLY A 132 54.18 25.99 -20.14
CA GLY A 132 55.17 25.11 -19.46
C GLY A 132 54.56 24.19 -18.41
N LEU A 133 53.23 24.02 -18.40
CA LEU A 133 52.61 23.27 -17.29
C LEU A 133 52.64 21.75 -17.52
N ALA A 134 53.79 21.11 -17.35
CA ALA A 134 53.81 19.63 -17.43
C ALA A 134 54.20 18.94 -16.10
N GLY A 135 54.87 19.64 -15.18
CA GLY A 135 55.43 18.98 -13.97
C GLY A 135 54.49 18.35 -12.95
N PRO A 136 53.37 18.96 -12.56
CA PRO A 136 52.51 18.47 -11.47
C PRO A 136 51.69 17.28 -11.98
N THR A 137 51.04 16.54 -11.07
CA THR A 137 50.19 15.49 -11.65
C THR A 137 49.28 16.28 -12.58
N SER A 138 49.12 15.82 -13.81
CA SER A 138 48.35 16.61 -14.80
C SER A 138 47.18 15.76 -15.28
N ARG A 139 45.98 16.33 -15.31
CA ARG A 139 44.81 15.49 -15.63
C ARG A 139 44.94 14.90 -17.03
N LEU A 140 45.44 15.68 -17.97
CA LEU A 140 45.54 15.21 -19.38
C LEU A 140 44.28 14.44 -19.74
N ALA A 141 43.11 15.07 -19.59
CA ALA A 141 41.82 14.44 -19.95
C ALA A 141 41.68 14.42 -21.47
N LEU A 142 41.36 13.25 -22.03
CA LEU A 142 41.17 13.15 -23.50
C LEU A 142 39.85 12.44 -23.79
N GLU A 143 38.72 13.15 -23.79
CA GLU A 143 37.43 12.56 -24.23
C GLU A 143 37.45 12.67 -25.75
N LYS A 144 38.08 11.72 -26.42
CA LYS A 144 38.30 11.88 -27.88
C LYS A 144 38.17 10.58 -28.66
N PRO A 145 37.98 10.65 -29.99
CA PRO A 145 37.98 9.45 -30.83
C PRO A 145 39.34 8.74 -30.73
N LEU A 146 40.46 9.49 -30.70
CA LEU A 146 41.81 8.87 -30.54
C LEU A 146 42.28 8.23 -31.84
N GLY A 147 41.65 8.56 -32.97
CA GLY A 147 42.15 8.13 -34.30
C GLY A 147 41.51 6.93 -34.95
N GLN A 148 41.61 6.85 -36.28
CA GLN A 148 41.09 5.72 -37.08
C GLN A 148 41.80 4.39 -36.82
N ASP A 149 43.11 4.41 -36.64
CA ASP A 149 43.93 3.16 -36.58
C ASP A 149 44.89 3.17 -35.40
N LEU A 150 45.43 2.01 -35.06
CA LEU A 150 46.38 1.90 -33.91
C LEU A 150 47.60 2.75 -34.21
N ALA A 151 48.12 2.73 -35.43
CA ALA A 151 49.24 3.63 -35.79
C ALA A 151 48.76 5.07 -35.68
N SER A 152 47.53 5.32 -36.12
CA SER A 152 46.94 6.68 -36.00
C SER A 152 46.79 7.05 -34.53
N SER A 153 46.38 6.09 -33.70
CA SER A 153 46.21 6.36 -32.24
C SER A 153 47.59 6.44 -31.59
N ASP A 154 48.49 5.54 -31.98
CA ASP A 154 49.82 5.55 -31.36
C ASP A 154 50.59 6.82 -31.68
N HIS A 155 50.57 7.26 -32.95
CA HIS A 155 51.17 8.53 -33.32
C HIS A 155 50.78 9.60 -32.32
N ILE A 156 49.48 9.68 -32.03
CA ILE A 156 48.98 10.64 -31.05
C ILE A 156 49.61 10.38 -29.68
N ASN A 157 49.51 9.14 -29.20
CA ASN A 157 49.90 8.82 -27.82
C ASN A 157 51.39 8.95 -27.58
N ASP A 158 52.20 8.57 -28.57
CA ASP A 158 53.67 8.65 -28.41
C ASP A 158 54.04 10.13 -28.22
N ALA A 159 53.49 11.02 -29.04
CA ALA A 159 53.75 12.48 -28.92
C ALA A 159 53.23 13.04 -27.58
N VAL A 160 52.04 12.63 -27.15
CA VAL A 160 51.46 13.09 -25.86
C VAL A 160 52.33 12.60 -24.70
N LEU A 161 52.83 11.38 -24.80
CA LEU A 161 53.57 10.74 -23.67
C LEU A 161 54.82 11.53 -23.30
N LYS A 162 55.53 12.08 -24.28
CA LYS A 162 56.83 12.71 -23.90
C LYS A 162 56.60 13.84 -22.88
N VAL A 163 55.61 14.71 -23.10
CA VAL A 163 55.30 15.71 -22.05
C VAL A 163 54.75 15.05 -20.79
N PHE A 164 53.87 14.05 -20.92
CA PHE A 164 53.15 13.49 -19.74
C PHE A 164 53.31 11.98 -19.55
N SER A 165 53.48 11.57 -18.29
CA SER A 165 53.55 10.12 -17.98
C SER A 165 52.15 9.50 -18.09
N GLU A 166 52.06 8.19 -18.00
CA GLU A 166 50.76 7.48 -18.07
C GLU A 166 49.90 7.92 -16.89
N LYS A 167 50.53 8.12 -15.73
CA LYS A 167 49.76 8.48 -14.51
C LYS A 167 49.05 9.80 -14.79
N GLN A 168 49.73 10.70 -15.49
CA GLN A 168 49.07 11.96 -15.92
C GLN A 168 47.92 11.65 -16.87
N VAL A 169 48.06 10.69 -17.78
CA VAL A 169 46.96 10.49 -18.79
C VAL A 169 45.66 10.04 -18.10
N TYR A 170 44.52 10.65 -18.47
CA TYR A 170 43.19 10.25 -17.93
C TYR A 170 42.14 10.18 -19.06
N ARG A 171 42.16 9.15 -19.93
CA ARG A 171 41.23 9.13 -21.10
C ARG A 171 39.81 8.70 -20.72
N ILE A 172 38.79 9.54 -20.96
CA ILE A 172 37.40 9.25 -20.63
C ILE A 172 36.76 8.39 -21.72
N ASP A 173 35.97 7.40 -21.29
CA ASP A 173 35.08 6.62 -22.14
C ASP A 173 33.67 6.74 -21.58
N HIS A 174 32.77 7.35 -22.36
CA HIS A 174 31.50 7.82 -21.81
C HIS A 174 30.62 6.71 -21.24
N TYR A 175 30.82 5.46 -21.68
CA TYR A 175 30.00 4.38 -21.13
C TYR A 175 30.46 4.03 -19.72
N LEU A 176 31.78 3.96 -19.51
CA LEU A 176 32.32 3.63 -18.20
C LEU A 176 31.77 4.55 -17.11
N GLY A 177 31.30 5.74 -17.48
CA GLY A 177 30.69 6.65 -16.53
C GLY A 177 29.20 6.46 -16.33
N LYS A 178 28.57 5.65 -17.17
CA LYS A 178 27.14 5.37 -16.97
C LYS A 178 26.96 4.47 -15.75
N GLU A 179 26.00 4.84 -14.90
CA GLU A 179 25.75 4.06 -13.69
C GLU A 179 25.36 2.63 -14.03
N THR A 180 24.44 2.50 -15.00
CA THR A 180 23.97 1.19 -15.46
C THR A 180 25.10 0.31 -15.96
N VAL A 181 26.19 0.92 -16.44
CA VAL A 181 27.35 0.15 -16.88
C VAL A 181 28.22 -0.22 -15.68
N GLN A 182 28.22 0.64 -14.65
CA GLN A 182 29.04 0.44 -13.46
C GLN A 182 28.60 -0.77 -12.64
N ASN A 183 27.30 -1.05 -12.61
CA ASN A 183 26.76 -2.11 -11.77
C ASN A 183 27.14 -3.50 -12.28
N LEU A 184 27.73 -3.60 -13.47
CA LEU A 184 28.24 -4.88 -13.94
C LEU A 184 29.28 -5.47 -13.00
N LEU A 185 29.84 -4.67 -12.09
CA LEU A 185 30.83 -5.17 -11.14
C LEU A 185 30.18 -5.69 -9.87
N THR A 186 29.24 -4.91 -9.30
CA THR A 186 28.43 -5.43 -8.20
C THR A 186 27.67 -6.68 -8.59
N LEU A 187 27.25 -6.77 -9.86
CA LEU A 187 26.34 -7.83 -10.27
C LEU A 187 26.98 -9.21 -10.10
N ARG A 188 28.13 -9.43 -10.74
CA ARG A 188 28.69 -10.78 -10.73
C ARG A 188 29.28 -11.15 -9.37
N PHE A 189 30.05 -10.25 -8.77
CA PHE A 189 30.86 -10.57 -7.59
C PHE A 189 30.29 -10.04 -6.29
N GLY A 190 29.21 -9.28 -6.32
CA GLY A 190 28.49 -9.02 -5.10
C GLY A 190 27.39 -10.05 -4.86
N ASN A 191 27.34 -11.07 -5.71
CA ASN A 191 26.39 -12.15 -5.62
C ASN A 191 27.11 -13.45 -5.94
N ALA A 192 26.67 -14.53 -5.30
CA ALA A 192 27.30 -15.84 -5.45
C ALA A 192 26.60 -16.72 -6.48
N LEU A 193 25.50 -16.25 -7.07
CA LEU A 193 24.70 -17.05 -7.99
C LEU A 193 25.26 -17.13 -9.41
N PHE A 194 26.13 -16.20 -9.82
CA PHE A 194 26.50 -16.12 -11.23
C PHE A 194 27.78 -16.87 -11.60
N GLU A 195 28.87 -16.62 -10.87
CA GLU A 195 30.21 -17.03 -11.26
C GLU A 195 30.37 -18.52 -11.50
N PRO A 196 29.58 -19.40 -10.86
CA PRO A 196 29.66 -20.83 -11.22
C PRO A 196 29.32 -21.11 -12.66
N LEU A 197 28.60 -20.21 -13.35
CA LEU A 197 28.12 -20.47 -14.70
C LEU A 197 28.88 -19.73 -15.79
N TRP A 198 29.77 -18.80 -15.44
CA TRP A 198 30.55 -18.04 -16.43
C TRP A 198 31.72 -18.89 -16.89
N ASN A 199 31.42 -19.96 -17.63
CA ASN A 199 32.50 -20.87 -17.99
C ASN A 199 32.23 -21.86 -19.12
N SER A 200 31.74 -21.37 -20.25
CA SER A 200 31.55 -22.27 -21.41
C SER A 200 30.45 -23.29 -21.10
N LYS A 201 30.64 -24.16 -20.11
CA LYS A 201 29.56 -25.09 -19.74
C LYS A 201 28.34 -24.32 -19.23
N GLY A 202 28.55 -23.30 -18.41
CA GLY A 202 27.44 -22.46 -17.93
C GLY A 202 26.74 -21.67 -19.00
N ILE A 203 27.50 -21.10 -19.95
CA ILE A 203 26.90 -20.20 -20.97
C ILE A 203 27.06 -20.80 -22.36
N ASP A 204 25.96 -20.88 -23.12
CA ASP A 204 26.06 -21.36 -24.51
C ASP A 204 26.55 -20.18 -25.35
N HIS A 205 25.96 -19.01 -25.17
CA HIS A 205 26.41 -17.84 -25.90
C HIS A 205 25.81 -16.61 -25.21
N VAL A 206 26.38 -15.45 -25.53
CA VAL A 206 25.91 -14.17 -25.00
C VAL A 206 25.64 -13.24 -26.17
N GLN A 207 24.64 -12.37 -26.01
CA GLN A 207 24.20 -11.47 -27.08
C GLN A 207 24.19 -10.06 -26.53
N ILE A 208 24.90 -9.16 -27.21
CA ILE A 208 24.97 -7.75 -26.87
C ILE A 208 24.58 -6.91 -28.08
N SER A 209 23.81 -5.86 -27.86
CA SER A 209 23.33 -5.01 -28.94
C SER A 209 23.09 -3.59 -28.44
N VAL A 210 23.68 -2.62 -29.13
CA VAL A 210 23.52 -1.21 -28.81
C VAL A 210 22.61 -0.59 -29.87
N ALA A 211 21.40 -0.19 -29.46
CA ALA A 211 20.39 0.26 -30.45
C ALA A 211 20.17 1.78 -30.45
N GLU A 212 20.26 2.39 -31.64
CA GLU A 212 19.96 3.85 -31.76
C GLU A 212 18.87 4.08 -32.83
N THR A 213 17.81 4.80 -32.49
CA THR A 213 16.73 5.17 -33.44
C THR A 213 17.20 6.14 -34.55
N VAL A 214 18.05 7.12 -34.23
CA VAL A 214 18.36 8.19 -35.21
C VAL A 214 19.83 8.24 -35.64
N GLY A 215 20.08 8.50 -36.92
CA GLY A 215 21.47 8.67 -37.37
C GLY A 215 21.82 10.15 -37.49
N LEU A 216 20.85 11.02 -37.17
CA LEU A 216 21.10 12.48 -37.20
C LEU A 216 21.68 12.94 -35.86
N GLU A 217 22.93 12.60 -35.58
CA GLU A 217 23.62 13.08 -34.35
C GLU A 217 24.40 14.35 -34.69
N GLY A 218 24.31 14.83 -35.94
CA GLY A 218 25.11 16.00 -36.37
C GLY A 218 26.49 15.54 -36.78
N ARG A 219 26.70 14.23 -36.83
CA ARG A 219 28.02 13.66 -37.16
C ARG A 219 28.15 13.39 -38.66
N ILE A 220 27.14 13.76 -39.47
CA ILE A 220 27.27 13.36 -40.90
C ILE A 220 28.53 14.01 -41.44
N GLY A 221 29.37 13.22 -42.10
CA GLY A 221 30.66 13.68 -42.67
C GLY A 221 31.73 13.50 -41.60
N TYR A 222 31.31 13.33 -40.34
CA TYR A 222 32.26 13.00 -39.24
C TYR A 222 32.16 11.49 -39.04
N PHE A 223 30.96 10.95 -39.23
CA PHE A 223 30.74 9.49 -39.15
C PHE A 223 31.56 8.86 -40.26
N ASP A 224 31.58 9.53 -41.41
CA ASP A 224 32.29 8.98 -42.60
C ASP A 224 33.76 8.88 -42.20
N SER A 225 34.24 9.82 -41.40
CA SER A 225 35.66 9.82 -40.98
C SER A 225 35.96 8.53 -40.21
N SER A 226 35.04 8.09 -39.35
CA SER A 226 35.25 6.83 -38.59
C SER A 226 34.20 5.78 -39.00
N GLY A 227 32.98 5.90 -38.49
CA GLY A 227 31.99 4.88 -38.76
C GLY A 227 31.73 3.99 -37.56
N SER A 228 30.59 3.28 -37.60
CA SER A 228 30.07 2.56 -36.45
C SER A 228 31.10 1.63 -35.80
N LEU A 229 31.96 1.01 -36.59
CA LEU A 229 32.98 0.15 -36.00
C LEU A 229 33.89 0.92 -35.04
N ARG A 230 34.53 1.99 -35.53
CA ARG A 230 35.39 2.78 -34.65
C ARG A 230 34.56 3.71 -33.77
N ASP A 231 33.42 4.17 -34.26
CA ASP A 231 32.58 5.07 -33.48
C ASP A 231 32.00 4.36 -32.27
N MET A 232 31.48 3.15 -32.45
CA MET A 232 30.80 2.49 -31.30
C MET A 232 31.52 1.22 -30.83
N VAL A 233 31.81 0.30 -31.75
CA VAL A 233 32.40 -1.02 -31.38
C VAL A 233 33.79 -0.95 -30.75
N GLN A 234 34.68 -0.07 -31.21
CA GLN A 234 36.10 -0.17 -30.79
C GLN A 234 36.32 -0.03 -29.27
N SER A 235 35.66 0.92 -28.61
CA SER A 235 35.88 0.94 -27.14
C SER A 235 34.61 0.64 -26.35
N HIS A 236 33.50 1.32 -26.65
CA HIS A 236 32.33 1.16 -25.75
C HIS A 236 31.79 -0.26 -25.71
N ILE A 237 31.63 -0.90 -26.86
CA ILE A 237 31.20 -2.33 -26.86
C ILE A 237 32.29 -3.21 -26.25
N LEU A 238 33.54 -2.95 -26.61
CA LEU A 238 34.67 -3.79 -26.13
C LEU A 238 34.77 -3.65 -24.60
N GLN A 239 34.59 -2.44 -24.09
CA GLN A 239 34.65 -2.21 -22.62
C GLN A 239 33.54 -3.03 -21.95
N LEU A 240 32.35 -3.08 -22.55
CA LEU A 240 31.26 -3.89 -22.01
C LEU A 240 31.60 -5.38 -22.05
N VAL A 241 32.15 -5.86 -23.17
CA VAL A 241 32.53 -7.27 -23.26
C VAL A 241 33.56 -7.59 -22.20
N ALA A 242 34.45 -6.65 -21.89
CA ALA A 242 35.45 -6.88 -20.86
C ALA A 242 34.81 -7.03 -19.50
N LEU A 243 33.76 -6.25 -19.22
CA LEU A 243 33.04 -6.39 -17.96
C LEU A 243 32.38 -7.75 -17.86
N VAL A 244 31.94 -8.29 -19.00
CA VAL A 244 31.22 -9.56 -19.04
C VAL A 244 32.13 -10.79 -19.07
N ALA A 245 33.32 -10.69 -19.66
CA ALA A 245 34.11 -11.88 -19.95
C ALA A 245 35.26 -12.11 -18.97
N MET A 246 35.61 -11.10 -18.20
CA MET A 246 36.74 -11.08 -17.28
C MET A 246 36.61 -12.09 -16.13
N GLU A 247 37.70 -12.19 -15.37
CA GLU A 247 37.82 -12.79 -14.05
C GLU A 247 37.67 -11.70 -13.00
N PRO A 248 37.26 -12.03 -11.78
CA PRO A 248 37.20 -11.02 -10.72
C PRO A 248 38.60 -10.69 -10.23
N PRO A 249 38.86 -9.45 -9.85
CA PRO A 249 40.06 -9.14 -9.07
C PRO A 249 39.85 -9.54 -7.61
N ALA A 250 40.96 -9.52 -6.87
CA ALA A 250 40.88 -9.74 -5.43
C ALA A 250 40.21 -8.57 -4.70
N HIS A 251 40.31 -7.35 -5.23
CA HIS A 251 39.74 -6.19 -4.57
C HIS A 251 39.52 -5.08 -5.60
N MET A 252 38.77 -4.07 -5.18
CA MET A 252 38.33 -2.95 -6.01
C MET A 252 39.43 -1.88 -6.12
N GLU A 253 40.52 -2.25 -6.79
CA GLU A 253 41.56 -1.27 -7.01
C GLU A 253 41.44 -0.66 -8.40
N ALA A 254 42.02 0.54 -8.54
CA ALA A 254 41.99 1.26 -9.80
C ALA A 254 42.69 0.48 -10.89
N ASN A 255 43.95 0.13 -10.64
CA ASN A 255 44.77 -0.55 -11.63
C ASN A 255 44.59 -2.06 -11.59
N ALA A 256 43.94 -2.60 -10.56
CA ALA A 256 43.57 -4.01 -10.60
C ALA A 256 42.34 -4.23 -11.49
N VAL A 257 41.45 -3.24 -11.56
CA VAL A 257 40.31 -3.34 -12.47
C VAL A 257 40.77 -3.33 -13.92
N ARG A 258 41.61 -2.35 -14.29
CA ARG A 258 41.97 -2.18 -15.70
C ARG A 258 42.92 -3.28 -16.19
N ASP A 259 43.82 -3.76 -15.33
CA ASP A 259 44.79 -4.77 -15.78
C ASP A 259 44.14 -6.09 -16.14
N GLU A 260 42.95 -6.39 -15.63
CA GLU A 260 42.24 -7.61 -15.99
C GLU A 260 41.40 -7.44 -17.24
N LYS A 261 41.03 -6.20 -17.60
CA LYS A 261 40.24 -5.94 -18.79
C LYS A 261 41.06 -6.08 -20.07
N VAL A 262 42.34 -5.69 -20.03
CA VAL A 262 43.18 -5.83 -21.22
C VAL A 262 43.30 -7.30 -21.61
N LYS A 263 43.20 -8.20 -20.64
CA LYS A 263 43.32 -9.63 -20.91
C LYS A 263 42.25 -10.13 -21.87
N VAL A 264 41.02 -9.62 -21.76
CA VAL A 264 39.97 -10.05 -22.68
C VAL A 264 40.29 -9.61 -24.10
N PHE A 265 40.71 -8.35 -24.27
CA PHE A 265 41.05 -7.86 -25.59
C PHE A 265 42.26 -8.57 -26.15
N ARG A 266 43.19 -8.97 -25.29
CA ARG A 266 44.33 -9.75 -25.74
C ARG A 266 43.98 -11.21 -25.94
N ALA A 267 42.82 -11.66 -25.44
CA ALA A 267 42.34 -13.02 -25.63
C ALA A 267 41.20 -13.11 -26.66
N LEU A 268 40.88 -12.01 -27.33
CA LEU A 268 39.87 -12.05 -28.39
C LEU A 268 40.34 -12.93 -29.54
N ARG A 269 39.38 -13.51 -30.25
CA ARG A 269 39.75 -14.28 -31.42
C ARG A 269 39.96 -13.30 -32.55
N PRO A 270 41.14 -13.25 -33.17
CA PRO A 270 41.42 -12.24 -34.20
C PRO A 270 40.69 -12.58 -35.49
N ILE A 271 39.86 -11.67 -35.96
CA ILE A 271 39.08 -11.87 -37.16
C ILE A 271 39.89 -11.50 -38.40
N ASN A 272 40.25 -12.50 -39.18
CA ASN A 272 41.07 -12.40 -40.37
C ASN A 272 40.17 -12.42 -41.60
N ASN A 273 40.68 -11.90 -42.72
CA ASN A 273 39.97 -11.99 -44.00
C ASN A 273 39.41 -13.39 -44.23
N ASP A 274 40.07 -14.40 -43.66
CA ASP A 274 39.54 -15.76 -43.75
C ASP A 274 38.38 -15.99 -42.78
N THR A 275 38.15 -15.07 -41.84
CA THR A 275 37.08 -15.30 -40.84
C THR A 275 36.10 -14.12 -40.87
N VAL A 276 36.50 -13.01 -41.47
CA VAL A 276 35.63 -11.80 -41.43
C VAL A 276 34.32 -12.09 -42.16
N ILE A 277 34.38 -12.77 -43.31
CA ILE A 277 33.12 -12.95 -44.10
C ILE A 277 32.10 -13.76 -43.31
N THR A 278 32.53 -14.87 -42.70
CA THR A 278 31.62 -15.67 -41.84
C THR A 278 31.22 -14.92 -40.57
N HIS A 279 32.16 -14.21 -39.94
CA HIS A 279 31.87 -13.60 -38.61
C HIS A 279 31.42 -12.14 -38.62
N THR A 280 31.33 -11.49 -39.78
CA THR A 280 31.00 -10.04 -39.75
C THR A 280 29.93 -9.68 -40.79
N VAL A 281 29.12 -8.66 -40.50
CA VAL A 281 28.09 -8.18 -41.47
C VAL A 281 27.97 -6.65 -41.33
N THR A 282 28.01 -5.93 -42.45
CA THR A 282 27.87 -4.47 -42.43
C THR A 282 26.59 -4.09 -43.14
N GLY A 283 25.90 -3.08 -42.60
CA GLY A 283 24.68 -2.58 -43.21
C GLY A 283 24.63 -1.08 -43.08
N GLN A 284 23.84 -0.45 -43.96
CA GLN A 284 23.83 1.00 -44.10
C GLN A 284 22.43 1.60 -44.01
N TYR A 285 22.36 2.76 -43.34
CA TYR A 285 21.15 3.53 -43.12
C TYR A 285 20.47 3.78 -44.47
N GLY A 286 19.30 3.17 -44.68
CA GLY A 286 18.50 3.42 -45.86
C GLY A 286 17.30 4.29 -45.54
N ALA A 287 16.40 4.35 -46.52
CA ALA A 287 15.23 5.23 -46.45
C ALA A 287 14.00 4.42 -46.06
N GLY A 288 13.49 4.65 -44.85
CA GLY A 288 12.20 4.09 -44.52
C GLY A 288 11.40 5.05 -43.67
N VAL A 289 10.48 4.53 -42.87
CA VAL A 289 9.69 5.36 -41.97
C VAL A 289 10.30 5.12 -40.60
N SER A 290 10.73 6.19 -39.95
CA SER A 290 11.43 6.04 -38.67
C SER A 290 10.98 7.11 -37.70
N GLY A 291 10.47 6.68 -36.56
CA GLY A 291 10.07 7.61 -35.51
C GLY A 291 8.80 8.37 -35.78
N GLY A 292 7.99 7.95 -36.74
CA GLY A 292 6.79 8.65 -37.11
C GLY A 292 6.95 9.51 -38.34
N LYS A 293 8.13 10.07 -38.56
CA LYS A 293 8.43 10.78 -39.78
C LYS A 293 9.15 9.85 -40.74
N GLU A 294 8.84 9.95 -42.02
CA GLU A 294 9.53 9.15 -43.02
C GLU A 294 10.90 9.77 -43.26
N VAL A 295 11.89 8.92 -43.52
CA VAL A 295 13.28 9.36 -43.57
C VAL A 295 13.94 8.85 -44.85
N ALA A 296 15.19 9.26 -45.06
CA ALA A 296 15.89 9.09 -46.33
C ALA A 296 17.21 8.33 -46.12
N GLY A 297 17.88 8.07 -47.24
CA GLY A 297 19.04 7.19 -47.26
C GLY A 297 20.35 7.87 -46.87
N TYR A 298 21.25 7.05 -46.32
CA TYR A 298 22.58 7.52 -45.95
C TYR A 298 23.31 8.13 -47.13
N ILE A 299 23.46 7.37 -48.23
CA ILE A 299 24.16 7.90 -49.40
C ILE A 299 23.51 9.19 -49.86
N ASP A 300 22.18 9.20 -49.97
CA ASP A 300 21.49 10.42 -50.35
C ASP A 300 21.48 11.46 -49.22
N GLU A 301 22.02 11.13 -48.05
CA GLU A 301 22.07 12.07 -46.93
C GLU A 301 23.40 12.79 -46.90
N LEU A 302 24.44 12.14 -47.42
CA LEU A 302 25.75 12.72 -47.52
C LEU A 302 25.87 13.46 -48.85
N GLY A 303 25.12 13.03 -49.86
CA GLY A 303 25.07 13.64 -51.16
C GLY A 303 25.93 12.93 -52.19
N GLN A 304 26.92 12.20 -51.72
CA GLN A 304 27.89 11.44 -52.49
C GLN A 304 27.74 9.96 -52.13
N PRO A 305 28.21 9.06 -52.99
CA PRO A 305 28.23 7.63 -52.64
C PRO A 305 29.18 7.35 -51.48
N SER A 306 28.63 6.79 -50.39
CA SER A 306 29.34 6.56 -49.15
C SER A 306 29.44 5.07 -48.84
N ASP A 307 30.54 4.68 -48.18
CA ASP A 307 30.80 3.28 -47.85
C ASP A 307 30.91 2.98 -46.36
N THR A 308 30.52 3.87 -45.46
CA THR A 308 30.67 3.49 -44.06
C THR A 308 29.49 2.61 -43.63
N GLU A 309 29.59 2.10 -42.41
CA GLU A 309 28.67 1.02 -42.03
C GLU A 309 27.32 1.59 -41.64
N THR A 310 27.24 2.19 -40.46
CA THR A 310 26.05 2.64 -39.74
C THR A 310 25.30 1.46 -39.16
N PHE A 311 25.93 0.29 -39.16
CA PHE A 311 25.42 -0.98 -38.62
C PHE A 311 26.50 -2.05 -38.82
N VAL A 312 26.69 -2.92 -37.84
CA VAL A 312 27.67 -4.00 -37.96
C VAL A 312 27.32 -5.08 -36.94
N ALA A 313 27.66 -6.32 -37.28
CA ALA A 313 27.43 -7.46 -36.39
C ALA A 313 28.61 -8.42 -36.47
N ILE A 314 29.04 -8.94 -35.31
CA ILE A 314 30.23 -9.77 -35.20
C ILE A 314 29.94 -10.98 -34.31
N LYS A 315 30.60 -12.11 -34.62
CA LYS A 315 30.60 -13.33 -33.79
C LYS A 315 31.97 -13.56 -33.14
N ALA A 316 32.20 -12.93 -31.98
CA ALA A 316 33.47 -13.03 -31.28
C ALA A 316 33.53 -14.22 -30.30
N HIS A 317 34.76 -14.57 -29.90
CA HIS A 317 35.10 -15.61 -28.95
C HIS A 317 36.19 -15.10 -28.02
N VAL A 318 36.13 -15.45 -26.73
CA VAL A 318 37.22 -15.20 -25.80
C VAL A 318 37.93 -16.52 -25.51
N ASP A 319 39.24 -16.57 -25.75
CA ASP A 319 40.00 -17.82 -25.54
C ASP A 319 40.86 -17.67 -24.29
N ASN A 320 40.24 -17.36 -23.15
CA ASN A 320 40.95 -17.23 -21.85
C ASN A 320 40.95 -18.55 -21.08
N TRP A 321 40.27 -19.59 -21.58
CA TRP A 321 40.08 -20.89 -20.87
C TRP A 321 38.79 -20.87 -20.03
N ARG A 322 38.12 -19.71 -19.91
CA ARG A 322 36.83 -19.65 -19.20
C ARG A 322 35.75 -19.45 -20.25
N TRP A 323 36.18 -18.97 -21.42
CA TRP A 323 35.21 -18.63 -22.44
C TRP A 323 35.39 -19.38 -23.75
N HIS A 324 36.30 -20.33 -23.84
CA HIS A 324 36.52 -21.00 -25.12
C HIS A 324 35.23 -21.62 -25.62
N GLY A 325 34.92 -21.37 -26.89
CA GLY A 325 33.74 -21.91 -27.50
C GLY A 325 32.47 -21.17 -27.19
N VAL A 326 32.57 -20.03 -26.52
CA VAL A 326 31.40 -19.23 -26.16
C VAL A 326 31.28 -18.08 -27.15
N PRO A 327 30.30 -18.07 -28.03
CA PRO A 327 30.14 -16.95 -28.97
C PRO A 327 29.47 -15.76 -28.27
N PHE A 328 30.04 -14.58 -28.45
CA PHE A 328 29.38 -13.33 -28.08
C PHE A 328 28.87 -12.69 -29.36
N TYR A 329 27.56 -12.50 -29.46
CA TYR A 329 26.96 -11.98 -30.68
C TYR A 329 26.70 -10.50 -30.45
N ILE A 330 27.54 -9.67 -31.07
CA ILE A 330 27.53 -8.23 -30.86
C ILE A 330 26.88 -7.55 -32.05
N ARG A 331 26.24 -6.41 -31.80
CA ARG A 331 25.48 -5.72 -32.85
C ARG A 331 25.25 -4.26 -32.47
N THR A 332 25.43 -3.37 -33.43
CA THR A 332 25.05 -1.97 -33.24
C THR A 332 24.81 -1.33 -34.60
N GLY A 333 23.86 -0.39 -34.62
CA GLY A 333 23.51 0.30 -35.84
C GLY A 333 22.53 1.42 -35.54
N LYS A 334 22.47 2.38 -36.45
CA LYS A 334 21.54 3.50 -36.28
C LYS A 334 20.31 3.30 -37.17
N ARG A 335 19.34 4.19 -36.97
CA ARG A 335 18.03 4.08 -37.62
C ARG A 335 17.44 2.69 -37.43
N LEU A 336 17.40 2.29 -36.17
CA LEU A 336 16.84 1.01 -35.77
C LEU A 336 15.46 1.23 -35.17
N PRO A 337 14.70 0.17 -34.87
CA PRO A 337 13.31 0.37 -34.42
C PRO A 337 13.17 0.80 -32.97
N ALA A 338 14.22 0.73 -32.17
CA ALA A 338 14.16 1.14 -30.77
C ALA A 338 15.56 1.53 -30.34
N ARG A 339 15.66 2.52 -29.47
CA ARG A 339 16.92 2.81 -28.79
C ARG A 339 16.89 2.13 -27.43
N ARG A 340 17.65 1.05 -27.30
CA ARG A 340 17.63 0.20 -26.12
C ARG A 340 18.89 -0.64 -26.17
N SER A 341 19.79 -0.42 -25.22
CA SER A 341 21.05 -1.15 -25.15
C SER A 341 20.95 -2.19 -24.04
N GLU A 342 21.06 -3.47 -24.41
CA GLU A 342 20.81 -4.56 -23.48
C GLU A 342 21.78 -5.71 -23.74
N ILE A 343 21.97 -6.54 -22.72
CA ILE A 343 22.80 -7.75 -22.79
C ILE A 343 21.94 -8.94 -22.38
N VAL A 344 22.05 -10.03 -23.14
CA VAL A 344 21.27 -11.25 -22.93
C VAL A 344 22.22 -12.45 -22.87
N VAL A 345 22.40 -12.99 -21.67
CA VAL A 345 23.17 -14.23 -21.49
C VAL A 345 22.23 -15.44 -21.59
N GLN A 346 22.43 -16.26 -22.62
CA GLN A 346 21.66 -17.49 -22.76
C GLN A 346 22.54 -18.65 -22.28
N PHE A 347 22.02 -19.44 -21.37
CA PHE A 347 22.78 -20.49 -20.69
C PHE A 347 22.58 -21.84 -21.37
N LYS A 348 23.55 -22.75 -21.16
CA LYS A 348 23.47 -24.08 -21.76
C LYS A 348 22.24 -24.80 -21.21
N PRO A 349 21.62 -25.66 -22.01
CA PRO A 349 20.44 -26.39 -21.53
C PRO A 349 20.78 -27.48 -20.53
N VAL A 350 19.76 -27.86 -19.76
CA VAL A 350 19.85 -28.96 -18.79
C VAL A 350 20.31 -30.22 -19.51
N PRO A 351 21.08 -31.10 -18.87
CA PRO A 351 21.50 -32.34 -19.52
C PRO A 351 20.35 -33.26 -19.89
N HIS A 352 19.16 -33.05 -19.32
CA HIS A 352 18.07 -34.01 -19.50
C HIS A 352 16.77 -33.35 -19.11
N SER A 353 15.75 -33.49 -19.96
CA SER A 353 14.42 -33.06 -19.57
C SER A 353 13.78 -34.28 -18.92
N ILE A 354 13.73 -34.28 -17.59
CA ILE A 354 13.14 -35.42 -16.89
C ILE A 354 11.62 -35.41 -17.02
N PHE A 355 11.07 -34.38 -17.66
CA PHE A 355 9.64 -34.24 -17.87
C PHE A 355 9.28 -34.48 -19.33
N SER A 356 10.01 -35.42 -19.96
CA SER A 356 9.73 -35.78 -21.37
C SER A 356 8.42 -36.57 -21.42
N SER A 357 7.34 -35.92 -21.00
CA SER A 357 6.00 -36.54 -20.97
C SER A 357 5.35 -36.16 -22.28
N SER A 358 6.14 -35.57 -23.19
CA SER A 358 5.66 -35.01 -24.49
C SER A 358 5.35 -33.55 -24.22
N GLY A 359 5.41 -33.12 -22.96
CA GLY A 359 5.32 -31.69 -22.64
C GLY A 359 6.67 -31.17 -22.18
N GLY A 360 7.71 -32.02 -22.18
CA GLY A 360 9.02 -31.63 -21.65
C GLY A 360 9.94 -30.91 -22.61
N ILE A 361 9.64 -29.65 -22.93
CA ILE A 361 10.57 -28.83 -23.76
C ILE A 361 10.99 -27.66 -22.87
N LEU A 362 12.30 -27.45 -22.70
CA LEU A 362 12.69 -26.39 -21.75
C LEU A 362 13.40 -25.29 -22.52
N GLN A 363 12.91 -24.06 -22.37
CA GLN A 363 13.51 -22.92 -23.09
C GLN A 363 14.73 -22.48 -22.29
N PRO A 364 15.89 -22.29 -22.93
CA PRO A 364 17.10 -21.96 -22.18
C PRO A 364 16.91 -20.75 -21.30
N ASN A 365 17.68 -20.71 -20.23
CA ASN A 365 17.62 -19.60 -19.29
C ASN A 365 18.29 -18.39 -19.91
N LYS A 366 17.68 -17.22 -19.73
CA LYS A 366 18.27 -15.98 -20.18
C LYS A 366 18.39 -15.05 -18.98
N LEU A 367 19.53 -14.39 -18.89
CA LEU A 367 19.76 -13.33 -17.93
C LEU A 367 19.80 -12.08 -18.78
N ARG A 368 18.80 -11.23 -18.59
CA ARG A 368 18.61 -10.07 -19.45
C ARG A 368 18.90 -8.82 -18.64
N ILE A 369 19.84 -8.03 -19.14
CA ILE A 369 20.20 -6.76 -18.51
C ILE A 369 19.94 -5.67 -19.54
N VAL A 370 19.14 -4.67 -19.16
CA VAL A 370 18.87 -3.52 -20.01
C VAL A 370 19.48 -2.31 -19.32
N LEU A 371 20.32 -1.57 -20.05
CA LEU A 371 21.04 -0.45 -19.47
C LEU A 371 20.61 0.91 -19.99
N GLN A 372 19.94 0.98 -21.14
CA GLN A 372 19.35 2.23 -21.62
C GLN A 372 18.14 1.89 -22.48
N PRO A 373 17.06 2.67 -22.41
CA PRO A 373 16.84 3.85 -21.57
C PRO A 373 16.30 3.48 -20.18
N ASP A 374 15.72 2.30 -20.06
CA ASP A 374 15.28 1.76 -18.79
C ASP A 374 16.37 0.87 -18.19
N GLU A 375 16.48 0.89 -16.87
CA GLU A 375 17.45 0.08 -16.16
C GLU A 375 16.75 -1.17 -15.63
N THR A 376 17.12 -2.34 -16.16
CA THR A 376 16.32 -3.54 -15.95
C THR A 376 17.19 -4.80 -16.04
N ILE A 377 16.91 -5.74 -15.14
CA ILE A 377 17.55 -7.07 -15.11
C ILE A 377 16.45 -8.10 -14.88
N GLN A 378 16.53 -9.24 -15.57
CA GLN A 378 15.52 -10.28 -15.42
C GLN A 378 16.09 -11.66 -15.72
N ILE A 379 15.42 -12.70 -15.22
CA ILE A 379 15.80 -14.08 -15.45
C ILE A 379 14.57 -14.88 -15.89
N SER A 380 14.79 -15.87 -16.76
CA SER A 380 13.72 -16.64 -17.38
C SER A 380 13.72 -18.07 -16.84
N ILE A 381 12.64 -18.46 -16.17
CA ILE A 381 12.53 -19.80 -15.61
C ILE A 381 11.25 -20.49 -16.05
N MET A 382 11.25 -21.81 -15.89
CA MET A 382 10.12 -22.68 -16.22
C MET A 382 9.28 -23.00 -15.00
N VAL A 383 7.96 -23.04 -15.19
CA VAL A 383 7.01 -23.29 -14.11
C VAL A 383 5.90 -24.18 -14.64
N LYS A 384 5.44 -25.14 -13.83
CA LYS A 384 4.34 -26.00 -14.25
C LYS A 384 3.08 -25.18 -14.50
N GLU A 385 2.40 -25.48 -15.60
CA GLU A 385 1.23 -24.68 -15.95
C GLU A 385 -0.01 -25.17 -15.22
N PRO A 386 -0.79 -24.28 -14.61
CA PRO A 386 -1.93 -24.73 -13.80
C PRO A 386 -2.91 -25.50 -14.68
N GLY A 387 -3.24 -26.71 -14.24
CA GLY A 387 -3.99 -27.61 -15.08
C GLY A 387 -3.74 -29.05 -14.69
N LEU A 388 -4.37 -29.94 -15.45
CA LEU A 388 -4.41 -31.36 -15.11
C LEU A 388 -3.39 -32.16 -15.90
N ASP A 389 -3.87 -33.04 -16.78
CA ASP A 389 -2.98 -33.92 -17.53
C ASP A 389 -3.59 -34.16 -18.90
N ARG A 390 -2.83 -33.84 -19.94
CA ARG A 390 -3.22 -34.13 -21.32
C ARG A 390 -2.26 -35.17 -21.87
N ASN A 391 -1.98 -36.19 -21.06
CA ASN A 391 -0.99 -37.23 -21.39
C ASN A 391 0.41 -36.62 -21.38
N GLY A 392 0.64 -35.66 -20.48
CA GLY A 392 1.95 -35.06 -20.32
C GLY A 392 1.86 -33.82 -19.45
N ALA A 393 3.03 -33.26 -19.13
CA ALA A 393 3.09 -32.02 -18.37
C ALA A 393 3.34 -30.85 -19.32
N HIS A 394 2.49 -29.83 -19.22
CA HIS A 394 2.64 -28.62 -20.00
C HIS A 394 3.08 -27.51 -19.07
N MET A 395 3.96 -26.65 -19.57
CA MET A 395 4.64 -25.66 -18.74
C MET A 395 4.84 -24.38 -19.55
N ARG A 396 5.21 -23.30 -18.86
CA ARG A 396 5.49 -22.03 -19.53
C ARG A 396 6.82 -21.44 -19.09
N GLU A 397 7.44 -20.67 -20.00
CA GLU A 397 8.57 -19.82 -19.65
C GLU A 397 8.06 -18.48 -19.14
N VAL A 398 8.75 -17.95 -18.12
CA VAL A 398 8.32 -16.74 -17.43
C VAL A 398 9.55 -16.10 -16.82
N TRP A 399 9.43 -14.83 -16.43
CA TRP A 399 10.59 -13.99 -16.13
C TRP A 399 10.49 -13.41 -14.72
N LEU A 400 11.52 -13.63 -13.91
CA LEU A 400 11.70 -12.93 -12.63
C LEU A 400 12.33 -11.57 -12.92
N ASP A 401 11.56 -10.50 -12.73
CA ASP A 401 11.92 -9.18 -13.23
C ASP A 401 12.24 -8.20 -12.11
N LEU A 402 13.32 -7.43 -12.28
CA LEU A 402 13.65 -6.32 -11.39
C LEU A 402 14.06 -5.13 -12.24
N SER A 403 13.52 -3.95 -11.93
CA SER A 403 13.81 -2.71 -12.66
C SER A 403 14.42 -1.66 -11.73
N LEU A 404 15.66 -1.28 -12.03
CA LEU A 404 16.34 -0.27 -11.22
C LEU A 404 15.74 1.12 -11.44
N THR A 405 15.18 1.37 -12.63
CA THR A 405 14.60 2.68 -12.92
C THR A 405 13.42 2.98 -12.02
N ASP A 406 12.61 1.97 -11.68
CA ASP A 406 11.46 2.11 -10.81
C ASP A 406 11.80 1.98 -9.33
N VAL A 407 12.63 0.99 -8.99
CA VAL A 407 12.97 0.74 -7.59
C VAL A 407 13.56 1.99 -6.94
N PHE A 408 14.47 2.68 -7.62
CA PHE A 408 15.12 3.89 -7.09
C PHE A 408 14.60 5.17 -7.75
N LYS A 409 13.32 5.50 -7.53
CA LYS A 409 12.73 6.68 -8.17
C LYS A 409 13.05 8.00 -7.47
N ASP A 410 13.29 8.00 -6.15
CA ASP A 410 13.62 9.20 -5.39
C ASP A 410 15.11 9.51 -5.42
N ARG A 411 15.88 8.69 -6.13
CA ARG A 411 17.32 8.82 -6.21
C ARG A 411 17.72 9.67 -7.41
N LYS A 412 19.02 9.82 -7.61
CA LYS A 412 19.49 10.80 -8.56
C LYS A 412 19.64 10.20 -9.95
N ARG A 413 19.70 11.09 -10.94
CA ARG A 413 19.98 10.65 -12.32
C ARG A 413 21.24 11.42 -12.73
N ARG A 414 22.32 11.23 -11.99
CA ARG A 414 23.56 11.99 -12.23
C ARG A 414 24.15 11.66 -13.60
N ILE A 415 24.67 12.67 -14.29
CA ILE A 415 25.32 12.46 -15.62
C ILE A 415 26.65 11.73 -15.41
N ALA A 416 27.10 11.00 -16.44
CA ALA A 416 28.35 10.22 -16.34
C ALA A 416 29.49 11.18 -16.10
N TYR A 417 29.44 12.33 -16.76
CA TYR A 417 30.52 13.34 -16.64
C TYR A 417 30.58 13.80 -15.18
N GLU A 418 29.44 13.96 -14.51
CA GLU A 418 29.56 14.38 -13.09
C GLU A 418 30.32 13.33 -12.26
N ARG A 419 30.02 12.04 -12.40
CA ARG A 419 30.81 11.02 -11.66
C ARG A 419 32.27 10.99 -12.14
N LEU A 420 32.48 11.06 -13.45
CA LEU A 420 33.84 10.96 -14.04
C LEU A 420 34.71 12.15 -13.62
N MET A 421 34.13 13.33 -13.53
CA MET A 421 34.94 14.55 -13.28
C MET A 421 35.66 14.49 -11.93
N LEU A 422 35.02 14.01 -10.86
CA LEU A 422 35.67 14.02 -9.52
C LEU A 422 36.93 13.15 -9.58
N ASP A 423 36.82 11.96 -10.16
CA ASP A 423 37.96 11.07 -10.33
C ASP A 423 39.13 11.79 -11.00
N LEU A 424 38.86 12.62 -12.00
CA LEU A 424 39.98 13.40 -12.60
C LEU A 424 40.67 14.21 -11.50
N ILE A 425 39.89 14.96 -10.72
CA ILE A 425 40.44 15.74 -9.56
C ILE A 425 41.05 14.80 -8.53
N GLU A 426 40.40 13.67 -8.25
CA GLU A 426 40.87 12.71 -7.22
C GLU A 426 42.22 12.14 -7.66
N GLY A 427 43.12 11.89 -6.72
CA GLY A 427 44.49 11.50 -7.11
C GLY A 427 44.54 10.21 -7.90
N ASP A 428 43.77 9.20 -7.53
CA ASP A 428 43.77 8.00 -8.40
C ASP A 428 42.36 7.85 -8.97
N ALA A 429 42.25 7.70 -10.29
CA ALA A 429 40.91 7.63 -10.91
C ALA A 429 40.73 6.23 -11.50
N THR A 430 39.50 5.74 -11.48
CA THR A 430 39.20 4.38 -11.92
C THR A 430 38.50 4.26 -13.28
N LEU A 431 37.80 5.29 -13.75
CA LEU A 431 36.94 5.18 -14.92
C LEU A 431 37.55 5.76 -16.19
N PHE A 432 38.86 5.65 -16.35
CA PHE A 432 39.54 6.24 -17.50
C PHE A 432 40.40 5.18 -18.18
N VAL A 433 40.46 5.25 -19.51
CA VAL A 433 41.13 4.18 -20.30
C VAL A 433 42.65 4.19 -20.13
N ARG A 434 43.31 3.13 -20.59
CA ARG A 434 44.78 2.97 -20.44
C ARG A 434 45.33 2.53 -21.79
N ARG A 435 46.64 2.72 -22.02
CA ARG A 435 47.21 2.45 -23.36
C ARG A 435 47.04 0.98 -23.72
N ASP A 436 47.23 0.08 -22.77
CA ASP A 436 47.17 -1.37 -23.10
C ASP A 436 45.77 -1.65 -23.62
N GLU A 437 44.76 -1.04 -22.98
CA GLU A 437 43.36 -1.19 -23.44
C GLU A 437 43.25 -0.77 -24.90
N VAL A 438 43.40 0.51 -25.20
CA VAL A 438 43.19 0.97 -26.57
C VAL A 438 44.08 0.22 -27.55
N GLU A 439 45.33 -0.07 -27.16
CA GLU A 439 46.23 -0.77 -28.06
C GLU A 439 45.73 -2.17 -28.35
N ALA A 440 45.18 -2.85 -27.34
CA ALA A 440 44.58 -4.16 -27.58
C ALA A 440 43.24 -4.04 -28.30
N GLN A 441 42.51 -2.95 -28.10
CA GLN A 441 41.25 -2.73 -28.82
C GLN A 441 41.48 -2.56 -30.32
N TRP A 442 42.47 -1.74 -30.70
CA TRP A 442 42.65 -1.39 -32.11
C TRP A 442 43.18 -2.58 -32.92
N ILE A 443 44.02 -3.42 -32.31
CA ILE A 443 44.58 -4.56 -33.01
C ILE A 443 43.46 -5.45 -33.55
N TRP A 444 42.44 -5.70 -32.74
CA TRP A 444 41.31 -6.49 -33.22
C TRP A 444 40.55 -5.72 -34.28
N ILE A 445 40.44 -4.41 -34.12
CA ILE A 445 39.69 -3.60 -35.08
C ILE A 445 40.41 -3.53 -36.42
N ASP A 446 41.73 -3.29 -36.40
CA ASP A 446 42.47 -3.18 -37.66
C ASP A 446 42.58 -4.52 -38.37
N GLY A 447 42.63 -5.62 -37.62
CA GLY A 447 42.65 -6.93 -38.25
C GLY A 447 41.35 -7.29 -38.94
N ILE A 448 40.23 -6.76 -38.45
CA ILE A 448 38.93 -7.05 -39.07
C ILE A 448 38.72 -6.26 -40.34
N ARG A 449 38.98 -4.94 -40.29
CA ARG A 449 38.66 -4.08 -41.43
C ARG A 449 39.51 -4.42 -42.64
N GLU A 450 40.80 -4.70 -42.43
CA GLU A 450 41.61 -5.15 -43.56
C GLU A 450 41.06 -6.46 -44.09
N GLY A 451 40.51 -7.28 -43.20
CA GLY A 451 39.99 -8.58 -43.64
C GLY A 451 38.89 -8.41 -44.66
N TRP A 452 38.00 -7.44 -44.44
CA TRP A 452 37.00 -7.11 -45.45
C TRP A 452 37.48 -6.02 -46.39
N LYS A 453 38.62 -5.38 -46.11
CA LYS A 453 39.28 -4.56 -47.13
C LYS A 453 40.05 -5.43 -48.10
N ALA A 454 40.59 -6.55 -47.62
CA ALA A 454 41.22 -7.53 -48.50
C ALA A 454 40.21 -8.46 -49.14
N ASN A 455 39.01 -8.56 -48.58
CA ASN A 455 37.93 -9.34 -49.17
C ASN A 455 36.98 -8.51 -50.03
N SER A 456 37.11 -7.17 -50.00
CA SER A 456 36.27 -6.25 -50.76
C SER A 456 34.79 -6.41 -50.39
N MET A 457 34.50 -6.18 -49.10
CA MET A 457 33.18 -6.37 -48.50
C MET A 457 32.44 -5.04 -48.27
N LYS A 458 31.53 -4.70 -49.20
CA LYS A 458 30.63 -3.53 -49.17
C LYS A 458 29.42 -3.77 -48.25
N PRO A 459 28.86 -2.71 -47.67
CA PRO A 459 27.68 -2.86 -46.79
C PRO A 459 26.43 -3.20 -47.58
N LYS A 460 25.39 -3.60 -46.83
CA LYS A 460 24.08 -3.95 -47.37
C LYS A 460 23.06 -2.98 -46.78
N THR A 461 22.12 -2.52 -47.61
CA THR A 461 21.23 -1.48 -47.12
C THR A 461 20.11 -2.07 -46.26
N TYR A 462 19.55 -1.22 -45.40
CA TYR A 462 18.37 -1.59 -44.64
C TYR A 462 17.42 -0.40 -44.61
N VAL A 463 16.14 -0.70 -44.43
CA VAL A 463 15.13 0.34 -44.37
C VAL A 463 15.12 0.90 -42.96
N SER A 464 15.24 2.22 -42.84
CA SER A 464 15.31 2.83 -41.52
C SER A 464 14.08 2.46 -40.70
N GLY A 465 14.30 1.72 -39.62
CA GLY A 465 13.22 1.21 -38.80
C GLY A 465 12.90 -0.25 -38.99
N THR A 466 13.85 -1.04 -39.52
CA THR A 466 13.64 -2.45 -39.83
C THR A 466 14.38 -3.44 -38.97
N TRP A 467 15.38 -2.99 -38.19
CA TRP A 467 16.33 -3.79 -37.40
C TRP A 467 17.52 -4.24 -38.22
N GLY A 468 17.72 -3.75 -39.45
CA GLY A 468 18.94 -4.09 -40.12
C GLY A 468 18.82 -4.96 -41.35
N PRO A 469 19.97 -5.28 -41.92
CA PRO A 469 19.99 -6.13 -43.12
C PRO A 469 19.58 -7.55 -42.79
N ILE A 470 19.11 -8.25 -43.82
CA ILE A 470 18.61 -9.62 -43.66
C ILE A 470 19.72 -10.65 -43.50
N THR A 471 20.97 -10.28 -43.74
CA THR A 471 22.08 -11.22 -43.62
C THR A 471 22.47 -11.51 -42.18
N ALA A 472 22.16 -10.62 -41.24
CA ALA A 472 22.45 -10.88 -39.84
C ALA A 472 21.57 -11.98 -39.25
N ILE A 473 20.54 -12.43 -39.97
CA ILE A 473 19.73 -13.53 -39.45
C ILE A 473 20.45 -14.85 -39.64
N ALA A 474 21.03 -15.06 -40.83
CA ALA A 474 21.73 -16.31 -41.08
C ALA A 474 22.95 -16.41 -40.19
N LEU A 475 23.64 -15.28 -39.99
CA LEU A 475 24.85 -15.24 -39.17
C LEU A 475 24.64 -15.90 -37.82
N VAL A 476 23.48 -15.67 -37.21
CA VAL A 476 23.12 -16.38 -35.97
C VAL A 476 22.32 -17.65 -36.27
N GLU A 477 21.35 -17.59 -37.19
CA GLU A 477 20.51 -18.74 -37.46
C GLU A 477 21.29 -19.92 -38.03
N ARG A 478 22.45 -19.65 -38.66
CA ARG A 478 23.29 -20.78 -39.04
C ARG A 478 23.86 -21.46 -37.82
N ASP A 479 23.80 -20.79 -36.67
CA ASP A 479 24.18 -21.38 -35.40
C ASP A 479 23.00 -21.80 -34.53
N GLY A 480 21.76 -21.53 -34.94
CA GLY A 480 20.61 -21.86 -34.12
C GLY A 480 20.09 -20.73 -33.25
N VAL A 481 20.66 -19.54 -33.37
CA VAL A 481 20.44 -18.44 -32.44
C VAL A 481 19.31 -17.53 -32.92
N THR A 482 18.70 -16.82 -31.96
CA THR A 482 17.70 -15.80 -32.25
C THR A 482 18.05 -14.53 -31.48
N TRP A 483 17.78 -13.37 -32.11
CA TRP A 483 18.07 -12.06 -31.54
C TRP A 483 16.87 -11.60 -30.71
N TYR A 484 17.12 -11.24 -29.46
CA TYR A 484 16.03 -10.95 -28.53
C TYR A 484 15.39 -9.60 -28.85
N ASP A 485 14.06 -9.61 -29.01
CA ASP A 485 13.25 -8.41 -29.13
C ASP A 485 11.98 -8.59 -28.30
N LEU A 486 11.03 -7.69 -28.51
CA LEU A 486 9.73 -7.76 -27.83
C LEU A 486 8.75 -8.61 -28.63
N GLU A 487 7.66 -8.97 -27.96
CA GLU A 487 6.66 -9.88 -28.49
C GLU A 487 5.45 -9.12 -29.04
N SER B 6 -11.96 -47.40 -13.49
CA SER B 6 -12.93 -46.91 -14.45
C SER B 6 -14.20 -46.43 -13.77
N THR B 7 -14.38 -46.85 -12.51
CA THR B 7 -15.62 -46.64 -11.78
C THR B 7 -15.28 -46.19 -10.35
N MET B 8 -16.12 -45.29 -9.82
CA MET B 8 -15.97 -44.63 -8.53
C MET B 8 -17.26 -44.64 -7.73
N ILE B 9 -17.14 -44.93 -6.43
CA ILE B 9 -18.31 -44.96 -5.51
C ILE B 9 -18.09 -43.87 -4.46
N LEU B 10 -19.15 -43.33 -3.87
CA LEU B 10 -18.97 -42.18 -2.94
C LEU B 10 -19.67 -42.43 -1.60
N PHE B 11 -19.14 -41.87 -0.52
CA PHE B 11 -19.68 -42.05 0.85
C PHE B 11 -19.80 -40.70 1.53
N GLY B 12 -20.62 -40.58 2.59
CA GLY B 12 -20.73 -39.32 3.35
C GLY B 12 -21.16 -38.08 2.57
N SER B 13 -22.17 -38.21 1.71
CA SER B 13 -22.68 -37.08 0.89
C SER B 13 -23.21 -35.94 1.77
N THR B 14 -23.89 -36.25 2.87
CA THR B 14 -24.50 -35.23 3.76
C THR B 14 -23.47 -34.28 4.40
N GLY B 15 -22.28 -34.75 4.78
CA GLY B 15 -21.31 -33.95 5.56
C GLY B 15 -20.77 -32.68 4.92
N ASP B 16 -20.53 -31.64 5.74
CA ASP B 16 -20.02 -30.31 5.28
C ASP B 16 -18.62 -30.35 4.66
N LEU B 17 -17.97 -31.52 4.63
CA LEU B 17 -16.65 -31.66 4.05
C LEU B 17 -16.70 -31.83 2.55
N SER B 18 -17.42 -32.83 2.05
CA SER B 18 -17.40 -33.08 0.59
C SER B 18 -18.12 -31.94 -0.13
N GLN B 19 -19.25 -31.50 0.41
CA GLN B 19 -20.07 -30.45 -0.26
C GLN B 19 -19.28 -29.16 -0.37
N ARG B 20 -18.53 -28.80 0.69
CA ARG B 20 -17.83 -27.49 0.73
C ARG B 20 -16.90 -27.32 -0.48
N MET B 21 -16.10 -28.32 -0.80
CA MET B 21 -15.10 -28.15 -1.89
C MET B 21 -15.82 -27.89 -3.21
N LEU B 22 -16.98 -28.51 -3.42
CA LEU B 22 -17.63 -28.41 -4.75
C LEU B 22 -18.28 -27.03 -4.98
N LEU B 23 -18.68 -26.37 -3.89
CA LEU B 23 -19.44 -25.10 -4.07
C LEU B 23 -18.64 -24.11 -4.92
N PRO B 24 -17.44 -23.67 -4.51
CA PRO B 24 -16.74 -22.66 -5.28
C PRO B 24 -16.41 -23.21 -6.66
N SER B 25 -15.98 -24.47 -6.72
CA SER B 25 -15.60 -25.07 -8.03
C SER B 25 -16.80 -25.16 -8.96
N LEU B 26 -17.95 -25.57 -8.42
CA LEU B 26 -19.13 -25.77 -9.30
C LEU B 26 -19.55 -24.45 -9.91
N TYR B 27 -19.56 -23.38 -9.11
CA TYR B 27 -20.14 -22.15 -9.69
C TYR B 27 -19.28 -21.74 -10.87
N GLY B 28 -17.96 -21.79 -10.70
CA GLY B 28 -17.13 -21.52 -11.87
C GLY B 28 -17.32 -22.60 -12.91
N LEU B 29 -17.33 -23.87 -12.49
CA LEU B 29 -17.40 -24.91 -13.53
C LEU B 29 -18.45 -25.98 -13.28
N ASP B 30 -19.43 -26.10 -14.16
CA ASP B 30 -20.33 -27.28 -14.15
C ASP B 30 -20.05 -27.85 -15.54
N ALA B 31 -19.47 -27.01 -16.40
CA ALA B 31 -19.21 -27.32 -17.82
C ALA B 31 -18.24 -28.46 -18.14
N ASP B 32 -17.16 -28.65 -17.39
CA ASP B 32 -16.07 -29.52 -17.89
C ASP B 32 -16.47 -30.96 -18.21
N GLY B 33 -17.22 -31.66 -17.37
CA GLY B 33 -17.67 -33.01 -17.80
C GLY B 33 -16.46 -33.83 -18.23
N LEU B 34 -15.34 -33.71 -17.53
CA LEU B 34 -14.07 -34.39 -17.89
C LEU B 34 -14.18 -35.91 -17.80
N LEU B 35 -14.89 -36.44 -16.80
CA LEU B 35 -14.85 -37.91 -16.51
C LEU B 35 -15.38 -38.77 -17.66
N ALA B 36 -14.79 -39.94 -17.83
CA ALA B 36 -15.13 -40.87 -18.93
C ALA B 36 -16.53 -41.44 -18.71
N ASP B 37 -17.15 -41.96 -19.78
CA ASP B 37 -18.56 -42.41 -19.73
C ASP B 37 -18.72 -43.51 -18.69
N ASP B 38 -17.73 -44.40 -18.53
CA ASP B 38 -17.93 -45.55 -17.62
C ASP B 38 -18.21 -45.03 -16.21
N LEU B 39 -17.53 -43.97 -15.78
CA LEU B 39 -17.84 -43.36 -14.46
C LEU B 39 -19.22 -42.69 -14.47
N ARG B 40 -19.95 -42.74 -13.35
CA ARG B 40 -21.26 -42.05 -13.21
C ARG B 40 -21.40 -41.56 -11.77
N ILE B 41 -22.28 -40.60 -11.51
CA ILE B 41 -22.38 -40.02 -10.14
C ILE B 41 -22.99 -41.03 -9.16
N VAL B 42 -22.19 -41.53 -8.23
CA VAL B 42 -22.67 -42.48 -7.19
C VAL B 42 -22.77 -41.70 -5.87
N CYS B 43 -23.96 -41.67 -5.27
CA CYS B 43 -24.13 -40.94 -4.00
C CYS B 43 -24.58 -41.89 -2.88
N THR B 44 -23.86 -41.92 -1.76
CA THR B 44 -24.32 -42.69 -0.58
C THR B 44 -24.20 -41.81 0.66
N SER B 45 -25.23 -41.74 1.50
CA SER B 45 -25.23 -40.92 2.74
C SER B 45 -26.31 -41.48 3.66
N ARG B 46 -26.37 -41.05 4.92
CA ARG B 46 -27.51 -41.49 5.76
C ARG B 46 -28.67 -40.57 5.39
N SER B 47 -29.25 -40.77 4.21
CA SER B 47 -30.31 -39.85 3.70
C SER B 47 -31.48 -40.63 3.11
N GLU B 48 -32.68 -40.02 3.08
CA GLU B 48 -33.89 -40.69 2.54
C GLU B 48 -34.26 -40.10 1.18
N TYR B 49 -33.38 -39.31 0.57
CA TYR B 49 -33.66 -38.80 -0.77
C TYR B 49 -33.48 -39.93 -1.77
N ASP B 50 -34.22 -39.87 -2.88
CA ASP B 50 -34.27 -40.98 -3.83
C ASP B 50 -33.06 -40.94 -4.76
N THR B 51 -33.09 -41.74 -5.83
CA THR B 51 -32.18 -41.49 -6.95
C THR B 51 -32.53 -40.17 -7.62
N ASP B 52 -33.77 -40.06 -8.11
CA ASP B 52 -34.33 -38.75 -8.47
C ASP B 52 -34.16 -37.77 -7.33
N GLY B 53 -34.72 -38.12 -6.16
CA GLY B 53 -34.71 -37.26 -4.99
C GLY B 53 -33.34 -36.81 -4.54
N PHE B 54 -32.29 -37.53 -4.93
CA PHE B 54 -30.96 -37.03 -4.64
C PHE B 54 -30.51 -36.05 -5.72
N ARG B 55 -30.72 -36.40 -6.99
CA ARG B 55 -30.43 -35.53 -8.11
C ARG B 55 -31.12 -34.19 -7.96
N ASP B 56 -32.00 -34.08 -6.96
CA ASP B 56 -32.62 -32.77 -6.67
C ASP B 56 -31.68 -32.04 -5.70
N PHE B 57 -31.23 -32.72 -4.64
CA PHE B 57 -30.23 -32.13 -3.71
C PHE B 57 -28.93 -31.88 -4.47
N ALA B 58 -28.55 -32.79 -5.36
CA ALA B 58 -27.28 -32.69 -6.11
C ALA B 58 -27.28 -31.43 -6.98
N GLU B 59 -28.42 -31.07 -7.55
CA GLU B 59 -28.47 -29.90 -8.47
C GLU B 59 -28.06 -28.64 -7.71
N LYS B 60 -28.46 -28.49 -6.44
CA LYS B 60 -27.99 -27.29 -5.70
C LYS B 60 -26.46 -27.35 -5.61
N ALA B 61 -25.90 -28.52 -5.36
CA ALA B 61 -24.43 -28.66 -5.40
C ALA B 61 -23.96 -28.39 -6.82
N LEU B 62 -24.71 -28.88 -7.82
CA LEU B 62 -24.34 -28.69 -9.24
C LEU B 62 -25.09 -27.46 -9.79
N LEU B 80 -28.30 -34.82 -12.73
CA LEU B 80 -29.44 -35.75 -13.00
C LEU B 80 -28.99 -36.82 -14.00
N ASN B 81 -28.12 -36.46 -14.93
CA ASN B 81 -27.74 -37.41 -16.00
C ASN B 81 -27.04 -38.65 -15.45
N LYS B 82 -26.12 -38.51 -14.49
CA LYS B 82 -25.35 -39.70 -14.03
C LYS B 82 -25.64 -40.10 -12.58
N LEU B 83 -26.69 -39.56 -11.94
CA LEU B 83 -26.85 -39.79 -10.47
C LEU B 83 -27.56 -41.10 -10.11
N PHE B 84 -26.95 -41.90 -9.25
CA PHE B 84 -27.57 -43.13 -8.70
C PHE B 84 -27.44 -43.03 -7.19
N TYR B 85 -28.49 -43.29 -6.41
CA TYR B 85 -28.33 -43.06 -4.94
C TYR B 85 -28.33 -44.33 -4.10
N ALA B 86 -29.43 -44.61 -3.39
CA ALA B 86 -29.46 -45.73 -2.43
C ALA B 86 -28.72 -45.31 -1.17
N THR B 87 -29.06 -45.92 -0.03
CA THR B 87 -28.57 -45.52 1.29
C THR B 87 -28.02 -46.73 2.05
N VAL B 88 -27.28 -46.43 3.13
CA VAL B 88 -26.66 -47.41 4.00
C VAL B 88 -26.85 -46.98 5.46
N ASP B 89 -26.56 -47.93 6.35
CA ASP B 89 -26.59 -47.72 7.78
C ASP B 89 -25.17 -47.97 8.30
N ILE B 90 -24.88 -47.45 9.50
CA ILE B 90 -23.54 -47.61 10.07
C ILE B 90 -23.44 -48.73 11.09
N THR B 91 -24.55 -49.33 11.48
CA THR B 91 -24.53 -50.51 12.32
C THR B 91 -25.14 -51.71 11.64
N ASP B 92 -25.97 -51.48 10.63
CA ASP B 92 -26.63 -52.55 9.91
C ASP B 92 -25.84 -52.95 8.66
N PRO B 93 -25.21 -54.12 8.64
CA PRO B 93 -24.55 -54.56 7.40
C PRO B 93 -25.56 -55.08 6.39
N THR B 94 -26.80 -54.63 6.54
CA THR B 94 -27.91 -55.02 5.69
C THR B 94 -28.36 -53.90 4.76
N GLN B 95 -28.24 -52.63 5.18
CA GLN B 95 -28.47 -51.57 4.20
C GLN B 95 -27.32 -51.49 3.21
N PHE B 96 -26.46 -52.50 3.21
CA PHE B 96 -25.24 -52.70 2.46
C PHE B 96 -25.53 -53.43 1.16
N GLY B 97 -26.71 -54.08 1.10
CA GLY B 97 -27.12 -54.72 -0.16
C GLY B 97 -27.79 -53.71 -1.07
N LYS B 98 -28.22 -52.57 -0.50
CA LYS B 98 -28.89 -51.52 -1.30
C LYS B 98 -27.89 -51.02 -2.34
N ILE B 99 -26.63 -50.86 -1.95
CA ILE B 99 -25.57 -50.48 -2.92
C ILE B 99 -25.46 -51.62 -3.95
N ALA B 100 -25.56 -52.86 -3.48
CA ALA B 100 -25.51 -54.02 -4.40
C ALA B 100 -26.68 -53.96 -5.39
N ASP B 101 -27.87 -53.58 -4.93
CA ASP B 101 -28.97 -53.40 -5.92
C ASP B 101 -28.82 -51.99 -6.50
N LEU B 102 -27.80 -51.80 -7.33
CA LEU B 102 -27.51 -50.46 -7.94
C LEU B 102 -26.68 -50.70 -9.20
N CYS B 103 -26.46 -49.67 -10.02
CA CYS B 103 -25.77 -49.88 -11.33
C CYS B 103 -24.36 -50.42 -11.10
N GLY B 104 -23.93 -51.36 -11.96
CA GLY B 104 -22.58 -51.96 -11.85
C GLY B 104 -22.16 -52.61 -13.16
N PRO B 105 -21.23 -52.02 -13.93
CA PRO B 105 -20.78 -52.57 -15.21
C PRO B 105 -19.89 -53.80 -14.96
N VAL B 106 -19.84 -54.74 -15.91
CA VAL B 106 -18.91 -55.89 -15.75
C VAL B 106 -17.48 -55.35 -15.68
N ALA B 111 -13.06 -47.22 -7.51
CA ALA B 111 -12.53 -46.32 -6.49
C ALA B 111 -13.61 -45.85 -5.53
N ILE B 112 -13.26 -45.69 -4.26
CA ILE B 112 -14.23 -45.37 -3.21
C ILE B 112 -13.58 -44.40 -2.24
N TYR B 113 -14.42 -43.53 -1.68
CA TYR B 113 -13.98 -42.44 -0.79
C TYR B 113 -14.70 -42.58 0.54
N LEU B 114 -13.92 -42.84 1.60
CA LEU B 114 -14.45 -43.05 2.95
C LEU B 114 -13.92 -41.96 3.87
N SER B 115 -14.81 -41.11 4.37
CA SER B 115 -14.42 -40.03 5.27
C SER B 115 -15.06 -40.14 6.65
N THR B 116 -14.76 -41.23 7.37
CA THR B 116 -15.48 -41.48 8.63
C THR B 116 -14.62 -41.40 9.89
N SER B 117 -15.27 -41.48 11.05
CA SER B 117 -14.58 -41.51 12.36
C SER B 117 -13.97 -42.90 12.56
N PRO B 118 -13.05 -43.11 13.53
CA PRO B 118 -12.34 -44.38 13.69
C PRO B 118 -13.24 -45.58 13.96
N SER B 119 -14.32 -45.40 14.70
CA SER B 119 -15.15 -46.56 15.14
C SER B 119 -15.75 -47.35 13.96
N LEU B 120 -16.18 -46.69 12.89
CA LEU B 120 -16.89 -47.38 11.77
C LEU B 120 -15.90 -47.87 10.70
N PHE B 121 -14.59 -47.68 10.90
CA PHE B 121 -13.63 -47.97 9.80
C PHE B 121 -13.60 -49.44 9.38
N GLU B 122 -13.63 -50.39 10.29
CA GLU B 122 -13.48 -51.80 9.84
C GLU B 122 -14.83 -52.33 9.36
N GLY B 123 -15.93 -51.95 10.01
CA GLY B 123 -17.26 -52.36 9.51
C GLY B 123 -17.49 -51.87 8.10
N ALA B 124 -17.06 -50.63 7.82
CA ALA B 124 -17.19 -50.09 6.45
C ALA B 124 -16.35 -50.96 5.53
N ILE B 125 -15.18 -51.37 6.01
CA ILE B 125 -14.32 -52.28 5.22
C ILE B 125 -15.02 -53.65 5.16
N ALA B 126 -15.67 -54.05 6.25
CA ALA B 126 -16.31 -55.38 6.30
C ALA B 126 -17.35 -55.52 5.18
N GLY B 127 -18.19 -54.51 5.00
CA GLY B 127 -19.26 -54.57 3.98
C GLY B 127 -18.71 -54.70 2.58
N LEU B 128 -17.62 -54.00 2.29
CA LEU B 128 -17.09 -53.98 0.90
C LEU B 128 -16.70 -55.41 0.46
N LYS B 129 -16.08 -56.18 1.34
CA LYS B 129 -15.75 -57.58 1.01
C LYS B 129 -16.99 -58.45 0.77
N GLN B 130 -18.02 -58.33 1.61
CA GLN B 130 -19.27 -59.13 1.46
C GLN B 130 -19.96 -58.78 0.14
N ALA B 131 -20.00 -57.49 -0.20
CA ALA B 131 -20.59 -57.01 -1.48
C ALA B 131 -19.80 -57.59 -2.64
N GLY B 132 -18.48 -57.68 -2.51
CA GLY B 132 -17.65 -58.07 -3.66
C GLY B 132 -17.03 -56.82 -4.24
N LEU B 133 -17.38 -55.66 -3.66
CA LEU B 133 -16.84 -54.36 -4.12
C LEU B 133 -15.39 -54.22 -3.65
N ALA B 134 -14.84 -55.28 -3.07
CA ALA B 134 -13.41 -55.24 -2.71
C ALA B 134 -12.70 -56.13 -3.72
N GLY B 135 -11.77 -55.57 -4.48
CA GLY B 135 -11.15 -56.34 -5.56
C GLY B 135 -9.81 -55.81 -5.99
N PRO B 136 -9.02 -56.56 -6.80
CA PRO B 136 -7.79 -56.04 -7.37
C PRO B 136 -8.25 -54.85 -8.22
N THR B 137 -9.41 -54.97 -8.88
CA THR B 137 -9.99 -53.86 -9.68
C THR B 137 -10.29 -52.69 -8.75
N SER B 138 -10.70 -52.96 -7.52
CA SER B 138 -11.11 -51.85 -6.61
C SER B 138 -9.97 -50.86 -6.39
N ARG B 139 -10.31 -49.57 -6.31
CA ARG B 139 -9.31 -48.49 -6.08
C ARG B 139 -9.65 -47.78 -4.77
N LEU B 140 -8.66 -47.54 -3.90
CA LEU B 140 -8.93 -46.96 -2.57
C LEU B 140 -8.30 -45.57 -2.41
N ALA B 141 -9.03 -44.67 -1.76
CA ALA B 141 -8.61 -43.31 -1.48
C ALA B 141 -8.93 -43.02 -0.02
N LEU B 142 -7.94 -42.56 0.76
CA LEU B 142 -8.16 -42.38 2.24
C LEU B 142 -7.67 -41.02 2.75
N GLU B 143 -8.50 -39.98 2.67
CA GLU B 143 -8.18 -38.62 3.19
C GLU B 143 -7.99 -38.51 4.70
N LYS B 144 -8.79 -39.20 5.52
CA LYS B 144 -8.82 -38.96 7.01
C LYS B 144 -7.52 -39.40 7.68
N PRO B 145 -7.20 -38.91 8.90
CA PRO B 145 -5.88 -39.17 9.45
C PRO B 145 -5.68 -40.68 9.50
N LEU B 146 -4.51 -41.11 9.01
CA LEU B 146 -4.27 -42.57 8.89
C LEU B 146 -3.24 -43.05 9.91
N GLY B 147 -2.92 -42.23 10.91
CA GLY B 147 -1.97 -42.80 11.87
C GLY B 147 -1.50 -41.94 13.02
N GLN B 148 -0.89 -42.59 14.02
CA GLN B 148 -0.29 -41.92 15.17
C GLN B 148 1.05 -42.52 15.57
N ASP B 149 1.30 -43.79 15.25
CA ASP B 149 2.58 -44.44 15.44
C ASP B 149 2.83 -45.34 14.24
N LEU B 150 3.97 -46.04 14.27
CA LEU B 150 4.13 -47.18 13.38
C LEU B 150 3.05 -48.21 13.64
N ALA B 151 2.82 -48.53 14.93
CA ALA B 151 1.85 -49.54 15.29
C ALA B 151 0.51 -49.24 14.63
N SER B 152 0.05 -47.99 14.75
CA SER B 152 -1.15 -47.61 14.01
C SER B 152 -0.88 -47.70 12.51
N SER B 153 0.05 -46.87 12.02
CA SER B 153 0.33 -46.86 10.57
C SER B 153 0.25 -48.31 10.05
N ASP B 154 1.08 -49.18 10.60
CA ASP B 154 0.99 -50.60 10.18
C ASP B 154 -0.36 -51.22 10.54
N HIS B 155 -0.87 -51.01 11.75
CA HIS B 155 -2.14 -51.71 12.09
C HIS B 155 -3.30 -51.23 11.23
N ILE B 156 -3.42 -49.91 11.06
CA ILE B 156 -4.56 -49.38 10.27
C ILE B 156 -4.43 -49.81 8.82
N ASN B 157 -3.23 -49.69 8.26
CA ASN B 157 -2.95 -50.12 6.86
C ASN B 157 -3.06 -51.64 6.73
N ASP B 158 -2.57 -52.40 7.71
CA ASP B 158 -2.50 -53.88 7.57
C ASP B 158 -3.91 -54.47 7.44
N ALA B 159 -4.89 -53.98 8.18
CA ALA B 159 -6.26 -54.51 7.95
C ALA B 159 -6.69 -54.18 6.52
N VAL B 160 -6.42 -52.96 6.05
CA VAL B 160 -6.68 -52.59 4.63
C VAL B 160 -5.79 -53.44 3.73
N LEU B 161 -4.53 -53.62 4.10
CA LEU B 161 -3.54 -54.31 3.25
C LEU B 161 -3.92 -55.75 3.01
N LYS B 162 -4.44 -56.46 4.01
CA LYS B 162 -4.74 -57.86 3.69
C LYS B 162 -5.81 -57.83 2.60
N VAL B 163 -6.80 -56.94 2.77
CA VAL B 163 -7.83 -56.78 1.70
C VAL B 163 -7.25 -56.18 0.41
N PHE B 164 -6.35 -55.19 0.51
CA PHE B 164 -5.92 -54.46 -0.71
C PHE B 164 -4.41 -54.24 -0.79
N SER B 165 -3.89 -54.03 -2.00
CA SER B 165 -2.45 -53.78 -2.21
C SER B 165 -2.18 -52.29 -2.41
N GLU B 166 -0.90 -51.91 -2.51
CA GLU B 166 -0.53 -50.52 -2.77
C GLU B 166 -1.07 -50.03 -4.10
N LYS B 167 -1.17 -50.93 -5.08
CA LYS B 167 -1.72 -50.59 -6.38
C LYS B 167 -3.20 -50.21 -6.33
N GLN B 168 -3.88 -50.46 -5.21
CA GLN B 168 -5.26 -50.05 -5.09
C GLN B 168 -5.50 -48.99 -4.02
N VAL B 169 -4.49 -48.58 -3.26
CA VAL B 169 -4.66 -47.56 -2.22
C VAL B 169 -3.86 -46.33 -2.59
N TYR B 170 -4.52 -45.18 -2.54
CA TYR B 170 -3.99 -43.89 -2.99
C TYR B 170 -4.34 -42.84 -1.93
N ARG B 171 -3.43 -42.62 -0.99
CA ARG B 171 -3.67 -41.77 0.17
C ARG B 171 -3.50 -40.29 -0.16
N ILE B 172 -4.49 -39.49 0.24
CA ILE B 172 -4.58 -38.07 -0.12
C ILE B 172 -3.64 -37.25 0.75
N ASP B 173 -2.92 -36.31 0.13
CA ASP B 173 -2.15 -35.28 0.83
C ASP B 173 -2.61 -33.91 0.34
N HIS B 174 -3.25 -33.15 1.22
CA HIS B 174 -3.97 -31.94 0.83
C HIS B 174 -3.03 -30.82 0.33
N TYR B 175 -1.75 -30.84 0.71
CA TYR B 175 -0.81 -29.86 0.18
C TYR B 175 -0.23 -30.31 -1.17
N LEU B 176 0.12 -31.59 -1.30
CA LEU B 176 0.75 -32.13 -2.50
C LEU B 176 0.02 -31.76 -3.78
N GLY B 177 -1.27 -31.43 -3.71
CA GLY B 177 -2.06 -31.07 -4.87
C GLY B 177 -2.05 -29.63 -5.28
N LYS B 178 -1.48 -28.73 -4.49
CA LYS B 178 -1.46 -27.32 -4.86
C LYS B 178 -0.54 -27.09 -6.04
N GLU B 179 -1.02 -26.30 -7.01
CA GLU B 179 -0.29 -26.07 -8.25
C GLU B 179 1.07 -25.46 -7.99
N THR B 180 1.15 -24.51 -7.05
CA THR B 180 2.44 -23.95 -6.68
C THR B 180 3.41 -25.04 -6.21
N VAL B 181 2.88 -26.15 -5.71
CA VAL B 181 3.71 -27.26 -5.27
C VAL B 181 4.10 -28.10 -6.48
N GLN B 182 3.21 -28.20 -7.46
CA GLN B 182 3.52 -28.98 -8.66
C GLN B 182 4.58 -28.28 -9.50
N ASN B 183 4.63 -26.95 -9.47
CA ASN B 183 5.67 -26.27 -10.23
C ASN B 183 7.03 -26.35 -9.56
N LEU B 184 7.10 -26.85 -8.31
CA LEU B 184 8.40 -27.10 -7.67
C LEU B 184 9.25 -28.13 -8.40
N LEU B 185 8.63 -28.96 -9.25
CA LEU B 185 9.39 -29.92 -10.03
C LEU B 185 9.86 -29.26 -11.32
N THR B 186 8.94 -28.55 -11.96
CA THR B 186 9.31 -27.69 -13.08
C THR B 186 10.31 -26.61 -12.66
N LEU B 187 10.12 -26.02 -11.47
CA LEU B 187 11.00 -24.95 -11.06
C LEU B 187 12.40 -25.48 -10.81
N ARG B 188 12.50 -26.58 -10.07
CA ARG B 188 13.80 -27.14 -9.73
C ARG B 188 14.44 -27.80 -10.94
N PHE B 189 13.70 -28.67 -11.64
CA PHE B 189 14.27 -29.54 -12.65
C PHE B 189 13.97 -29.09 -14.08
N GLY B 190 13.11 -28.10 -14.26
CA GLY B 190 12.95 -27.47 -15.55
C GLY B 190 13.86 -26.28 -15.73
N ASN B 191 14.79 -26.09 -14.80
CA ASN B 191 15.72 -24.98 -14.88
C ASN B 191 17.10 -25.46 -14.47
N ALA B 192 18.11 -24.95 -15.17
CA ALA B 192 19.50 -25.30 -14.92
C ALA B 192 20.19 -24.28 -14.04
N LEU B 193 19.48 -23.20 -13.71
CA LEU B 193 20.04 -22.16 -12.88
C LEU B 193 20.02 -22.56 -11.41
N PHE B 194 19.23 -23.57 -11.06
CA PHE B 194 19.06 -24.03 -9.69
C PHE B 194 19.96 -25.20 -9.33
N GLU B 195 20.24 -26.10 -10.28
CA GLU B 195 20.96 -27.34 -10.00
C GLU B 195 22.46 -27.23 -9.70
N PRO B 196 23.22 -26.29 -10.28
CA PRO B 196 24.64 -26.19 -9.91
C PRO B 196 24.83 -25.82 -8.46
N LEU B 197 23.87 -25.13 -7.86
CA LEU B 197 24.02 -24.69 -6.49
C LEU B 197 23.19 -25.51 -5.53
N TRP B 198 22.32 -26.40 -6.00
CA TRP B 198 21.42 -27.20 -5.16
C TRP B 198 22.17 -28.39 -4.54
N ASN B 199 23.09 -28.03 -3.64
CA ASN B 199 23.93 -29.04 -2.95
C ASN B 199 24.41 -28.39 -1.65
N SER B 200 25.19 -29.12 -0.86
CA SER B 200 25.68 -28.60 0.44
C SER B 200 26.58 -27.38 0.23
N LYS B 201 27.46 -27.43 -0.76
CA LYS B 201 28.36 -26.28 -1.06
C LYS B 201 27.55 -25.06 -1.51
N GLY B 202 26.53 -25.24 -2.35
CA GLY B 202 25.67 -24.14 -2.81
C GLY B 202 24.82 -23.44 -1.77
N ILE B 203 24.23 -24.18 -0.83
CA ILE B 203 23.23 -23.55 0.09
C ILE B 203 23.69 -23.54 1.54
N ASP B 204 23.70 -22.35 2.15
CA ASP B 204 24.03 -22.27 3.60
C ASP B 204 22.99 -22.96 4.48
N HIS B 205 21.69 -22.73 4.23
CA HIS B 205 20.60 -23.29 5.06
C HIS B 205 19.29 -23.34 4.27
N VAL B 206 18.35 -24.16 4.70
CA VAL B 206 17.01 -24.22 4.03
C VAL B 206 15.94 -23.93 5.07
N GLN B 207 15.01 -23.03 4.76
CA GLN B 207 13.94 -22.64 5.73
C GLN B 207 12.56 -22.94 5.16
N ILE B 208 11.70 -23.65 5.91
CA ILE B 208 10.29 -23.85 5.48
C ILE B 208 9.38 -23.34 6.61
N SER B 209 8.42 -22.46 6.30
CA SER B 209 7.46 -21.99 7.33
C SER B 209 6.01 -22.11 6.85
N VAL B 210 5.11 -22.64 7.68
CA VAL B 210 3.66 -22.63 7.35
C VAL B 210 3.02 -21.82 8.47
N ALA B 211 2.25 -20.78 8.15
CA ALA B 211 1.76 -19.90 9.22
C ALA B 211 0.24 -19.87 9.26
N GLU B 212 -0.35 -20.04 10.44
CA GLU B 212 -1.82 -19.87 10.53
C GLU B 212 -2.17 -18.77 11.52
N THR B 213 -2.85 -17.71 11.06
CA THR B 213 -3.38 -16.68 11.97
C THR B 213 -4.47 -17.31 12.82
N VAL B 214 -5.29 -18.15 12.20
CA VAL B 214 -6.48 -18.73 12.88
C VAL B 214 -6.14 -19.77 13.96
N GLY B 215 -6.86 -19.73 15.08
CA GLY B 215 -6.77 -20.80 16.10
C GLY B 215 -7.61 -21.96 15.62
N LEU B 216 -7.46 -23.17 16.17
CA LEU B 216 -8.36 -24.24 15.69
C LEU B 216 -9.80 -23.82 15.99
N GLU B 217 -10.72 -23.94 15.04
CA GLU B 217 -12.14 -23.66 15.38
C GLU B 217 -12.99 -24.90 15.11
N GLY B 218 -13.57 -25.49 16.15
CA GLY B 218 -14.46 -26.65 16.01
C GLY B 218 -13.67 -27.93 15.84
N ARG B 219 -12.34 -27.84 15.83
CA ARG B 219 -11.48 -29.05 15.64
C ARG B 219 -10.95 -29.55 16.99
N ILE B 220 -11.29 -28.86 18.08
CA ILE B 220 -10.72 -29.26 19.39
C ILE B 220 -11.30 -30.63 19.77
N GLY B 221 -10.49 -31.51 20.35
CA GLY B 221 -10.89 -32.89 20.66
C GLY B 221 -10.50 -33.76 19.48
N TYR B 222 -10.15 -33.16 18.35
CA TYR B 222 -9.58 -33.93 17.23
C TYR B 222 -8.09 -33.56 17.17
N PHE B 223 -7.80 -32.26 17.28
CA PHE B 223 -6.40 -31.76 17.29
C PHE B 223 -5.65 -32.25 18.53
N ASP B 224 -6.32 -32.28 19.67
CA ASP B 224 -5.60 -32.62 20.92
C ASP B 224 -5.04 -34.02 20.79
N SER B 225 -5.81 -34.97 20.26
CA SER B 225 -5.19 -36.30 20.06
C SER B 225 -4.04 -36.25 19.04
N SER B 226 -4.22 -35.60 17.88
CA SER B 226 -3.10 -35.46 16.91
C SER B 226 -1.94 -34.55 17.34
N GLY B 227 -2.24 -33.37 17.86
CA GLY B 227 -1.17 -32.40 18.16
C GLY B 227 -0.82 -31.63 16.90
N SER B 228 -0.06 -30.54 16.99
CA SER B 228 0.41 -29.82 15.76
C SER B 228 1.37 -30.68 14.92
N LEU B 229 2.30 -31.37 15.57
CA LEU B 229 3.33 -32.10 14.76
C LEU B 229 2.64 -33.19 13.92
N ARG B 230 1.72 -33.93 14.52
CA ARG B 230 0.97 -34.96 13.76
C ARG B 230 0.10 -34.29 12.69
N ASP B 231 -0.53 -33.17 13.02
CA ASP B 231 -1.45 -32.56 12.03
C ASP B 231 -0.71 -32.10 10.77
N MET B 232 0.46 -31.46 10.89
CA MET B 232 1.11 -30.88 9.69
C MET B 232 2.49 -31.47 9.37
N VAL B 233 3.35 -31.60 10.37
CA VAL B 233 4.76 -32.02 10.11
C VAL B 233 4.84 -33.43 9.52
N GLN B 234 4.02 -34.36 9.99
CA GLN B 234 4.14 -35.78 9.56
C GLN B 234 3.86 -35.91 8.06
N SER B 235 2.89 -35.17 7.54
CA SER B 235 2.52 -35.36 6.12
C SER B 235 2.98 -34.20 5.22
N HIS B 236 2.26 -33.07 5.27
CA HIS B 236 2.55 -32.00 4.29
C HIS B 236 3.95 -31.37 4.38
N ILE B 237 4.42 -31.04 5.57
CA ILE B 237 5.74 -30.34 5.67
C ILE B 237 6.85 -31.28 5.20
N LEU B 238 6.77 -32.55 5.59
CA LEU B 238 7.78 -33.55 5.19
C LEU B 238 7.76 -33.72 3.68
N GLN B 239 6.57 -33.71 3.08
CA GLN B 239 6.44 -33.86 1.60
C GLN B 239 7.14 -32.68 0.93
N LEU B 240 6.96 -31.47 1.46
CA LEU B 240 7.65 -30.27 0.94
C LEU B 240 9.17 -30.39 1.09
N VAL B 241 9.63 -30.94 2.21
CA VAL B 241 11.10 -31.03 2.49
C VAL B 241 11.71 -31.92 1.41
N ALA B 242 11.01 -32.98 1.06
CA ALA B 242 11.52 -33.90 0.03
C ALA B 242 11.61 -33.14 -1.28
N LEU B 243 10.63 -32.29 -1.57
CA LEU B 243 10.62 -31.65 -2.91
C LEU B 243 11.87 -30.81 -3.09
N VAL B 244 12.29 -30.03 -2.09
CA VAL B 244 13.58 -29.30 -2.18
C VAL B 244 14.75 -30.29 -2.23
N ALA B 245 14.71 -31.34 -1.40
CA ALA B 245 15.87 -32.27 -1.27
C ALA B 245 15.86 -33.50 -2.17
N MET B 246 14.75 -33.81 -2.86
CA MET B 246 14.71 -35.09 -3.62
C MET B 246 15.66 -35.07 -4.81
N GLU B 247 16.36 -36.18 -5.05
CA GLU B 247 17.19 -36.28 -6.28
C GLU B 247 16.24 -36.47 -7.47
N PRO B 248 16.56 -35.99 -8.69
CA PRO B 248 15.69 -36.22 -9.84
C PRO B 248 15.54 -37.67 -10.27
N PRO B 249 14.33 -38.14 -10.63
CA PRO B 249 14.12 -39.47 -11.20
C PRO B 249 14.62 -39.43 -12.65
N ALA B 250 14.97 -40.60 -13.22
CA ALA B 250 15.41 -40.63 -14.64
C ALA B 250 14.26 -40.14 -15.51
N HIS B 251 13.04 -40.54 -15.21
CA HIS B 251 11.85 -40.01 -15.94
C HIS B 251 10.72 -39.75 -14.93
N MET B 252 9.76 -38.90 -15.29
CA MET B 252 8.74 -38.54 -14.29
C MET B 252 7.58 -39.53 -14.37
N GLU B 253 7.51 -40.43 -13.39
CA GLU B 253 6.38 -41.38 -13.26
C GLU B 253 6.16 -41.41 -11.76
N ALA B 254 4.97 -41.79 -11.31
CA ALA B 254 4.76 -41.68 -9.86
C ALA B 254 5.78 -42.58 -9.17
N ASN B 255 5.98 -43.78 -9.70
CA ASN B 255 6.91 -44.72 -9.05
C ASN B 255 8.36 -44.20 -9.07
N ALA B 256 8.85 -43.65 -10.19
CA ALA B 256 10.23 -43.11 -10.16
C ALA B 256 10.37 -41.89 -9.23
N VAL B 257 9.43 -40.95 -9.29
CA VAL B 257 9.54 -39.72 -8.45
C VAL B 257 9.40 -40.08 -6.97
N ARG B 258 8.44 -40.95 -6.65
CA ARG B 258 8.15 -41.31 -5.23
C ARG B 258 9.35 -42.04 -4.59
N ASP B 259 10.01 -42.91 -5.34
CA ASP B 259 11.11 -43.70 -4.75
C ASP B 259 12.22 -42.75 -4.27
N GLU B 260 12.54 -41.73 -5.05
CA GLU B 260 13.56 -40.72 -4.63
C GLU B 260 13.08 -39.97 -3.39
N LYS B 261 11.80 -39.62 -3.32
CA LYS B 261 11.22 -38.90 -2.15
C LYS B 261 11.33 -39.76 -0.89
N VAL B 262 11.09 -41.07 -1.02
CA VAL B 262 11.19 -42.00 0.13
C VAL B 262 12.63 -41.96 0.63
N LYS B 263 13.58 -41.87 -0.30
CA LYS B 263 15.01 -41.87 0.07
C LYS B 263 15.28 -40.64 0.93
N VAL B 264 14.66 -39.50 0.62
CA VAL B 264 14.83 -38.28 1.44
C VAL B 264 14.34 -38.53 2.86
N PHE B 265 13.19 -39.19 3.01
CA PHE B 265 12.65 -39.52 4.36
C PHE B 265 13.56 -40.49 5.09
N ARG B 266 14.09 -41.50 4.40
CA ARG B 266 15.05 -42.47 5.00
C ARG B 266 16.35 -41.78 5.40
N ALA B 267 16.86 -40.87 4.56
CA ALA B 267 18.11 -40.12 4.81
C ALA B 267 17.96 -39.14 5.98
N LEU B 268 16.73 -38.74 6.31
CA LEU B 268 16.57 -37.68 7.31
C LEU B 268 17.25 -38.12 8.61
N ARG B 269 17.99 -37.20 9.23
CA ARG B 269 18.76 -37.57 10.42
C ARG B 269 17.78 -37.83 11.55
N PRO B 270 17.92 -38.96 12.27
CA PRO B 270 16.98 -39.29 13.31
C PRO B 270 17.09 -38.27 14.45
N ILE B 271 15.95 -37.87 15.02
CA ILE B 271 16.02 -36.98 16.20
C ILE B 271 15.90 -37.93 17.38
N ASN B 272 16.81 -37.83 18.34
CA ASN B 272 16.93 -38.81 19.44
C ASN B 272 17.03 -37.99 20.71
N ASN B 273 17.09 -38.63 21.88
CA ASN B 273 17.04 -37.86 23.13
C ASN B 273 18.21 -36.87 23.15
N ASP B 274 19.39 -37.26 22.67
CA ASP B 274 20.52 -36.31 22.79
C ASP B 274 20.22 -35.04 21.98
N THR B 275 19.69 -35.16 20.76
CA THR B 275 19.45 -33.96 19.91
C THR B 275 18.04 -33.38 20.05
N VAL B 276 17.12 -34.08 20.71
CA VAL B 276 15.70 -33.59 20.69
C VAL B 276 15.57 -32.22 21.38
N ILE B 277 16.22 -32.04 22.53
CA ILE B 277 16.09 -30.74 23.27
C ILE B 277 16.70 -29.63 22.42
N THR B 278 17.87 -29.89 21.84
CA THR B 278 18.55 -28.92 20.96
C THR B 278 17.81 -28.65 19.65
N HIS B 279 17.27 -29.69 19.00
CA HIS B 279 16.68 -29.50 17.63
C HIS B 279 15.17 -29.23 17.58
N THR B 280 14.44 -29.29 18.69
CA THR B 280 12.96 -29.16 18.62
C THR B 280 12.43 -28.13 19.61
N VAL B 281 11.49 -27.28 19.19
CA VAL B 281 10.81 -26.36 20.14
C VAL B 281 9.30 -26.60 19.99
N THR B 282 8.57 -26.74 21.10
CA THR B 282 7.10 -27.00 21.06
C THR B 282 6.36 -25.82 21.69
N GLY B 283 5.33 -25.32 21.00
CA GLY B 283 4.58 -24.17 21.52
C GLY B 283 3.09 -24.44 21.58
N GLN B 284 2.43 -23.93 22.61
CA GLN B 284 0.97 -24.06 22.72
C GLN B 284 0.37 -22.66 22.65
N TYR B 285 -0.60 -22.42 21.78
CA TYR B 285 -1.10 -21.03 21.63
C TYR B 285 -1.82 -20.55 22.89
N GLY B 286 -1.50 -19.34 23.32
CA GLY B 286 -2.11 -18.70 24.49
C GLY B 286 -3.30 -17.87 24.10
N ALA B 287 -3.92 -17.20 25.07
CA ALA B 287 -5.01 -16.27 24.70
C ALA B 287 -4.47 -14.86 24.56
N GLY B 288 -4.36 -14.33 23.34
CA GLY B 288 -3.99 -12.90 23.20
C GLY B 288 -4.95 -12.11 22.33
N VAL B 289 -4.67 -12.03 21.02
CA VAL B 289 -5.62 -11.35 20.08
C VAL B 289 -5.55 -11.96 18.68
N SER B 290 -6.68 -12.06 17.97
CA SER B 290 -6.67 -12.41 16.52
C SER B 290 -7.60 -11.40 15.83
N GLY B 291 -7.16 -10.78 14.75
CA GLY B 291 -8.04 -9.86 14.00
C GLY B 291 -8.56 -8.71 14.85
N GLY B 292 -7.75 -8.18 15.76
CA GLY B 292 -8.16 -6.99 16.53
C GLY B 292 -9.10 -7.31 17.66
N LYS B 293 -9.33 -8.60 17.93
CA LYS B 293 -10.19 -9.00 19.06
C LYS B 293 -9.47 -10.07 19.89
N GLU B 294 -9.68 -10.05 21.22
CA GLU B 294 -8.97 -11.01 22.10
C GLU B 294 -9.40 -12.44 21.75
N VAL B 295 -8.44 -13.38 21.76
CA VAL B 295 -8.73 -14.80 21.41
C VAL B 295 -8.31 -15.67 22.60
N ALA B 296 -9.14 -16.64 23.01
CA ALA B 296 -8.89 -17.47 24.22
C ALA B 296 -7.77 -18.51 24.05
N GLY B 297 -7.20 -18.96 25.17
CA GLY B 297 -6.12 -19.97 25.18
C GLY B 297 -6.60 -21.35 24.80
N TYR B 298 -5.70 -22.21 24.31
CA TYR B 298 -6.11 -23.54 23.81
C TYR B 298 -6.72 -24.37 24.94
N ILE B 299 -6.11 -24.32 26.11
CA ILE B 299 -6.66 -25.09 27.27
C ILE B 299 -8.04 -24.54 27.59
N ASP B 300 -8.21 -23.22 27.53
CA ASP B 300 -9.49 -22.62 27.93
C ASP B 300 -10.61 -23.13 27.02
N GLU B 301 -10.34 -23.21 25.71
CA GLU B 301 -11.34 -23.74 24.75
C GLU B 301 -11.68 -25.22 25.02
N LEU B 302 -10.67 -26.05 25.31
CA LEU B 302 -10.87 -27.51 25.57
C LEU B 302 -11.71 -27.75 26.84
N GLY B 303 -11.48 -26.99 27.90
CA GLY B 303 -12.18 -27.23 29.18
C GLY B 303 -11.47 -28.33 29.95
N GLN B 304 -10.34 -28.80 29.43
CA GLN B 304 -9.52 -29.84 30.11
C GLN B 304 -8.06 -29.40 30.06
N PRO B 305 -7.21 -29.74 31.05
CA PRO B 305 -5.79 -29.45 30.94
C PRO B 305 -5.19 -30.28 29.81
N SER B 306 -4.36 -29.67 28.96
CA SER B 306 -3.67 -30.45 27.90
C SER B 306 -2.22 -29.99 27.73
N ASP B 307 -1.32 -30.91 27.42
CA ASP B 307 0.09 -30.56 27.09
C ASP B 307 0.27 -30.73 25.59
N THR B 308 -0.82 -30.90 24.84
CA THR B 308 -0.75 -31.14 23.36
C THR B 308 -0.22 -29.89 22.67
N GLU B 309 0.47 -30.05 21.54
CA GLU B 309 1.15 -28.88 20.92
C GLU B 309 0.33 -28.23 19.81
N THR B 310 0.08 -26.92 19.93
CA THR B 310 -0.60 -26.16 18.85
C THR B 310 0.44 -25.57 17.88
N PHE B 311 1.73 -25.61 18.24
CA PHE B 311 2.83 -25.09 17.38
C PHE B 311 4.06 -26.00 17.52
N VAL B 312 4.85 -26.15 16.45
CA VAL B 312 6.13 -26.89 16.59
C VAL B 312 7.23 -26.25 15.74
N ALA B 313 8.48 -26.24 16.22
CA ALA B 313 9.62 -25.75 15.41
C ALA B 313 10.73 -26.81 15.44
N ILE B 314 11.33 -27.14 14.30
CA ILE B 314 12.45 -28.12 14.35
C ILE B 314 13.61 -27.70 13.44
N LYS B 315 14.84 -28.08 13.83
CA LYS B 315 16.00 -27.88 12.92
C LYS B 315 16.33 -29.27 12.46
N ALA B 316 16.31 -29.51 11.16
CA ALA B 316 16.44 -30.89 10.67
C ALA B 316 17.53 -30.98 9.60
N HIS B 317 18.20 -32.12 9.56
CA HIS B 317 19.28 -32.32 8.57
C HIS B 317 19.00 -33.58 7.76
N VAL B 318 19.22 -33.52 6.45
CA VAL B 318 19.11 -34.77 5.65
C VAL B 318 20.57 -35.12 5.34
N ASP B 319 20.99 -36.33 5.68
CA ASP B 319 22.44 -36.65 5.53
C ASP B 319 22.61 -37.45 4.25
N ASN B 320 23.28 -36.84 3.28
CA ASN B 320 23.45 -37.46 1.95
C ASN B 320 24.68 -36.78 1.35
N TRP B 321 25.25 -37.34 0.30
CA TRP B 321 26.49 -36.73 -0.22
C TRP B 321 26.12 -35.32 -0.65
N ARG B 322 24.98 -35.15 -1.31
CA ARG B 322 24.51 -33.79 -1.68
C ARG B 322 24.12 -32.89 -0.49
N TRP B 323 23.42 -33.42 0.51
CA TRP B 323 22.86 -32.54 1.58
C TRP B 323 23.56 -32.57 2.93
N HIS B 324 24.68 -33.28 3.08
CA HIS B 324 25.24 -33.37 4.45
C HIS B 324 25.69 -31.99 4.93
N GLY B 325 25.39 -31.67 6.19
CA GLY B 325 25.83 -30.39 6.79
C GLY B 325 24.93 -29.21 6.48
N VAL B 326 23.80 -29.39 5.80
CA VAL B 326 22.97 -28.18 5.56
C VAL B 326 21.74 -28.25 6.46
N PRO B 327 21.54 -27.26 7.34
CA PRO B 327 20.39 -27.25 8.21
C PRO B 327 19.08 -26.99 7.47
N PHE B 328 18.02 -27.73 7.81
CA PHE B 328 16.69 -27.43 7.25
C PHE B 328 15.82 -27.10 8.47
N TYR B 329 15.16 -25.96 8.46
CA TYR B 329 14.40 -25.56 9.67
C TYR B 329 12.91 -25.55 9.34
N ILE B 330 12.11 -26.28 10.12
CA ILE B 330 10.67 -26.38 9.79
C ILE B 330 9.88 -25.73 10.91
N ARG B 331 9.05 -24.74 10.58
CA ARG B 331 8.17 -24.14 11.61
C ARG B 331 6.72 -24.14 11.10
N THR B 332 5.78 -24.67 11.88
CA THR B 332 4.34 -24.55 11.53
C THR B 332 3.66 -24.07 12.82
N GLY B 333 2.73 -23.14 12.71
CA GLY B 333 2.16 -22.59 13.95
C GLY B 333 0.68 -22.32 13.91
N LYS B 334 0.05 -22.29 15.08
CA LYS B 334 -1.40 -21.96 15.18
C LYS B 334 -1.50 -20.67 16.00
N ARG B 335 -2.31 -19.71 15.55
CA ARG B 335 -2.41 -18.40 16.24
C ARG B 335 -1.12 -17.62 16.00
N LEU B 336 -0.41 -17.94 14.92
CA LEU B 336 0.79 -17.18 14.51
C LEU B 336 0.31 -15.84 13.92
N PRO B 337 1.17 -14.81 13.78
CA PRO B 337 0.72 -13.47 13.34
C PRO B 337 0.09 -13.38 11.93
N ALA B 338 0.62 -14.10 10.95
CA ALA B 338 0.07 -14.02 9.58
C ALA B 338 -0.15 -15.41 9.02
N ARG B 339 -1.07 -15.57 8.07
CA ARG B 339 -1.19 -16.90 7.41
C ARG B 339 -0.50 -16.85 6.04
N ARG B 340 0.66 -17.48 5.92
CA ARG B 340 1.35 -17.63 4.62
C ARG B 340 2.23 -18.86 4.74
N SER B 341 2.50 -19.57 3.65
CA SER B 341 3.47 -20.68 3.75
C SER B 341 4.61 -20.34 2.81
N GLU B 342 5.84 -20.22 3.33
CA GLU B 342 6.94 -19.76 2.45
C GLU B 342 8.15 -20.69 2.52
N ILE B 343 8.76 -20.95 1.37
CA ILE B 343 9.98 -21.79 1.32
C ILE B 343 11.13 -20.87 0.92
N VAL B 344 12.04 -20.61 1.87
CA VAL B 344 13.19 -19.71 1.58
C VAL B 344 14.48 -20.54 1.65
N VAL B 345 15.25 -20.53 0.57
CA VAL B 345 16.55 -21.26 0.54
C VAL B 345 17.68 -20.24 0.45
N GLN B 346 18.40 -20.00 1.55
CA GLN B 346 19.57 -19.09 1.52
C GLN B 346 20.69 -19.75 0.73
N PHE B 347 21.50 -18.95 0.05
CA PHE B 347 22.58 -19.48 -0.81
C PHE B 347 23.90 -19.04 -0.20
N LYS B 348 24.96 -19.78 -0.46
CA LYS B 348 26.25 -19.54 0.24
C LYS B 348 26.79 -18.14 -0.03
N PRO B 349 27.42 -17.51 0.98
CA PRO B 349 27.91 -16.15 0.85
C PRO B 349 29.09 -16.15 -0.14
N VAL B 350 29.33 -15.01 -0.78
CA VAL B 350 30.35 -14.96 -1.86
C VAL B 350 31.71 -15.33 -1.26
N PRO B 351 32.57 -16.05 -2.01
CA PRO B 351 33.83 -16.52 -1.45
C PRO B 351 34.67 -15.32 -1.03
N HIS B 352 34.68 -14.23 -1.81
CA HIS B 352 35.44 -13.05 -1.35
C HIS B 352 34.69 -11.73 -1.56
N SER B 353 34.67 -10.84 -0.56
CA SER B 353 34.13 -9.51 -0.74
C SER B 353 35.19 -8.67 -1.44
N ILE B 354 34.99 -8.45 -2.74
CA ILE B 354 35.92 -7.61 -3.56
C ILE B 354 35.60 -6.15 -3.27
N PHE B 355 34.71 -5.92 -2.31
CA PHE B 355 34.28 -4.55 -1.92
C PHE B 355 34.70 -4.39 -0.47
N SER B 356 35.95 -4.77 -0.18
CA SER B 356 36.49 -4.71 1.20
C SER B 356 36.77 -3.25 1.57
N SER B 357 37.46 -3.04 2.68
CA SER B 357 37.88 -1.66 3.08
C SER B 357 36.65 -0.95 3.61
N SER B 358 35.56 -1.71 3.82
CA SER B 358 34.29 -1.16 4.39
C SER B 358 33.38 -0.61 3.29
N GLY B 359 32.11 -0.40 3.62
CA GLY B 359 31.13 0.20 2.70
C GLY B 359 30.41 -0.81 1.84
N GLY B 360 30.85 -2.07 1.83
CA GLY B 360 30.08 -3.08 1.09
C GLY B 360 29.67 -4.23 1.98
N ILE B 361 28.37 -4.51 2.05
CA ILE B 361 27.91 -5.70 2.81
C ILE B 361 27.21 -6.58 1.78
N LEU B 362 27.59 -7.84 1.69
CA LEU B 362 27.05 -8.71 0.62
C LEU B 362 26.14 -9.76 1.25
N GLN B 363 24.85 -9.47 1.34
CA GLN B 363 23.90 -10.44 1.85
C GLN B 363 23.87 -11.64 0.91
N PRO B 364 23.93 -12.86 1.44
CA PRO B 364 23.92 -14.04 0.56
C PRO B 364 22.64 -14.10 -0.24
N ASN B 365 22.72 -14.79 -1.38
CA ASN B 365 21.55 -14.87 -2.25
C ASN B 365 20.49 -15.75 -1.62
N LYS B 366 19.25 -15.28 -1.67
CA LYS B 366 18.12 -16.01 -1.14
C LYS B 366 17.06 -16.15 -2.22
N LEU B 367 16.45 -17.32 -2.29
CA LEU B 367 15.32 -17.58 -3.17
C LEU B 367 14.08 -17.80 -2.29
N ARG B 368 13.12 -16.89 -2.40
CA ARG B 368 11.91 -16.97 -1.59
C ARG B 368 10.75 -17.28 -2.52
N ILE B 369 10.04 -18.36 -2.23
CA ILE B 369 8.86 -18.78 -2.97
C ILE B 369 7.69 -18.80 -2.00
N VAL B 370 6.58 -18.20 -2.40
CA VAL B 370 5.38 -18.17 -1.58
C VAL B 370 4.36 -19.12 -2.19
N LEU B 371 3.86 -20.03 -1.36
CA LEU B 371 2.90 -21.05 -1.77
C LEU B 371 1.52 -20.79 -1.19
N GLN B 372 1.43 -19.94 -0.16
CA GLN B 372 0.20 -19.45 0.41
C GLN B 372 0.51 -18.08 1.01
N PRO B 373 -0.42 -17.12 0.91
CA PRO B 373 -1.68 -17.20 0.18
C PRO B 373 -1.50 -16.77 -1.28
N ASP B 374 -0.46 -15.98 -1.54
CA ASP B 374 -0.11 -15.57 -2.89
C ASP B 374 0.96 -16.50 -3.45
N GLU B 375 0.83 -16.79 -4.74
CA GLU B 375 1.75 -17.68 -5.45
C GLU B 375 2.82 -16.85 -6.15
N THR B 376 4.05 -16.94 -5.66
CA THR B 376 5.09 -16.00 -6.02
C THR B 376 6.47 -16.62 -5.79
N ILE B 377 7.43 -16.24 -6.65
CA ILE B 377 8.83 -16.66 -6.54
C ILE B 377 9.71 -15.42 -6.66
N GLN B 378 10.79 -15.38 -5.88
CA GLN B 378 11.71 -14.25 -5.93
C GLN B 378 13.13 -14.72 -5.64
N ILE B 379 14.09 -13.91 -6.10
CA ILE B 379 15.52 -14.16 -5.94
C ILE B 379 16.19 -12.89 -5.45
N SER B 380 17.25 -13.04 -4.65
CA SER B 380 17.91 -11.93 -3.99
C SER B 380 19.24 -11.64 -4.68
N ILE B 381 19.39 -10.44 -5.20
CA ILE B 381 20.63 -10.05 -5.86
C ILE B 381 21.16 -8.77 -5.22
N MET B 382 22.47 -8.59 -5.31
CA MET B 382 23.14 -7.41 -4.79
C MET B 382 23.33 -6.43 -5.94
N VAL B 383 23.05 -5.16 -5.67
CA VAL B 383 23.13 -4.13 -6.70
C VAL B 383 23.74 -2.87 -6.10
N LYS B 384 24.57 -2.21 -6.88
CA LYS B 384 25.14 -0.92 -6.49
C LYS B 384 24.03 0.11 -6.31
N GLU B 385 24.18 0.94 -5.30
CA GLU B 385 23.21 2.00 -5.04
C GLU B 385 23.52 3.19 -5.95
N PRO B 386 22.51 3.78 -6.58
CA PRO B 386 22.79 4.84 -7.56
C PRO B 386 23.51 5.99 -6.88
N GLY B 387 24.70 6.29 -7.39
CA GLY B 387 25.60 7.20 -6.72
C GLY B 387 27.03 6.84 -7.07
N LEU B 388 27.97 7.60 -6.51
CA LEU B 388 29.41 7.43 -6.87
C LEU B 388 30.10 6.51 -5.86
N ASP B 389 31.26 5.95 -6.24
CA ASP B 389 31.97 5.02 -5.33
C ASP B 389 32.35 5.80 -4.07
N ARG B 390 32.83 7.04 -4.21
CA ARG B 390 33.08 7.85 -3.00
C ARG B 390 34.04 7.05 -2.12
N ASN B 391 33.68 6.87 -0.85
CA ASN B 391 34.52 5.99 0.00
C ASN B 391 33.81 4.64 0.08
N GLY B 392 34.48 3.58 -0.39
CA GLY B 392 33.90 2.23 -0.38
C GLY B 392 32.98 1.98 -1.57
N ALA B 393 32.39 0.78 -1.65
CA ALA B 393 31.40 0.49 -2.72
C ALA B 393 30.07 0.28 -2.01
N HIS B 394 29.05 1.06 -2.37
CA HIS B 394 27.81 0.97 -1.63
C HIS B 394 26.80 0.21 -2.46
N MET B 395 26.04 -0.66 -1.80
CA MET B 395 25.16 -1.58 -2.49
C MET B 395 23.87 -1.78 -1.70
N ARG B 396 22.89 -2.33 -2.38
CA ARG B 396 21.67 -2.81 -1.76
C ARG B 396 21.38 -4.20 -2.28
N GLU B 397 20.78 -5.05 -1.45
CA GLU B 397 20.21 -6.27 -1.97
C GLU B 397 18.80 -5.99 -2.43
N VAL B 398 18.40 -6.67 -3.49
CA VAL B 398 17.13 -6.42 -4.17
C VAL B 398 16.65 -7.75 -4.72
N TRP B 399 15.36 -7.81 -5.03
CA TRP B 399 14.69 -9.07 -5.26
C TRP B 399 14.11 -9.08 -6.66
N LEU B 400 14.47 -10.08 -7.45
CA LEU B 400 13.81 -10.33 -8.73
C LEU B 400 12.51 -11.07 -8.43
N ASP B 401 11.38 -10.40 -8.64
CA ASP B 401 10.08 -10.87 -8.18
C ASP B 401 9.24 -11.28 -9.38
N LEU B 402 8.56 -12.41 -9.24
CA LEU B 402 7.63 -12.91 -10.24
C LEU B 402 6.33 -13.30 -9.54
N SER B 403 5.20 -12.94 -10.13
CA SER B 403 3.88 -13.23 -9.57
C SER B 403 3.17 -14.24 -10.46
N LEU B 404 2.93 -15.42 -9.90
CA LEU B 404 2.29 -16.51 -10.63
C LEU B 404 0.79 -16.32 -10.84
N THR B 405 0.10 -15.69 -9.88
CA THR B 405 -1.34 -15.51 -9.98
C THR B 405 -1.76 -14.56 -11.11
N ASP B 406 -0.97 -13.53 -11.39
CA ASP B 406 -1.34 -12.57 -12.44
C ASP B 406 -1.04 -13.12 -13.83
N VAL B 407 0.11 -13.76 -14.00
CA VAL B 407 0.50 -14.32 -15.29
C VAL B 407 -0.58 -15.27 -15.81
N PHE B 408 -1.13 -16.11 -14.94
CA PHE B 408 -2.19 -17.04 -15.31
C PHE B 408 -3.56 -16.51 -14.91
N LYS B 409 -3.87 -15.31 -15.44
CA LYS B 409 -5.13 -14.66 -15.09
C LYS B 409 -6.30 -15.22 -15.90
N ASP B 410 -6.05 -15.75 -17.08
CA ASP B 410 -7.12 -16.36 -17.85
C ASP B 410 -7.33 -17.81 -17.43
N ARG B 411 -6.55 -18.26 -16.45
CA ARG B 411 -6.64 -19.57 -15.82
C ARG B 411 -7.42 -19.43 -14.51
N LYS B 412 -7.56 -20.53 -13.77
CA LYS B 412 -8.49 -20.59 -12.65
C LYS B 412 -7.92 -20.00 -11.34
N ARG B 413 -8.54 -20.37 -10.21
CA ARG B 413 -8.13 -19.85 -8.90
C ARG B 413 -7.65 -20.91 -7.94
N ARG B 414 -7.76 -20.64 -6.62
CA ARG B 414 -7.09 -21.44 -5.62
C ARG B 414 -7.90 -22.63 -5.08
N ILE B 415 -9.02 -22.98 -5.71
CA ILE B 415 -9.75 -24.16 -5.26
C ILE B 415 -9.04 -25.40 -5.79
N ALA B 416 -9.23 -26.54 -5.14
CA ALA B 416 -8.40 -27.69 -5.51
C ALA B 416 -9.11 -29.04 -5.66
N TYR B 417 -8.38 -30.12 -5.37
CA TYR B 417 -8.82 -31.50 -5.59
C TYR B 417 -9.29 -31.61 -7.04
N GLU B 418 -8.34 -31.66 -7.98
CA GLU B 418 -8.64 -31.51 -9.39
C GLU B 418 -8.07 -32.71 -10.19
N ARG B 419 -6.90 -32.54 -10.80
CA ARG B 419 -6.22 -33.57 -11.60
C ARG B 419 -6.27 -34.94 -10.92
N LEU B 420 -6.35 -34.97 -9.58
CA LEU B 420 -6.47 -36.24 -8.88
C LEU B 420 -7.58 -37.10 -9.48
N MET B 421 -8.65 -36.45 -9.94
CA MET B 421 -9.78 -37.15 -10.53
C MET B 421 -9.37 -37.79 -11.85
N LEU B 422 -8.75 -37.01 -12.73
CA LEU B 422 -8.27 -37.55 -14.01
C LEU B 422 -7.36 -38.73 -13.76
N ASP B 423 -6.53 -38.64 -12.72
CA ASP B 423 -5.64 -39.74 -12.36
C ASP B 423 -6.42 -41.02 -12.09
N LEU B 424 -7.65 -40.92 -11.58
CA LEU B 424 -8.44 -42.13 -11.33
C LEU B 424 -8.68 -42.92 -12.62
N ILE B 425 -9.38 -42.34 -13.58
CA ILE B 425 -9.78 -43.14 -14.73
C ILE B 425 -8.61 -43.46 -15.63
N GLU B 426 -7.62 -42.56 -15.63
CA GLU B 426 -6.46 -42.74 -16.54
C GLU B 426 -5.30 -43.54 -15.94
N GLY B 427 -4.99 -43.45 -14.64
CA GLY B 427 -3.77 -44.16 -14.19
C GLY B 427 -3.26 -43.97 -12.77
N ASP B 428 -2.04 -44.45 -12.50
CA ASP B 428 -1.41 -44.32 -11.15
C ASP B 428 -1.19 -42.85 -10.84
N ALA B 429 -1.26 -42.46 -9.56
CA ALA B 429 -1.19 -41.03 -9.21
C ALA B 429 0.10 -40.63 -8.50
N THR B 430 0.79 -39.61 -9.01
CA THR B 430 2.00 -39.05 -8.37
C THR B 430 1.63 -38.46 -7.02
N LEU B 431 0.46 -37.82 -6.94
CA LEU B 431 0.00 -37.14 -5.69
C LEU B 431 -0.22 -38.08 -4.51
N PHE B 432 -0.73 -39.30 -4.71
CA PHE B 432 -1.08 -40.17 -3.56
C PHE B 432 0.14 -40.79 -2.86
N VAL B 433 0.01 -41.16 -1.57
CA VAL B 433 1.11 -41.65 -0.75
C VAL B 433 1.21 -43.17 -0.77
N ARG B 434 2.43 -43.66 -0.51
CA ARG B 434 2.84 -45.05 -0.51
C ARG B 434 3.31 -45.45 0.89
N ARG B 435 3.43 -46.75 1.12
CA ARG B 435 3.67 -47.25 2.47
C ARG B 435 5.07 -46.91 2.99
N ASP B 436 6.09 -47.17 2.16
CA ASP B 436 7.48 -46.94 2.61
C ASP B 436 7.71 -45.52 3.10
N GLU B 437 7.08 -44.52 2.47
CA GLU B 437 7.15 -43.16 2.99
C GLU B 437 6.46 -43.03 4.35
N VAL B 438 5.17 -43.38 4.40
CA VAL B 438 4.44 -43.31 5.68
C VAL B 438 5.16 -44.14 6.72
N GLU B 439 5.76 -45.25 6.29
CA GLU B 439 6.59 -46.05 7.18
C GLU B 439 7.84 -45.26 7.57
N ALA B 440 8.43 -44.54 6.62
CA ALA B 440 9.58 -43.68 6.91
C ALA B 440 9.19 -42.40 7.62
N GLN B 441 7.99 -41.87 7.38
CA GLN B 441 7.56 -40.67 8.08
C GLN B 441 7.43 -40.91 9.57
N TRP B 442 6.76 -42.01 9.95
CA TRP B 442 6.48 -42.21 11.36
C TRP B 442 7.74 -42.57 12.13
N ILE B 443 8.65 -43.32 11.50
CA ILE B 443 9.90 -43.66 12.19
C ILE B 443 10.62 -42.40 12.62
N TRP B 444 10.70 -41.41 11.72
CA TRP B 444 11.28 -40.13 12.10
C TRP B 444 10.36 -39.38 13.07
N ILE B 445 9.05 -39.40 12.78
CA ILE B 445 8.09 -38.66 13.60
C ILE B 445 7.86 -39.34 14.95
N ASP B 446 7.76 -40.69 14.96
CA ASP B 446 7.57 -41.38 16.24
C ASP B 446 8.81 -41.30 17.12
N GLY B 447 9.99 -41.29 16.51
CA GLY B 447 11.22 -41.19 17.28
C GLY B 447 11.36 -39.87 18.01
N ILE B 448 10.74 -38.82 17.47
CA ILE B 448 10.79 -37.52 18.11
C ILE B 448 9.89 -37.49 19.35
N ARG B 449 8.70 -38.10 19.24
CA ARG B 449 7.74 -38.09 20.35
C ARG B 449 8.22 -38.90 21.55
N GLU B 450 8.82 -40.07 21.33
CA GLU B 450 9.35 -40.81 22.48
C GLU B 450 10.50 -40.06 23.14
N GLY B 451 11.32 -39.39 22.33
CA GLY B 451 12.48 -38.70 22.86
C GLY B 451 12.12 -37.55 23.77
N TRP B 452 11.12 -36.77 23.41
CA TRP B 452 10.72 -35.68 24.29
C TRP B 452 9.81 -36.16 25.41
N LYS B 453 9.38 -37.42 25.34
CA LYS B 453 8.75 -38.09 26.47
C LYS B 453 9.77 -38.61 27.48
N ALA B 454 10.97 -38.99 27.03
CA ALA B 454 12.01 -39.42 27.96
C ALA B 454 12.74 -38.26 28.62
N ASN B 455 12.70 -37.07 28.01
CA ASN B 455 13.24 -35.88 28.65
C ASN B 455 12.17 -35.10 29.39
N SER B 456 10.90 -35.49 29.26
CA SER B 456 9.78 -34.81 29.92
C SER B 456 9.75 -33.34 29.50
N MET B 457 9.48 -33.17 28.21
CA MET B 457 9.53 -31.87 27.55
C MET B 457 8.15 -31.25 27.59
N LYS B 458 7.89 -30.43 28.60
CA LYS B 458 6.60 -29.79 28.57
C LYS B 458 6.62 -28.69 27.51
N PRO B 459 5.48 -28.44 26.86
CA PRO B 459 5.43 -27.41 25.82
C PRO B 459 5.60 -26.04 26.45
N LYS B 460 5.84 -25.05 25.60
CA LYS B 460 6.03 -23.69 26.06
C LYS B 460 4.90 -22.82 25.53
N THR B 461 4.39 -21.94 26.39
CA THR B 461 3.26 -21.15 25.97
C THR B 461 3.75 -19.96 25.16
N TYR B 462 2.86 -19.45 24.30
CA TYR B 462 3.14 -18.21 23.60
C TYR B 462 1.86 -17.41 23.45
N VAL B 463 2.04 -16.11 23.20
CA VAL B 463 0.91 -15.19 23.03
C VAL B 463 0.40 -15.32 21.61
N SER B 464 -0.90 -15.53 21.45
CA SER B 464 -1.48 -15.73 20.13
C SER B 464 -1.19 -14.53 19.23
N GLY B 465 -0.40 -14.74 18.19
CA GLY B 465 0.00 -13.67 17.29
C GLY B 465 1.42 -13.18 17.48
N THR B 466 2.28 -13.97 18.10
CA THR B 466 3.66 -13.57 18.36
C THR B 466 4.65 -14.34 17.51
N TRP B 467 4.17 -15.32 16.73
CA TRP B 467 4.93 -16.26 15.91
C TRP B 467 5.43 -17.45 16.72
N GLY B 468 4.95 -17.66 17.94
CA GLY B 468 5.33 -18.83 18.68
C GLY B 468 6.16 -18.46 19.89
N PRO B 469 6.54 -19.45 20.68
CA PRO B 469 7.36 -19.18 21.87
C PRO B 469 8.72 -18.68 21.45
N ILE B 470 9.25 -17.72 22.21
CA ILE B 470 10.49 -17.05 21.81
C ILE B 470 11.73 -17.93 21.92
N THR B 471 11.63 -19.13 22.47
CA THR B 471 12.80 -20.00 22.53
C THR B 471 13.09 -20.62 21.17
N ALA B 472 12.10 -20.72 20.30
CA ALA B 472 12.32 -21.18 18.93
C ALA B 472 13.14 -20.19 18.13
N ILE B 473 13.39 -18.99 18.66
CA ILE B 473 14.24 -18.02 17.98
C ILE B 473 15.70 -18.38 18.17
N ALA B 474 16.06 -18.88 19.35
CA ALA B 474 17.44 -19.31 19.59
C ALA B 474 17.79 -20.47 18.67
N LEU B 475 16.80 -21.31 18.36
CA LEU B 475 17.00 -22.46 17.49
C LEU B 475 17.70 -22.06 16.20
N VAL B 476 17.32 -20.92 15.63
CA VAL B 476 18.01 -20.39 14.46
C VAL B 476 19.14 -19.44 14.86
N GLU B 477 18.85 -18.53 15.82
CA GLU B 477 19.75 -17.43 16.12
C GLU B 477 21.07 -17.85 16.77
N ARG B 478 21.13 -18.99 17.46
CA ARG B 478 22.41 -19.34 18.07
C ARG B 478 23.45 -19.78 17.05
N ASP B 479 23.04 -20.17 15.84
CA ASP B 479 23.96 -20.56 14.79
C ASP B 479 24.18 -19.50 13.72
N GLY B 480 23.54 -18.33 13.83
CA GLY B 480 23.66 -17.28 12.83
C GLY B 480 22.48 -17.05 11.90
N VAL B 481 21.37 -17.75 12.07
CA VAL B 481 20.24 -17.64 11.15
C VAL B 481 19.26 -16.60 11.69
N THR B 482 18.49 -15.99 10.78
CA THR B 482 17.42 -15.08 11.17
C THR B 482 16.13 -15.52 10.50
N TRP B 483 15.13 -14.66 10.44
CA TRP B 483 13.82 -15.05 9.92
C TRP B 483 13.33 -14.08 8.88
N TYR B 484 12.94 -14.61 7.72
CA TYR B 484 12.54 -13.75 6.63
C TYR B 484 11.18 -13.16 6.92
N ASP B 485 11.11 -11.83 6.82
CA ASP B 485 9.87 -11.11 6.77
C ASP B 485 10.05 -10.01 5.74
N LEU B 486 8.98 -9.72 5.01
CA LEU B 486 9.05 -8.67 4.00
C LEU B 486 9.24 -7.29 4.60
N GLU B 487 9.32 -7.19 5.92
CA GLU B 487 9.37 -5.93 6.67
C GLU B 487 10.03 -4.76 5.94
N ARG C 139 72.45 -6.86 -21.88
CA ARG C 139 71.58 -7.52 -20.92
C ARG C 139 72.33 -7.73 -19.61
N LEU C 140 71.67 -7.34 -18.51
CA LEU C 140 72.27 -7.48 -17.16
C LEU C 140 71.41 -8.46 -16.34
N ALA C 141 72.06 -9.46 -15.73
CA ALA C 141 71.35 -10.47 -14.92
C ALA C 141 71.82 -10.36 -13.47
N LEU C 142 70.89 -10.33 -12.52
CA LEU C 142 71.27 -10.08 -11.10
C LEU C 142 71.36 -11.36 -10.29
N GLU C 143 72.18 -11.36 -9.25
CA GLU C 143 72.40 -12.54 -8.36
C GLU C 143 71.30 -12.66 -7.30
N LYS C 144 71.32 -13.77 -6.54
CA LYS C 144 70.31 -14.05 -5.50
C LYS C 144 70.30 -12.97 -4.40
N PRO C 145 71.43 -12.39 -3.93
CA PRO C 145 71.32 -11.42 -2.83
C PRO C 145 70.94 -10.03 -3.33
N LEU C 146 69.75 -9.89 -3.93
CA LEU C 146 69.22 -8.57 -4.39
C LEU C 146 68.89 -7.60 -3.25
N GLY C 147 68.27 -8.05 -2.16
CA GLY C 147 67.82 -7.10 -1.12
C GLY C 147 67.61 -7.69 0.27
N GLN C 148 67.61 -6.84 1.31
CA GLN C 148 67.28 -7.32 2.68
C GLN C 148 65.97 -6.70 3.21
N ASP C 149 65.28 -5.84 2.45
CA ASP C 149 64.09 -5.12 2.99
C ASP C 149 63.39 -4.31 1.90
N LEU C 150 62.39 -3.49 2.25
CA LEU C 150 61.79 -2.70 1.18
C LEU C 150 62.78 -1.69 0.62
N ALA C 151 63.37 -0.86 1.49
CA ALA C 151 64.26 0.21 1.04
C ALA C 151 65.38 -0.31 0.15
N SER C 152 65.93 -1.48 0.48
CA SER C 152 67.05 -2.03 -0.28
C SER C 152 66.71 -2.31 -1.73
N SER C 153 65.84 -3.31 -1.97
CA SER C 153 65.53 -3.73 -3.33
C SER C 153 64.87 -2.62 -4.14
N ASP C 154 64.42 -1.55 -3.50
CA ASP C 154 63.85 -0.40 -4.21
C ASP C 154 64.89 0.68 -4.48
N HIS C 155 65.92 0.78 -3.65
CA HIS C 155 67.08 1.61 -3.99
C HIS C 155 68.01 0.92 -5.00
N ILE C 156 68.26 -0.39 -4.82
CA ILE C 156 69.13 -1.12 -5.72
C ILE C 156 68.53 -1.23 -7.12
N ASN C 157 67.20 -1.35 -7.21
CA ASN C 157 66.58 -1.51 -8.52
C ASN C 157 66.28 -0.18 -9.21
N ASP C 158 65.67 0.77 -8.50
CA ASP C 158 65.36 2.04 -9.13
C ASP C 158 66.61 2.88 -9.41
N ALA C 159 67.76 2.48 -8.87
CA ALA C 159 69.02 3.06 -9.34
C ALA C 159 69.46 2.37 -10.63
N VAL C 160 69.24 1.06 -10.72
CA VAL C 160 69.50 0.33 -11.96
C VAL C 160 68.38 0.55 -12.97
N LEU C 161 67.13 0.58 -12.51
CA LEU C 161 66.03 0.94 -13.40
C LEU C 161 66.10 2.39 -13.85
N LYS C 162 66.97 3.20 -13.24
CA LYS C 162 67.30 4.51 -13.80
C LYS C 162 68.22 4.40 -15.01
N VAL C 163 68.94 3.28 -15.15
CA VAL C 163 69.82 3.06 -16.29
C VAL C 163 69.26 2.01 -17.26
N PHE C 164 68.64 0.95 -16.73
CA PHE C 164 68.05 -0.09 -17.56
C PHE C 164 66.52 -0.03 -17.41
N SER C 165 65.81 -0.98 -18.02
CA SER C 165 64.37 -1.10 -17.83
C SER C 165 64.00 -2.53 -17.44
N GLU C 166 62.71 -2.73 -17.16
CA GLU C 166 62.23 -4.03 -16.71
C GLU C 166 62.39 -5.10 -17.78
N LYS C 167 62.23 -4.74 -19.06
CA LYS C 167 62.41 -5.73 -20.12
C LYS C 167 63.83 -6.26 -20.12
N GLN C 168 64.81 -5.36 -20.01
CA GLN C 168 66.22 -5.70 -20.08
C GLN C 168 66.82 -6.08 -18.72
N VAL C 169 65.99 -6.32 -17.70
CA VAL C 169 66.46 -6.66 -16.36
C VAL C 169 66.03 -8.08 -16.02
N TYR C 170 66.99 -8.89 -15.57
CA TYR C 170 66.75 -10.26 -15.13
C TYR C 170 67.23 -10.42 -13.70
N ARG C 171 66.36 -10.97 -12.85
CA ARG C 171 66.71 -11.37 -11.49
C ARG C 171 66.79 -12.89 -11.42
N ILE C 172 67.61 -13.40 -10.51
CA ILE C 172 67.94 -14.81 -10.47
C ILE C 172 67.21 -15.46 -9.31
N ASP C 173 66.38 -16.46 -9.62
CA ASP C 173 65.83 -17.37 -8.64
C ASP C 173 66.39 -18.75 -8.98
N HIS C 174 67.22 -19.30 -8.10
CA HIS C 174 67.78 -20.63 -8.32
C HIS C 174 66.67 -21.69 -8.39
N TYR C 175 65.55 -21.46 -7.70
CA TYR C 175 64.49 -22.47 -7.62
C TYR C 175 63.72 -22.59 -8.93
N LEU C 176 63.32 -21.44 -9.50
CA LEU C 176 62.46 -21.41 -10.69
C LEU C 176 62.93 -22.33 -11.81
N GLY C 177 64.22 -22.32 -12.11
CA GLY C 177 64.69 -23.00 -13.30
C GLY C 177 64.80 -24.51 -13.24
N LYS C 178 64.30 -25.16 -12.19
CA LYS C 178 64.36 -26.60 -12.08
C LYS C 178 63.21 -27.27 -12.80
N GLU C 179 63.47 -28.46 -13.32
CA GLU C 179 62.49 -29.18 -14.13
C GLU C 179 61.25 -29.51 -13.29
N THR C 180 61.46 -29.98 -12.06
CA THR C 180 60.34 -30.32 -11.20
C THR C 180 59.48 -29.12 -10.86
N VAL C 181 60.07 -27.93 -10.78
CA VAL C 181 59.27 -26.73 -10.64
C VAL C 181 58.54 -26.41 -11.94
N GLN C 182 59.21 -26.61 -13.08
CA GLN C 182 58.63 -26.28 -14.37
C GLN C 182 57.36 -27.08 -14.65
N ASN C 183 57.31 -28.31 -14.16
CA ASN C 183 56.19 -29.16 -14.48
C ASN C 183 54.98 -28.88 -13.60
N LEU C 184 55.16 -28.07 -12.56
CA LEU C 184 54.03 -27.72 -11.70
C LEU C 184 52.94 -27.03 -12.51
N LEU C 185 53.34 -26.10 -13.38
CA LEU C 185 52.36 -25.47 -14.26
C LEU C 185 51.87 -26.46 -15.30
N THR C 186 52.75 -27.37 -15.72
CA THR C 186 52.36 -28.43 -16.64
C THR C 186 51.48 -29.47 -15.96
N LEU C 187 51.69 -29.72 -14.67
CA LEU C 187 50.80 -30.61 -13.94
C LEU C 187 49.42 -29.99 -13.77
N ARG C 188 49.36 -28.72 -13.36
CA ARG C 188 48.07 -28.07 -13.11
C ARG C 188 47.30 -27.80 -14.39
N PHE C 189 47.95 -27.23 -15.41
CA PHE C 189 47.24 -26.63 -16.52
C PHE C 189 47.40 -27.37 -17.84
N GLY C 190 48.18 -28.43 -17.85
CA GLY C 190 48.16 -29.35 -18.97
C GLY C 190 47.24 -30.52 -18.72
N ASN C 191 46.48 -30.47 -17.64
CA ASN C 191 45.62 -31.56 -17.19
C ASN C 191 44.30 -30.98 -16.73
N ALA C 192 43.27 -31.81 -16.74
CA ALA C 192 41.93 -31.40 -16.35
C ALA C 192 41.44 -32.07 -15.08
N LEU C 193 42.26 -32.90 -14.42
CA LEU C 193 41.77 -33.68 -13.29
C LEU C 193 41.72 -32.85 -12.02
N PHE C 194 42.60 -31.86 -11.88
CA PHE C 194 42.75 -31.16 -10.61
C PHE C 194 41.89 -29.90 -10.52
N GLU C 195 41.82 -29.13 -11.59
CA GLU C 195 41.15 -27.82 -11.55
C GLU C 195 39.75 -27.80 -10.95
N PRO C 196 38.85 -28.77 -11.23
CA PRO C 196 37.50 -28.73 -10.63
C PRO C 196 37.46 -28.53 -9.12
N LEU C 197 38.56 -28.82 -8.43
CA LEU C 197 38.62 -28.72 -6.98
C LEU C 197 39.60 -27.68 -6.46
N TRP C 198 40.38 -27.06 -7.35
CA TRP C 198 41.45 -26.17 -6.94
C TRP C 198 40.92 -24.85 -6.39
N ASN C 199 40.22 -24.91 -5.27
CA ASN C 199 39.64 -23.72 -4.64
C ASN C 199 39.38 -24.02 -3.16
N SER C 200 38.64 -23.13 -2.51
CA SER C 200 38.25 -23.33 -1.12
C SER C 200 37.21 -24.43 -0.95
N LYS C 201 36.66 -24.96 -2.05
CA LYS C 201 35.64 -26.00 -1.96
C LYS C 201 36.15 -27.37 -2.36
N GLY C 202 37.44 -27.54 -2.54
CA GLY C 202 37.96 -28.87 -2.80
C GLY C 202 39.23 -29.20 -2.05
N ILE C 203 39.94 -28.18 -1.59
CA ILE C 203 41.23 -28.37 -0.93
C ILE C 203 41.04 -28.06 0.55
N ASP C 204 41.57 -28.93 1.42
CA ASP C 204 41.57 -28.67 2.85
C ASP C 204 42.77 -27.82 3.24
N HIS C 205 43.97 -28.29 2.89
CA HIS C 205 45.19 -27.56 3.21
C HIS C 205 46.25 -27.90 2.19
N VAL C 206 47.19 -26.98 2.04
CA VAL C 206 48.40 -27.20 1.26
C VAL C 206 49.56 -27.22 2.24
N GLN C 207 50.57 -28.02 1.94
CA GLN C 207 51.79 -28.04 2.73
C GLN C 207 52.98 -27.95 1.79
N ILE C 208 53.84 -26.96 2.03
CA ILE C 208 55.04 -26.74 1.26
C ILE C 208 56.20 -26.79 2.24
N SER C 209 57.11 -27.72 2.03
CA SER C 209 58.21 -27.96 2.95
C SER C 209 59.51 -28.00 2.19
N VAL C 210 60.51 -27.32 2.73
CA VAL C 210 61.87 -27.45 2.20
C VAL C 210 62.81 -27.58 3.37
N ALA C 211 63.30 -28.79 3.63
CA ALA C 211 64.14 -29.04 4.79
C ALA C 211 65.53 -29.42 4.33
N GLU C 212 66.53 -28.99 5.09
CA GLU C 212 67.92 -29.19 4.75
C GLU C 212 68.64 -29.88 5.90
N THR C 213 69.71 -30.61 5.57
CA THR C 213 70.55 -31.22 6.59
C THR C 213 71.78 -30.40 6.92
N VAL C 214 72.27 -29.60 5.97
CA VAL C 214 73.49 -28.80 6.08
C VAL C 214 73.26 -27.52 6.88
N GLY C 215 74.26 -26.64 6.87
CA GLY C 215 74.12 -25.29 7.39
C GLY C 215 74.26 -24.24 6.29
N LEU C 216 75.23 -23.35 6.46
CA LEU C 216 75.53 -22.28 5.52
C LEU C 216 77.04 -22.09 5.44
N GLU C 217 77.77 -23.20 5.44
CA GLU C 217 79.21 -23.13 5.63
C GLU C 217 79.95 -22.72 4.36
N GLY C 218 80.96 -21.88 4.54
CA GLY C 218 81.72 -21.37 3.41
C GLY C 218 81.62 -19.88 3.20
N ARG C 219 80.41 -19.34 3.14
CA ARG C 219 80.23 -17.92 2.94
C ARG C 219 79.15 -17.33 3.85
N ILE C 220 79.10 -17.76 5.11
CA ILE C 220 78.14 -17.21 6.07
C ILE C 220 78.27 -15.70 6.07
N GLY C 221 77.16 -15.00 6.34
CA GLY C 221 77.16 -13.54 6.39
C GLY C 221 75.80 -13.07 5.94
N TYR C 222 75.28 -13.69 4.88
CA TYR C 222 73.92 -13.35 4.40
C TYR C 222 72.92 -13.71 5.47
N PHE C 223 73.08 -14.85 6.14
CA PHE C 223 72.13 -15.13 7.25
C PHE C 223 72.32 -14.05 8.31
N ASP C 224 73.58 -13.71 8.61
CA ASP C 224 73.70 -12.71 9.69
C ASP C 224 73.04 -11.45 9.18
N SER C 225 73.30 -11.10 7.92
CA SER C 225 72.64 -9.93 7.31
C SER C 225 71.13 -10.08 7.15
N SER C 226 70.63 -11.23 6.65
CA SER C 226 69.18 -11.32 6.33
C SER C 226 68.36 -12.33 7.13
N GLY C 227 68.98 -13.33 7.74
CA GLY C 227 68.19 -14.40 8.39
C GLY C 227 67.72 -15.47 7.39
N SER C 228 66.86 -16.40 7.82
CA SER C 228 66.38 -17.50 6.94
C SER C 228 65.06 -17.10 6.26
N LEU C 229 64.51 -15.94 6.62
CA LEU C 229 63.28 -15.44 6.00
C LEU C 229 63.53 -14.92 4.60
N ARG C 230 64.50 -14.02 4.45
CA ARG C 230 64.68 -13.23 3.24
C ARG C 230 65.28 -14.00 2.07
N ASP C 231 66.08 -15.04 2.33
CA ASP C 231 66.65 -15.80 1.23
C ASP C 231 65.64 -16.78 0.62
N MET C 232 65.24 -17.80 1.36
CA MET C 232 64.51 -18.90 0.73
C MET C 232 63.02 -18.63 0.65
N VAL C 233 62.46 -17.87 1.58
CA VAL C 233 61.01 -17.61 1.56
C VAL C 233 60.66 -16.44 0.66
N GLN C 234 61.39 -15.32 0.80
CA GLN C 234 61.04 -14.10 0.07
C GLN C 234 61.01 -14.34 -1.44
N SER C 235 61.93 -15.16 -1.94
CA SER C 235 62.04 -15.39 -3.38
C SER C 235 61.69 -16.83 -3.76
N HIS C 236 62.45 -17.80 -3.27
CA HIS C 236 62.37 -19.17 -3.77
C HIS C 236 61.01 -19.80 -3.49
N ILE C 237 60.65 -19.92 -2.22
CA ILE C 237 59.43 -20.67 -1.90
C ILE C 237 58.17 -19.89 -2.22
N LEU C 238 58.22 -18.55 -2.12
CA LEU C 238 57.08 -17.76 -2.57
C LEU C 238 56.77 -18.00 -4.03
N GLN C 239 57.79 -18.27 -4.84
CA GLN C 239 57.56 -18.62 -6.23
C GLN C 239 56.81 -19.93 -6.36
N LEU C 240 57.18 -20.91 -5.53
CA LEU C 240 56.43 -22.17 -5.46
C LEU C 240 55.02 -21.96 -4.95
N VAL C 241 54.80 -20.95 -4.11
CA VAL C 241 53.45 -20.59 -3.70
C VAL C 241 52.64 -20.08 -4.88
N ALA C 242 53.30 -19.34 -5.78
CA ALA C 242 52.56 -18.70 -6.88
C ALA C 242 52.08 -19.73 -7.90
N LEU C 243 52.91 -20.72 -8.23
CA LEU C 243 52.58 -21.67 -9.29
C LEU C 243 51.49 -22.67 -8.89
N VAL C 244 50.97 -22.59 -7.67
CA VAL C 244 49.88 -23.46 -7.25
C VAL C 244 48.58 -22.68 -7.06
N ALA C 245 48.64 -21.43 -6.60
CA ALA C 245 47.46 -20.64 -6.29
C ALA C 245 47.15 -19.56 -7.33
N MET C 246 47.62 -19.71 -8.57
CA MET C 246 47.41 -18.72 -9.61
C MET C 246 46.37 -19.19 -10.62
N GLU C 247 45.79 -18.23 -11.35
CA GLU C 247 44.82 -18.47 -12.42
C GLU C 247 45.50 -18.56 -13.77
N PRO C 248 44.88 -19.22 -14.75
CA PRO C 248 45.53 -19.46 -16.04
C PRO C 248 45.52 -18.21 -16.92
N PRO C 249 46.61 -17.95 -17.63
CA PRO C 249 46.58 -16.95 -18.71
C PRO C 249 45.96 -17.55 -19.96
N ALA C 250 45.72 -16.69 -20.94
CA ALA C 250 45.20 -17.12 -22.23
C ALA C 250 46.25 -17.91 -23.01
N HIS C 251 47.45 -17.36 -23.14
CA HIS C 251 48.52 -17.98 -23.92
C HIS C 251 49.83 -17.81 -23.18
N MET C 252 50.72 -18.78 -23.36
CA MET C 252 52.02 -18.80 -22.69
C MET C 252 52.95 -17.68 -23.16
N GLU C 253 52.84 -16.49 -22.57
CA GLU C 253 53.77 -15.41 -22.83
C GLU C 253 54.24 -14.78 -21.52
N ALA C 254 55.46 -14.24 -21.53
CA ALA C 254 56.08 -13.74 -20.28
C ALA C 254 55.15 -12.91 -19.42
N ASN C 255 54.73 -11.74 -19.89
CA ASN C 255 53.92 -10.84 -19.03
C ASN C 255 52.61 -11.53 -18.67
N ALA C 256 52.00 -12.23 -19.64
CA ALA C 256 50.68 -12.81 -19.30
C ALA C 256 50.83 -13.82 -18.16
N VAL C 257 51.85 -14.69 -18.21
CA VAL C 257 52.10 -15.65 -17.09
C VAL C 257 52.51 -14.93 -15.81
N ARG C 258 53.42 -13.94 -15.90
CA ARG C 258 53.97 -13.24 -14.71
C ARG C 258 52.87 -12.45 -14.00
N ASP C 259 51.97 -11.85 -14.77
CA ASP C 259 50.93 -10.98 -14.17
C ASP C 259 50.09 -11.82 -13.21
N GLU C 260 49.82 -13.07 -13.56
CA GLU C 260 49.07 -13.97 -12.66
C GLU C 260 49.88 -14.28 -11.38
N LYS C 261 51.20 -14.28 -11.43
CA LYS C 261 51.96 -14.50 -10.20
C LYS C 261 51.97 -13.25 -9.33
N VAL C 262 52.18 -12.09 -9.96
CA VAL C 262 52.12 -10.81 -9.26
C VAL C 262 50.79 -10.69 -8.51
N LYS C 263 49.70 -11.11 -9.15
CA LYS C 263 48.39 -11.07 -8.51
C LYS C 263 48.32 -11.94 -7.26
N VAL C 264 49.08 -13.05 -7.23
CA VAL C 264 49.15 -13.86 -6.02
C VAL C 264 49.85 -13.11 -4.89
N PHE C 265 51.10 -12.69 -5.12
CA PHE C 265 51.84 -11.96 -4.11
C PHE C 265 51.11 -10.71 -3.63
N ARG C 266 50.17 -10.20 -4.41
CA ARG C 266 49.29 -9.15 -3.91
C ARG C 266 48.14 -9.73 -3.10
N ALA C 267 47.75 -10.96 -3.37
CA ALA C 267 46.68 -11.63 -2.63
C ALA C 267 47.15 -12.32 -1.36
N LEU C 268 48.44 -12.21 -1.03
CA LEU C 268 48.95 -12.75 0.23
C LEU C 268 48.46 -11.91 1.40
N ARG C 269 47.67 -12.53 2.28
CA ARG C 269 47.23 -11.89 3.52
C ARG C 269 48.46 -11.46 4.33
N PRO C 270 48.59 -10.17 4.70
CA PRO C 270 49.79 -9.70 5.40
C PRO C 270 49.75 -9.94 6.90
N ILE C 271 50.60 -10.85 7.39
CA ILE C 271 50.72 -11.10 8.81
C ILE C 271 51.40 -9.89 9.47
N ASN C 272 50.71 -9.27 10.42
CA ASN C 272 51.21 -8.04 11.02
C ASN C 272 50.82 -7.99 12.50
N ASN C 273 51.66 -7.32 13.29
CA ASN C 273 51.37 -6.97 14.68
C ASN C 273 51.35 -8.19 15.61
N ASP C 274 50.24 -8.36 16.34
CA ASP C 274 50.08 -9.47 17.26
C ASP C 274 49.49 -10.72 16.59
N THR C 275 49.79 -10.93 15.30
CA THR C 275 49.40 -12.15 14.60
C THR C 275 50.55 -13.11 14.39
N VAL C 276 51.79 -12.63 14.56
CA VAL C 276 52.98 -13.42 14.23
C VAL C 276 53.40 -14.36 15.36
N ILE C 277 52.80 -14.26 16.54
CA ILE C 277 53.13 -15.21 17.60
C ILE C 277 52.28 -16.47 17.49
N THR C 278 50.99 -16.30 17.20
CA THR C 278 50.07 -17.43 17.13
C THR C 278 49.92 -17.97 15.73
N HIS C 279 50.56 -17.34 14.73
CA HIS C 279 50.48 -17.77 13.34
C HIS C 279 51.86 -17.98 12.75
N THR C 280 52.91 -17.93 13.56
CA THR C 280 54.29 -18.14 13.15
C THR C 280 55.02 -18.86 14.28
N VAL C 281 56.08 -19.57 13.91
CA VAL C 281 56.94 -20.25 14.87
C VAL C 281 58.37 -20.16 14.38
N THR C 282 59.27 -19.70 15.24
CA THR C 282 60.68 -19.54 14.90
C THR C 282 61.55 -20.41 15.80
N GLY C 283 62.76 -20.69 15.31
CA GLY C 283 63.67 -21.56 16.04
C GLY C 283 65.11 -21.36 15.59
N GLN C 284 65.99 -22.16 16.19
CA GLN C 284 67.38 -22.21 15.77
C GLN C 284 67.91 -23.62 15.97
N TYR C 285 68.66 -24.10 14.97
CA TYR C 285 69.31 -25.41 15.08
C TYR C 285 70.37 -25.38 16.16
N GLY C 286 70.30 -26.31 17.08
CA GLY C 286 71.20 -26.36 18.22
C GLY C 286 72.39 -27.24 17.96
N ALA C 287 72.95 -27.79 19.04
CA ALA C 287 74.08 -28.71 18.95
C ALA C 287 73.56 -30.14 19.07
N GLY C 288 74.10 -31.03 18.24
CA GLY C 288 73.65 -32.41 18.18
C GLY C 288 74.17 -33.10 16.95
N VAL C 289 73.33 -33.91 16.31
CA VAL C 289 73.62 -34.50 15.00
C VAL C 289 72.32 -34.80 14.28
N GLU C 294 79.16 -35.19 15.63
CA GLU C 294 79.46 -33.83 16.04
C GLU C 294 78.84 -32.76 15.17
N VAL C 295 77.95 -31.96 15.77
CA VAL C 295 77.70 -30.61 15.31
C VAL C 295 77.59 -29.75 16.57
N ALA C 296 77.85 -28.46 16.40
CA ALA C 296 77.53 -27.47 17.41
C ALA C 296 76.36 -26.63 16.91
N GLY C 297 75.77 -25.86 17.83
CA GLY C 297 74.68 -25.00 17.45
C GLY C 297 75.13 -23.90 16.53
N TYR C 298 74.21 -23.04 16.09
CA TYR C 298 74.63 -21.91 15.29
C TYR C 298 75.38 -20.89 16.14
N ILE C 299 74.77 -20.46 17.25
CA ILE C 299 75.45 -19.61 18.21
C ILE C 299 76.63 -20.34 18.84
N ASP C 300 76.42 -21.61 19.20
CA ASP C 300 77.46 -22.42 19.81
C ASP C 300 78.55 -22.78 18.80
N GLU C 301 78.59 -22.04 17.70
CA GLU C 301 79.61 -22.13 16.66
C GLU C 301 80.05 -20.75 16.19
N LEU C 302 79.31 -19.68 16.53
CA LEU C 302 79.53 -18.36 15.97
C LEU C 302 79.95 -17.31 17.00
N GLY C 303 79.62 -17.49 18.27
CA GLY C 303 79.99 -16.50 19.26
C GLY C 303 78.95 -15.43 19.54
N GLN C 304 78.84 -14.42 18.67
CA GLN C 304 78.02 -13.26 18.99
C GLN C 304 76.54 -13.61 19.14
N PRO C 305 75.83 -12.92 20.03
CA PRO C 305 74.37 -13.06 20.14
C PRO C 305 73.64 -12.42 18.97
N SER C 306 72.81 -13.22 18.29
CA SER C 306 72.00 -12.75 17.17
C SER C 306 70.53 -12.97 17.51
N ASP C 307 69.66 -12.11 16.96
CA ASP C 307 68.23 -12.31 17.20
C ASP C 307 67.48 -12.62 15.92
N THR C 308 67.96 -13.62 15.18
CA THR C 308 67.39 -14.00 13.90
C THR C 308 67.32 -15.53 13.83
N GLU C 309 66.27 -16.04 13.19
CA GLU C 309 65.95 -17.46 13.18
C GLU C 309 66.56 -18.19 11.98
N THR C 310 67.02 -19.42 12.22
CA THR C 310 67.26 -20.37 11.14
C THR C 310 66.08 -21.31 10.96
N PHE C 311 64.89 -20.86 11.33
CA PHE C 311 63.68 -21.67 11.20
C PHE C 311 62.47 -20.75 11.25
N VAL C 312 61.51 -21.02 10.36
CA VAL C 312 60.31 -20.21 10.28
C VAL C 312 59.16 -21.12 9.87
N ALA C 313 58.00 -20.88 10.47
CA ALA C 313 56.78 -21.59 10.14
C ALA C 313 55.69 -20.55 9.96
N ILE C 314 54.99 -20.58 8.83
CA ILE C 314 53.90 -19.65 8.59
C ILE C 314 52.66 -20.44 8.24
N LYS C 315 51.52 -19.80 8.44
CA LYS C 315 50.22 -20.27 8.01
C LYS C 315 49.75 -19.16 7.09
N ALA C 316 50.04 -19.29 5.80
CA ALA C 316 49.79 -18.22 4.86
C ALA C 316 48.37 -18.32 4.34
N HIS C 317 47.94 -17.26 3.67
CA HIS C 317 46.54 -17.19 3.23
C HIS C 317 46.48 -16.37 1.95
N VAL C 318 46.08 -17.00 0.85
CA VAL C 318 45.76 -16.29 -0.38
C VAL C 318 44.28 -15.92 -0.30
N ASP C 319 44.00 -14.63 -0.34
CA ASP C 319 42.65 -14.11 -0.12
C ASP C 319 42.06 -13.64 -1.45
N ASN C 320 41.73 -14.61 -2.29
CA ASN C 320 40.96 -14.37 -3.50
C ASN C 320 39.81 -15.37 -3.55
N TRP C 321 38.80 -15.01 -4.35
CA TRP C 321 37.63 -15.84 -4.64
C TRP C 321 37.95 -17.32 -4.64
N ARG C 322 39.08 -17.68 -5.26
CA ARG C 322 39.47 -19.09 -5.38
C ARG C 322 39.89 -19.69 -4.04
N TRP C 323 40.54 -18.91 -3.17
CA TRP C 323 41.29 -19.50 -2.07
C TRP C 323 40.86 -19.04 -0.70
N HIS C 324 40.00 -18.03 -0.60
CA HIS C 324 39.62 -17.49 0.70
C HIS C 324 39.19 -18.59 1.67
N GLY C 325 39.97 -18.78 2.73
CA GLY C 325 39.70 -19.77 3.74
C GLY C 325 40.69 -20.90 3.79
N VAL C 326 41.77 -20.83 3.01
CA VAL C 326 42.71 -21.94 2.85
C VAL C 326 44.06 -21.50 3.39
N PRO C 327 44.44 -22.00 4.57
CA PRO C 327 45.78 -21.70 5.12
C PRO C 327 46.88 -22.38 4.33
N PHE C 328 47.88 -21.60 3.92
CA PHE C 328 49.05 -22.13 3.24
C PHE C 328 50.19 -22.27 4.24
N TYR C 329 50.69 -23.49 4.43
CA TYR C 329 51.63 -23.81 5.49
C TYR C 329 53.03 -23.93 4.91
N ILE C 330 53.86 -22.91 5.14
CA ILE C 330 55.22 -22.82 4.61
C ILE C 330 56.21 -23.09 5.73
N ARG C 331 57.22 -23.91 5.43
CA ARG C 331 58.16 -24.34 6.44
C ARG C 331 59.50 -24.69 5.81
N THR C 332 60.57 -24.15 6.40
CA THR C 332 61.92 -24.47 5.97
C THR C 332 62.89 -24.21 7.10
N GLY C 333 64.03 -24.89 7.05
CA GLY C 333 65.04 -24.72 8.08
C GLY C 333 66.10 -25.78 7.99
N LYS C 334 67.16 -25.56 8.77
CA LYS C 334 68.42 -26.29 8.62
C LYS C 334 68.71 -27.19 9.82
N ARG C 335 69.50 -28.23 9.56
CA ARG C 335 69.95 -29.21 10.57
C ARG C 335 68.77 -29.99 11.15
N LEU C 336 67.87 -30.42 10.28
CA LEU C 336 66.70 -31.24 10.53
C LEU C 336 66.98 -32.67 10.07
N PRO C 337 66.19 -33.65 10.54
CA PRO C 337 66.53 -35.06 10.22
C PRO C 337 66.13 -35.56 8.84
N ALA C 338 65.83 -34.66 7.89
CA ALA C 338 65.46 -35.07 6.55
C ALA C 338 65.73 -33.94 5.57
N ARG C 339 65.82 -34.29 4.28
CA ARG C 339 66.02 -33.35 3.16
C ARG C 339 65.09 -33.80 2.02
N ARG C 340 63.89 -33.22 1.95
CA ARG C 340 63.04 -33.45 0.79
C ARG C 340 62.02 -32.33 0.66
N SER C 341 62.24 -31.43 -0.29
CA SER C 341 61.30 -30.37 -0.60
C SER C 341 60.09 -30.92 -1.36
N GLU C 342 58.90 -30.62 -0.86
CA GLU C 342 57.69 -31.21 -1.43
C GLU C 342 56.49 -30.32 -1.15
N ILE C 343 55.49 -30.40 -2.02
CA ILE C 343 54.19 -29.77 -1.82
C ILE C 343 53.17 -30.87 -1.57
N VAL C 344 52.23 -30.60 -0.66
CA VAL C 344 51.17 -31.53 -0.32
C VAL C 344 49.86 -30.76 -0.31
N VAL C 345 48.89 -31.21 -1.09
CA VAL C 345 47.58 -30.60 -1.17
C VAL C 345 46.58 -31.62 -0.66
N GLN C 346 46.00 -31.35 0.50
CA GLN C 346 44.99 -32.23 1.08
C GLN C 346 43.61 -31.72 0.67
N PHE C 347 42.85 -32.58 0.03
CA PHE C 347 41.50 -32.24 -0.38
C PHE C 347 40.52 -32.44 0.78
N LYS C 348 39.37 -31.80 0.66
CA LYS C 348 38.34 -31.87 1.67
C LYS C 348 37.84 -33.31 1.74
N PRO C 349 37.11 -33.69 2.78
CA PRO C 349 36.54 -35.03 2.82
C PRO C 349 35.32 -35.10 1.92
N VAL C 350 35.01 -36.30 1.47
CA VAL C 350 33.82 -36.52 0.67
C VAL C 350 32.64 -36.04 1.50
N PRO C 351 31.59 -35.51 0.89
CA PRO C 351 30.51 -34.92 1.71
C PRO C 351 29.87 -35.92 2.67
N HIS C 352 29.46 -37.09 2.22
CA HIS C 352 28.89 -38.05 3.20
C HIS C 352 29.62 -39.38 3.10
N SER C 353 29.65 -40.15 4.19
CA SER C 353 30.25 -41.50 4.05
C SER C 353 29.17 -42.57 4.15
N ILE C 354 28.96 -43.32 3.06
CA ILE C 354 28.02 -44.48 3.08
C ILE C 354 28.58 -45.56 4.01
N PHE C 355 29.89 -45.77 3.97
CA PHE C 355 30.53 -46.90 4.71
C PHE C 355 30.93 -46.54 6.14
N SER C 356 30.68 -45.30 6.59
CA SER C 356 31.19 -44.91 7.93
C SER C 356 30.26 -45.33 9.07
N SER C 357 30.15 -46.63 9.37
CA SER C 357 29.40 -47.03 10.60
C SER C 357 30.36 -47.77 11.51
N SER C 358 30.88 -48.91 11.04
CA SER C 358 31.92 -49.65 11.80
C SER C 358 33.07 -49.91 10.83
N GLY C 359 34.30 -49.62 11.22
CA GLY C 359 35.46 -49.87 10.35
C GLY C 359 35.49 -48.76 9.32
N GLY C 360 34.60 -47.79 9.47
CA GLY C 360 34.50 -46.69 8.51
C GLY C 360 35.45 -45.58 8.86
N ILE C 361 36.74 -45.79 8.66
CA ILE C 361 37.68 -44.70 8.89
C ILE C 361 38.04 -44.19 7.50
N LEU C 362 37.53 -43.01 7.14
CA LEU C 362 37.71 -42.48 5.80
C LEU C 362 38.88 -41.51 5.89
N GLN C 363 40.02 -41.96 5.43
CA GLN C 363 41.19 -41.11 5.37
C GLN C 363 41.15 -40.24 4.13
N PRO C 364 41.38 -38.94 4.24
CA PRO C 364 41.25 -38.05 3.08
C PRO C 364 42.25 -38.37 1.99
N ASN C 365 41.96 -37.90 0.79
CA ASN C 365 42.85 -38.04 -0.35
C ASN C 365 43.79 -36.85 -0.42
N LYS C 366 45.07 -37.12 -0.71
CA LYS C 366 46.05 -36.06 -0.79
C LYS C 366 46.86 -36.26 -2.06
N LEU C 367 47.08 -35.17 -2.78
CA LEU C 367 47.96 -35.22 -3.93
C LEU C 367 49.35 -34.87 -3.45
N ARG C 368 50.30 -35.71 -3.77
CA ARG C 368 51.65 -35.54 -3.30
C ARG C 368 52.55 -35.20 -4.46
N ILE C 369 53.39 -34.20 -4.23
CA ILE C 369 54.35 -33.73 -5.21
C ILE C 369 55.65 -33.54 -4.46
N VAL C 370 56.74 -34.04 -5.02
CA VAL C 370 58.07 -33.89 -4.44
C VAL C 370 58.94 -33.29 -5.51
N LEU C 371 59.56 -32.16 -5.20
CA LEU C 371 60.32 -31.40 -6.18
C LEU C 371 61.81 -31.52 -5.98
N GLN C 372 62.27 -31.42 -4.73
CA GLN C 372 63.66 -31.49 -4.35
C GLN C 372 63.81 -32.41 -3.15
N PRO C 373 64.83 -33.28 -3.14
CA PRO C 373 65.70 -33.60 -4.27
C PRO C 373 65.05 -34.73 -5.07
N ASP C 374 63.95 -35.27 -4.55
CA ASP C 374 63.17 -36.27 -5.25
C ASP C 374 62.15 -35.58 -6.13
N GLU C 375 61.91 -36.15 -7.29
CA GLU C 375 61.01 -35.59 -8.29
C GLU C 375 59.90 -36.62 -8.47
N THR C 376 58.83 -36.43 -7.71
CA THR C 376 57.88 -37.48 -7.40
C THR C 376 56.51 -36.87 -7.17
N ILE C 377 55.49 -37.38 -7.87
CA ILE C 377 54.14 -36.86 -7.75
C ILE C 377 53.21 -38.05 -7.52
N GLN C 378 52.40 -37.98 -6.46
CA GLN C 378 51.55 -39.08 -6.05
C GLN C 378 50.21 -38.53 -5.61
N ILE C 379 49.23 -39.43 -5.49
CA ILE C 379 47.92 -39.10 -4.93
C ILE C 379 47.50 -40.23 -4.01
N SER C 380 46.90 -39.85 -2.88
CA SER C 380 46.40 -40.82 -1.90
C SER C 380 44.95 -41.13 -2.23
N ILE C 381 44.63 -42.41 -2.42
CA ILE C 381 43.26 -42.80 -2.64
C ILE C 381 42.84 -43.88 -1.66
N MET C 382 41.53 -44.02 -1.50
CA MET C 382 40.93 -44.98 -0.58
C MET C 382 40.39 -46.18 -1.33
N VAL C 383 40.82 -47.38 -0.93
CA VAL C 383 40.45 -48.62 -1.56
C VAL C 383 40.02 -49.63 -0.51
N LYS C 384 39.26 -50.62 -0.96
CA LYS C 384 38.72 -51.65 -0.08
C LYS C 384 39.80 -52.68 0.24
N GLU C 385 39.85 -53.08 1.50
CA GLU C 385 40.77 -54.11 1.97
C GLU C 385 40.24 -55.49 1.62
N PRO C 386 40.86 -56.20 0.66
CA PRO C 386 40.40 -57.56 0.34
C PRO C 386 40.44 -58.45 1.58
N GLY C 387 39.26 -58.72 2.14
CA GLY C 387 39.18 -59.56 3.32
C GLY C 387 37.77 -60.04 3.58
N LEU C 388 37.62 -61.19 4.23
CA LEU C 388 36.25 -61.63 4.61
C LEU C 388 35.88 -60.96 5.93
N ASP C 389 35.09 -59.88 5.88
CA ASP C 389 34.83 -59.11 7.14
C ASP C 389 33.35 -59.19 7.53
N ARG C 390 33.07 -59.55 8.78
CA ARG C 390 31.67 -59.58 9.29
C ARG C 390 31.30 -58.28 10.01
N ASN C 391 32.20 -57.30 10.12
CA ASN C 391 31.90 -56.10 10.94
C ASN C 391 32.17 -54.77 10.22
N GLY C 392 31.29 -54.36 9.30
CA GLY C 392 31.45 -53.03 8.66
C GLY C 392 32.40 -53.02 7.48
N ALA C 393 32.69 -51.82 6.95
CA ALA C 393 33.53 -51.71 5.74
C ALA C 393 35.01 -51.54 6.12
N HIS C 394 35.90 -52.25 5.44
CA HIS C 394 37.33 -52.19 5.72
C HIS C 394 38.01 -51.50 4.54
N MET C 395 38.81 -50.46 4.82
CA MET C 395 39.44 -49.69 3.77
C MET C 395 40.89 -49.36 4.12
N ARG C 396 41.71 -49.24 3.07
CA ARG C 396 43.12 -48.87 3.20
C ARG C 396 43.37 -47.56 2.43
N GLU C 397 44.22 -46.71 3.00
CA GLU C 397 44.73 -45.54 2.28
C GLU C 397 45.98 -45.95 1.50
N VAL C 398 45.87 -45.95 0.18
CA VAL C 398 46.97 -46.32 -0.70
C VAL C 398 47.29 -45.14 -1.61
N TRP C 399 48.31 -45.28 -2.45
CA TRP C 399 48.84 -44.14 -3.18
C TRP C 399 49.07 -44.49 -4.64
N LEU C 400 48.57 -43.65 -5.53
CA LEU C 400 48.95 -43.70 -6.94
C LEU C 400 50.32 -43.05 -7.07
N ASP C 401 51.36 -43.84 -7.33
CA ASP C 401 52.72 -43.36 -7.26
C ASP C 401 53.26 -43.10 -8.66
N LEU C 402 53.96 -41.99 -8.82
CA LEU C 402 54.64 -41.66 -10.07
C LEU C 402 55.97 -41.00 -9.77
N SER C 403 57.03 -41.48 -10.40
CA SER C 403 58.38 -40.94 -10.26
C SER C 403 58.87 -40.56 -11.65
N LEU C 404 59.01 -39.25 -11.88
CA LEU C 404 59.28 -38.77 -13.23
C LEU C 404 60.72 -38.97 -13.68
N THR C 405 61.70 -38.85 -12.80
CA THR C 405 63.09 -39.05 -13.23
C THR C 405 63.27 -40.42 -13.84
N ASP C 406 62.64 -41.44 -13.26
CA ASP C 406 62.77 -42.80 -13.77
C ASP C 406 62.36 -42.88 -15.24
N VAL C 407 61.42 -42.03 -15.67
CA VAL C 407 61.06 -41.91 -17.07
C VAL C 407 61.80 -40.73 -17.70
N PHE C 408 62.23 -39.77 -16.87
CA PHE C 408 62.88 -38.56 -17.43
C PHE C 408 64.40 -38.73 -17.57
N LYS C 409 64.90 -39.96 -17.71
CA LYS C 409 66.35 -40.22 -17.96
C LYS C 409 66.79 -39.63 -19.32
N ASP C 410 65.96 -39.74 -20.35
CA ASP C 410 66.25 -39.24 -21.73
C ASP C 410 66.40 -37.72 -21.68
N ARG C 411 65.85 -37.10 -20.63
CA ARG C 411 65.82 -35.61 -20.59
C ARG C 411 67.19 -35.01 -20.25
N LYS C 412 68.28 -35.76 -20.36
CA LYS C 412 69.61 -35.12 -20.17
C LYS C 412 69.60 -34.36 -18.85
N ARG C 413 69.21 -35.01 -17.74
CA ARG C 413 69.04 -34.21 -16.51
C ARG C 413 70.36 -33.49 -16.24
N ARG C 414 70.27 -32.21 -15.90
CA ARG C 414 71.46 -31.34 -15.77
C ARG C 414 71.19 -30.38 -14.62
N ILE C 415 72.22 -29.66 -14.19
CA ILE C 415 72.03 -28.64 -13.13
C ILE C 415 71.05 -27.62 -13.70
N ALA C 416 70.23 -26.98 -12.87
CA ALA C 416 69.13 -26.10 -13.34
C ALA C 416 69.60 -24.92 -14.19
N TYR C 417 70.75 -24.34 -13.91
CA TYR C 417 71.19 -23.08 -14.56
C TYR C 417 71.37 -23.18 -16.08
N GLU C 418 71.64 -24.34 -16.67
CA GLU C 418 72.01 -24.37 -18.11
C GLU C 418 70.95 -23.78 -19.05
N ARG C 419 69.66 -24.06 -18.88
CA ARG C 419 68.61 -23.40 -19.70
C ARG C 419 68.52 -21.89 -19.44
N LEU C 420 68.63 -21.44 -18.19
CA LEU C 420 68.42 -20.00 -17.82
C LEU C 420 69.21 -19.05 -18.72
N MET C 421 70.42 -19.45 -19.13
CA MET C 421 71.31 -18.58 -19.94
C MET C 421 70.68 -18.35 -21.31
N LEU C 422 70.09 -19.39 -21.90
CA LEU C 422 69.52 -19.25 -23.27
C LEU C 422 68.38 -18.22 -23.23
N ASP C 423 67.56 -18.24 -22.19
CA ASP C 423 66.46 -17.27 -22.07
C ASP C 423 67.03 -15.87 -22.29
N LEU C 424 68.06 -15.52 -21.52
CA LEU C 424 68.66 -14.16 -21.64
C LEU C 424 69.23 -14.01 -23.05
N ILE C 425 69.91 -15.06 -23.52
CA ILE C 425 70.53 -15.04 -24.88
C ILE C 425 69.49 -14.92 -25.99
N GLU C 426 68.36 -15.64 -25.89
CA GLU C 426 67.45 -15.70 -27.06
C GLU C 426 65.98 -15.36 -26.78
N GLY C 427 65.67 -14.56 -25.77
CA GLY C 427 64.24 -14.19 -25.65
C GLY C 427 63.73 -13.64 -24.34
N ASP C 428 62.40 -13.55 -24.24
CA ASP C 428 61.72 -12.98 -23.05
C ASP C 428 62.01 -13.83 -21.81
N ALA C 429 62.15 -13.18 -20.67
CA ALA C 429 62.50 -13.88 -19.41
C ALA C 429 61.25 -14.40 -18.71
N THR C 430 60.97 -15.71 -18.81
CA THR C 430 59.85 -16.23 -18.05
C THR C 430 60.26 -16.82 -16.71
N LEU C 431 61.54 -17.18 -16.54
CA LEU C 431 61.99 -17.83 -15.33
C LEU C 431 62.62 -16.85 -14.36
N PHE C 432 62.34 -15.56 -14.54
CA PHE C 432 62.98 -14.48 -13.80
C PHE C 432 61.94 -13.60 -13.13
N VAL C 433 62.32 -13.02 -11.99
CA VAL C 433 61.44 -12.17 -11.21
C VAL C 433 61.31 -10.79 -11.88
N ARG C 434 60.25 -10.07 -11.53
CA ARG C 434 59.95 -8.77 -12.11
C ARG C 434 59.79 -7.73 -11.00
N ARG C 435 59.92 -6.46 -11.40
CA ARG C 435 59.97 -5.37 -10.43
C ARG C 435 58.73 -5.32 -9.56
N ASP C 436 57.57 -5.61 -10.14
CA ASP C 436 56.34 -5.68 -9.37
C ASP C 436 56.28 -6.94 -8.52
N GLU C 437 56.94 -8.03 -8.97
CA GLU C 437 57.06 -9.22 -8.13
C GLU C 437 57.90 -8.95 -6.89
N VAL C 438 58.98 -8.18 -7.05
CA VAL C 438 59.84 -7.86 -5.90
C VAL C 438 59.10 -6.96 -4.92
N GLU C 439 58.25 -6.07 -5.43
CA GLU C 439 57.50 -5.17 -4.55
C GLU C 439 56.56 -5.93 -3.63
N ALA C 440 55.74 -6.83 -4.20
CA ALA C 440 54.77 -7.53 -3.38
C ALA C 440 55.41 -8.58 -2.48
N GLN C 441 56.54 -9.15 -2.88
CA GLN C 441 57.26 -10.07 -1.99
C GLN C 441 57.75 -9.36 -0.73
N TRP C 442 58.49 -8.26 -0.89
CA TRP C 442 59.11 -7.62 0.26
C TRP C 442 58.06 -6.99 1.17
N ILE C 443 56.99 -6.44 0.59
CA ILE C 443 55.94 -5.84 1.41
C ILE C 443 55.36 -6.87 2.37
N TRP C 444 55.13 -8.09 1.89
CA TRP C 444 54.66 -9.15 2.76
C TRP C 444 55.79 -9.78 3.56
N ILE C 445 57.04 -9.65 3.10
CA ILE C 445 58.16 -10.16 3.89
C ILE C 445 58.52 -9.21 5.02
N ASP C 446 58.43 -7.90 4.77
CA ASP C 446 58.77 -6.93 5.82
C ASP C 446 57.66 -6.75 6.84
N GLY C 447 56.39 -6.89 6.41
CA GLY C 447 55.28 -6.62 7.31
C GLY C 447 55.26 -7.52 8.53
N ILE C 448 55.76 -8.74 8.39
CA ILE C 448 55.90 -9.63 9.53
C ILE C 448 56.95 -9.10 10.50
N ARG C 449 58.05 -8.55 9.96
CA ARG C 449 59.13 -8.06 10.81
C ARG C 449 58.65 -6.93 11.71
N GLU C 450 57.74 -6.07 11.20
CA GLU C 450 57.05 -5.12 12.07
C GLU C 450 56.51 -5.79 13.33
N GLY C 451 55.81 -6.91 13.13
CA GLY C 451 55.02 -7.48 14.21
C GLY C 451 55.82 -8.19 15.29
N TRP C 452 56.93 -8.82 14.91
CA TRP C 452 57.67 -9.60 15.89
C TRP C 452 58.79 -8.83 16.57
N LYS C 453 59.30 -7.75 15.97
CA LYS C 453 60.17 -6.84 16.71
C LYS C 453 59.40 -5.99 17.70
N ALA C 454 58.11 -5.77 17.46
CA ALA C 454 57.28 -5.08 18.43
C ALA C 454 56.82 -6.03 19.52
N ASN C 455 56.56 -7.28 19.17
CA ASN C 455 56.38 -8.32 20.16
C ASN C 455 57.70 -8.86 20.67
N SER C 456 58.82 -8.26 20.23
CA SER C 456 60.15 -8.66 20.63
C SER C 456 60.28 -10.18 20.55
N MET C 457 59.91 -10.72 19.39
CA MET C 457 59.80 -12.16 19.23
C MET C 457 61.18 -12.76 19.02
N LYS C 458 61.46 -13.82 19.76
CA LYS C 458 62.69 -14.57 19.63
C LYS C 458 62.39 -16.00 19.21
N PRO C 459 63.25 -16.60 18.40
CA PRO C 459 63.05 -18.00 17.99
C PRO C 459 63.15 -18.95 19.18
N LYS C 460 62.70 -20.18 18.95
CA LYS C 460 62.60 -21.20 19.99
C LYS C 460 63.59 -22.33 19.68
N THR C 461 64.52 -22.54 20.59
CA THR C 461 65.62 -23.52 20.39
C THR C 461 65.11 -24.93 20.11
N TYR C 462 65.63 -25.54 19.05
CA TYR C 462 65.33 -26.97 18.79
C TYR C 462 66.70 -27.66 18.70
N VAL C 463 66.87 -28.78 19.39
CA VAL C 463 68.16 -29.53 19.30
C VAL C 463 68.27 -29.98 17.86
N SER C 464 69.49 -29.98 17.29
CA SER C 464 69.56 -30.31 15.85
C SER C 464 68.97 -31.70 15.70
N GLY C 465 68.16 -31.94 14.66
CA GLY C 465 67.46 -33.23 14.57
C GLY C 465 66.17 -33.29 15.39
N THR C 466 65.68 -32.17 15.92
CA THR C 466 64.36 -32.17 16.62
C THR C 466 63.22 -31.95 15.61
N TRP C 467 63.45 -32.23 14.33
CA TRP C 467 62.44 -32.06 13.28
C TRP C 467 61.87 -30.65 13.28
N GLY C 468 62.58 -29.72 13.92
CA GLY C 468 62.17 -28.35 14.05
C GLY C 468 61.91 -28.08 15.51
N PRO C 469 61.54 -26.85 15.86
CA PRO C 469 61.05 -26.61 17.21
C PRO C 469 59.72 -27.33 17.40
N ILE C 470 59.56 -27.94 18.58
CA ILE C 470 58.33 -28.65 18.89
C ILE C 470 57.12 -27.72 18.92
N THR C 471 57.33 -26.40 18.87
CA THR C 471 56.25 -25.44 18.95
C THR C 471 55.55 -25.21 17.62
N ALA C 472 56.22 -25.53 16.50
CA ALA C 472 55.58 -25.46 15.20
C ALA C 472 54.61 -26.61 15.01
N ILE C 473 54.52 -27.49 16.00
CA ILE C 473 53.57 -28.60 15.96
C ILE C 473 52.17 -28.13 16.42
N ALA C 474 52.08 -27.11 17.27
CA ALA C 474 50.81 -26.59 17.77
C ALA C 474 50.16 -25.51 16.91
N LEU C 475 50.93 -24.80 16.08
CA LEU C 475 50.35 -23.85 15.13
C LEU C 475 49.38 -24.56 14.20
N VAL C 476 49.46 -25.88 14.12
CA VAL C 476 48.49 -26.68 13.39
C VAL C 476 47.64 -27.53 14.33
N GLU C 477 48.21 -28.05 15.42
CA GLU C 477 47.44 -28.87 16.35
C GLU C 477 46.36 -28.05 17.04
N ARG C 478 46.59 -26.75 17.21
CA ARG C 478 45.52 -25.88 17.67
C ARG C 478 44.43 -25.77 16.61
N ASP C 479 44.79 -25.98 15.34
CA ASP C 479 43.84 -26.02 14.24
C ASP C 479 43.46 -27.45 13.86
N GLY C 480 43.99 -28.45 14.56
CA GLY C 480 43.70 -29.85 14.27
C GLY C 480 44.63 -30.47 13.25
N VAL C 481 44.99 -29.69 12.23
CA VAL C 481 45.93 -30.13 11.21
C VAL C 481 47.24 -30.54 11.89
N THR C 482 47.94 -31.51 11.29
CA THR C 482 49.27 -31.88 11.71
C THR C 482 50.20 -31.85 10.52
N TRP C 483 51.47 -31.48 10.77
CA TRP C 483 52.48 -31.55 9.73
C TRP C 483 52.54 -32.96 9.17
N TYR C 484 52.37 -33.07 7.86
CA TYR C 484 52.27 -34.37 7.20
C TYR C 484 53.63 -35.07 7.16
N ASP C 485 53.56 -36.40 7.10
CA ASP C 485 54.75 -37.22 6.90
C ASP C 485 54.29 -38.56 6.32
N LEU C 486 55.17 -39.17 5.51
CA LEU C 486 54.84 -40.42 4.84
C LEU C 486 54.38 -41.52 5.78
N GLU C 487 54.66 -41.39 7.08
CA GLU C 487 54.17 -42.24 8.17
C GLU C 487 53.26 -43.42 7.76
N GLY D 123 9.64 -76.24 -11.42
CA GLY D 123 10.77 -77.13 -11.62
C GLY D 123 10.98 -78.09 -10.47
N ALA D 124 12.09 -78.83 -10.52
CA ALA D 124 12.39 -79.85 -9.50
C ALA D 124 12.39 -79.27 -8.09
N ILE D 125 12.29 -77.94 -7.93
CA ILE D 125 11.93 -77.36 -6.65
C ILE D 125 10.64 -77.98 -6.14
N ALA D 126 9.80 -78.48 -7.05
CA ALA D 126 8.59 -79.22 -6.72
C ALA D 126 8.87 -80.24 -5.64
N GLY D 127 10.09 -80.78 -5.62
CA GLY D 127 10.49 -81.62 -4.51
C GLY D 127 10.31 -80.94 -3.17
N LEU D 128 10.79 -79.70 -3.06
CA LEU D 128 10.82 -79.03 -1.76
C LEU D 128 9.42 -78.74 -1.24
N LYS D 129 8.58 -78.12 -2.06
CA LYS D 129 7.22 -77.80 -1.62
C LYS D 129 6.41 -79.07 -1.38
N GLN D 130 6.56 -80.06 -2.26
CA GLN D 130 5.97 -81.37 -2.03
C GLN D 130 6.83 -82.24 -1.12
N ALA D 131 7.78 -81.62 -0.40
CA ALA D 131 8.39 -82.17 0.81
C ALA D 131 8.23 -81.22 1.99
N GLY D 132 7.44 -80.15 1.82
CA GLY D 132 7.19 -79.21 2.89
C GLY D 132 8.35 -78.31 3.23
N LEU D 133 9.17 -77.94 2.25
CA LEU D 133 10.43 -77.27 2.52
C LEU D 133 10.41 -75.78 2.28
N ALA D 134 9.50 -75.27 1.44
CA ALA D 134 9.42 -73.84 1.15
C ALA D 134 8.78 -73.13 2.33
N GLY D 135 9.59 -72.89 3.36
CA GLY D 135 9.09 -72.33 4.60
C GLY D 135 9.93 -71.20 5.15
N PRO D 136 9.46 -70.59 6.25
CA PRO D 136 10.14 -69.40 6.78
C PRO D 136 11.46 -69.69 7.47
N THR D 137 11.68 -70.90 7.98
CA THR D 137 12.95 -71.21 8.64
C THR D 137 14.14 -71.06 7.72
N SER D 138 13.93 -71.16 6.41
CA SER D 138 15.02 -71.36 5.47
C SER D 138 14.80 -70.56 4.19
N ARG D 139 15.88 -69.96 3.68
CA ARG D 139 15.88 -69.10 2.49
C ARG D 139 16.65 -69.78 1.35
N LEU D 140 16.78 -69.05 0.23
CA LEU D 140 17.42 -69.70 -0.94
C LEU D 140 18.25 -68.74 -1.78
N ALA D 141 19.33 -69.24 -2.38
CA ALA D 141 20.14 -68.45 -3.33
C ALA D 141 20.19 -69.25 -4.64
N LEU D 142 19.96 -68.62 -5.80
CA LEU D 142 19.84 -69.39 -7.06
C LEU D 142 21.00 -69.11 -8.01
N GLU D 143 21.67 -70.16 -8.48
CA GLU D 143 22.74 -70.00 -9.50
C GLU D 143 22.42 -71.02 -10.59
N LYS D 144 21.44 -70.71 -11.43
CA LYS D 144 20.97 -71.67 -12.45
C LYS D 144 20.85 -70.91 -13.77
N PRO D 145 20.74 -71.58 -14.94
CA PRO D 145 20.57 -70.85 -16.18
C PRO D 145 19.08 -70.50 -16.15
N LEU D 146 18.74 -69.49 -15.35
CA LEU D 146 17.32 -69.07 -15.13
C LEU D 146 16.62 -68.55 -16.39
N GLY D 147 17.30 -67.75 -17.22
CA GLY D 147 16.55 -67.13 -18.33
C GLY D 147 17.23 -67.04 -19.69
N GLN D 148 16.44 -66.94 -20.76
CA GLN D 148 16.96 -66.68 -22.12
C GLN D 148 16.13 -65.49 -22.59
N ASP D 149 15.14 -65.13 -21.79
CA ASP D 149 14.21 -64.01 -22.09
C ASP D 149 13.57 -63.53 -20.79
N LEU D 150 12.89 -62.40 -20.84
CA LEU D 150 12.28 -61.84 -19.62
C LEU D 150 11.28 -62.85 -19.09
N ALA D 151 10.51 -63.47 -19.99
CA ALA D 151 9.45 -64.38 -19.50
C ALA D 151 10.06 -65.56 -18.75
N SER D 152 11.14 -66.14 -19.25
CA SER D 152 11.64 -67.35 -18.55
C SER D 152 12.09 -67.01 -17.12
N SER D 153 12.85 -65.93 -16.93
CA SER D 153 13.31 -65.68 -15.54
C SER D 153 12.09 -65.41 -14.66
N ASP D 154 11.16 -64.59 -15.16
CA ASP D 154 9.90 -64.31 -14.42
C ASP D 154 9.11 -65.60 -14.30
N HIS D 155 9.08 -66.41 -15.35
CA HIS D 155 8.38 -67.70 -15.20
C HIS D 155 9.08 -68.51 -14.12
N ILE D 156 10.42 -68.52 -14.12
CA ILE D 156 11.13 -69.17 -12.98
C ILE D 156 10.82 -68.39 -11.71
N ASN D 157 10.88 -67.07 -11.80
CA ASN D 157 10.65 -66.22 -10.60
C ASN D 157 9.24 -66.36 -10.07
N ASP D 158 8.25 -66.34 -10.97
CA ASP D 158 6.83 -66.43 -10.54
C ASP D 158 6.61 -67.78 -9.91
N ALA D 159 7.19 -68.83 -10.50
CA ALA D 159 7.09 -70.19 -9.92
C ALA D 159 7.77 -70.24 -8.55
N VAL D 160 8.93 -69.58 -8.42
CA VAL D 160 9.67 -69.58 -7.13
C VAL D 160 8.97 -68.58 -6.23
N LEU D 161 8.64 -67.40 -6.78
CA LEU D 161 7.84 -66.50 -5.98
C LEU D 161 6.42 -66.99 -5.79
N LYS D 162 6.04 -68.10 -6.45
CA LYS D 162 4.80 -68.77 -6.14
C LYS D 162 4.86 -69.50 -4.80
N VAL D 163 6.06 -69.84 -4.34
CA VAL D 163 6.25 -70.44 -3.03
C VAL D 163 6.93 -69.49 -2.06
N PHE D 164 7.87 -68.69 -2.54
CA PHE D 164 8.65 -67.78 -1.72
C PHE D 164 8.30 -66.32 -2.01
N SER D 165 9.08 -65.44 -1.39
CA SER D 165 9.12 -64.02 -1.68
C SER D 165 10.56 -63.66 -2.00
N GLU D 166 10.79 -62.41 -2.41
CA GLU D 166 12.13 -62.04 -2.86
C GLU D 166 13.15 -62.15 -1.74
N LYS D 167 12.75 -61.90 -0.48
CA LYS D 167 13.72 -62.00 0.61
C LYS D 167 14.37 -63.37 0.66
N GLN D 168 13.57 -64.43 0.56
CA GLN D 168 14.12 -65.78 0.59
C GLN D 168 14.50 -66.29 -0.79
N VAL D 169 14.51 -65.38 -1.77
CA VAL D 169 14.90 -65.74 -3.16
C VAL D 169 16.15 -64.94 -3.51
N TYR D 170 17.27 -65.61 -3.70
CA TYR D 170 18.53 -64.86 -3.95
C TYR D 170 19.08 -65.28 -5.31
N ARG D 171 19.49 -64.31 -6.11
CA ARG D 171 20.05 -64.62 -7.46
C ARG D 171 21.54 -64.33 -7.39
N ILE D 172 22.37 -65.26 -7.85
CA ILE D 172 23.84 -65.07 -7.65
C ILE D 172 24.54 -64.72 -8.96
N ASP D 173 25.29 -63.61 -8.96
CA ASP D 173 26.10 -63.24 -10.14
C ASP D 173 27.55 -63.41 -9.71
N HIS D 174 28.29 -64.30 -10.37
CA HIS D 174 29.67 -64.59 -9.95
C HIS D 174 30.52 -63.34 -9.86
N TYR D 175 30.35 -62.43 -10.81
CA TYR D 175 31.32 -61.33 -10.94
C TYR D 175 31.14 -60.33 -9.82
N LEU D 176 29.90 -60.05 -9.43
CA LEU D 176 29.60 -59.24 -8.27
C LEU D 176 30.48 -59.68 -7.10
N GLY D 177 30.63 -61.00 -6.94
CA GLY D 177 31.32 -61.60 -5.82
C GLY D 177 32.83 -61.61 -5.88
N LYS D 178 33.45 -60.96 -6.86
CA LYS D 178 34.91 -60.86 -6.91
C LYS D 178 35.34 -59.66 -6.08
N GLU D 179 36.47 -59.81 -5.39
CA GLU D 179 36.89 -58.79 -4.42
C GLU D 179 37.21 -57.47 -5.10
N THR D 180 38.01 -57.52 -6.17
CA THR D 180 38.34 -56.30 -6.90
C THR D 180 37.12 -55.68 -7.56
N VAL D 181 36.14 -56.51 -7.95
CA VAL D 181 34.88 -55.97 -8.44
C VAL D 181 34.16 -55.27 -7.31
N GLN D 182 34.25 -55.81 -6.09
CA GLN D 182 33.60 -55.20 -4.94
C GLN D 182 34.10 -53.79 -4.68
N ASN D 183 35.32 -53.48 -5.12
CA ASN D 183 36.00 -52.22 -4.83
C ASN D 183 35.60 -51.07 -5.75
N LEU D 184 34.78 -51.31 -6.78
CA LEU D 184 34.41 -50.25 -7.72
C LEU D 184 33.70 -49.09 -7.02
N LEU D 185 32.73 -49.40 -6.15
CA LEU D 185 31.97 -48.34 -5.49
C LEU D 185 32.78 -47.60 -4.44
N THR D 186 33.70 -48.30 -3.77
CA THR D 186 34.52 -47.64 -2.74
C THR D 186 35.51 -46.66 -3.38
N LEU D 187 36.03 -47.00 -4.57
CA LEU D 187 36.82 -46.03 -5.32
C LEU D 187 35.94 -44.86 -5.75
N ARG D 188 34.72 -45.15 -6.20
CA ARG D 188 33.80 -44.12 -6.65
C ARG D 188 33.40 -43.20 -5.50
N PHE D 189 33.10 -43.79 -4.35
CA PHE D 189 32.39 -43.08 -3.28
C PHE D 189 33.19 -42.91 -1.98
N GLY D 190 34.41 -43.42 -1.91
CA GLY D 190 35.30 -43.12 -0.81
C GLY D 190 36.26 -41.97 -1.09
N ASN D 191 36.06 -41.24 -2.18
CA ASN D 191 36.97 -40.21 -2.63
C ASN D 191 36.16 -39.02 -3.14
N ALA D 192 36.79 -37.84 -3.18
CA ALA D 192 36.12 -36.63 -3.64
C ALA D 192 36.67 -36.11 -4.96
N LEU D 193 37.66 -36.78 -5.54
CA LEU D 193 38.32 -36.28 -6.75
C LEU D 193 37.56 -36.64 -8.02
N PHE D 194 36.75 -37.70 -8.01
CA PHE D 194 36.15 -38.19 -9.24
C PHE D 194 34.76 -37.61 -9.52
N GLU D 195 33.86 -37.68 -8.53
CA GLU D 195 32.47 -37.31 -8.76
C GLU D 195 32.28 -35.90 -9.34
N PRO D 196 33.03 -34.87 -8.88
CA PRO D 196 32.92 -33.56 -9.52
C PRO D 196 32.92 -33.77 -11.03
N LEU D 197 33.73 -34.71 -11.52
CA LEU D 197 33.80 -35.00 -12.98
C LEU D 197 32.86 -36.14 -13.38
N TRP D 198 32.16 -36.80 -12.43
CA TRP D 198 31.33 -37.95 -12.86
C TRP D 198 30.00 -37.39 -13.35
N ASN D 199 30.05 -36.74 -14.51
CA ASN D 199 28.89 -36.03 -15.07
C ASN D 199 29.11 -35.94 -16.58
N SER D 200 28.08 -35.57 -17.32
CA SER D 200 28.24 -35.40 -18.78
C SER D 200 29.27 -34.30 -19.02
N LYS D 201 29.21 -33.24 -18.22
CA LYS D 201 30.23 -32.17 -18.34
C LYS D 201 31.62 -32.73 -18.00
N GLY D 202 31.73 -33.54 -16.95
CA GLY D 202 33.02 -34.12 -16.53
C GLY D 202 33.70 -35.09 -17.47
N ILE D 203 32.96 -36.00 -18.09
CA ILE D 203 33.62 -37.08 -18.88
C ILE D 203 33.04 -37.21 -20.28
N ASP D 204 33.86 -37.68 -21.22
CA ASP D 204 33.42 -37.84 -22.63
C ASP D 204 32.82 -39.24 -22.82
N HIS D 205 33.58 -40.30 -22.55
CA HIS D 205 33.00 -41.61 -22.83
C HIS D 205 33.62 -42.67 -21.93
N VAL D 206 32.89 -43.78 -21.75
CA VAL D 206 33.35 -44.94 -21.00
C VAL D 206 33.57 -46.09 -21.97
N GLN D 207 34.57 -46.93 -21.65
CA GLN D 207 34.88 -48.13 -22.42
C GLN D 207 35.08 -49.30 -21.49
N ILE D 208 34.39 -50.40 -21.75
CA ILE D 208 34.44 -51.62 -20.93
C ILE D 208 34.87 -52.77 -21.81
N SER D 209 35.95 -53.45 -21.43
CA SER D 209 36.47 -54.57 -22.20
C SER D 209 36.66 -55.77 -21.30
N VAL D 210 36.15 -56.92 -21.73
CA VAL D 210 36.35 -58.20 -21.07
C VAL D 210 36.65 -59.23 -22.14
N ALA D 211 37.92 -59.61 -22.27
CA ALA D 211 38.36 -60.50 -23.33
C ALA D 211 38.90 -61.79 -22.73
N GLU D 212 38.71 -62.89 -23.45
CA GLU D 212 39.17 -64.18 -22.97
C GLU D 212 40.11 -64.82 -23.99
N THR D 213 40.97 -65.69 -23.47
CA THR D 213 41.97 -66.39 -24.25
C THR D 213 41.50 -67.77 -24.70
N VAL D 214 40.52 -68.30 -24.00
CA VAL D 214 40.10 -69.71 -24.24
C VAL D 214 39.36 -69.92 -25.55
N GLY D 215 39.24 -71.17 -25.96
CA GLY D 215 38.41 -71.52 -27.13
C GLY D 215 36.96 -71.35 -26.70
N LEU D 216 36.00 -71.21 -27.59
CA LEU D 216 34.60 -71.10 -27.07
C LEU D 216 34.13 -72.48 -26.60
N GLU D 217 35.06 -73.39 -26.27
CA GLU D 217 34.68 -74.81 -26.01
C GLU D 217 34.39 -75.19 -24.55
N GLY D 218 34.46 -74.28 -23.59
CA GLY D 218 34.26 -74.78 -22.21
C GLY D 218 32.88 -75.40 -22.05
N ARG D 219 31.85 -74.75 -22.58
CA ARG D 219 30.51 -75.36 -22.64
C ARG D 219 30.04 -75.05 -24.05
N ILE D 220 30.63 -75.69 -25.07
CA ILE D 220 30.31 -75.24 -26.45
C ILE D 220 28.82 -75.43 -26.77
N GLY D 221 28.22 -76.57 -26.40
CA GLY D 221 26.76 -76.73 -26.59
C GLY D 221 25.98 -75.75 -25.74
N TYR D 222 26.39 -75.59 -24.49
CA TYR D 222 25.73 -74.65 -23.55
C TYR D 222 25.90 -73.23 -24.08
N PHE D 223 27.07 -72.93 -24.63
CA PHE D 223 27.37 -71.56 -25.07
C PHE D 223 26.37 -71.19 -26.16
N ASP D 224 26.08 -72.14 -27.04
CA ASP D 224 25.04 -71.87 -28.06
C ASP D 224 23.69 -71.74 -27.36
N SER D 225 22.90 -70.73 -27.71
CA SER D 225 21.52 -70.50 -27.18
C SER D 225 21.50 -69.50 -26.03
N SER D 226 22.64 -69.07 -25.51
CA SER D 226 22.61 -67.97 -24.50
C SER D 226 23.36 -66.74 -25.03
N GLY D 227 24.38 -66.94 -25.87
CA GLY D 227 25.19 -65.82 -26.39
C GLY D 227 26.25 -65.35 -25.40
N SER D 228 27.04 -64.32 -25.76
CA SER D 228 28.02 -63.72 -24.83
C SER D 228 27.34 -62.49 -24.24
N LEU D 229 26.21 -62.12 -24.83
CA LEU D 229 25.43 -60.99 -24.35
C LEU D 229 24.61 -61.36 -23.11
N ARG D 230 23.77 -62.39 -23.23
CA ARG D 230 22.90 -62.73 -22.12
C ARG D 230 23.68 -63.41 -21.00
N ASP D 231 24.81 -64.03 -21.33
CA ASP D 231 25.67 -64.58 -20.29
C ASP D 231 26.47 -63.46 -19.62
N MET D 232 27.39 -62.85 -20.36
CA MET D 232 28.38 -61.96 -19.75
C MET D 232 27.87 -60.54 -19.59
N VAL D 233 27.11 -60.03 -20.55
CA VAL D 233 26.71 -58.63 -20.50
C VAL D 233 25.43 -58.44 -19.70
N GLN D 234 24.44 -59.31 -19.88
CA GLN D 234 23.12 -59.09 -19.29
C GLN D 234 23.22 -58.79 -17.80
N SER D 235 24.11 -59.47 -17.09
CA SER D 235 24.30 -59.22 -15.67
C SER D 235 25.69 -58.68 -15.38
N HIS D 236 26.75 -59.43 -15.68
CA HIS D 236 28.08 -59.10 -15.19
C HIS D 236 28.49 -57.70 -15.64
N ILE D 237 28.55 -57.49 -16.96
CA ILE D 237 29.02 -56.20 -17.46
C ILE D 237 27.94 -55.14 -17.30
N LEU D 238 26.66 -55.52 -17.37
CA LEU D 238 25.59 -54.56 -17.08
C LEU D 238 25.65 -54.09 -15.64
N GLN D 239 25.98 -54.99 -14.71
CA GLN D 239 26.22 -54.54 -13.35
C GLN D 239 27.52 -53.73 -13.26
N LEU D 240 28.51 -54.06 -14.11
CA LEU D 240 29.62 -53.13 -14.28
C LEU D 240 29.13 -51.79 -14.83
N VAL D 241 28.10 -51.82 -15.67
CA VAL D 241 27.44 -50.57 -16.08
C VAL D 241 26.72 -49.96 -14.89
N ALA D 242 26.11 -50.79 -14.05
CA ALA D 242 25.31 -50.29 -12.94
C ALA D 242 26.20 -49.61 -11.91
N LEU D 243 27.37 -50.19 -11.62
CA LEU D 243 28.30 -49.59 -10.67
C LEU D 243 29.03 -48.40 -11.24
N VAL D 244 28.73 -48.01 -12.49
CA VAL D 244 29.36 -46.86 -13.12
C VAL D 244 28.38 -45.71 -13.30
N ALA D 245 27.13 -46.01 -13.65
CA ALA D 245 26.16 -44.97 -13.95
C ALA D 245 25.20 -44.73 -12.80
N MET D 246 25.60 -45.05 -11.57
CA MET D 246 24.70 -44.90 -10.44
C MET D 246 25.05 -43.66 -9.64
N GLU D 247 24.08 -43.21 -8.91
CA GLU D 247 24.15 -42.19 -7.87
C GLU D 247 24.34 -42.89 -6.53
N PRO D 248 24.85 -42.20 -5.52
CA PRO D 248 25.03 -42.86 -4.22
C PRO D 248 23.69 -43.04 -3.54
N PRO D 249 23.49 -44.18 -2.86
CA PRO D 249 22.30 -44.33 -2.03
C PRO D 249 22.40 -43.55 -0.73
N ALA D 250 21.32 -43.54 0.07
CA ALA D 250 21.31 -42.76 1.32
C ALA D 250 22.44 -43.27 2.22
N HIS D 251 22.32 -44.51 2.71
CA HIS D 251 23.37 -45.12 3.54
C HIS D 251 23.60 -46.51 2.98
N MET D 252 24.79 -47.08 3.14
CA MET D 252 24.95 -48.40 2.51
C MET D 252 23.93 -49.31 3.18
N GLU D 253 23.16 -50.05 2.40
CA GLU D 253 22.13 -51.00 2.91
C GLU D 253 21.99 -52.04 1.81
N ALA D 254 21.47 -53.22 2.10
CA ALA D 254 21.50 -54.28 1.07
C ALA D 254 20.70 -53.88 -0.17
N ASN D 255 19.52 -53.30 0.02
CA ASN D 255 18.68 -52.92 -1.13
C ASN D 255 19.05 -51.50 -1.59
N ALA D 256 19.80 -50.76 -0.78
CA ALA D 256 20.16 -49.37 -1.13
C ALA D 256 21.11 -49.41 -2.32
N VAL D 257 22.07 -50.32 -2.31
CA VAL D 257 22.93 -50.44 -3.48
C VAL D 257 22.09 -50.81 -4.70
N ARG D 258 21.32 -51.90 -4.59
CA ARG D 258 20.51 -52.37 -5.71
C ARG D 258 19.63 -51.27 -6.28
N ASP D 259 18.98 -50.49 -5.41
CA ASP D 259 18.01 -49.49 -5.86
C ASP D 259 18.58 -48.47 -6.82
N GLU D 260 19.88 -48.18 -6.74
CA GLU D 260 20.47 -47.22 -7.66
C GLU D 260 20.98 -47.87 -8.93
N LYS D 261 21.13 -49.19 -8.93
CA LYS D 261 21.45 -49.92 -10.15
C LYS D 261 20.22 -50.12 -11.02
N VAL D 262 19.06 -50.37 -10.41
CA VAL D 262 17.81 -50.50 -11.16
C VAL D 262 17.57 -49.26 -12.03
N LYS D 263 17.77 -48.08 -11.46
CA LYS D 263 17.59 -46.85 -12.24
C LYS D 263 18.59 -46.77 -13.38
N VAL D 264 19.80 -47.32 -13.18
CA VAL D 264 20.74 -47.45 -14.29
C VAL D 264 20.18 -48.39 -15.34
N PHE D 265 19.85 -49.62 -14.93
CA PHE D 265 19.21 -50.58 -15.83
C PHE D 265 17.96 -50.01 -16.47
N ARG D 266 17.33 -49.02 -15.83
CA ARG D 266 16.22 -48.29 -16.41
C ARG D 266 16.67 -47.13 -17.29
N ALA D 267 17.83 -46.56 -17.01
CA ALA D 267 18.36 -45.47 -17.81
C ALA D 267 19.13 -45.96 -19.02
N LEU D 268 19.22 -47.28 -19.21
CA LEU D 268 19.83 -47.85 -20.40
C LEU D 268 18.95 -47.57 -21.61
N ARG D 269 19.47 -46.81 -22.55
CA ARG D 269 18.76 -46.58 -23.81
C ARG D 269 18.44 -47.89 -24.49
N PRO D 270 17.19 -48.15 -24.87
CA PRO D 270 16.86 -49.39 -25.56
C PRO D 270 17.34 -49.27 -27.01
N ILE D 271 18.33 -50.09 -27.37
CA ILE D 271 18.95 -49.97 -28.69
C ILE D 271 17.90 -50.27 -29.75
N ASN D 272 17.65 -49.28 -30.61
CA ASN D 272 16.55 -49.33 -31.56
C ASN D 272 16.90 -50.25 -32.72
N ASN D 273 15.86 -50.84 -33.32
CA ASN D 273 16.07 -51.54 -34.58
C ASN D 273 16.56 -50.60 -35.68
N ASP D 274 16.43 -49.29 -35.48
CA ASP D 274 17.01 -48.29 -36.37
C ASP D 274 18.42 -47.89 -35.93
N THR D 275 18.80 -48.22 -34.70
CA THR D 275 20.13 -47.97 -34.18
C THR D 275 21.01 -49.20 -34.12
N VAL D 276 20.46 -50.39 -34.39
CA VAL D 276 21.23 -51.62 -34.19
C VAL D 276 22.25 -51.83 -35.31
N ILE D 277 22.17 -51.07 -36.39
CA ILE D 277 23.19 -51.17 -37.44
C ILE D 277 24.39 -50.27 -37.11
N THR D 278 24.15 -49.07 -36.60
CA THR D 278 25.20 -48.11 -36.28
C THR D 278 25.63 -48.15 -34.81
N HIS D 279 24.99 -48.97 -33.96
CA HIS D 279 25.32 -48.96 -32.53
C HIS D 279 25.68 -50.35 -31.99
N THR D 280 25.82 -51.36 -32.84
CA THR D 280 26.19 -52.70 -32.38
C THR D 280 27.09 -53.35 -33.42
N VAL D 281 27.96 -54.26 -32.96
CA VAL D 281 28.84 -55.03 -33.83
C VAL D 281 28.98 -56.45 -33.27
N THR D 282 28.79 -57.45 -34.13
CA THR D 282 28.88 -58.86 -33.79
C THR D 282 30.02 -59.52 -34.56
N GLY D 283 30.46 -60.68 -34.07
CA GLY D 283 31.58 -61.39 -34.68
C GLY D 283 31.53 -62.88 -34.40
N GLN D 284 32.52 -63.60 -34.94
CA GLN D 284 32.59 -65.03 -34.73
C GLN D 284 34.03 -65.54 -34.75
N TYR D 285 34.27 -66.56 -33.92
CA TYR D 285 35.55 -67.27 -33.85
C TYR D 285 35.87 -67.91 -35.20
N GLY D 286 37.01 -67.54 -35.78
CA GLY D 286 37.38 -68.01 -37.11
C GLY D 286 38.32 -69.19 -37.13
N GLY D 297 36.96 -72.69 -36.86
CA GLY D 297 35.98 -71.68 -36.55
C GLY D 297 34.86 -72.19 -35.66
N TYR D 298 33.90 -71.33 -35.32
CA TYR D 298 32.78 -71.80 -34.53
C TYR D 298 31.86 -72.71 -35.34
N ILE D 299 31.52 -72.29 -36.56
CA ILE D 299 30.73 -73.19 -37.42
C ILE D 299 31.50 -74.49 -37.65
N ASP D 300 32.81 -74.38 -37.89
CA ASP D 300 33.68 -75.52 -38.14
C ASP D 300 33.98 -76.33 -36.88
N GLU D 301 33.18 -76.15 -35.83
CA GLU D 301 33.31 -76.95 -34.62
C GLU D 301 31.98 -77.38 -34.02
N LEU D 302 30.85 -76.86 -34.50
CA LEU D 302 29.56 -77.12 -33.87
C LEU D 302 28.60 -77.92 -34.74
N GLY D 303 28.82 -77.98 -36.04
CA GLY D 303 27.98 -78.77 -36.92
C GLY D 303 26.80 -78.05 -37.52
N GLN D 304 25.72 -77.91 -36.75
CA GLN D 304 24.47 -77.37 -37.25
C GLN D 304 24.67 -75.94 -37.74
N PRO D 305 23.79 -75.43 -38.64
CA PRO D 305 23.87 -74.04 -39.05
C PRO D 305 23.87 -73.18 -37.79
N SER D 306 24.93 -72.38 -37.62
CA SER D 306 25.07 -71.55 -36.41
C SER D 306 25.15 -70.07 -36.76
N ASP D 307 24.44 -69.24 -36.02
CA ASP D 307 24.56 -67.77 -36.18
C ASP D 307 24.82 -67.36 -34.73
N THR D 308 26.01 -67.70 -34.24
CA THR D 308 26.34 -67.50 -32.81
C THR D 308 27.51 -66.54 -32.68
N GLU D 309 27.41 -65.58 -31.77
CA GLU D 309 28.47 -64.54 -31.67
C GLU D 309 29.58 -64.93 -30.69
N THR D 310 30.79 -65.21 -31.20
CA THR D 310 31.91 -65.38 -30.29
C THR D 310 32.56 -64.03 -29.97
N PHE D 311 31.83 -62.94 -30.18
CA PHE D 311 32.28 -61.57 -29.93
C PHE D 311 31.09 -60.64 -30.05
N VAL D 312 31.08 -59.59 -29.23
CA VAL D 312 29.99 -58.61 -29.26
C VAL D 312 30.54 -57.22 -28.94
N ALA D 313 30.04 -56.21 -29.64
CA ALA D 313 30.37 -54.81 -29.39
C ALA D 313 29.10 -53.96 -29.45
N ILE D 314 28.85 -53.17 -28.39
CA ILE D 314 27.73 -52.25 -28.32
C ILE D 314 28.20 -50.88 -27.84
N LYS D 315 27.38 -49.86 -28.12
CA LYS D 315 27.55 -48.49 -27.59
C LYS D 315 26.28 -48.04 -26.87
N ALA D 316 26.25 -48.15 -25.55
CA ALA D 316 25.07 -47.86 -24.74
C ALA D 316 25.00 -46.37 -24.34
N HIS D 317 23.86 -46.00 -23.76
CA HIS D 317 23.58 -44.61 -23.41
C HIS D 317 22.70 -44.56 -22.18
N VAL D 318 23.21 -43.99 -21.09
CA VAL D 318 22.43 -43.72 -19.89
C VAL D 318 21.79 -42.34 -20.01
N ASP D 319 20.46 -42.30 -19.89
CA ASP D 319 19.70 -41.07 -20.10
C ASP D 319 19.21 -40.52 -18.76
N ASN D 320 20.15 -40.06 -17.94
CA ASN D 320 19.82 -39.26 -16.77
C ASN D 320 20.71 -38.03 -16.72
N TRP D 321 20.21 -37.02 -16.01
CA TRP D 321 20.91 -35.77 -15.74
C TRP D 321 22.41 -35.92 -15.60
N ARG D 322 22.81 -36.93 -14.82
CA ARG D 322 24.23 -37.16 -14.61
C ARG D 322 24.91 -37.67 -15.88
N TRP D 323 24.21 -38.43 -16.71
CA TRP D 323 24.89 -39.21 -17.75
C TRP D 323 24.43 -38.96 -19.17
N HIS D 324 23.29 -38.32 -19.39
CA HIS D 324 22.80 -38.09 -20.75
C HIS D 324 23.84 -37.38 -21.59
N GLY D 325 24.32 -38.05 -22.65
CA GLY D 325 25.28 -37.45 -23.55
C GLY D 325 26.65 -38.10 -23.58
N VAL D 326 26.78 -39.26 -22.93
CA VAL D 326 28.07 -39.93 -22.74
C VAL D 326 28.08 -41.30 -23.40
N PRO D 327 28.84 -41.51 -24.48
CA PRO D 327 28.87 -42.85 -25.11
C PRO D 327 29.51 -43.89 -24.19
N PHE D 328 28.77 -44.98 -23.95
CA PHE D 328 29.26 -46.13 -23.19
C PHE D 328 29.66 -47.22 -24.17
N TYR D 329 30.94 -47.59 -24.17
CA TYR D 329 31.48 -48.54 -25.15
C TYR D 329 31.73 -49.88 -24.47
N ILE D 330 30.87 -50.85 -24.72
CA ILE D 330 30.96 -52.17 -24.13
C ILE D 330 31.46 -53.15 -25.18
N ARG D 331 32.42 -53.99 -24.79
CA ARG D 331 33.11 -54.87 -25.74
C ARG D 331 33.60 -56.10 -24.99
N THR D 332 33.35 -57.28 -25.58
CA THR D 332 33.79 -58.53 -25.00
C THR D 332 33.92 -59.58 -26.10
N GLY D 333 34.63 -60.65 -25.80
CA GLY D 333 34.78 -61.73 -26.77
C GLY D 333 35.77 -62.76 -26.30
N LYS D 334 35.76 -63.89 -27.00
CA LYS D 334 36.40 -65.12 -26.56
C LYS D 334 37.55 -65.57 -27.44
N ARG D 335 37.44 -65.39 -28.75
CA ARG D 335 38.55 -65.75 -29.65
C ARG D 335 39.52 -64.60 -29.83
N LEU D 336 39.84 -63.88 -28.76
CA LEU D 336 40.80 -62.79 -28.84
C LEU D 336 42.15 -63.19 -28.27
N PRO D 337 43.22 -62.49 -28.65
CA PRO D 337 44.56 -62.88 -28.20
C PRO D 337 44.95 -62.34 -26.82
N ALA D 338 43.98 -61.96 -25.98
CA ALA D 338 44.35 -61.40 -24.69
C ALA D 338 43.28 -61.70 -23.65
N ARG D 339 43.70 -61.65 -22.37
CA ARG D 339 42.82 -61.94 -21.23
C ARG D 339 43.12 -61.00 -20.06
N ARG D 340 42.51 -59.81 -20.09
CA ARG D 340 42.51 -58.86 -18.98
C ARG D 340 41.27 -57.99 -19.12
N SER D 341 40.25 -58.26 -18.30
CA SER D 341 39.04 -57.45 -18.30
C SER D 341 39.30 -56.10 -17.67
N GLU D 342 38.87 -55.03 -18.34
CA GLU D 342 39.30 -53.70 -17.96
C GLU D 342 38.24 -52.65 -18.29
N ILE D 343 38.17 -51.63 -17.43
CA ILE D 343 37.32 -50.45 -17.62
C ILE D 343 38.21 -49.24 -17.84
N VAL D 344 37.80 -48.35 -18.76
CA VAL D 344 38.53 -47.13 -19.06
C VAL D 344 37.57 -45.97 -19.13
N VAL D 345 37.85 -44.93 -18.35
CA VAL D 345 37.03 -43.72 -18.30
C VAL D 345 37.88 -42.56 -18.79
N GLN D 346 37.53 -41.99 -19.94
CA GLN D 346 38.23 -40.85 -20.50
C GLN D 346 37.51 -39.57 -20.09
N PHE D 347 38.22 -38.67 -19.41
CA PHE D 347 37.62 -37.40 -19.05
C PHE D 347 37.75 -36.40 -20.20
N LYS D 348 36.86 -35.41 -20.22
CA LYS D 348 36.72 -34.50 -21.35
C LYS D 348 37.95 -33.60 -21.53
N PRO D 349 38.06 -32.94 -22.69
CA PRO D 349 39.20 -32.05 -22.93
C PRO D 349 39.07 -30.68 -22.29
N VAL D 350 40.24 -30.08 -22.03
CA VAL D 350 40.39 -28.73 -21.49
C VAL D 350 39.81 -27.69 -22.44
N PRO D 351 39.20 -26.61 -21.93
CA PRO D 351 38.62 -25.62 -22.84
C PRO D 351 39.64 -24.89 -23.69
N HIS D 352 40.68 -24.33 -23.08
CA HIS D 352 41.69 -23.55 -23.79
C HIS D 352 43.07 -24.17 -23.66
N SER D 353 43.87 -24.06 -24.71
CA SER D 353 45.28 -24.53 -24.64
C SER D 353 46.20 -23.32 -24.51
N ILE D 354 46.57 -22.98 -23.28
CA ILE D 354 47.47 -21.81 -23.02
C ILE D 354 48.82 -22.06 -23.68
N PHE D 355 49.32 -23.29 -23.61
CA PHE D 355 50.67 -23.59 -24.16
C PHE D 355 50.57 -23.88 -25.65
N SER D 356 50.38 -22.86 -26.48
CA SER D 356 50.21 -23.21 -27.92
C SER D 356 51.57 -23.11 -28.62
N SER D 357 52.16 -24.26 -28.95
CA SER D 357 53.51 -24.30 -29.57
C SER D 357 53.70 -25.66 -30.28
N SER D 358 54.71 -25.78 -31.13
CA SER D 358 55.01 -27.07 -31.82
C SER D 358 55.50 -28.14 -30.83
N GLY D 359 55.17 -29.42 -31.08
CA GLY D 359 55.66 -30.54 -30.25
C GLY D 359 54.73 -30.91 -29.12
N GLY D 360 54.16 -29.92 -28.43
CA GLY D 360 53.33 -30.16 -27.27
C GLY D 360 51.87 -30.46 -27.56
N ILE D 361 51.50 -31.74 -27.66
CA ILE D 361 50.11 -32.14 -27.81
C ILE D 361 49.59 -32.74 -26.50
N LEU D 362 48.28 -32.58 -26.28
CA LEU D 362 47.60 -33.03 -25.07
C LEU D 362 46.63 -34.17 -25.36
N GLN D 363 46.96 -35.39 -24.91
CA GLN D 363 45.99 -36.48 -24.89
C GLN D 363 45.02 -36.28 -23.73
N PRO D 364 43.73 -36.52 -23.90
CA PRO D 364 42.81 -36.30 -22.79
C PRO D 364 43.20 -37.21 -21.64
N ASN D 365 42.80 -36.82 -20.43
CA ASN D 365 43.16 -37.61 -19.26
C ASN D 365 42.10 -38.68 -19.03
N LYS D 366 42.57 -39.88 -18.68
CA LYS D 366 41.75 -41.06 -18.58
C LYS D 366 42.02 -41.81 -17.29
N LEU D 367 41.02 -42.59 -16.88
CA LEU D 367 41.15 -43.56 -15.80
C LEU D 367 41.15 -44.98 -16.35
N ARG D 368 42.15 -45.77 -15.97
CA ARG D 368 42.24 -47.16 -16.42
C ARG D 368 42.14 -48.08 -15.20
N ILE D 369 41.35 -49.15 -15.35
CA ILE D 369 41.10 -50.09 -14.25
C ILE D 369 41.23 -51.50 -14.77
N VAL D 370 42.03 -52.32 -14.09
CA VAL D 370 42.19 -53.73 -14.41
C VAL D 370 42.10 -54.51 -13.10
N LEU D 371 41.13 -55.41 -13.01
CA LEU D 371 40.92 -56.17 -11.78
C LEU D 371 41.21 -57.66 -11.90
N GLN D 372 40.89 -58.29 -13.04
CA GLN D 372 41.06 -59.72 -13.15
C GLN D 372 41.89 -60.07 -14.40
N PRO D 373 42.89 -60.95 -14.26
CA PRO D 373 43.42 -61.48 -13.01
C PRO D 373 44.46 -60.52 -12.45
N ASP D 374 44.78 -59.48 -13.23
CA ASP D 374 45.70 -58.44 -12.80
C ASP D 374 44.90 -57.34 -12.12
N GLU D 375 45.47 -56.80 -11.06
CA GLU D 375 44.82 -55.74 -10.29
C GLU D 375 45.74 -54.53 -10.37
N THR D 376 45.46 -53.65 -11.33
CA THR D 376 46.39 -52.61 -11.75
C THR D 376 45.55 -51.43 -12.18
N ILE D 377 45.72 -50.30 -11.50
CA ILE D 377 44.90 -49.11 -11.73
C ILE D 377 45.80 -47.89 -11.81
N GLN D 378 45.57 -47.07 -12.83
CA GLN D 378 46.46 -45.96 -13.16
C GLN D 378 45.62 -44.75 -13.54
N ILE D 379 46.28 -43.60 -13.66
CA ILE D 379 45.63 -42.38 -14.13
C ILE D 379 46.53 -41.71 -15.16
N SER D 380 45.91 -41.17 -16.20
CA SER D 380 46.62 -40.49 -17.27
C SER D 380 46.75 -39.02 -16.92
N ILE D 381 47.99 -38.54 -16.83
CA ILE D 381 48.26 -37.14 -16.56
C ILE D 381 49.23 -36.61 -17.60
N MET D 382 49.25 -35.30 -17.76
CA MET D 382 50.18 -34.63 -18.66
C MET D 382 51.29 -34.06 -17.80
N VAL D 383 52.51 -34.53 -18.06
CA VAL D 383 53.68 -34.06 -17.28
C VAL D 383 54.71 -33.51 -18.26
N LYS D 384 55.42 -32.45 -17.87
CA LYS D 384 56.43 -31.83 -18.75
C LYS D 384 57.59 -32.78 -18.97
N GLU D 385 58.11 -32.86 -20.19
CA GLU D 385 59.32 -33.67 -20.47
C GLU D 385 60.46 -32.68 -20.55
N PRO D 386 61.47 -32.71 -19.64
CA PRO D 386 62.48 -31.66 -19.69
C PRO D 386 63.32 -31.62 -20.96
N GLY D 387 63.48 -30.44 -21.55
CA GLY D 387 64.36 -30.26 -22.72
C GLY D 387 64.77 -28.81 -22.84
N LEU D 388 65.90 -28.50 -23.50
CA LEU D 388 66.23 -27.07 -23.72
C LEU D 388 66.12 -26.76 -25.20
N ASP D 389 65.07 -26.04 -25.62
CA ASP D 389 64.97 -25.59 -27.02
C ASP D 389 65.11 -26.80 -27.94
N ARG D 390 64.59 -27.97 -27.56
CA ARG D 390 64.68 -29.09 -28.51
C ARG D 390 63.27 -29.47 -28.91
N ASN D 391 62.95 -29.39 -30.21
CA ASN D 391 61.62 -29.84 -30.69
C ASN D 391 60.57 -29.11 -29.86
N GLY D 392 60.82 -27.84 -29.50
CA GLY D 392 59.85 -27.05 -28.73
C GLY D 392 59.78 -27.48 -27.28
N ALA D 393 58.73 -27.05 -26.56
CA ALA D 393 58.51 -27.51 -25.17
C ALA D 393 58.07 -28.97 -25.19
N HIS D 394 58.40 -29.74 -24.16
CA HIS D 394 58.10 -31.20 -24.18
C HIS D 394 57.13 -31.59 -23.06
N MET D 395 56.10 -32.35 -23.41
CA MET D 395 55.13 -32.84 -22.40
C MET D 395 54.85 -34.33 -22.64
N ARG D 396 54.97 -35.17 -21.61
CA ARG D 396 54.76 -36.60 -21.71
C ARG D 396 53.47 -37.01 -20.99
N GLU D 397 52.77 -37.97 -21.57
CA GLU D 397 51.65 -38.61 -20.89
C GLU D 397 52.21 -39.78 -20.08
N VAL D 398 52.22 -39.62 -18.75
CA VAL D 398 52.77 -40.64 -17.87
C VAL D 398 51.66 -41.09 -16.92
N TRP D 399 51.95 -42.08 -16.07
CA TRP D 399 50.91 -42.80 -15.34
C TRP D 399 51.24 -42.93 -13.85
N LEU D 400 50.28 -42.56 -13.00
CA LEU D 400 50.32 -42.91 -11.59
C LEU D 400 49.82 -44.34 -11.43
N ASP D 401 50.71 -45.27 -11.10
CA ASP D 401 50.40 -46.70 -11.13
C ASP D 401 50.18 -47.27 -9.74
N LEU D 402 49.23 -48.20 -9.63
CA LEU D 402 48.94 -48.85 -8.34
C LEU D 402 48.44 -50.28 -8.59
N SER D 403 49.12 -51.29 -8.03
CA SER D 403 48.59 -52.66 -8.16
C SER D 403 48.18 -53.17 -6.78
N LEU D 404 46.90 -53.52 -6.61
CA LEU D 404 46.39 -54.10 -5.35
C LEU D 404 47.08 -55.45 -5.10
N THR D 405 47.29 -56.22 -6.16
CA THR D 405 47.79 -57.61 -5.97
C THR D 405 49.16 -57.63 -5.29
N ASP D 406 50.09 -56.77 -5.69
CA ASP D 406 51.40 -56.74 -4.98
C ASP D 406 51.22 -56.30 -3.51
N VAL D 407 50.41 -55.27 -3.27
CA VAL D 407 50.25 -54.72 -1.90
C VAL D 407 49.63 -55.77 -0.98
N PHE D 408 48.67 -56.53 -1.48
CA PHE D 408 47.90 -57.49 -0.64
C PHE D 408 48.33 -58.93 -0.90
N LYS D 409 49.51 -59.16 -1.48
CA LYS D 409 49.92 -60.53 -1.84
C LYS D 409 49.98 -61.39 -0.57
N ASP D 410 50.47 -60.82 0.53
CA ASP D 410 50.47 -61.55 1.82
C ASP D 410 49.03 -61.85 2.26
N ARG D 411 48.03 -61.21 1.65
CA ARG D 411 46.59 -61.38 2.04
C ARG D 411 45.89 -62.64 1.53
N LYS D 412 44.56 -62.58 1.33
CA LYS D 412 43.75 -63.76 1.07
C LYS D 412 44.12 -64.50 -0.22
N ARG D 413 43.95 -63.85 -1.36
CA ARG D 413 43.98 -64.53 -2.66
C ARG D 413 43.02 -65.71 -2.62
N ARG D 414 41.76 -65.40 -2.34
CA ARG D 414 40.72 -66.40 -2.13
C ARG D 414 40.04 -66.76 -3.45
N ILE D 415 38.81 -67.25 -3.36
CA ILE D 415 37.96 -67.55 -4.52
C ILE D 415 36.76 -66.62 -4.44
N ALA D 416 36.31 -66.11 -5.58
CA ALA D 416 35.19 -65.17 -5.58
C ALA D 416 34.01 -65.66 -4.74
N TYR D 417 33.78 -66.98 -4.69
CA TYR D 417 32.77 -67.54 -3.82
C TYR D 417 33.44 -67.88 -2.49
N GLU D 418 33.11 -67.14 -1.44
CA GLU D 418 33.64 -67.37 -0.10
C GLU D 418 32.69 -66.78 0.95
N ARG D 419 32.39 -65.48 0.85
CA ARG D 419 31.61 -64.85 1.89
C ARG D 419 30.12 -65.07 1.71
N LEU D 420 29.67 -65.16 0.44
CA LEU D 420 28.25 -65.27 0.10
C LEU D 420 27.52 -66.32 0.94
N MET D 421 28.22 -67.34 1.39
CA MET D 421 27.57 -68.37 2.20
C MET D 421 27.17 -67.83 3.57
N LEU D 422 27.97 -66.94 4.14
CA LEU D 422 27.67 -66.45 5.51
C LEU D 422 26.53 -65.41 5.48
N ASP D 423 26.41 -64.63 4.40
CA ASP D 423 25.42 -63.52 4.35
C ASP D 423 23.98 -64.03 4.44
N LEU D 424 23.65 -65.16 3.81
CA LEU D 424 22.24 -65.63 3.72
C LEU D 424 21.62 -65.94 5.08
N ILE D 425 22.35 -66.55 6.01
CA ILE D 425 21.68 -66.99 7.27
C ILE D 425 21.30 -65.82 8.16
N GLU D 426 20.03 -65.72 8.57
CA GLU D 426 19.60 -64.72 9.58
C GLU D 426 20.05 -63.34 9.12
N GLY D 427 19.96 -63.05 7.82
CA GLY D 427 20.54 -61.77 7.38
C GLY D 427 19.97 -61.19 6.12
N ASP D 428 20.19 -59.88 5.92
CA ASP D 428 19.79 -59.23 4.65
C ASP D 428 21.09 -59.01 3.86
N ALA D 429 21.23 -59.67 2.71
CA ALA D 429 22.44 -59.60 1.89
C ALA D 429 22.32 -58.52 0.82
N THR D 430 23.44 -57.87 0.52
CA THR D 430 23.53 -56.83 -0.49
C THR D 430 23.98 -57.35 -1.85
N LEU D 431 24.59 -58.54 -1.91
CA LEU D 431 25.35 -59.00 -3.06
C LEU D 431 24.56 -59.90 -4.02
N PHE D 432 23.24 -59.84 -4.02
CA PHE D 432 22.48 -60.73 -4.88
C PHE D 432 21.65 -59.90 -5.83
N VAL D 433 21.49 -60.42 -7.05
CA VAL D 433 20.73 -59.70 -8.05
C VAL D 433 19.25 -59.82 -7.70
N ARG D 434 18.46 -58.88 -8.22
CA ARG D 434 17.05 -58.87 -7.86
C ARG D 434 16.22 -58.99 -9.13
N ARG D 435 15.01 -59.49 -8.95
CA ARG D 435 14.19 -59.87 -10.09
C ARG D 435 13.93 -58.69 -11.01
N ASP D 436 13.80 -57.48 -10.44
CA ASP D 436 13.64 -56.30 -11.27
C ASP D 436 14.93 -55.92 -11.98
N GLU D 437 16.08 -56.18 -11.37
CA GLU D 437 17.32 -56.02 -12.11
C GLU D 437 17.40 -57.05 -13.23
N VAL D 438 17.11 -58.31 -12.91
CA VAL D 438 17.14 -59.33 -13.97
C VAL D 438 16.01 -59.10 -14.96
N GLU D 439 14.85 -58.61 -14.49
CA GLU D 439 13.79 -58.24 -15.40
C GLU D 439 14.24 -57.10 -16.30
N ALA D 440 14.79 -56.04 -15.70
CA ALA D 440 15.25 -54.91 -16.49
C ALA D 440 16.48 -55.28 -17.30
N GLN D 441 17.27 -56.24 -16.82
CA GLN D 441 18.31 -56.82 -17.67
C GLN D 441 17.67 -57.46 -18.90
N TRP D 442 16.66 -58.30 -18.69
CA TRP D 442 16.05 -59.04 -19.80
C TRP D 442 15.28 -58.13 -20.74
N ILE D 443 14.56 -57.13 -20.21
CA ILE D 443 13.80 -56.23 -21.08
C ILE D 443 14.73 -55.52 -22.06
N TRP D 444 15.88 -55.06 -21.57
CA TRP D 444 16.87 -54.44 -22.42
C TRP D 444 17.64 -55.48 -23.23
N ILE D 445 17.60 -56.74 -22.79
CA ILE D 445 18.20 -57.81 -23.58
C ILE D 445 17.27 -58.23 -24.72
N ASP D 446 15.96 -58.26 -24.46
CA ASP D 446 15.03 -58.69 -25.49
C ASP D 446 14.81 -57.61 -26.54
N GLY D 447 14.86 -56.33 -26.15
CA GLY D 447 14.61 -55.27 -27.11
C GLY D 447 15.62 -55.23 -28.23
N ILE D 448 16.86 -55.61 -27.95
CA ILE D 448 17.85 -55.74 -29.01
C ILE D 448 17.57 -56.95 -29.87
N ARG D 449 17.24 -58.08 -29.24
CA ARG D 449 17.14 -59.34 -29.97
C ARG D 449 16.03 -59.31 -31.01
N GLU D 450 14.84 -58.82 -30.64
CA GLU D 450 13.83 -58.53 -31.65
C GLU D 450 14.41 -57.69 -32.77
N GLY D 451 15.13 -56.63 -32.42
CA GLY D 451 15.51 -55.63 -33.39
C GLY D 451 16.59 -56.08 -34.35
N TRP D 452 17.53 -56.90 -33.88
CA TRP D 452 18.61 -57.35 -34.76
C TRP D 452 18.25 -58.64 -35.47
N LYS D 453 17.33 -59.42 -34.91
CA LYS D 453 16.67 -60.46 -35.70
C LYS D 453 15.70 -59.83 -36.69
N ALA D 454 15.28 -58.59 -36.45
CA ALA D 454 14.47 -57.85 -37.41
C ALA D 454 15.32 -57.25 -38.51
N ASN D 455 16.55 -56.83 -38.20
CA ASN D 455 17.52 -56.45 -39.22
C ASN D 455 18.24 -57.65 -39.82
N SER D 456 17.83 -58.87 -39.45
CA SER D 456 18.39 -60.12 -39.96
C SER D 456 19.92 -60.13 -39.95
N MET D 457 20.49 -59.79 -38.80
CA MET D 457 21.93 -59.69 -38.65
C MET D 457 22.53 -61.05 -38.33
N LYS D 458 23.63 -61.38 -39.00
CA LYS D 458 24.36 -62.61 -38.74
C LYS D 458 25.78 -62.29 -38.26
N PRO D 459 26.35 -63.11 -37.38
CA PRO D 459 27.71 -62.82 -36.90
C PRO D 459 28.74 -62.94 -38.01
N LYS D 460 29.91 -62.37 -37.75
CA LYS D 460 30.99 -62.27 -38.71
C LYS D 460 32.21 -63.00 -38.19
N THR D 461 32.62 -64.06 -38.87
CA THR D 461 33.79 -64.81 -38.41
C THR D 461 35.01 -63.92 -38.43
N TYR D 462 35.81 -63.99 -37.37
CA TYR D 462 37.11 -63.33 -37.35
C TYR D 462 38.15 -64.39 -37.03
N VAL D 463 39.22 -64.41 -37.81
CA VAL D 463 40.14 -65.54 -37.85
C VAL D 463 40.99 -65.69 -36.59
N SER D 464 40.36 -66.16 -35.51
CA SER D 464 41.02 -66.71 -34.33
C SER D 464 42.07 -65.76 -33.75
N GLY D 465 41.60 -64.66 -33.18
CA GLY D 465 42.51 -63.77 -32.50
C GLY D 465 42.80 -62.49 -33.25
N THR D 466 41.76 -61.82 -33.73
CA THR D 466 41.90 -60.53 -34.38
C THR D 466 41.26 -59.40 -33.57
N TRP D 467 41.13 -59.59 -32.25
CA TRP D 467 40.49 -58.62 -31.37
C TRP D 467 39.06 -58.31 -31.79
N GLY D 468 38.42 -59.22 -32.55
CA GLY D 468 37.05 -59.04 -32.97
C GLY D 468 36.85 -58.97 -34.47
N PRO D 469 35.58 -58.80 -34.88
CA PRO D 469 35.29 -58.50 -36.27
C PRO D 469 35.83 -57.14 -36.66
N ILE D 470 36.28 -57.03 -37.91
CA ILE D 470 36.89 -55.80 -38.39
C ILE D 470 35.96 -54.60 -38.28
N THR D 471 34.67 -54.81 -38.03
CA THR D 471 33.71 -53.71 -38.00
C THR D 471 33.59 -53.03 -36.64
N ALA D 472 34.02 -53.67 -35.55
CA ALA D 472 33.94 -53.02 -34.25
C ALA D 472 34.96 -51.91 -34.05
N ILE D 473 35.94 -51.78 -34.95
CA ILE D 473 36.91 -50.71 -34.80
C ILE D 473 36.35 -49.40 -35.33
N ALA D 474 35.47 -49.48 -36.33
CA ALA D 474 34.83 -48.28 -36.86
C ALA D 474 33.70 -47.81 -35.97
N LEU D 475 33.19 -48.68 -35.10
CA LEU D 475 32.18 -48.26 -34.13
C LEU D 475 32.69 -47.13 -33.24
N VAL D 476 34.01 -46.95 -33.15
CA VAL D 476 34.60 -45.80 -32.48
C VAL D 476 35.45 -44.96 -33.42
N GLU D 477 36.18 -45.60 -34.34
CA GLU D 477 37.11 -44.85 -35.19
C GLU D 477 36.39 -43.82 -36.06
N ARG D 478 35.14 -44.09 -36.43
CA ARG D 478 34.33 -43.06 -37.09
C ARG D 478 33.92 -41.95 -36.13
N ASP D 479 33.82 -42.23 -34.84
CA ASP D 479 33.40 -41.23 -33.86
C ASP D 479 34.57 -40.48 -33.26
N GLY D 480 35.78 -40.68 -33.77
CA GLY D 480 36.98 -40.04 -33.26
C GLY D 480 37.65 -40.90 -32.22
N VAL D 481 36.83 -41.56 -31.38
CA VAL D 481 37.35 -42.50 -30.41
C VAL D 481 38.14 -43.59 -31.12
N THR D 482 39.18 -44.10 -30.47
CA THR D 482 39.88 -45.27 -30.96
C THR D 482 39.93 -46.30 -29.84
N TRP D 483 39.83 -47.57 -30.19
CA TRP D 483 39.86 -48.65 -29.16
C TRP D 483 41.13 -48.51 -28.33
N TYR D 484 41.00 -48.29 -27.02
CA TYR D 484 42.22 -48.03 -26.20
C TYR D 484 43.05 -49.29 -26.03
N ASP D 485 44.37 -49.16 -26.22
CA ASP D 485 45.31 -50.30 -26.03
C ASP D 485 46.54 -49.76 -25.30
N LEU D 486 47.31 -50.64 -24.65
CA LEU D 486 48.44 -50.14 -23.82
C LEU D 486 49.41 -49.39 -24.72
N GLU D 487 49.95 -48.26 -24.24
CA GLU D 487 50.82 -47.44 -25.11
C GLU D 487 52.02 -48.29 -25.47
N HIS D 488 52.56 -49.01 -24.49
CA HIS D 488 53.63 -49.97 -24.86
C HIS D 488 52.90 -51.04 -25.67
N HIS D 489 53.47 -51.45 -26.80
CA HIS D 489 52.87 -52.52 -27.65
C HIS D 489 51.81 -51.93 -28.57
N HIS D 490 51.55 -50.62 -28.47
CA HIS D 490 50.63 -49.96 -29.43
C HIS D 490 51.39 -48.96 -30.30
N HIS D 491 52.72 -48.88 -30.17
CA HIS D 491 53.44 -47.79 -30.87
C HIS D 491 54.54 -48.31 -31.80
N HIS D 492 54.97 -47.46 -32.73
CA HIS D 492 55.99 -47.91 -33.72
C HIS D 492 56.75 -46.68 -34.24
N HIS D 493 58.03 -46.57 -33.92
CA HIS D 493 58.89 -45.47 -34.37
C HIS D 493 58.42 -44.13 -33.82
N THR E 4 -12.50 34.50 52.21
CA THR E 4 -13.56 35.54 52.13
C THR E 4 -13.13 36.78 52.92
N VAL E 5 -13.29 37.96 52.33
CA VAL E 5 -12.91 39.24 53.00
C VAL E 5 -13.80 39.54 54.20
N SER E 6 -13.24 40.05 55.29
CA SER E 6 -14.05 40.43 56.47
C SER E 6 -14.28 41.94 56.66
N THR E 7 -13.76 42.81 55.79
CA THR E 7 -13.89 44.28 56.11
C THR E 7 -14.11 45.13 54.86
N MET E 8 -14.87 46.23 54.99
CA MET E 8 -15.17 47.01 53.81
C MET E 8 -15.09 48.50 54.13
N ILE E 9 -14.48 49.27 53.22
CA ILE E 9 -14.13 50.66 53.46
C ILE E 9 -14.81 51.54 52.41
N LEU E 10 -15.48 52.61 52.87
CA LEU E 10 -16.36 53.44 52.04
C LEU E 10 -15.99 54.92 52.09
N PHE E 11 -15.82 55.52 50.91
CA PHE E 11 -15.52 56.95 50.78
C PHE E 11 -16.53 57.65 49.89
N GLY E 12 -17.27 58.64 50.42
CA GLY E 12 -18.14 59.45 49.54
C GLY E 12 -19.62 59.11 49.56
N SER E 13 -20.23 59.00 50.75
CA SER E 13 -21.69 58.79 50.84
C SER E 13 -22.43 59.99 50.25
N THR E 14 -21.94 61.20 50.50
CA THR E 14 -22.61 62.47 50.09
C THR E 14 -22.77 62.61 48.59
N GLY E 15 -21.80 62.15 47.79
CA GLY E 15 -21.83 62.45 46.35
C GLY E 15 -23.11 61.92 45.75
N ASP E 16 -23.70 62.67 44.82
CA ASP E 16 -25.07 62.33 44.34
C ASP E 16 -25.08 60.94 43.70
N LEU E 17 -24.06 60.62 42.93
CA LEU E 17 -24.01 59.28 42.32
C LEU E 17 -24.10 58.22 43.42
N SER E 18 -23.24 58.31 44.43
CA SER E 18 -23.21 57.28 45.50
C SER E 18 -24.52 57.25 46.29
N GLN E 19 -25.09 58.41 46.60
CA GLN E 19 -26.33 58.47 47.39
C GLN E 19 -27.48 57.81 46.61
N ARG E 20 -27.56 58.08 45.31
CA ARG E 20 -28.70 57.57 44.50
C ARG E 20 -28.71 56.05 44.46
N MET E 21 -27.55 55.41 44.33
CA MET E 21 -27.54 53.93 44.38
C MET E 21 -26.34 53.37 45.14
N LEU E 22 -26.48 52.20 45.76
CA LEU E 22 -25.41 51.45 46.47
C LEU E 22 -25.42 51.72 47.98
N LEU E 23 -26.00 52.83 48.44
CA LEU E 23 -26.23 52.94 49.90
C LEU E 23 -27.27 51.85 50.17
N PRO E 24 -28.29 51.72 49.28
CA PRO E 24 -29.28 50.63 49.33
C PRO E 24 -28.62 49.26 49.08
N SER E 25 -27.56 49.21 48.28
CA SER E 25 -26.99 47.90 47.90
C SER E 25 -26.60 47.20 49.20
N LEU E 26 -26.09 47.95 50.17
CA LEU E 26 -25.82 47.33 51.48
C LEU E 26 -27.16 46.85 52.05
N TYR E 27 -28.22 47.66 51.89
CA TYR E 27 -29.57 47.26 52.36
C TYR E 27 -30.04 46.02 51.59
N GLY E 28 -29.78 45.97 50.29
CA GLY E 28 -30.20 44.82 49.47
C GLY E 28 -29.51 43.58 49.97
N LEU E 29 -28.24 43.70 50.35
CA LEU E 29 -27.52 42.54 50.96
C LEU E 29 -28.09 42.31 52.37
N ASP E 30 -28.57 43.37 53.02
CA ASP E 30 -29.17 43.18 54.35
C ASP E 30 -30.66 42.92 54.21
N ASP E 37 -23.01 39.71 57.94
CA ASP E 37 -22.79 38.73 58.99
C ASP E 37 -21.69 39.22 59.95
N ASP E 38 -20.50 38.64 59.79
CA ASP E 38 -19.29 39.09 60.50
C ASP E 38 -18.63 40.17 59.66
N LEU E 39 -19.19 41.38 59.74
CA LEU E 39 -18.83 42.44 58.82
C LEU E 39 -18.35 43.70 59.54
N ARG E 40 -17.49 44.45 58.86
CA ARG E 40 -17.07 45.78 59.31
C ARG E 40 -17.12 46.70 58.10
N ILE E 41 -18.14 47.54 58.01
CA ILE E 41 -18.26 48.54 56.97
C ILE E 41 -17.57 49.80 57.48
N VAL E 42 -16.44 50.14 56.89
CA VAL E 42 -15.70 51.34 57.27
C VAL E 42 -16.11 52.44 56.30
N CYS E 43 -16.72 53.49 56.83
CA CYS E 43 -17.24 54.57 56.01
C CYS E 43 -16.42 55.82 56.27
N THR E 44 -16.20 56.61 55.24
CA THR E 44 -15.31 57.75 55.40
C THR E 44 -15.77 58.88 54.50
N SER E 45 -15.99 60.02 55.14
CA SER E 45 -16.25 61.32 54.53
C SER E 45 -16.13 62.31 55.68
N ARG E 46 -16.09 63.59 55.35
CA ARG E 46 -16.02 64.59 56.40
C ARG E 46 -17.42 65.09 56.77
N PHE E 79 -23.64 43.16 60.56
CA PHE E 79 -25.01 43.72 60.60
C PHE E 79 -24.91 45.17 61.04
N LEU E 80 -25.58 45.54 62.13
CA LEU E 80 -25.49 46.90 62.70
C LEU E 80 -24.04 47.15 63.13
N ASN E 81 -23.37 46.12 63.64
CA ASN E 81 -22.01 46.23 64.22
C ASN E 81 -21.02 46.73 63.17
N LYS E 82 -21.15 46.33 61.90
CA LYS E 82 -20.16 46.67 60.85
C LYS E 82 -20.01 48.18 60.62
N LEU E 83 -21.08 48.97 60.68
CA LEU E 83 -20.97 50.41 60.31
C LEU E 83 -20.00 51.16 61.24
N PHE E 84 -19.10 51.99 60.68
CA PHE E 84 -18.07 52.76 61.46
C PHE E 84 -17.77 54.12 60.80
N TYR E 85 -17.86 55.23 61.55
CA TYR E 85 -17.68 56.59 60.93
C TYR E 85 -16.60 57.44 61.61
N ALA E 86 -15.80 58.17 60.81
CA ALA E 86 -14.76 59.08 61.38
C ALA E 86 -14.69 60.39 60.57
N THR E 87 -14.71 61.55 61.25
CA THR E 87 -14.68 62.88 60.59
C THR E 87 -13.29 63.53 60.62
N VAL E 88 -12.22 62.79 60.92
CA VAL E 88 -10.89 63.44 61.20
C VAL E 88 -10.05 63.99 60.03
N ASP E 89 -10.03 63.38 58.84
CA ASP E 89 -9.03 63.85 57.83
C ASP E 89 -9.25 65.32 57.42
N ILE E 90 -8.16 66.09 57.39
CA ILE E 90 -8.20 67.54 57.01
C ILE E 90 -7.32 67.80 55.78
N THR E 91 -7.05 66.79 54.96
CA THR E 91 -6.06 66.96 53.85
C THR E 91 -4.71 67.28 54.50
N ASP E 92 -4.43 66.66 55.65
CA ASP E 92 -3.16 66.90 56.38
C ASP E 92 -2.33 65.62 56.41
N PRO E 93 -1.02 65.67 56.09
CA PRO E 93 -0.15 64.50 56.15
C PRO E 93 -0.16 64.07 57.62
N THR E 94 -0.17 65.04 58.52
CA THR E 94 -0.23 64.73 59.98
C THR E 94 -1.53 63.97 60.25
N GLN E 95 -2.64 64.34 59.61
CA GLN E 95 -3.89 63.64 59.97
C GLN E 95 -3.89 62.34 59.17
N PHE E 96 -3.69 61.23 59.84
CA PHE E 96 -3.60 59.90 59.20
C PHE E 96 -3.89 58.85 60.27
N GLY E 97 -4.13 57.60 59.87
CA GLY E 97 -4.26 56.55 60.89
C GLY E 97 -5.66 56.36 61.43
N LYS E 98 -5.84 55.44 62.37
CA LYS E 98 -7.17 55.05 62.90
C LYS E 98 -7.70 54.03 61.89
N ILE E 99 -6.90 53.74 60.86
CA ILE E 99 -7.26 52.67 59.89
C ILE E 99 -7.27 51.34 60.63
N ALA E 100 -6.30 51.13 61.50
CA ALA E 100 -6.19 49.85 62.23
C ALA E 100 -7.19 49.84 63.39
N ASP E 101 -7.51 51.03 63.92
CA ASP E 101 -8.57 51.11 64.96
C ASP E 101 -9.82 50.41 64.43
N LEU E 102 -10.18 50.63 63.16
CA LEU E 102 -11.35 49.91 62.60
C LEU E 102 -10.97 48.43 62.57
N CYS E 103 -11.95 47.55 62.77
CA CYS E 103 -11.67 46.10 62.95
C CYS E 103 -11.51 45.31 61.65
N GLY E 104 -10.28 45.00 61.25
CA GLY E 104 -10.09 44.06 60.13
C GLY E 104 -9.26 42.89 60.63
N PRO E 105 -9.69 41.62 60.48
CA PRO E 105 -8.84 40.49 60.85
C PRO E 105 -7.83 40.35 59.71
N VAL E 106 -6.54 40.29 60.03
CA VAL E 106 -5.51 40.26 58.95
C VAL E 106 -5.71 38.99 58.13
N GLU E 107 -6.07 37.89 58.78
CA GLU E 107 -6.24 36.59 58.07
C GLU E 107 -7.51 36.64 57.22
N LYS E 108 -8.58 37.25 57.73
CA LYS E 108 -9.88 37.30 57.01
C LYS E 108 -9.80 38.08 55.70
N GLY E 109 -9.09 39.21 55.67
CA GLY E 109 -9.05 40.07 54.47
C GLY E 109 -10.14 41.13 54.45
N ILE E 110 -10.15 41.99 53.42
CA ILE E 110 -11.10 43.15 53.38
C ILE E 110 -11.33 43.62 51.94
N ALA E 111 -12.39 44.41 51.69
CA ALA E 111 -12.66 44.99 50.35
C ALA E 111 -12.69 46.54 50.42
N ILE E 112 -12.01 47.23 49.49
CA ILE E 112 -11.93 48.72 49.53
C ILE E 112 -12.49 49.35 48.25
N TYR E 113 -12.99 50.60 48.33
CA TYR E 113 -13.61 51.30 47.21
C TYR E 113 -12.93 52.64 46.98
N LEU E 114 -12.35 52.82 45.79
CA LEU E 114 -11.68 54.06 45.44
C LEU E 114 -12.45 54.75 44.31
N SER E 115 -13.16 55.83 44.65
CA SER E 115 -13.84 56.63 43.64
C SER E 115 -13.41 58.09 43.76
N THR E 116 -12.15 58.40 43.50
CA THR E 116 -11.70 59.77 43.65
C THR E 116 -11.30 60.34 42.29
N SER E 117 -10.85 61.57 42.31
CA SER E 117 -10.44 62.23 41.08
C SER E 117 -8.93 62.13 40.88
N PRO E 118 -8.45 62.37 39.63
CA PRO E 118 -7.01 62.26 39.36
C PRO E 118 -6.10 63.00 40.34
N SER E 119 -4.86 62.49 40.40
CA SER E 119 -3.77 62.92 41.27
C SER E 119 -3.96 62.60 42.75
N LEU E 120 -5.16 62.17 43.15
CA LEU E 120 -5.35 61.78 44.57
C LEU E 120 -5.19 60.27 44.77
N PHE E 121 -5.49 59.43 43.78
CA PHE E 121 -5.28 57.98 44.06
C PHE E 121 -3.79 57.77 44.31
N GLU E 122 -2.96 58.41 43.50
CA GLU E 122 -1.49 58.39 43.75
C GLU E 122 -1.26 59.12 45.06
N GLY E 123 -2.03 60.18 45.30
CA GLY E 123 -1.82 61.03 46.49
C GLY E 123 -1.99 60.29 47.78
N ALA E 124 -2.96 59.38 47.91
CA ALA E 124 -3.02 58.67 49.20
C ALA E 124 -3.12 57.16 49.03
N ILE E 125 -2.04 56.51 48.55
CA ILE E 125 -2.01 55.02 48.52
C ILE E 125 -1.22 54.58 49.75
N ALA E 126 -0.77 55.54 50.57
CA ALA E 126 0.03 55.25 51.77
C ALA E 126 -0.79 54.43 52.77
N GLY E 127 -2.07 54.74 52.91
CA GLY E 127 -2.91 54.04 53.89
C GLY E 127 -2.96 52.57 53.55
N LEU E 128 -3.04 52.23 52.26
CA LEU E 128 -3.01 50.82 51.82
C LEU E 128 -1.66 50.18 52.18
N LYS E 129 -0.54 50.89 52.03
CA LYS E 129 0.77 50.34 52.48
C LYS E 129 0.75 50.36 54.00
N GLN E 130 0.22 51.41 54.59
CA GLN E 130 0.00 51.47 56.03
C GLN E 130 -1.05 50.46 56.47
N ALA E 131 -1.89 49.99 55.55
CA ALA E 131 -2.68 48.79 55.74
C ALA E 131 -2.05 47.59 55.03
N GLY E 132 -0.80 47.73 54.60
CA GLY E 132 0.01 46.67 54.01
C GLY E 132 -0.69 45.84 52.96
N LEU E 133 -1.23 46.48 51.93
CA LEU E 133 -2.13 45.85 50.98
C LEU E 133 -1.38 45.47 49.71
N ALA E 134 -0.93 44.22 49.68
CA ALA E 134 -0.32 43.60 48.51
C ALA E 134 -0.23 42.09 48.75
N GLY E 135 0.57 41.40 47.96
CA GLY E 135 0.76 39.98 48.12
C GLY E 135 -0.56 39.21 48.11
N PRO E 136 -0.69 38.24 49.00
CA PRO E 136 -1.91 37.43 49.02
C PRO E 136 -3.04 38.11 49.75
N THR E 137 -2.94 39.43 49.90
CA THR E 137 -3.80 40.18 50.82
C THR E 137 -4.04 41.56 50.19
N SER E 138 -4.96 41.61 49.22
CA SER E 138 -5.34 42.89 48.64
C SER E 138 -6.48 42.74 47.63
N ARG E 139 -7.39 43.72 47.59
CA ARG E 139 -8.33 43.88 46.49
C ARG E 139 -8.93 45.29 46.51
N LEU E 140 -8.83 46.00 45.38
CA LEU E 140 -9.25 47.39 45.26
C LEU E 140 -10.36 47.54 44.24
N ALA E 141 -11.28 48.47 44.49
CA ALA E 141 -12.40 48.73 43.59
C ALA E 141 -12.32 50.15 43.06
N LEU E 142 -12.44 50.31 41.73
CA LEU E 142 -12.31 51.65 41.06
C LEU E 142 -13.38 51.88 40.00
N GLU E 143 -14.62 52.20 40.38
CA GLU E 143 -15.75 52.48 39.43
C GLU E 143 -15.53 53.71 38.55
N LYS E 144 -14.98 54.81 39.08
CA LYS E 144 -14.92 56.10 38.32
C LYS E 144 -14.04 55.92 37.08
N PRO E 145 -14.31 56.63 35.95
CA PRO E 145 -13.59 56.34 34.73
C PRO E 145 -12.10 56.55 34.96
N LEU E 146 -11.30 55.57 34.56
CA LEU E 146 -9.85 55.63 34.86
C LEU E 146 -9.05 55.98 33.61
N GLY E 147 -9.72 56.30 32.50
CA GLY E 147 -8.91 56.49 31.29
C GLY E 147 -9.50 57.38 30.22
N GLN E 148 -8.64 57.89 29.33
CA GLN E 148 -9.10 58.64 28.14
C GLN E 148 -8.25 58.11 26.98
N ASP E 149 -7.02 57.69 27.29
CA ASP E 149 -6.20 57.10 26.25
C ASP E 149 -5.47 55.88 26.83
N LEU E 150 -4.62 55.28 26.00
CA LEU E 150 -3.77 54.18 26.45
C LEU E 150 -2.87 54.61 27.60
N ALA E 151 -2.12 55.70 27.42
CA ALA E 151 -1.13 56.12 28.40
C ALA E 151 -1.73 56.33 29.79
N SER E 152 -2.85 57.06 29.86
CA SER E 152 -3.48 57.31 31.15
C SER E 152 -3.92 56.00 31.81
N SER E 153 -4.63 55.15 31.07
CA SER E 153 -5.04 53.86 31.62
C SER E 153 -3.84 53.07 32.12
N ASP E 154 -2.74 53.10 31.37
CA ASP E 154 -1.51 52.46 31.85
C ASP E 154 -0.92 53.24 33.01
N HIS E 155 -0.79 54.56 32.83
CA HIS E 155 -0.33 55.45 33.89
C HIS E 155 -1.02 55.08 35.20
N ILE E 156 -2.35 55.05 35.17
CA ILE E 156 -3.13 54.69 36.34
C ILE E 156 -2.94 53.22 36.70
N ASN E 157 -3.24 52.32 35.76
CA ASN E 157 -3.28 50.89 36.08
C ASN E 157 -1.90 50.33 36.39
N ASP E 158 -0.87 50.80 35.70
CA ASP E 158 0.47 50.33 36.00
C ASP E 158 1.07 51.02 37.22
N ALA E 159 0.61 52.23 37.57
CA ALA E 159 0.99 52.83 38.83
C ALA E 159 0.08 52.42 39.97
N VAL E 160 -1.05 51.80 39.67
CA VAL E 160 -1.85 51.15 40.69
C VAL E 160 -1.30 49.75 40.95
N LEU E 161 -0.94 49.03 39.88
CA LEU E 161 -0.38 47.70 40.02
C LEU E 161 1.04 47.71 40.62
N LYS E 162 1.54 48.79 41.20
CA LYS E 162 2.83 48.76 41.89
C LYS E 162 2.64 48.45 43.36
N VAL E 163 1.42 48.61 43.84
CA VAL E 163 1.02 48.21 45.17
C VAL E 163 0.10 47.00 45.14
N PHE E 164 -0.81 46.96 44.17
CA PHE E 164 -1.82 45.91 44.03
C PHE E 164 -1.51 45.04 42.81
N SER E 165 -2.33 44.01 42.61
CA SER E 165 -2.29 43.17 41.41
C SER E 165 -3.64 43.21 40.72
N GLU E 166 -3.78 42.42 39.64
CA GLU E 166 -5.06 42.34 38.93
C GLU E 166 -6.11 41.64 39.77
N LYS E 167 -5.71 40.61 40.53
CA LYS E 167 -6.63 39.99 41.48
C LYS E 167 -6.98 40.91 42.64
N GLN E 168 -6.23 42.01 42.72
CA GLN E 168 -6.43 43.00 43.81
C GLN E 168 -7.03 44.25 43.17
N VAL E 169 -7.33 44.20 41.88
CA VAL E 169 -8.04 45.35 41.25
C VAL E 169 -9.36 44.82 40.65
N TYR E 170 -10.48 45.49 40.96
CA TYR E 170 -11.77 45.12 40.36
C TYR E 170 -12.31 46.31 39.58
N ARG E 171 -12.67 46.12 38.31
CA ARG E 171 -13.15 47.25 37.48
C ARG E 171 -14.63 47.01 37.24
N ILE E 172 -15.47 47.98 37.56
CA ILE E 172 -16.94 47.72 37.49
C ILE E 172 -17.54 48.29 36.21
N ASP E 173 -18.02 47.44 35.31
CA ASP E 173 -18.77 47.94 34.16
C ASP E 173 -20.24 47.79 34.48
N HIS E 174 -20.93 48.92 34.65
CA HIS E 174 -22.28 48.94 35.23
C HIS E 174 -23.30 48.21 34.36
N TYR E 175 -23.03 48.04 33.07
CA TYR E 175 -24.00 47.33 32.24
C TYR E 175 -23.98 45.84 32.50
N LEU E 176 -22.79 45.25 32.57
CA LEU E 176 -22.66 43.81 32.77
C LEU E 176 -23.40 43.30 34.00
N GLY E 177 -23.72 44.16 34.97
CA GLY E 177 -24.41 43.68 36.15
C GLY E 177 -25.90 43.51 35.98
N LYS E 178 -26.45 43.98 34.86
CA LYS E 178 -27.86 43.80 34.58
C LYS E 178 -28.15 42.34 34.25
N GLU E 179 -29.27 41.83 34.77
CA GLU E 179 -29.61 40.44 34.56
C GLU E 179 -29.72 40.12 33.08
N THR E 180 -30.39 41.01 32.32
CA THR E 180 -30.50 40.84 30.88
C THR E 180 -29.15 40.72 30.19
N VAL E 181 -28.11 41.29 30.79
CA VAL E 181 -26.77 41.19 30.21
C VAL E 181 -26.07 39.90 30.64
N GLN E 182 -26.27 39.49 31.89
CA GLN E 182 -25.64 38.25 32.36
C GLN E 182 -26.34 37.03 31.79
N ASN E 183 -27.67 37.12 31.63
CA ASN E 183 -28.47 35.97 31.12
C ASN E 183 -28.33 35.87 29.60
N LEU E 184 -27.55 36.75 28.99
CA LEU E 184 -27.33 36.66 27.54
C LEU E 184 -26.61 35.32 27.28
N LEU E 185 -25.68 34.96 28.16
CA LEU E 185 -24.89 33.69 28.01
C LEU E 185 -25.77 32.44 28.10
N THR E 186 -26.74 32.42 29.02
CA THR E 186 -27.58 31.20 29.24
C THR E 186 -28.36 30.85 27.97
N LEU E 187 -28.88 31.86 27.27
CA LEU E 187 -29.66 31.63 26.03
C LEU E 187 -28.77 31.00 24.95
N ARG E 188 -27.52 31.44 24.85
CA ARG E 188 -26.66 30.93 23.76
C ARG E 188 -26.04 29.58 24.12
N PHE E 189 -25.63 29.40 25.37
CA PHE E 189 -24.94 28.17 25.73
C PHE E 189 -25.79 27.22 26.57
N GLY E 190 -26.99 27.64 26.96
CA GLY E 190 -27.98 26.71 27.45
C GLY E 190 -28.98 26.26 26.39
N ASN E 191 -28.80 26.70 25.14
CA ASN E 191 -29.70 26.32 24.05
C ASN E 191 -28.87 26.05 22.80
N ALA E 192 -29.27 25.03 22.04
CA ALA E 192 -28.56 24.60 20.84
C ALA E 192 -29.16 25.13 19.55
N LEU E 193 -30.29 25.84 19.62
CA LEU E 193 -30.99 26.31 18.43
C LEU E 193 -30.34 27.55 17.82
N PHE E 194 -29.52 28.27 18.59
CA PHE E 194 -28.92 29.53 18.17
C PHE E 194 -27.52 29.35 17.59
N GLU E 195 -26.75 28.40 18.12
CA GLU E 195 -25.32 28.23 17.87
C GLU E 195 -24.96 27.72 16.47
N PRO E 196 -25.77 26.89 15.82
CA PRO E 196 -25.44 26.50 14.44
C PRO E 196 -25.46 27.67 13.47
N LEU E 197 -26.16 28.75 13.81
CA LEU E 197 -26.30 29.90 12.93
C LEU E 197 -25.47 31.09 13.39
N TRP E 198 -24.83 31.01 14.56
CA TRP E 198 -24.00 32.07 15.12
C TRP E 198 -22.60 32.10 14.50
N ASN E 199 -22.52 32.57 13.26
CA ASN E 199 -21.24 32.58 12.57
C ASN E 199 -21.30 33.54 11.38
N SER E 200 -20.30 33.45 10.49
CA SER E 200 -20.35 34.20 9.23
C SER E 200 -21.42 33.65 8.31
N LYS E 201 -21.52 32.33 8.24
CA LYS E 201 -22.61 31.70 7.46
C LYS E 201 -23.86 31.67 8.34
N GLY E 202 -25.02 31.98 7.78
CA GLY E 202 -26.28 31.87 8.55
C GLY E 202 -26.62 33.12 9.32
N ILE E 203 -25.72 34.12 9.35
CA ILE E 203 -26.13 35.43 9.94
C ILE E 203 -25.79 36.52 8.91
N ASP E 204 -26.79 37.25 8.42
CA ASP E 204 -26.48 38.40 7.52
C ASP E 204 -25.78 39.49 8.31
N HIS E 205 -26.24 39.78 9.53
CA HIS E 205 -25.66 40.93 10.28
C HIS E 205 -26.31 41.11 11.65
N VAL E 206 -25.69 41.95 12.49
CA VAL E 206 -26.12 42.22 13.86
C VAL E 206 -26.27 43.72 14.04
N GLN E 207 -27.28 44.12 14.82
CA GLN E 207 -27.65 45.53 14.99
C GLN E 207 -27.83 45.86 16.46
N ILE E 208 -27.19 46.94 16.91
CA ILE E 208 -27.32 47.44 18.27
C ILE E 208 -27.79 48.89 18.23
N SER E 209 -28.70 49.25 19.12
CA SER E 209 -29.18 50.63 19.20
C SER E 209 -29.59 50.90 20.64
N VAL E 210 -28.90 51.84 21.29
CA VAL E 210 -29.25 52.28 22.67
C VAL E 210 -29.54 53.79 22.62
N ALA E 211 -30.79 54.21 22.78
CA ALA E 211 -31.17 55.64 22.62
C ALA E 211 -31.69 56.21 23.94
N GLU E 212 -31.18 57.37 24.39
CA GLU E 212 -31.61 57.85 25.74
C GLU E 212 -32.70 58.93 25.76
N THR E 213 -32.57 60.00 24.96
CA THR E 213 -33.52 61.16 24.92
C THR E 213 -33.23 62.11 26.09
N VAL E 214 -32.21 61.83 26.92
CA VAL E 214 -32.00 62.62 28.19
C VAL E 214 -31.05 63.84 28.11
N GLY E 215 -30.36 64.10 26.99
CA GLY E 215 -29.38 65.21 26.98
C GLY E 215 -28.30 65.08 28.07
N LEU E 216 -28.00 66.14 28.83
CA LEU E 216 -26.91 66.12 29.84
C LEU E 216 -26.89 67.42 30.65
N GLU E 217 -26.62 67.39 31.96
CA GLU E 217 -26.75 68.64 32.73
C GLU E 217 -26.15 68.47 34.13
N GLY E 218 -25.93 69.56 34.86
CA GLY E 218 -25.47 69.46 36.26
C GLY E 218 -24.10 68.86 36.50
N ARG E 219 -24.01 67.82 37.33
CA ARG E 219 -22.72 67.30 37.84
C ARG E 219 -21.72 66.80 36.79
N ILE E 220 -22.14 66.10 35.74
CA ILE E 220 -21.07 65.53 34.88
C ILE E 220 -20.25 66.70 34.35
N GLY E 221 -18.91 66.58 34.43
CA GLY E 221 -18.05 67.70 34.02
C GLY E 221 -17.25 67.44 32.75
N TYR E 222 -17.04 66.18 32.37
CA TYR E 222 -16.17 65.97 31.19
C TYR E 222 -16.79 64.98 30.20
N PHE E 223 -17.89 65.34 29.53
CA PHE E 223 -18.42 64.47 28.46
C PHE E 223 -17.94 64.97 27.10
N ASP E 224 -17.21 66.09 27.06
CA ASP E 224 -16.85 66.70 25.74
C ASP E 224 -15.63 66.00 25.15
N SER E 225 -14.52 65.92 25.89
CA SER E 225 -13.41 65.17 25.32
C SER E 225 -13.70 63.69 25.21
N SER E 226 -14.53 63.16 26.11
CA SER E 226 -14.85 61.74 26.06
C SER E 226 -15.79 61.44 24.90
N GLY E 227 -17.07 61.77 25.04
CA GLY E 227 -18.04 61.43 24.02
C GLY E 227 -18.72 60.12 24.34
N SER E 228 -19.88 59.92 23.69
CA SER E 228 -20.64 58.70 23.94
C SER E 228 -19.78 57.47 23.71
N LEU E 229 -18.88 57.55 22.72
CA LEU E 229 -17.93 56.46 22.46
C LEU E 229 -17.11 56.14 23.70
N ARG E 230 -16.45 57.16 24.26
CA ARG E 230 -15.63 56.93 25.45
C ARG E 230 -16.49 56.76 26.70
N ASP E 231 -17.66 57.40 26.75
CA ASP E 231 -18.54 57.24 27.90
C ASP E 231 -19.14 55.83 27.94
N MET E 232 -19.88 55.47 26.89
CA MET E 232 -20.67 54.24 26.88
C MET E 232 -20.16 53.19 25.90
N VAL E 233 -19.65 53.59 24.74
CA VAL E 233 -19.34 52.59 23.73
C VAL E 233 -18.00 51.91 24.02
N GLN E 234 -17.03 52.66 24.55
CA GLN E 234 -15.72 52.06 24.81
C GLN E 234 -15.83 50.93 25.83
N SER E 235 -16.68 51.11 26.84
CA SER E 235 -16.86 50.10 27.88
C SER E 235 -18.28 49.55 27.89
N HIS E 236 -19.26 50.32 28.35
CA HIS E 236 -20.60 49.81 28.60
C HIS E 236 -21.14 49.01 27.42
N ILE E 237 -21.17 49.65 26.24
CA ILE E 237 -21.79 49.03 25.06
C ILE E 237 -20.85 48.05 24.38
N LEU E 238 -19.56 48.06 24.71
CA LEU E 238 -18.63 47.07 24.18
C LEU E 238 -18.71 45.73 24.88
N GLN E 239 -19.15 45.68 26.14
CA GLN E 239 -19.32 44.38 26.79
C GLN E 239 -20.38 43.54 26.10
N LEU E 240 -21.41 44.18 25.54
CA LEU E 240 -22.43 43.42 24.80
C LEU E 240 -21.85 42.76 23.57
N VAL E 241 -20.96 43.46 22.86
CA VAL E 241 -20.35 42.87 21.67
C VAL E 241 -19.65 41.57 22.03
N ALA E 242 -18.98 41.54 23.20
CA ALA E 242 -18.29 40.32 23.61
C ALA E 242 -19.29 39.23 23.97
N LEU E 243 -20.35 39.58 24.70
CA LEU E 243 -21.36 38.58 25.03
C LEU E 243 -22.10 38.12 23.79
N VAL E 244 -22.25 39.00 22.80
CA VAL E 244 -22.95 38.64 21.58
C VAL E 244 -22.04 37.85 20.64
N ALA E 245 -20.73 38.14 20.66
CA ALA E 245 -19.80 37.61 19.68
C ALA E 245 -18.85 36.54 20.20
N MET E 246 -18.68 36.40 21.50
CA MET E 246 -17.62 35.51 21.99
C MET E 246 -17.87 34.04 21.62
N GLU E 247 -16.83 33.23 21.84
CA GLU E 247 -16.76 31.79 21.73
C GLU E 247 -17.06 31.14 23.08
N PRO E 248 -17.51 29.89 23.09
CA PRO E 248 -17.91 29.25 24.35
C PRO E 248 -16.73 28.99 25.26
N PRO E 249 -16.90 29.17 26.57
CA PRO E 249 -15.92 28.64 27.52
C PRO E 249 -16.13 27.16 27.79
N ALA E 250 -15.10 26.55 28.37
CA ALA E 250 -15.23 25.16 28.82
C ALA E 250 -16.09 25.04 30.07
N HIS E 251 -16.07 26.07 30.92
CA HIS E 251 -16.79 26.09 32.18
C HIS E 251 -16.91 27.54 32.61
N MET E 252 -17.80 27.79 33.58
CA MET E 252 -18.06 29.14 34.10
C MET E 252 -16.99 29.48 35.14
N GLU E 253 -15.76 29.64 34.64
CA GLU E 253 -14.60 30.02 35.51
C GLU E 253 -14.30 31.49 35.25
N ALA E 254 -13.84 32.24 36.27
CA ALA E 254 -13.66 33.68 36.06
C ALA E 254 -12.62 34.00 34.97
N ASN E 255 -11.47 33.32 35.01
CA ASN E 255 -10.41 33.67 34.03
C ASN E 255 -10.85 33.34 32.61
N ALA E 256 -11.37 32.14 32.38
CA ALA E 256 -11.70 31.69 31.01
C ALA E 256 -12.64 32.67 30.32
N VAL E 257 -13.65 33.15 31.04
CA VAL E 257 -14.64 34.05 30.39
C VAL E 257 -13.93 35.31 29.94
N ARG E 258 -13.04 35.84 30.79
CA ARG E 258 -12.31 37.11 30.48
C ARG E 258 -11.41 36.94 29.26
N ASP E 259 -10.74 35.80 29.14
CA ASP E 259 -9.85 35.57 27.98
C ASP E 259 -10.68 35.57 26.71
N GLU E 260 -11.87 34.96 26.75
CA GLU E 260 -12.78 34.99 25.58
C GLU E 260 -13.22 36.44 25.30
N LYS E 261 -13.52 37.20 26.36
CA LYS E 261 -14.00 38.59 26.20
C LYS E 261 -12.91 39.47 25.55
N VAL E 262 -11.66 39.30 25.97
CA VAL E 262 -10.52 40.06 25.37
C VAL E 262 -10.36 39.68 23.89
N LYS E 263 -10.57 38.40 23.56
CA LYS E 263 -10.30 37.93 22.18
C LYS E 263 -11.19 38.64 21.16
N VAL E 264 -12.46 38.86 21.46
CA VAL E 264 -13.31 39.64 20.52
C VAL E 264 -12.74 41.05 20.41
N PHE E 265 -12.30 41.62 21.54
CA PHE E 265 -11.76 43.01 21.54
C PHE E 265 -10.50 43.08 20.67
N ARG E 266 -9.63 42.06 20.70
CA ARG E 266 -8.46 42.08 19.80
C ARG E 266 -8.93 41.75 18.38
N ALA E 267 -10.01 40.99 18.26
CA ALA E 267 -10.61 40.60 16.96
C ALA E 267 -11.17 41.80 16.19
N LEU E 268 -11.64 42.84 16.87
CA LEU E 268 -12.38 43.93 16.18
C LEU E 268 -11.58 44.58 15.05
N ARG E 269 -12.25 44.87 13.92
CA ARG E 269 -11.59 45.44 12.71
C ARG E 269 -11.19 46.90 12.95
N PRO E 270 -9.91 47.26 12.74
CA PRO E 270 -9.38 48.60 13.03
C PRO E 270 -9.92 49.63 12.06
N ILE E 271 -10.46 50.71 12.62
CA ILE E 271 -11.02 51.79 11.81
C ILE E 271 -9.86 52.70 11.41
N ASN E 272 -9.37 52.49 10.19
CA ASN E 272 -8.16 53.10 9.64
C ASN E 272 -8.52 54.23 8.68
N ASN E 273 -7.70 55.29 8.67
CA ASN E 273 -7.88 56.43 7.77
C ASN E 273 -8.44 56.04 6.40
N ASP E 274 -8.02 54.90 5.84
CA ASP E 274 -8.63 54.45 4.59
C ASP E 274 -9.94 53.70 4.82
N THR E 275 -10.26 53.36 6.08
CA THR E 275 -11.51 52.69 6.44
C THR E 275 -12.46 53.57 7.22
N VAL E 276 -11.97 54.64 7.86
CA VAL E 276 -12.87 55.52 8.61
C VAL E 276 -13.79 56.27 7.66
N ILE E 277 -13.41 56.37 6.40
CA ILE E 277 -14.19 57.13 5.42
C ILE E 277 -15.51 56.42 5.14
N THR E 278 -15.51 55.08 5.17
CA THR E 278 -16.71 54.31 4.92
C THR E 278 -17.39 53.80 6.19
N HIS E 279 -16.79 54.00 7.37
CA HIS E 279 -17.23 53.36 8.60
C HIS E 279 -17.66 54.26 9.76
N THR E 280 -17.88 55.57 9.59
CA THR E 280 -18.15 56.36 10.80
C THR E 280 -19.16 57.49 10.62
N VAL E 281 -19.90 57.78 11.70
CA VAL E 281 -20.87 58.88 11.79
C VAL E 281 -21.00 59.34 13.24
N THR E 282 -20.98 60.66 13.47
CA THR E 282 -21.31 61.27 14.76
C THR E 282 -22.22 62.48 14.53
N GLY E 283 -23.13 62.73 15.47
CA GLY E 283 -24.06 63.84 15.38
C GLY E 283 -24.26 64.51 16.73
N GLN E 284 -24.79 65.73 16.67
CA GLN E 284 -24.92 66.57 17.86
C GLN E 284 -26.32 67.14 18.06
N TYR E 285 -26.77 67.07 19.30
CA TYR E 285 -28.06 67.59 19.74
C TYR E 285 -28.23 69.05 19.34
N GLY E 286 -29.23 69.31 18.52
CA GLY E 286 -29.65 70.65 18.17
C GLY E 286 -30.89 71.01 18.96
N ALA E 287 -31.60 72.02 18.48
CA ALA E 287 -32.72 72.52 19.26
C ALA E 287 -33.94 71.71 18.87
N GLY E 288 -34.45 70.91 19.81
CA GLY E 288 -35.67 70.18 19.52
C GLY E 288 -36.68 70.09 20.64
N VAL E 289 -37.47 69.02 20.64
CA VAL E 289 -38.58 68.86 21.58
C VAL E 289 -38.42 67.55 22.35
N SER E 290 -38.46 67.65 23.69
CA SER E 290 -38.32 66.46 24.53
C SER E 290 -38.65 66.73 26.01
N GLY E 291 -39.50 65.89 26.59
CA GLY E 291 -39.84 65.90 28.01
C GLY E 291 -40.89 66.88 28.50
N GLY E 292 -41.69 67.49 27.64
CA GLY E 292 -42.78 68.37 28.08
C GLY E 292 -42.41 69.83 28.22
N LYS E 293 -41.21 70.08 28.73
CA LYS E 293 -40.59 71.39 28.75
C LYS E 293 -39.64 71.44 27.56
N GLU E 294 -39.44 72.62 26.99
CA GLU E 294 -38.57 72.68 25.84
C GLU E 294 -37.12 72.46 26.26
N VAL E 295 -36.41 71.68 25.47
CA VAL E 295 -35.03 71.31 25.71
C VAL E 295 -34.33 71.46 24.37
N ALA E 296 -33.54 72.55 24.22
CA ALA E 296 -32.97 72.83 22.88
C ALA E 296 -31.44 72.96 22.84
N GLY E 297 -30.83 73.74 23.75
CA GLY E 297 -29.38 73.95 23.58
C GLY E 297 -28.49 73.12 24.47
N TYR E 298 -27.70 72.22 23.87
CA TYR E 298 -26.73 71.38 24.60
C TYR E 298 -25.62 72.20 25.25
N ILE E 299 -25.10 73.22 24.56
CA ILE E 299 -23.89 73.99 25.03
C ILE E 299 -24.28 75.30 25.72
N ASP E 300 -25.55 75.50 26.04
CA ASP E 300 -26.05 76.81 26.54
C ASP E 300 -25.42 77.28 27.86
N GLU E 301 -25.13 76.41 28.82
CA GLU E 301 -24.71 76.90 30.16
C GLU E 301 -23.42 77.73 30.14
N LEU E 302 -22.39 77.38 29.37
CA LEU E 302 -21.18 78.25 29.34
C LEU E 302 -20.75 78.53 27.90
N GLY E 303 -20.09 79.68 27.66
CA GLY E 303 -19.71 80.07 26.29
C GLY E 303 -18.53 79.30 25.72
N GLN E 304 -18.78 78.30 24.87
CA GLN E 304 -17.69 77.53 24.21
C GLN E 304 -18.26 76.74 23.03
N PRO E 305 -17.63 76.74 21.84
CA PRO E 305 -18.08 75.91 20.72
C PRO E 305 -17.23 74.63 20.73
N SER E 306 -17.87 73.45 20.72
CA SER E 306 -17.09 72.19 20.89
C SER E 306 -17.39 71.14 19.80
N ASP E 307 -16.35 70.62 19.15
CA ASP E 307 -16.50 69.56 18.16
C ASP E 307 -16.63 68.20 18.83
N THR E 308 -17.56 68.09 19.78
CA THR E 308 -17.84 66.92 20.58
C THR E 308 -18.87 66.02 19.87
N GLU E 309 -19.21 64.91 20.52
CA GLU E 309 -19.90 63.81 19.84
C GLU E 309 -21.41 63.82 20.04
N THR E 310 -21.90 62.99 20.98
CA THR E 310 -23.31 62.80 21.34
C THR E 310 -24.04 61.89 20.35
N PHE E 311 -23.31 61.08 19.59
CA PHE E 311 -23.86 60.15 18.61
C PHE E 311 -22.75 59.31 18.00
N VAL E 312 -22.98 58.03 17.75
CA VAL E 312 -21.97 57.21 17.09
C VAL E 312 -22.66 56.02 16.43
N ALA E 313 -22.16 55.66 15.24
CA ALA E 313 -22.62 54.52 14.47
C ALA E 313 -21.45 53.97 13.68
N ILE E 314 -21.34 52.64 13.61
CA ILE E 314 -20.19 52.00 12.96
C ILE E 314 -20.65 50.83 12.12
N LYS E 315 -19.92 50.58 11.03
CA LYS E 315 -20.03 49.32 10.31
C LYS E 315 -18.77 48.57 10.74
N ALA E 316 -18.83 48.06 11.95
CA ALA E 316 -17.71 47.37 12.56
C ALA E 316 -17.74 45.89 12.20
N HIS E 317 -16.61 45.25 12.39
CA HIS E 317 -16.49 43.84 12.08
C HIS E 317 -15.70 43.18 13.21
N VAL E 318 -16.16 42.01 13.63
CA VAL E 318 -15.37 41.15 14.50
C VAL E 318 -14.80 40.12 13.55
N ASP E 319 -13.48 40.16 13.36
CA ASP E 319 -12.87 39.45 12.24
C ASP E 319 -12.04 38.28 12.72
N ASN E 320 -12.72 37.20 13.08
CA ASN E 320 -12.04 35.95 13.34
C ASN E 320 -12.68 34.85 12.49
N TRP E 321 -12.45 33.60 12.87
CA TRP E 321 -12.96 32.47 12.10
C TRP E 321 -14.49 32.48 12.02
N ARG E 322 -15.14 32.72 13.16
CA ARG E 322 -16.60 32.67 13.21
C ARG E 322 -17.24 33.87 12.52
N TRP E 323 -16.70 35.06 12.77
CA TRP E 323 -17.40 36.32 12.51
C TRP E 323 -16.82 37.11 11.34
N HIS E 324 -15.86 36.54 10.60
CA HIS E 324 -15.22 37.27 9.51
C HIS E 324 -16.25 37.81 8.53
N GLY E 325 -16.14 39.09 8.22
CA GLY E 325 -17.00 39.67 7.20
C GLY E 325 -18.41 39.95 7.66
N VAL E 326 -18.71 39.77 8.94
CA VAL E 326 -20.06 40.00 9.46
C VAL E 326 -20.07 41.38 10.10
N PRO E 327 -20.81 42.35 9.55
CA PRO E 327 -20.81 43.70 10.13
C PRO E 327 -21.64 43.73 11.41
N PHE E 328 -21.08 44.34 12.43
CA PHE E 328 -21.80 44.63 13.67
C PHE E 328 -22.23 46.08 13.60
N TYR E 329 -23.53 46.34 13.63
CA TYR E 329 -24.07 47.67 13.43
C TYR E 329 -24.40 48.27 14.79
N ILE E 330 -23.55 49.21 15.22
CA ILE E 330 -23.60 49.80 16.56
C ILE E 330 -24.24 51.18 16.47
N ARG E 331 -24.91 51.60 17.55
CA ARG E 331 -25.58 52.92 17.54
C ARG E 331 -26.04 53.37 18.94
N THR E 332 -25.47 54.46 19.46
CA THR E 332 -25.99 55.06 20.73
C THR E 332 -26.28 56.54 20.46
N GLY E 333 -27.48 57.04 20.80
CA GLY E 333 -27.77 58.47 20.64
C GLY E 333 -28.34 59.13 21.89
N LYS E 334 -27.79 60.28 22.30
CA LYS E 334 -28.39 61.05 23.43
C LYS E 334 -29.78 61.61 23.12
N ARG E 335 -30.03 62.15 21.91
CA ARG E 335 -31.32 62.86 21.62
C ARG E 335 -32.40 62.02 20.91
N LEU E 336 -32.17 60.72 20.73
CA LEU E 336 -33.13 59.87 19.95
C LEU E 336 -34.46 59.75 20.71
N PRO E 337 -35.62 59.59 20.02
CA PRO E 337 -36.96 59.58 20.66
C PRO E 337 -37.31 58.50 21.70
N ALA E 338 -36.89 57.25 21.51
CA ALA E 338 -37.32 56.17 22.43
C ALA E 338 -36.14 55.58 23.20
N ARG E 339 -36.25 55.45 24.52
CA ARG E 339 -35.18 54.81 25.34
C ARG E 339 -35.49 53.32 25.50
N ARG E 340 -34.68 52.45 24.89
CA ARG E 340 -34.91 51.02 24.90
C ARG E 340 -33.71 50.39 24.21
N SER E 341 -33.03 49.48 24.89
CA SER E 341 -31.83 48.86 24.33
C SER E 341 -32.27 47.55 23.68
N GLU E 342 -32.06 47.45 22.37
CA GLU E 342 -32.52 46.31 21.61
C GLU E 342 -31.38 45.87 20.69
N ILE E 343 -31.37 44.60 20.38
CA ILE E 343 -30.35 44.01 19.51
C ILE E 343 -31.03 43.25 18.40
N VAL E 344 -30.50 43.36 17.19
CA VAL E 344 -31.05 42.67 16.04
C VAL E 344 -29.93 41.76 15.55
N VAL E 345 -30.00 40.50 15.93
CA VAL E 345 -29.10 39.49 15.39
C VAL E 345 -29.79 38.86 14.19
N GLN E 346 -29.96 39.66 13.13
CA GLN E 346 -30.58 39.17 11.92
C GLN E 346 -29.74 38.02 11.37
N PHE E 347 -30.40 37.08 10.70
CA PHE E 347 -29.73 35.89 10.22
C PHE E 347 -29.72 35.83 8.70
N LYS E 348 -28.77 35.08 8.15
CA LYS E 348 -28.72 34.94 6.71
C LYS E 348 -30.00 34.26 6.25
N PRO E 349 -30.48 34.60 5.06
CA PRO E 349 -31.76 34.06 4.59
C PRO E 349 -31.68 32.57 4.28
N VAL E 350 -32.88 32.00 4.17
CA VAL E 350 -33.06 30.61 3.75
C VAL E 350 -32.29 30.45 2.45
N PRO E 351 -31.65 29.31 2.20
CA PRO E 351 -30.93 29.14 0.94
C PRO E 351 -31.83 29.22 -0.30
N HIS E 352 -33.15 29.08 -0.13
CA HIS E 352 -34.08 29.11 -1.25
C HIS E 352 -35.51 29.26 -0.74
N SER E 353 -36.28 30.17 -1.33
CA SER E 353 -37.71 30.29 -1.02
C SER E 353 -38.47 29.40 -2.00
N ILE E 354 -38.95 28.26 -1.51
CA ILE E 354 -39.68 27.32 -2.35
C ILE E 354 -41.08 27.84 -2.67
N PHE E 355 -41.47 28.98 -2.07
CA PHE E 355 -42.77 29.58 -2.32
C PHE E 355 -42.66 30.85 -3.15
N SER E 356 -41.85 30.85 -4.21
CA SER E 356 -41.63 32.09 -4.96
C SER E 356 -42.84 32.51 -5.78
N SER E 357 -44.04 32.26 -5.26
CA SER E 357 -45.28 32.67 -5.97
C SER E 357 -45.63 34.12 -5.62
N SER E 358 -46.70 34.66 -6.21
CA SER E 358 -47.11 36.04 -5.88
C SER E 358 -47.52 36.08 -4.42
N GLY E 359 -47.07 37.09 -3.68
CA GLY E 359 -47.32 37.14 -2.23
C GLY E 359 -46.34 36.24 -1.53
N GLY E 360 -45.40 35.65 -2.29
CA GLY E 360 -44.39 34.76 -1.71
C GLY E 360 -43.23 35.55 -1.19
N ILE E 361 -43.42 36.21 -0.05
CA ILE E 361 -42.35 37.10 0.51
C ILE E 361 -41.85 36.49 1.80
N LEU E 362 -40.53 36.34 1.92
CA LEU E 362 -39.94 35.79 3.16
C LEU E 362 -39.03 36.87 3.76
N GLN E 363 -39.18 37.13 5.06
CA GLN E 363 -38.34 38.15 5.75
C GLN E 363 -37.29 37.39 6.54
N PRO E 364 -36.00 37.77 6.44
CA PRO E 364 -34.94 37.00 7.09
C PRO E 364 -35.21 37.02 8.60
N ASN E 365 -34.97 35.91 9.28
CA ASN E 365 -35.34 35.83 10.71
C ASN E 365 -34.54 36.85 11.51
N LYS E 366 -35.19 37.49 12.47
CA LYS E 366 -34.54 38.52 13.30
C LYS E 366 -34.70 38.15 14.77
N LEU E 367 -33.63 38.27 15.56
CA LEU E 367 -33.75 38.01 17.02
C LEU E 367 -33.62 39.35 17.75
N ARG E 368 -34.59 39.64 18.62
CA ARG E 368 -34.57 40.94 19.35
C ARG E 368 -34.48 40.70 20.86
N ILE E 369 -33.54 41.36 21.53
CA ILE E 369 -33.43 41.30 23.01
C ILE E 369 -33.53 42.73 23.54
N VAL E 370 -34.41 43.00 24.50
CA VAL E 370 -34.39 44.38 25.06
C VAL E 370 -33.85 44.33 26.48
N LEU E 371 -32.66 44.91 26.71
CA LEU E 371 -32.09 45.00 28.08
C LEU E 371 -32.86 45.95 29.01
N GLN E 372 -33.28 47.11 28.51
CA GLN E 372 -33.93 48.13 29.40
C GLN E 372 -34.82 49.07 28.58
N PRO E 373 -35.77 49.81 29.20
CA PRO E 373 -36.29 49.50 30.53
C PRO E 373 -37.24 48.30 30.48
N ASP E 374 -37.33 47.65 29.32
CA ASP E 374 -38.24 46.50 29.12
C ASP E 374 -37.37 45.29 28.83
N GLU E 375 -37.63 44.16 29.48
CA GLU E 375 -36.85 42.95 29.13
C GLU E 375 -37.76 42.01 28.33
N THR E 376 -37.38 41.73 27.09
CA THR E 376 -38.18 40.85 26.21
C THR E 376 -37.28 40.06 25.28
N ILE E 377 -37.68 38.86 24.89
CA ILE E 377 -36.91 38.11 23.86
C ILE E 377 -37.87 37.82 22.71
N GLN E 378 -37.49 38.17 21.48
CA GLN E 378 -38.42 38.01 20.33
C GLN E 378 -37.70 37.42 19.12
N ILE E 379 -38.42 36.65 18.31
CA ILE E 379 -37.85 36.12 17.04
C ILE E 379 -38.92 36.34 15.97
N SER E 380 -38.51 36.51 14.71
CA SER E 380 -39.49 36.80 13.62
C SER E 380 -39.57 35.58 12.71
N ILE E 381 -40.78 35.09 12.45
CA ILE E 381 -40.98 33.86 11.64
C ILE E 381 -42.06 34.13 10.60
N MET E 382 -42.08 33.38 9.51
CA MET E 382 -43.05 33.61 8.42
C MET E 382 -44.21 32.63 8.54
N VAL E 383 -45.45 33.14 8.58
CA VAL E 383 -46.67 32.30 8.75
C VAL E 383 -47.59 32.49 7.54
N LYS E 384 -48.12 31.40 6.99
CA LYS E 384 -48.95 31.59 5.78
C LYS E 384 -50.15 32.46 6.18
N GLU E 385 -50.46 33.46 5.37
CA GLU E 385 -51.58 34.39 5.67
C GLU E 385 -52.92 33.67 5.50
N PRO E 386 -53.93 33.95 6.33
CA PRO E 386 -55.22 33.26 6.28
C PRO E 386 -56.05 33.63 5.04
N GLY E 387 -56.93 32.72 4.64
CA GLY E 387 -57.75 32.89 3.44
C GLY E 387 -57.18 32.10 2.30
N LEU E 388 -58.03 31.66 1.37
CA LEU E 388 -57.59 30.80 0.26
C LEU E 388 -56.76 31.64 -0.70
N ASP E 389 -55.77 31.02 -1.34
CA ASP E 389 -54.87 31.83 -2.19
C ASP E 389 -55.61 32.44 -3.37
N ARG E 390 -55.39 33.72 -3.65
CA ARG E 390 -55.91 34.38 -4.87
C ARG E 390 -54.70 35.07 -5.49
N ASN E 391 -54.43 34.94 -6.78
CA ASN E 391 -53.19 35.58 -7.30
C ASN E 391 -51.96 35.07 -6.53
N GLY E 392 -51.88 33.75 -6.27
CA GLY E 392 -50.69 33.15 -5.62
C GLY E 392 -50.73 33.01 -4.11
N ALA E 393 -49.64 32.50 -3.52
CA ALA E 393 -49.58 32.22 -2.06
C ALA E 393 -49.13 33.45 -1.26
N HIS E 394 -49.81 33.72 -0.15
CA HIS E 394 -49.52 34.90 0.65
C HIS E 394 -49.33 34.52 2.11
N MET E 395 -48.42 35.25 2.76
CA MET E 395 -48.01 34.98 4.13
C MET E 395 -47.81 36.30 4.85
N ARG E 396 -47.69 36.22 6.17
CA ARG E 396 -47.48 37.40 6.99
C ARG E 396 -46.28 37.20 7.90
N GLU E 397 -45.67 38.31 8.31
CA GLU E 397 -44.64 38.27 9.33
C GLU E 397 -45.27 38.20 10.71
N VAL E 398 -44.64 37.41 11.58
CA VAL E 398 -45.19 37.16 12.91
C VAL E 398 -44.03 36.85 13.84
N TRP E 399 -44.27 37.07 15.13
CA TRP E 399 -43.21 37.11 16.14
C TRP E 399 -43.56 36.18 17.29
N LEU E 400 -42.62 35.30 17.65
CA LEU E 400 -42.73 34.44 18.82
C LEU E 400 -42.43 35.23 20.08
N ASP E 401 -43.40 35.30 20.99
CA ASP E 401 -43.36 36.27 22.08
C ASP E 401 -42.98 35.63 23.41
N LEU E 402 -42.01 36.25 24.06
CA LEU E 402 -41.59 35.98 25.43
C LEU E 402 -41.26 37.32 26.06
N SER E 403 -41.78 37.58 27.25
CA SER E 403 -41.45 38.81 27.98
C SER E 403 -40.81 38.40 29.30
N LEU E 404 -39.54 38.74 29.48
CA LEU E 404 -38.84 38.32 30.69
C LEU E 404 -39.34 39.06 31.93
N THR E 405 -39.75 40.32 31.78
CA THR E 405 -40.26 41.07 32.92
C THR E 405 -41.55 40.47 33.45
N ASP E 406 -42.37 39.93 32.55
CA ASP E 406 -43.64 39.30 32.92
C ASP E 406 -43.45 37.86 33.38
N VAL E 407 -42.53 37.12 32.76
CA VAL E 407 -42.29 35.74 33.17
C VAL E 407 -41.98 35.67 34.65
N PHE E 408 -41.13 36.58 35.12
CA PHE E 408 -40.83 36.67 36.55
C PHE E 408 -41.59 37.85 37.15
N LYS E 409 -42.90 37.82 36.96
CA LYS E 409 -43.76 38.89 37.45
C LYS E 409 -44.20 38.71 38.90
N ASP E 410 -44.35 37.48 39.37
CA ASP E 410 -44.75 37.29 40.75
C ASP E 410 -43.57 37.16 41.69
N ARG E 411 -42.37 37.00 41.14
CA ARG E 411 -41.14 36.91 41.91
C ARG E 411 -40.34 38.20 41.90
N LYS E 412 -40.50 39.00 40.84
CA LYS E 412 -39.69 40.18 40.54
C LYS E 412 -38.23 39.83 40.28
N ARG E 413 -37.47 40.83 39.82
CA ARG E 413 -36.05 40.73 39.56
C ARG E 413 -35.34 41.75 40.43
N ARG E 414 -34.08 41.47 40.74
CA ARG E 414 -33.31 42.35 41.61
C ARG E 414 -32.58 43.39 40.77
N ILE E 415 -32.34 44.56 41.38
CA ILE E 415 -31.69 45.68 40.63
C ILE E 415 -30.21 45.41 40.40
N ALA E 416 -29.59 46.12 39.45
CA ALA E 416 -28.17 45.91 39.06
C ALA E 416 -27.20 46.19 40.21
N TYR E 417 -27.46 47.23 41.00
CA TYR E 417 -26.47 47.66 42.03
C TYR E 417 -26.17 46.59 43.07
N GLU E 418 -27.17 45.85 43.53
CA GLU E 418 -26.96 44.91 44.67
C GLU E 418 -25.96 43.78 44.41
N ARG E 419 -25.96 43.16 43.23
CA ARG E 419 -25.13 41.93 43.03
C ARG E 419 -23.64 42.22 42.85
N LEU E 420 -23.29 43.25 42.09
CA LEU E 420 -21.88 43.51 41.75
C LEU E 420 -20.92 43.43 42.93
N MET E 421 -21.40 43.61 44.16
CA MET E 421 -20.54 43.64 45.35
C MET E 421 -19.83 42.30 45.59
N LEU E 422 -20.60 41.21 45.68
CA LEU E 422 -20.19 40.02 46.45
C LEU E 422 -18.87 39.41 45.99
N ASP E 423 -18.68 39.23 44.67
CA ASP E 423 -17.46 38.59 44.19
C ASP E 423 -16.21 39.33 44.65
N LEU E 424 -16.28 40.65 44.75
CA LEU E 424 -15.14 41.42 45.25
C LEU E 424 -14.76 40.99 46.66
N ILE E 425 -15.76 40.82 47.51
CA ILE E 425 -15.52 40.38 48.91
C ILE E 425 -15.05 38.93 48.85
N GLU E 426 -15.94 38.05 48.41
CA GLU E 426 -15.56 36.63 48.24
C GLU E 426 -16.08 36.17 46.87
N GLY E 427 -15.41 35.21 46.25
CA GLY E 427 -15.83 34.70 44.94
C GLY E 427 -15.02 35.26 43.79
N ASP E 428 -15.04 34.57 42.65
CA ASP E 428 -14.22 34.94 41.48
C ASP E 428 -14.69 36.30 40.96
N ALA E 429 -13.77 37.13 40.48
CA ALA E 429 -14.20 38.41 39.91
C ALA E 429 -14.62 38.20 38.46
N THR E 430 -15.72 37.48 38.24
CA THR E 430 -16.30 37.30 36.87
C THR E 430 -16.83 38.59 36.27
N LEU E 431 -17.48 39.45 37.07
CA LEU E 431 -18.19 40.65 36.54
C LEU E 431 -17.31 41.89 36.37
N PHE E 432 -16.05 41.84 36.76
CA PHE E 432 -15.22 43.08 36.73
C PHE E 432 -14.43 43.18 35.42
N VAL E 433 -14.06 44.41 35.01
CA VAL E 433 -13.25 44.56 33.80
C VAL E 433 -11.81 44.27 34.18
N ARG E 434 -11.04 43.76 33.21
CA ARG E 434 -9.67 43.32 33.42
C ARG E 434 -8.77 44.17 32.53
N ARG E 435 -7.48 44.15 32.83
CA ARG E 435 -6.59 45.12 32.20
C ARG E 435 -6.46 44.87 30.71
N ASP E 436 -6.20 43.62 30.31
CA ASP E 436 -6.11 43.30 28.90
C ASP E 436 -7.38 43.70 28.17
N GLU E 437 -8.52 43.57 28.83
CA GLU E 437 -9.77 44.10 28.29
C GLU E 437 -9.65 45.62 28.15
N VAL E 438 -9.33 46.30 29.25
CA VAL E 438 -9.11 47.74 29.20
C VAL E 438 -8.02 48.06 28.18
N GLU E 439 -7.01 47.19 28.07
CA GLU E 439 -5.96 47.35 27.06
C GLU E 439 -6.49 47.21 25.64
N ALA E 440 -7.30 46.19 25.41
CA ALA E 440 -7.81 45.97 24.07
C ALA E 440 -8.93 46.96 23.71
N GLN E 441 -9.67 47.44 24.71
CA GLN E 441 -10.72 48.42 24.43
C GLN E 441 -10.13 49.73 23.93
N TRP E 442 -9.08 50.23 24.57
CA TRP E 442 -8.62 51.59 24.29
C TRP E 442 -7.92 51.71 22.95
N ILE E 443 -7.17 50.68 22.53
CA ILE E 443 -6.45 50.75 21.27
C ILE E 443 -7.43 50.98 20.11
N TRP E 444 -8.53 50.23 20.10
CA TRP E 444 -9.52 50.39 19.03
C TRP E 444 -10.25 51.72 19.15
N ILE E 445 -10.58 52.13 20.38
CA ILE E 445 -11.33 53.37 20.58
C ILE E 445 -10.46 54.57 20.22
N ASP E 446 -9.20 54.57 20.65
CA ASP E 446 -8.30 55.66 20.29
C ASP E 446 -7.97 55.63 18.82
N GLY E 447 -7.96 54.44 18.22
CA GLY E 447 -7.73 54.34 16.78
C GLY E 447 -8.84 54.99 15.99
N ILE E 448 -10.04 55.06 16.56
CA ILE E 448 -11.14 55.74 15.91
C ILE E 448 -10.93 57.25 15.95
N ARG E 449 -10.52 57.78 17.10
CA ARG E 449 -10.34 59.22 17.23
C ARG E 449 -9.18 59.74 16.38
N GLU E 450 -8.05 59.04 16.39
CA GLU E 450 -6.93 59.45 15.54
C GLU E 450 -7.25 59.26 14.07
N GLY E 451 -7.94 58.17 13.72
CA GLY E 451 -8.19 57.87 12.32
C GLY E 451 -9.06 58.91 11.64
N TRP E 452 -10.09 59.39 12.34
CA TRP E 452 -10.94 60.46 11.84
C TRP E 452 -10.45 61.85 12.25
N LYS E 453 -9.33 61.93 12.96
CA LYS E 453 -8.76 63.29 13.23
C LYS E 453 -7.97 63.66 11.97
N ALA E 454 -7.24 62.71 11.38
CA ALA E 454 -6.53 62.93 10.10
C ALA E 454 -7.57 63.20 9.00
N ASN E 455 -8.69 62.49 9.05
CA ASN E 455 -9.76 62.60 8.03
C ASN E 455 -10.31 64.04 8.03
N SER E 456 -10.31 64.71 9.19
CA SER E 456 -10.84 66.09 9.29
C SER E 456 -12.36 66.09 9.42
N MET E 457 -12.90 64.99 9.97
CA MET E 457 -14.36 64.86 10.19
C MET E 457 -14.84 65.83 11.26
N LYS E 458 -15.89 66.59 10.95
CA LYS E 458 -16.49 67.50 11.94
C LYS E 458 -17.91 67.00 12.19
N PRO E 459 -18.37 66.86 13.44
CA PRO E 459 -19.68 66.28 13.72
C PRO E 459 -20.82 67.14 13.16
N LYS E 460 -21.90 66.49 12.70
CA LYS E 460 -23.02 67.23 12.07
C LYS E 460 -24.21 67.27 13.03
N THR E 461 -24.75 68.47 13.27
CA THR E 461 -25.85 68.65 14.25
C THR E 461 -27.14 67.96 13.81
N TYR E 462 -27.91 67.45 14.77
CA TYR E 462 -29.22 66.82 14.48
C TYR E 462 -30.26 67.36 15.46
N VAL E 463 -31.53 67.39 15.06
CA VAL E 463 -32.60 67.94 15.94
C VAL E 463 -33.03 66.88 16.96
N SER E 464 -33.16 67.28 18.22
CA SER E 464 -33.51 66.38 19.31
C SER E 464 -34.92 65.82 19.22
N GLY E 465 -35.03 64.50 18.99
CA GLY E 465 -36.36 63.85 18.96
C GLY E 465 -36.71 63.17 17.65
N THR E 466 -35.86 63.28 16.63
CA THR E 466 -36.20 62.74 15.28
C THR E 466 -35.54 61.39 14.99
N TRP E 467 -34.90 60.74 15.96
CA TRP E 467 -34.13 59.49 15.73
C TRP E 467 -32.70 59.77 15.26
N GLY E 468 -32.26 61.04 15.30
CA GLY E 468 -30.85 61.36 15.00
C GLY E 468 -30.49 61.63 13.55
N PRO E 469 -29.19 61.74 13.22
CA PRO E 469 -28.74 62.12 11.87
C PRO E 469 -29.08 61.17 10.71
N ILE E 470 -29.32 61.73 9.52
CA ILE E 470 -29.75 60.93 8.33
C ILE E 470 -28.58 60.27 7.59
N THR E 471 -27.37 60.82 7.62
CA THR E 471 -26.31 60.23 6.81
C THR E 471 -25.98 58.80 7.20
N ALA E 472 -26.29 58.37 8.43
CA ALA E 472 -26.09 56.97 8.77
C ALA E 472 -27.03 56.06 8.00
N ILE E 473 -28.01 56.63 7.30
CA ILE E 473 -28.96 55.87 6.49
C ILE E 473 -28.35 55.52 5.13
N ALA E 474 -27.55 56.40 4.54
CA ALA E 474 -27.11 56.22 3.16
C ALA E 474 -26.30 54.96 2.90
N LEU E 475 -25.03 54.96 3.31
CA LEU E 475 -24.14 53.83 3.04
C LEU E 475 -24.74 52.50 3.48
N VAL E 476 -25.61 52.50 4.50
CA VAL E 476 -26.28 51.25 4.87
C VAL E 476 -27.47 51.00 3.96
N GLU E 477 -28.30 52.03 3.70
CA GLU E 477 -29.35 51.84 2.71
C GLU E 477 -28.75 51.69 1.32
N ARG E 478 -27.54 52.23 1.11
CA ARG E 478 -26.80 51.96 -0.11
C ARG E 478 -26.32 50.52 -0.14
N ASP E 479 -26.39 49.83 1.01
CA ASP E 479 -26.28 48.39 1.06
C ASP E 479 -27.65 47.74 1.17
N GLY E 480 -28.69 48.55 1.36
CA GLY E 480 -30.04 48.06 1.55
C GLY E 480 -30.46 47.90 3.00
N VAL E 481 -29.60 48.25 3.95
CA VAL E 481 -29.81 47.93 5.36
C VAL E 481 -30.56 49.09 6.01
N THR E 482 -31.35 48.78 7.04
CA THR E 482 -32.19 49.78 7.69
C THR E 482 -32.03 49.79 9.20
N TRP E 483 -31.96 50.99 9.77
CA TRP E 483 -31.87 51.10 11.26
C TRP E 483 -33.28 50.89 11.80
N TYR E 484 -33.68 49.63 12.05
CA TYR E 484 -35.09 49.41 12.43
C TYR E 484 -35.24 49.25 13.95
N ASP E 485 -35.95 50.19 14.57
CA ASP E 485 -36.26 50.07 16.01
C ASP E 485 -37.78 49.91 16.16
N LEU E 486 -38.49 49.82 15.03
CA LEU E 486 -39.98 49.79 15.06
C LEU E 486 -40.51 48.52 15.71
N GLU E 487 -41.63 48.64 16.42
CA GLU E 487 -42.25 47.47 17.09
C GLU E 487 -43.02 46.63 16.06
N MET F 8 -71.58 21.02 -11.74
CA MET F 8 -71.10 20.43 -10.50
C MET F 8 -72.23 19.58 -9.92
N ILE F 9 -71.90 18.35 -9.54
CA ILE F 9 -72.88 17.34 -9.16
C ILE F 9 -72.51 16.79 -7.79
N LEU F 10 -73.51 16.77 -6.89
CA LEU F 10 -73.27 16.33 -5.50
C LEU F 10 -74.02 15.04 -5.21
N PHE F 11 -73.52 14.25 -4.27
CA PHE F 11 -74.15 12.96 -3.88
C PHE F 11 -74.24 13.04 -2.36
N GLY F 12 -75.09 12.22 -1.73
CA GLY F 12 -75.28 12.41 -0.28
C GLY F 12 -75.82 13.79 0.02
N SER F 13 -76.77 14.24 -0.80
CA SER F 13 -77.41 15.56 -0.60
C SER F 13 -78.10 15.56 0.78
N THR F 14 -78.72 14.45 1.16
CA THR F 14 -79.31 14.37 2.52
C THR F 14 -78.20 13.96 3.50
N GLY F 15 -77.28 14.88 3.79
CA GLY F 15 -76.13 14.53 4.65
C GLY F 15 -75.91 15.49 5.81
N ASP F 16 -75.49 14.96 6.95
CA ASP F 16 -75.13 15.84 8.11
C ASP F 16 -73.93 16.68 7.69
N LEU F 17 -72.96 16.08 7.02
CA LEU F 17 -71.74 16.83 6.65
C LEU F 17 -72.12 18.04 5.83
N SER F 18 -72.99 17.87 4.83
CA SER F 18 -73.27 19.03 3.97
C SER F 18 -73.92 20.14 4.80
N GLN F 19 -74.86 19.79 5.67
CA GLN F 19 -75.42 20.84 6.55
C GLN F 19 -74.33 21.35 7.50
N ARG F 20 -73.56 20.42 8.07
CA ARG F 20 -72.49 20.82 9.02
C ARG F 20 -71.38 21.62 8.35
N MET F 21 -70.91 21.20 7.17
CA MET F 21 -69.72 21.86 6.57
C MET F 21 -69.87 22.27 5.11
N LEU F 22 -70.16 21.33 4.22
CA LEU F 22 -70.09 21.65 2.76
C LEU F 22 -71.09 22.72 2.30
N LEU F 23 -72.36 22.64 2.72
CA LEU F 23 -73.35 23.61 2.20
C LEU F 23 -73.04 25.05 2.64
N PRO F 24 -72.65 25.30 3.91
CA PRO F 24 -72.26 26.64 4.35
C PRO F 24 -71.04 27.12 3.58
N SER F 25 -70.08 26.23 3.33
CA SER F 25 -68.84 26.60 2.61
C SER F 25 -69.18 27.09 1.21
N LEU F 26 -70.14 26.43 0.56
CA LEU F 26 -70.53 26.79 -0.82
C LEU F 26 -71.05 28.23 -0.86
N TYR F 27 -71.80 28.65 0.15
CA TYR F 27 -72.42 30.00 0.09
C TYR F 27 -71.37 31.09 -0.01
N GLY F 28 -70.28 30.98 0.75
CA GLY F 28 -69.26 32.04 0.77
C GLY F 28 -68.60 32.24 -0.57
N LEU F 29 -68.30 31.15 -1.28
CA LEU F 29 -67.57 31.25 -2.57
C LEU F 29 -68.46 31.91 -3.62
N ASP F 30 -69.72 32.22 -3.30
CA ASP F 30 -70.56 32.94 -4.23
C ASP F 30 -71.05 34.21 -3.59
N ALA F 31 -71.19 34.18 -2.26
CA ALA F 31 -71.30 35.41 -1.49
C ALA F 31 -70.07 36.28 -1.67
N ASP F 32 -68.89 35.67 -1.72
CA ASP F 32 -67.68 36.39 -2.11
C ASP F 32 -67.51 36.45 -3.62
N GLY F 33 -68.43 35.85 -4.38
CA GLY F 33 -68.39 35.95 -5.83
C GLY F 33 -67.24 35.23 -6.50
N LEU F 34 -66.74 34.16 -5.89
CA LEU F 34 -65.53 33.51 -6.36
C LEU F 34 -65.83 32.55 -7.51
N LEU F 35 -66.62 33.01 -8.47
CA LEU F 35 -67.09 32.04 -9.49
C LEU F 35 -67.25 32.62 -10.90
N ALA F 36 -68.07 31.97 -11.72
CA ALA F 36 -68.24 32.35 -13.14
C ALA F 36 -69.73 32.35 -13.51
N ASP F 37 -70.08 33.00 -14.63
CA ASP F 37 -71.50 33.15 -15.01
C ASP F 37 -72.11 31.77 -15.22
N ASP F 38 -71.38 30.83 -15.84
CA ASP F 38 -72.03 29.53 -16.08
C ASP F 38 -71.78 28.67 -14.86
N LEU F 39 -72.85 28.32 -14.15
CA LEU F 39 -72.72 27.47 -12.94
C LEU F 39 -73.88 26.45 -12.96
N ARG F 40 -73.67 25.29 -12.34
CA ARG F 40 -74.72 24.23 -12.34
C ARG F 40 -74.48 23.31 -11.15
N ILE F 41 -75.13 23.61 -10.02
CA ILE F 41 -75.00 22.75 -8.86
C ILE F 41 -76.08 21.70 -8.97
N VAL F 42 -75.71 20.47 -9.31
CA VAL F 42 -76.66 19.37 -9.48
C VAL F 42 -76.60 18.51 -8.22
N CYS F 43 -77.72 18.43 -7.50
CA CYS F 43 -77.79 17.75 -6.21
C CYS F 43 -78.69 16.53 -6.29
N THR F 44 -78.33 15.49 -5.53
CA THR F 44 -78.99 14.21 -5.63
C THR F 44 -78.90 13.43 -4.33
N SER F 45 -79.97 12.68 -4.04
CA SER F 45 -79.95 11.72 -2.94
C SER F 45 -81.07 10.71 -3.19
N ARG F 46 -81.77 10.30 -2.13
CA ARG F 46 -82.96 9.41 -2.33
C ARG F 46 -84.21 10.10 -1.77
N SER F 47 -84.08 11.32 -1.27
CA SER F 47 -85.20 12.04 -0.59
C SER F 47 -86.38 12.31 -1.53
N GLU F 48 -86.13 12.44 -2.83
CA GLU F 48 -87.24 12.68 -3.78
C GLU F 48 -87.88 14.00 -3.43
N TYR F 49 -87.17 14.81 -2.64
CA TYR F 49 -87.69 16.15 -2.32
C TYR F 49 -87.75 16.97 -3.61
N ASP F 50 -88.80 17.77 -3.75
CA ASP F 50 -88.90 18.66 -4.94
C ASP F 50 -87.74 19.65 -4.83
N THR F 51 -87.14 20.03 -5.95
CA THR F 51 -85.94 20.88 -5.86
C THR F 51 -86.28 22.22 -5.20
N ASP F 52 -87.44 22.82 -5.52
CA ASP F 52 -87.68 24.15 -4.93
C ASP F 52 -87.73 24.00 -3.41
N GLY F 53 -88.39 22.96 -2.91
CA GLY F 53 -88.37 22.71 -1.47
C GLY F 53 -86.97 22.38 -1.03
N PHE F 54 -86.26 21.59 -1.84
CA PHE F 54 -84.90 21.15 -1.45
C PHE F 54 -83.99 22.36 -1.33
N ARG F 55 -84.11 23.30 -2.26
CA ARG F 55 -83.20 24.47 -2.25
C ARG F 55 -83.77 25.61 -1.42
N ASP F 56 -85.03 25.52 -0.99
CA ASP F 56 -85.65 26.69 -0.30
C ASP F 56 -86.18 26.28 1.07
N PHE F 57 -87.00 25.26 1.13
CA PHE F 57 -87.41 24.79 2.48
C PHE F 57 -86.11 24.51 3.24
N ALA F 58 -85.11 23.99 2.53
CA ALA F 58 -83.82 23.64 3.15
C ALA F 58 -82.89 24.85 3.02
N GLU F 59 -83.41 25.96 2.49
CA GLU F 59 -82.59 27.18 2.30
C GLU F 59 -82.11 27.68 3.65
N LYS F 60 -82.91 27.46 4.70
CA LYS F 60 -82.59 27.96 6.07
C LYS F 60 -81.22 27.52 6.57
N ALA F 61 -80.63 26.46 5.99
CA ALA F 61 -79.33 25.95 6.51
C ALA F 61 -78.27 27.05 6.34
N LEU F 62 -78.31 27.78 5.23
CA LEU F 62 -77.31 28.83 4.92
C LEU F 62 -77.35 29.91 6.01
N ASP F 63 -78.55 30.23 6.52
CA ASP F 63 -78.71 31.33 7.52
C ASP F 63 -79.19 30.73 8.85
N ARG F 64 -78.41 29.82 9.44
CA ARG F 64 -78.80 29.10 10.68
C ARG F 64 -78.68 29.92 11.98
N PHE F 65 -79.24 29.42 13.08
CA PHE F 65 -79.19 30.09 14.40
C PHE F 65 -77.76 30.26 14.89
N VAL F 66 -76.90 29.27 14.63
CA VAL F 66 -75.47 29.48 15.00
C VAL F 66 -75.12 30.70 14.20
N ALA F 67 -74.35 31.63 14.76
CA ALA F 67 -74.23 32.92 14.05
C ALA F 67 -73.00 33.07 13.16
N SER F 68 -73.24 33.24 11.85
CA SER F 68 -72.15 33.62 10.94
C SER F 68 -72.68 34.89 10.28
N ASP F 69 -71.93 35.98 10.33
CA ASP F 69 -72.40 37.28 9.79
C ASP F 69 -72.26 37.24 8.27
N ARG F 70 -72.86 38.21 7.57
CA ARG F 70 -72.69 38.32 6.10
C ARG F 70 -73.69 37.49 5.30
N LEU F 71 -74.69 36.89 5.94
CA LEU F 71 -75.69 36.21 5.07
C LEU F 71 -76.35 37.32 4.24
N ASN F 72 -76.46 37.11 2.93
CA ASN F 72 -77.03 38.14 2.03
C ASN F 72 -78.12 37.47 1.19
N ASP F 73 -79.31 38.10 1.08
CA ASP F 73 -80.35 37.52 0.20
C ASP F 73 -79.86 37.53 -1.27
N ASP F 74 -79.23 38.61 -1.70
CA ASP F 74 -78.73 38.70 -3.10
C ASP F 74 -77.64 37.65 -3.33
N ALA F 75 -76.74 37.48 -2.36
CA ALA F 75 -75.69 36.44 -2.46
C ALA F 75 -76.38 35.09 -2.50
N LYS F 76 -77.43 34.95 -1.69
CA LYS F 76 -78.17 33.67 -1.64
C LYS F 76 -78.77 33.42 -3.01
N ALA F 77 -79.29 34.46 -3.64
CA ALA F 77 -79.99 34.24 -4.93
C ALA F 77 -79.01 33.68 -5.96
N LYS F 78 -77.79 34.20 -6.00
CA LYS F 78 -76.84 33.76 -7.06
C LYS F 78 -76.45 32.30 -6.79
N PHE F 79 -76.25 31.95 -5.53
CA PHE F 79 -75.89 30.55 -5.17
C PHE F 79 -77.13 29.68 -5.45
N LEU F 80 -78.30 30.19 -5.08
CA LEU F 80 -79.58 29.47 -5.27
C LEU F 80 -79.86 29.26 -6.75
N ASN F 81 -79.51 30.22 -7.61
CA ASN F 81 -79.92 30.14 -9.03
C ASN F 81 -79.37 28.90 -9.73
N LYS F 82 -78.12 28.49 -9.49
CA LYS F 82 -77.65 27.25 -10.15
C LYS F 82 -77.93 26.00 -9.31
N LEU F 83 -78.48 26.16 -8.10
CA LEU F 83 -78.83 24.98 -7.28
C LEU F 83 -79.85 24.13 -8.05
N PHE F 84 -79.57 22.84 -8.24
CA PHE F 84 -80.44 21.94 -9.02
C PHE F 84 -80.49 20.56 -8.37
N TYR F 85 -81.67 20.09 -7.91
CA TYR F 85 -81.79 18.78 -7.30
C TYR F 85 -82.29 17.77 -8.33
N ALA F 86 -82.53 16.55 -7.84
CA ALA F 86 -82.96 15.36 -8.57
C ALA F 86 -82.92 14.19 -7.59
N THR F 87 -83.80 13.21 -7.80
CA THR F 87 -84.00 12.10 -6.87
C THR F 87 -83.88 10.83 -7.70
N VAL F 88 -82.77 10.12 -7.50
CA VAL F 88 -82.46 8.97 -8.32
C VAL F 88 -82.00 7.82 -7.44
N ASP F 89 -82.01 6.64 -8.03
CA ASP F 89 -81.57 5.41 -7.39
C ASP F 89 -80.39 4.89 -8.17
N ILE F 90 -79.42 4.28 -7.48
CA ILE F 90 -78.24 3.77 -8.18
C ILE F 90 -78.33 2.29 -8.49
N THR F 91 -79.31 1.63 -7.90
CA THR F 91 -79.55 0.21 -8.25
C THR F 91 -79.81 0.18 -9.75
N ASP F 92 -80.23 1.31 -10.32
CA ASP F 92 -80.57 1.33 -11.76
C ASP F 92 -79.65 2.29 -12.54
N PRO F 93 -78.98 1.81 -13.60
CA PRO F 93 -78.19 2.67 -14.50
C PRO F 93 -78.97 3.73 -15.29
N THR F 94 -80.17 3.41 -15.79
CA THR F 94 -80.92 4.30 -16.72
C THR F 94 -81.29 5.67 -16.12
N GLN F 95 -81.66 5.77 -14.85
CA GLN F 95 -82.13 7.04 -14.25
C GLN F 95 -81.03 8.12 -14.32
N PHE F 96 -79.77 7.71 -14.20
CA PHE F 96 -78.64 8.68 -14.22
C PHE F 96 -78.59 9.40 -15.55
N GLY F 97 -79.10 8.76 -16.60
CA GLY F 97 -79.04 9.30 -17.97
C GLY F 97 -79.77 10.61 -18.18
N LYS F 98 -80.92 10.81 -17.53
CA LYS F 98 -81.77 11.97 -17.92
C LYS F 98 -81.33 13.29 -17.30
N ILE F 99 -80.18 13.83 -17.72
CA ILE F 99 -79.81 15.22 -17.34
C ILE F 99 -79.78 16.08 -18.60
N ALA F 100 -80.17 15.54 -19.76
CA ALA F 100 -80.01 16.28 -21.04
C ALA F 100 -80.82 17.57 -21.08
N ASP F 101 -82.09 17.54 -20.65
CA ASP F 101 -82.88 18.80 -20.52
C ASP F 101 -82.23 19.64 -19.43
N LEU F 102 -81.75 18.98 -18.36
CA LEU F 102 -81.17 19.70 -17.20
C LEU F 102 -79.97 20.46 -17.75
N CYS F 103 -79.71 21.67 -17.26
CA CYS F 103 -78.67 22.47 -17.94
C CYS F 103 -77.28 22.22 -17.37
N GLY F 104 -76.45 21.49 -18.14
CA GLY F 104 -75.03 21.33 -17.79
C GLY F 104 -74.22 21.63 -19.03
N PRO F 105 -73.17 22.47 -18.99
CA PRO F 105 -72.33 22.63 -20.17
C PRO F 105 -71.26 21.59 -19.94
N VAL F 106 -71.30 20.50 -20.71
CA VAL F 106 -70.34 19.40 -20.43
C VAL F 106 -68.93 19.92 -20.69
N GLU F 107 -68.75 20.68 -21.76
CA GLU F 107 -67.37 21.07 -22.16
C GLU F 107 -66.67 21.95 -21.12
N LYS F 108 -67.39 22.91 -20.52
CA LYS F 108 -66.63 23.84 -19.63
C LYS F 108 -66.01 23.14 -18.41
N GLY F 109 -66.76 22.30 -17.71
CA GLY F 109 -66.14 21.51 -16.62
C GLY F 109 -67.02 20.40 -16.09
N ILE F 110 -66.45 19.39 -15.43
CA ILE F 110 -67.30 18.42 -14.70
C ILE F 110 -66.73 18.25 -13.28
N ALA F 111 -67.56 18.39 -12.24
CA ALA F 111 -67.09 18.10 -10.85
C ALA F 111 -68.08 17.14 -10.18
N ILE F 112 -67.59 16.07 -9.54
CA ILE F 112 -68.53 15.05 -8.97
C ILE F 112 -68.16 14.75 -7.52
N TYR F 113 -69.15 14.47 -6.68
CA TYR F 113 -68.92 14.14 -5.25
C TYR F 113 -69.39 12.72 -4.96
N LEU F 114 -68.57 11.92 -4.27
CA LEU F 114 -68.97 10.54 -3.92
C LEU F 114 -68.97 10.33 -2.40
N SER F 115 -70.12 9.91 -1.84
CA SER F 115 -70.22 9.56 -0.39
C SER F 115 -71.07 8.30 -0.26
N THR F 116 -70.55 7.12 -0.57
CA THR F 116 -71.41 5.89 -0.61
C THR F 116 -70.83 4.73 0.21
N SER F 117 -71.69 3.79 0.58
CA SER F 117 -71.26 2.58 1.34
C SER F 117 -70.42 1.74 0.40
N PRO F 118 -69.54 0.85 0.88
CA PRO F 118 -68.60 0.21 -0.04
C PRO F 118 -69.16 -0.59 -1.21
N SER F 119 -68.65 -0.32 -2.42
CA SER F 119 -69.03 -1.03 -3.67
C SER F 119 -70.35 -0.48 -4.18
N LEU F 120 -70.98 0.44 -3.43
CA LEU F 120 -72.21 1.14 -3.89
C LEU F 120 -71.81 2.02 -5.08
N PHE F 121 -70.62 2.61 -5.01
CA PHE F 121 -70.16 3.59 -6.01
C PHE F 121 -70.07 3.00 -7.42
N GLU F 122 -69.62 1.76 -7.56
CA GLU F 122 -69.35 1.24 -8.92
C GLU F 122 -70.64 1.24 -9.77
N GLY F 123 -71.79 0.86 -9.21
CA GLY F 123 -73.05 0.98 -9.96
C GLY F 123 -73.38 2.43 -10.28
N ALA F 124 -73.18 3.34 -9.33
CA ALA F 124 -73.40 4.78 -9.57
C ALA F 124 -72.42 5.27 -10.65
N ILE F 125 -71.19 4.79 -10.59
CA ILE F 125 -70.14 5.14 -11.59
C ILE F 125 -70.56 4.65 -12.97
N ALA F 126 -71.18 3.48 -13.05
CA ALA F 126 -71.49 2.85 -14.37
C ALA F 126 -72.41 3.74 -15.20
N GLY F 127 -73.40 4.37 -14.56
CA GLY F 127 -74.34 5.21 -15.32
C GLY F 127 -73.60 6.36 -15.97
N LEU F 128 -72.62 6.91 -15.25
CA LEU F 128 -71.80 8.04 -15.77
C LEU F 128 -71.01 7.60 -17.00
N LYS F 129 -70.50 6.37 -17.02
CA LYS F 129 -69.67 5.91 -18.17
C LYS F 129 -70.52 5.95 -19.43
N GLN F 130 -71.79 5.54 -19.35
CA GLN F 130 -72.73 5.66 -20.50
C GLN F 130 -72.88 7.16 -20.77
N ALA F 131 -72.90 7.97 -19.71
CA ALA F 131 -73.03 9.44 -19.82
C ALA F 131 -71.82 10.01 -20.60
N GLY F 132 -70.59 9.57 -20.30
CA GLY F 132 -69.41 10.19 -20.95
C GLY F 132 -68.56 10.99 -19.99
N LEU F 133 -68.42 10.54 -18.74
CA LEU F 133 -67.59 11.20 -17.67
C LEU F 133 -66.09 11.23 -18.02
N ALA F 134 -65.56 10.21 -18.69
CA ALA F 134 -64.10 10.04 -18.89
C ALA F 134 -63.51 11.21 -19.69
N GLY F 135 -64.34 11.97 -20.38
CA GLY F 135 -63.87 13.03 -21.29
C GLY F 135 -63.15 14.12 -20.52
N PRO F 136 -62.35 14.98 -21.19
CA PRO F 136 -61.44 15.90 -20.49
C PRO F 136 -62.06 16.90 -19.50
N THR F 137 -63.23 17.45 -19.76
CA THR F 137 -63.76 18.49 -18.84
C THR F 137 -63.91 17.88 -17.44
N SER F 138 -64.28 16.61 -17.32
CA SER F 138 -64.60 15.98 -16.00
C SER F 138 -63.48 15.88 -14.95
N ARG F 139 -63.83 16.04 -13.67
CA ARG F 139 -62.89 15.87 -12.52
C ARG F 139 -63.65 15.11 -11.42
N LEU F 140 -62.96 14.37 -10.54
CA LEU F 140 -63.65 13.51 -9.54
C LEU F 140 -63.21 13.81 -8.10
N ALA F 141 -64.17 13.88 -7.17
CA ALA F 141 -63.84 14.06 -5.74
C ALA F 141 -64.43 12.89 -4.95
N LEU F 142 -63.72 12.36 -3.96
CA LEU F 142 -64.19 11.15 -3.24
C LEU F 142 -64.13 11.33 -1.72
N GLU F 143 -65.06 12.08 -1.13
CA GLU F 143 -65.11 12.18 0.35
C GLU F 143 -65.90 10.99 0.87
N LYS F 144 -65.30 9.81 0.81
CA LYS F 144 -65.94 8.56 1.27
C LYS F 144 -64.82 7.79 1.93
N PRO F 145 -65.05 6.79 2.82
CA PRO F 145 -63.90 6.14 3.38
C PRO F 145 -63.25 5.57 2.11
N LEU F 146 -61.96 5.84 1.92
CA LEU F 146 -61.29 5.41 0.67
C LEU F 146 -61.24 3.89 0.62
N GLY F 147 -60.89 3.27 1.75
CA GLY F 147 -60.87 1.80 1.85
C GLY F 147 -60.83 1.37 3.29
N GLN F 148 -61.12 0.09 3.57
CA GLN F 148 -60.86 -0.42 4.94
C GLN F 148 -59.49 -1.09 4.83
N ASP F 149 -58.94 -1.13 3.62
CA ASP F 149 -57.65 -1.85 3.40
C ASP F 149 -57.14 -1.49 2.00
N LEU F 150 -55.94 -1.98 1.61
CA LEU F 150 -55.49 -1.68 0.26
C LEU F 150 -56.37 -2.35 -0.78
N ALA F 151 -56.41 -3.69 -0.72
CA ALA F 151 -57.22 -4.45 -1.69
C ALA F 151 -58.57 -3.76 -1.90
N SER F 152 -59.36 -3.58 -0.83
CA SER F 152 -60.70 -3.01 -1.06
C SER F 152 -60.59 -1.60 -1.62
N SER F 153 -59.70 -0.79 -1.07
CA SER F 153 -59.52 0.59 -1.59
C SER F 153 -58.91 0.54 -2.99
N ASP F 154 -57.97 -0.38 -3.22
CA ASP F 154 -57.27 -0.41 -4.53
C ASP F 154 -58.26 -0.70 -5.64
N HIS F 155 -59.19 -1.63 -5.41
CA HIS F 155 -60.21 -1.92 -6.44
C HIS F 155 -61.08 -0.69 -6.68
N ILE F 156 -61.43 0.04 -5.63
CA ILE F 156 -62.32 1.19 -5.91
C ILE F 156 -61.51 2.09 -6.83
N ASN F 157 -60.23 2.26 -6.53
CA ASN F 157 -59.35 3.02 -7.45
C ASN F 157 -59.22 2.26 -8.78
N ASP F 158 -59.05 0.94 -8.72
CA ASP F 158 -58.88 0.11 -9.94
C ASP F 158 -60.14 0.14 -10.81
N ALA F 159 -61.30 0.09 -10.18
CA ALA F 159 -62.59 0.08 -10.92
C ALA F 159 -62.84 1.47 -11.49
N VAL F 160 -62.39 2.51 -10.77
CA VAL F 160 -62.51 3.90 -11.28
C VAL F 160 -61.57 4.05 -12.46
N LEU F 161 -60.38 3.47 -12.37
CA LEU F 161 -59.36 3.65 -13.43
C LEU F 161 -59.64 2.70 -14.59
N LYS F 162 -60.09 3.22 -15.74
CA LYS F 162 -60.24 2.34 -16.90
C LYS F 162 -59.86 2.99 -18.23
N VAL F 163 -59.89 4.31 -18.34
CA VAL F 163 -59.41 5.02 -19.53
C VAL F 163 -58.24 5.94 -19.23
N PHE F 164 -58.35 6.73 -18.16
CA PHE F 164 -57.34 7.73 -17.81
C PHE F 164 -56.59 7.31 -16.55
N SER F 165 -55.88 8.27 -15.94
CA SER F 165 -55.18 8.02 -14.68
C SER F 165 -55.60 8.90 -13.49
N GLU F 166 -54.59 9.24 -12.70
CA GLU F 166 -54.72 10.00 -11.45
C GLU F 166 -55.17 11.44 -11.62
N LYS F 167 -54.93 12.07 -12.77
CA LYS F 167 -55.22 13.50 -12.93
C LYS F 167 -56.68 13.89 -12.73
N GLN F 168 -57.60 12.94 -12.56
CA GLN F 168 -59.00 13.27 -12.33
C GLN F 168 -59.51 12.87 -10.94
N VAL F 169 -58.66 12.34 -10.06
CA VAL F 169 -59.08 11.87 -8.75
C VAL F 169 -58.49 12.79 -7.67
N TYR F 170 -59.34 13.17 -6.72
CA TYR F 170 -59.02 14.15 -5.67
C TYR F 170 -59.50 13.56 -4.33
N ARG F 171 -58.62 12.83 -3.64
CA ARG F 171 -58.99 12.13 -2.41
C ARG F 171 -58.97 13.09 -1.22
N ILE F 172 -60.12 13.28 -0.59
CA ILE F 172 -60.32 14.29 0.46
C ILE F 172 -59.87 13.77 1.82
N ASP F 173 -59.14 14.61 2.55
CA ASP F 173 -58.82 14.42 3.96
C ASP F 173 -59.21 15.69 4.71
N HIS F 174 -60.14 15.59 5.66
CA HIS F 174 -60.72 16.80 6.25
C HIS F 174 -59.68 17.65 6.98
N TYR F 175 -58.52 17.10 7.31
CA TYR F 175 -57.51 17.86 8.04
C TYR F 175 -56.78 18.86 7.15
N LEU F 176 -56.34 18.43 5.95
CA LEU F 176 -55.58 19.30 5.05
C LEU F 176 -56.30 20.61 4.77
N GLY F 177 -57.62 20.64 4.93
CA GLY F 177 -58.32 21.88 4.67
C GLY F 177 -58.29 22.84 5.81
N LYS F 178 -57.83 22.39 6.97
CA LYS F 178 -57.63 23.32 8.08
C LYS F 178 -56.43 24.19 7.78
N GLU F 179 -56.61 25.50 7.96
CA GLU F 179 -55.54 26.44 7.63
C GLU F 179 -54.30 26.20 8.48
N THR F 180 -54.49 25.94 9.76
CA THR F 180 -53.39 25.64 10.68
C THR F 180 -52.51 24.48 10.21
N VAL F 181 -53.04 23.58 9.39
CA VAL F 181 -52.22 22.48 8.89
C VAL F 181 -51.43 22.90 7.65
N GLN F 182 -52.00 23.76 6.82
CA GLN F 182 -51.34 24.16 5.58
C GLN F 182 -50.13 25.05 5.84
N ASN F 183 -50.17 25.88 6.88
CA ASN F 183 -49.03 26.74 7.14
C ASN F 183 -47.85 25.99 7.70
N LEU F 184 -48.01 24.69 7.96
CA LEU F 184 -46.89 23.83 8.34
C LEU F 184 -45.75 23.89 7.34
N LEU F 185 -46.00 24.39 6.13
CA LEU F 185 -44.97 24.55 5.11
C LEU F 185 -44.27 25.90 5.19
N THR F 186 -45.02 26.98 5.42
CA THR F 186 -44.40 28.28 5.62
C THR F 186 -43.37 28.27 6.75
N LEU F 187 -43.60 27.47 7.80
CA LEU F 187 -42.64 27.46 8.90
C LEU F 187 -41.30 26.86 8.50
N ARG F 188 -41.32 25.68 7.89
CA ARG F 188 -40.07 24.97 7.60
C ARG F 188 -39.27 25.68 6.51
N PHE F 189 -39.92 26.04 5.41
CA PHE F 189 -39.22 26.50 4.24
C PHE F 189 -39.27 28.02 4.09
N GLY F 190 -40.00 28.71 4.95
CA GLY F 190 -39.89 30.15 5.11
C GLY F 190 -38.95 30.59 6.21
N ASN F 191 -38.26 29.65 6.87
CA ASN F 191 -37.31 29.95 7.92
C ASN F 191 -36.10 29.03 7.76
N ALA F 192 -34.93 29.58 8.08
CA ALA F 192 -33.68 28.84 8.00
C ALA F 192 -33.29 28.30 9.37
N LEU F 193 -34.09 28.58 10.39
CA LEU F 193 -33.80 28.25 11.78
C LEU F 193 -34.07 26.79 12.15
N PHE F 194 -34.92 26.09 11.38
CA PHE F 194 -35.33 24.74 11.71
C PHE F 194 -34.56 23.67 10.95
N GLU F 195 -34.15 23.98 9.71
CA GLU F 195 -33.50 22.98 8.82
C GLU F 195 -32.14 22.49 9.33
N PRO F 196 -31.31 23.28 10.03
CA PRO F 196 -30.05 22.75 10.56
C PRO F 196 -30.28 21.64 11.60
N LEU F 197 -31.29 21.78 12.46
CA LEU F 197 -31.56 20.80 13.55
C LEU F 197 -32.44 19.62 13.11
N TRP F 198 -33.01 19.65 11.90
CA TRP F 198 -33.96 18.58 11.47
C TRP F 198 -33.15 17.41 10.90
N ASN F 199 -32.48 16.65 11.77
CA ASN F 199 -31.59 15.57 11.29
C ASN F 199 -31.37 14.51 12.37
N SER F 200 -30.88 13.34 11.98
CA SER F 200 -30.51 12.27 12.94
C SER F 200 -29.50 12.80 13.99
N LYS F 201 -28.75 13.85 13.68
CA LYS F 201 -27.80 14.50 14.63
C LYS F 201 -28.45 15.52 15.58
N GLY F 202 -29.39 16.36 15.11
CA GLY F 202 -29.94 17.43 15.96
C GLY F 202 -31.27 17.25 16.69
N ILE F 203 -31.98 16.13 16.52
CA ILE F 203 -33.33 16.05 17.16
C ILE F 203 -33.47 14.75 17.95
N ASP F 204 -34.02 14.83 19.17
CA ASP F 204 -34.06 13.61 19.98
C ASP F 204 -35.12 12.65 19.47
N HIS F 205 -36.37 13.10 19.42
CA HIS F 205 -37.48 12.25 19.01
C HIS F 205 -38.60 13.17 18.52
N VAL F 206 -39.60 12.57 17.90
CA VAL F 206 -40.78 13.30 17.44
C VAL F 206 -42.00 12.71 18.11
N GLN F 207 -42.94 13.57 18.49
CA GLN F 207 -44.10 13.19 19.27
C GLN F 207 -45.33 13.79 18.61
N ILE F 208 -46.32 12.95 18.32
CA ILE F 208 -47.61 13.39 17.81
C ILE F 208 -48.69 12.86 18.76
N SER F 209 -49.67 13.72 19.05
CA SER F 209 -50.72 13.33 19.98
C SER F 209 -51.98 14.07 19.57
N VAL F 210 -53.01 13.31 19.18
CA VAL F 210 -54.30 13.86 18.81
C VAL F 210 -55.27 13.44 19.91
N ALA F 211 -55.62 14.39 20.77
CA ALA F 211 -56.43 14.15 21.95
C ALA F 211 -57.83 14.69 21.72
N GLU F 212 -58.84 13.93 22.16
CA GLU F 212 -60.25 14.34 22.01
C GLU F 212 -60.99 14.03 23.31
N THR F 213 -61.66 15.03 23.91
CA THR F 213 -62.32 14.84 25.23
C THR F 213 -63.45 13.79 25.19
N VAL F 214 -64.27 13.82 24.14
CA VAL F 214 -65.46 12.92 24.10
C VAL F 214 -65.37 12.02 22.86
N GLY F 215 -65.53 10.71 23.03
CA GLY F 215 -65.42 9.78 21.90
C GLY F 215 -66.53 9.75 20.87
N LEU F 216 -66.21 9.56 19.58
CA LEU F 216 -67.21 9.29 18.50
C LEU F 216 -68.25 10.36 18.18
N GLU F 217 -68.89 10.25 17.00
CA GLU F 217 -69.93 11.15 16.53
C GLU F 217 -71.33 10.61 16.79
N GLY F 218 -71.44 9.53 17.56
CA GLY F 218 -72.70 8.85 17.74
C GLY F 218 -72.78 7.61 16.90
N ARG F 219 -71.76 7.36 16.08
CA ARG F 219 -71.73 6.27 15.13
C ARG F 219 -70.71 5.24 15.60
N ILE F 220 -71.14 4.46 16.59
CA ILE F 220 -70.36 3.32 17.03
C ILE F 220 -70.29 2.30 15.91
N GLY F 221 -71.17 2.42 14.92
CA GLY F 221 -71.30 1.37 13.91
C GLY F 221 -70.15 1.30 12.93
N TYR F 222 -69.65 2.45 12.48
CA TYR F 222 -68.45 2.45 11.66
C TYR F 222 -67.15 2.46 12.45
N PHE F 223 -67.20 2.33 13.77
CA PHE F 223 -65.93 2.34 14.50
C PHE F 223 -65.49 0.94 14.87
N ASP F 224 -66.44 0.06 15.18
CA ASP F 224 -66.08 -1.34 15.37
C ASP F 224 -65.48 -1.91 14.09
N SER F 225 -65.81 -1.33 12.94
CA SER F 225 -65.25 -1.73 11.66
C SER F 225 -63.94 -1.03 11.34
N SER F 226 -63.75 0.21 11.80
CA SER F 226 -62.50 0.92 11.51
C SER F 226 -61.52 0.86 12.69
N GLY F 227 -61.77 1.63 13.73
CA GLY F 227 -60.88 1.72 14.86
C GLY F 227 -59.99 2.97 14.80
N SER F 228 -59.48 3.36 15.98
CA SER F 228 -58.75 4.63 16.09
C SER F 228 -57.55 4.66 15.15
N LEU F 229 -56.84 3.54 15.03
CA LEU F 229 -55.75 3.46 14.07
C LEU F 229 -56.27 3.64 12.65
N ARG F 230 -57.30 2.89 12.28
CA ARG F 230 -57.83 2.93 10.92
C ARG F 230 -58.67 4.17 10.62
N ASP F 231 -59.40 4.69 11.61
CA ASP F 231 -60.24 5.85 11.37
C ASP F 231 -59.43 7.12 11.14
N MET F 232 -58.53 7.43 12.06
CA MET F 232 -57.85 8.73 12.09
C MET F 232 -56.41 8.69 11.63
N VAL F 233 -55.68 7.60 11.89
CA VAL F 233 -54.25 7.58 11.59
C VAL F 233 -54.02 7.27 10.12
N GLN F 234 -54.88 6.45 9.52
CA GLN F 234 -54.64 5.97 8.16
C GLN F 234 -54.51 7.12 7.17
N SER F 235 -55.29 8.19 7.36
CA SER F 235 -55.20 9.37 6.51
C SER F 235 -54.78 10.57 7.35
N HIS F 236 -55.65 11.07 8.22
CA HIS F 236 -55.45 12.34 8.93
C HIS F 236 -54.08 12.41 9.59
N ILE F 237 -53.79 11.47 10.49
CA ILE F 237 -52.61 11.61 11.34
C ILE F 237 -51.33 11.13 10.66
N LEU F 238 -51.42 10.37 9.56
CA LEU F 238 -50.21 10.06 8.80
C LEU F 238 -49.83 11.16 7.83
N GLN F 239 -50.79 11.98 7.40
CA GLN F 239 -50.45 13.14 6.58
C GLN F 239 -49.54 14.10 7.33
N LEU F 240 -49.67 14.14 8.67
CA LEU F 240 -48.80 14.98 9.48
C LEU F 240 -47.34 14.52 9.44
N VAL F 241 -47.11 13.20 9.55
CA VAL F 241 -45.73 12.69 9.51
C VAL F 241 -45.07 13.06 8.20
N ALA F 242 -45.84 13.03 7.11
CA ALA F 242 -45.27 13.40 5.82
C ALA F 242 -44.91 14.88 5.80
N LEU F 243 -45.75 15.73 6.40
CA LEU F 243 -45.41 17.15 6.49
C LEU F 243 -44.23 17.40 7.42
N VAL F 244 -44.09 16.57 8.46
CA VAL F 244 -43.04 16.82 9.46
C VAL F 244 -41.69 16.29 8.99
N ALA F 245 -41.66 15.22 8.22
CA ALA F 245 -40.42 14.53 7.92
C ALA F 245 -39.91 14.81 6.51
N MET F 246 -40.75 15.37 5.65
CA MET F 246 -40.42 15.51 4.24
C MET F 246 -39.23 16.43 4.04
N GLU F 247 -38.70 16.36 2.83
CA GLU F 247 -37.73 17.23 2.19
C GLU F 247 -38.45 18.26 1.35
N PRO F 248 -37.82 19.39 1.06
CA PRO F 248 -38.49 20.41 0.27
C PRO F 248 -38.68 19.94 -1.14
N PRO F 249 -39.79 20.30 -1.80
CA PRO F 249 -39.80 20.29 -3.25
C PRO F 249 -39.01 21.52 -3.67
N ALA F 250 -38.63 21.57 -4.95
CA ALA F 250 -37.94 22.76 -5.41
C ALA F 250 -38.84 23.98 -5.33
N HIS F 251 -40.15 23.77 -5.41
CA HIS F 251 -41.12 24.85 -5.40
C HIS F 251 -42.46 24.30 -4.95
N MET F 252 -43.40 25.20 -4.69
CA MET F 252 -44.72 24.87 -4.15
C MET F 252 -45.64 24.31 -5.24
N GLU F 253 -45.27 23.16 -5.78
CA GLU F 253 -46.09 22.48 -6.78
C GLU F 253 -46.80 21.26 -6.19
N ALA F 254 -47.94 20.91 -6.80
CA ALA F 254 -48.80 19.85 -6.27
C ALA F 254 -48.14 18.48 -6.30
N ASN F 255 -47.79 18.01 -7.48
CA ASN F 255 -47.20 16.68 -7.60
C ASN F 255 -45.70 16.72 -7.42
N ALA F 256 -45.12 17.90 -7.21
CA ALA F 256 -43.77 17.93 -6.66
C ALA F 256 -43.83 17.78 -5.15
N VAL F 257 -44.84 18.37 -4.50
CA VAL F 257 -45.04 18.18 -3.07
C VAL F 257 -45.48 16.75 -2.78
N ARG F 258 -46.51 16.28 -3.47
CA ARG F 258 -47.05 14.96 -3.17
C ARG F 258 -46.03 13.88 -3.50
N ASP F 259 -45.21 14.10 -4.53
CA ASP F 259 -44.13 13.18 -4.81
C ASP F 259 -43.09 13.19 -3.69
N GLU F 260 -43.05 14.25 -2.87
CA GLU F 260 -42.14 14.31 -1.74
C GLU F 260 -42.70 13.64 -0.50
N LYS F 261 -44.03 13.58 -0.37
CA LYS F 261 -44.64 12.90 0.77
C LYS F 261 -44.65 11.39 0.60
N VAL F 262 -44.84 10.90 -0.64
CA VAL F 262 -44.84 9.46 -0.87
C VAL F 262 -43.50 8.85 -0.49
N LYS F 263 -42.41 9.59 -0.67
CA LYS F 263 -41.11 9.07 -0.29
C LYS F 263 -41.05 8.80 1.21
N VAL F 264 -41.70 9.65 2.01
CA VAL F 264 -41.78 9.42 3.45
C VAL F 264 -42.61 8.19 3.74
N PHE F 265 -43.78 8.07 3.10
CA PHE F 265 -44.63 6.91 3.32
C PHE F 265 -43.94 5.64 2.83
N ARG F 266 -43.12 5.77 1.79
CA ARG F 266 -42.31 4.68 1.29
C ARG F 266 -41.04 4.47 2.12
N ALA F 267 -40.74 5.41 3.03
CA ALA F 267 -39.61 5.28 3.93
C ALA F 267 -40.05 4.81 5.32
N LEU F 268 -41.32 4.44 5.48
CA LEU F 268 -41.80 3.87 6.71
C LEU F 268 -41.14 2.52 6.95
N ARG F 269 -40.99 2.17 8.22
CA ARG F 269 -40.28 0.99 8.68
C ARG F 269 -41.23 -0.20 8.74
N PRO F 270 -40.91 -1.32 8.08
CA PRO F 270 -41.84 -2.45 8.04
C PRO F 270 -41.86 -3.17 9.38
N ILE F 271 -43.05 -3.27 9.98
CA ILE F 271 -43.24 -3.91 11.26
C ILE F 271 -43.40 -5.40 10.98
N ASN F 272 -42.35 -6.17 11.22
CA ASN F 272 -42.26 -7.56 10.75
C ASN F 272 -42.70 -8.53 11.85
N ASN F 273 -43.89 -8.25 12.39
CA ASN F 273 -44.62 -9.13 13.29
C ASN F 273 -44.01 -9.13 14.68
N ASP F 274 -42.68 -9.20 14.76
CA ASP F 274 -41.94 -9.12 16.01
C ASP F 274 -41.66 -7.68 16.43
N THR F 275 -42.14 -6.69 15.67
CA THR F 275 -41.95 -5.29 15.99
C THR F 275 -43.20 -4.64 16.55
N VAL F 276 -44.38 -5.22 16.30
CA VAL F 276 -45.61 -4.66 16.83
C VAL F 276 -45.69 -4.90 18.34
N ILE F 277 -44.91 -5.85 18.85
CA ILE F 277 -44.98 -6.22 20.27
C ILE F 277 -44.36 -5.16 21.17
N THR F 278 -43.21 -4.61 20.78
CA THR F 278 -42.53 -3.65 21.64
C THR F 278 -42.74 -2.20 21.24
N HIS F 279 -43.39 -1.94 20.10
CA HIS F 279 -43.50 -0.58 19.57
C HIS F 279 -44.95 -0.11 19.44
N THR F 280 -45.92 -0.83 20.02
CA THR F 280 -47.33 -0.48 19.89
C THR F 280 -48.06 -0.83 21.18
N VAL F 281 -49.19 -0.15 21.37
CA VAL F 281 -50.04 -0.32 22.55
C VAL F 281 -51.49 -0.28 22.08
N THR F 282 -52.32 -1.15 22.67
CA THR F 282 -53.73 -1.26 22.32
C THR F 282 -54.60 -0.93 23.52
N GLY F 283 -55.73 -0.27 23.25
CA GLY F 283 -56.69 0.02 24.30
C GLY F 283 -58.12 0.01 23.82
N GLN F 284 -59.04 -0.17 24.76
CA GLN F 284 -60.48 -0.01 24.52
C GLN F 284 -61.05 0.78 25.69
N TYR F 285 -61.60 1.96 25.41
CA TYR F 285 -62.08 2.86 26.46
C TYR F 285 -63.22 2.26 27.30
N GLY F 286 -63.14 2.49 28.61
CA GLY F 286 -64.19 2.15 29.54
C GLY F 286 -65.05 3.33 29.95
N ALA F 287 -65.75 3.17 31.08
CA ALA F 287 -66.74 4.13 31.56
C ALA F 287 -66.17 5.06 32.63
N GLY F 288 -66.09 6.36 32.33
CA GLY F 288 -65.67 7.34 33.32
C GLY F 288 -66.41 8.66 33.28
N VAL F 289 -65.73 9.76 33.60
CA VAL F 289 -66.35 11.08 33.67
C VAL F 289 -65.73 11.93 32.55
N SER F 290 -66.61 12.51 31.72
CA SER F 290 -66.17 13.32 30.58
C SER F 290 -67.09 14.52 30.44
N GLY F 291 -66.50 15.71 30.46
CA GLY F 291 -67.28 16.92 30.31
C GLY F 291 -68.06 17.31 31.54
N GLY F 292 -67.72 16.73 32.70
CA GLY F 292 -68.43 16.94 33.94
C GLY F 292 -69.41 15.85 34.27
N LYS F 293 -70.05 15.26 33.25
CA LYS F 293 -70.93 14.11 33.42
C LYS F 293 -70.22 12.80 33.07
N GLU F 294 -70.60 11.76 33.78
CA GLU F 294 -70.07 10.41 33.56
C GLU F 294 -70.74 9.76 32.34
N VAL F 295 -69.96 8.94 31.62
CA VAL F 295 -70.39 8.26 30.40
C VAL F 295 -69.92 6.80 30.49
N ALA F 296 -70.38 5.95 29.56
CA ALA F 296 -70.26 4.52 29.78
C ALA F 296 -69.41 3.80 28.72
N GLY F 297 -69.40 2.47 28.84
CA GLY F 297 -68.44 1.62 28.14
C GLY F 297 -68.76 1.29 26.70
N TYR F 298 -67.69 0.98 25.97
CA TYR F 298 -67.78 0.56 24.57
C TYR F 298 -68.71 -0.64 24.42
N ILE F 299 -68.40 -1.75 25.10
CA ILE F 299 -69.23 -2.95 25.02
C ILE F 299 -70.65 -2.64 25.49
N ASP F 300 -70.79 -1.92 26.61
CA ASP F 300 -72.13 -1.61 27.09
C ASP F 300 -72.87 -0.69 26.11
N GLU F 301 -72.16 -0.16 25.12
CA GLU F 301 -72.70 0.69 24.06
C GLU F 301 -72.92 -0.06 22.76
N LEU F 302 -72.14 -1.09 22.48
CA LEU F 302 -72.20 -1.77 21.20
C LEU F 302 -73.11 -3.00 21.21
N GLY F 303 -73.11 -3.79 22.27
CA GLY F 303 -73.92 -4.98 22.34
C GLY F 303 -73.18 -6.28 22.07
N GLN F 304 -72.03 -6.22 21.40
CA GLN F 304 -71.22 -7.38 21.06
C GLN F 304 -69.85 -7.29 21.72
N PRO F 305 -69.22 -8.43 22.02
CA PRO F 305 -67.83 -8.42 22.50
C PRO F 305 -66.89 -8.00 21.38
N SER F 306 -66.18 -6.89 21.60
CA SER F 306 -65.32 -6.29 20.59
C SER F 306 -63.86 -6.23 21.03
N ASP F 307 -62.98 -6.35 20.04
CA ASP F 307 -61.54 -6.24 20.26
C ASP F 307 -60.92 -5.06 19.49
N THR F 308 -61.73 -4.16 18.96
CA THR F 308 -61.16 -3.04 18.22
C THR F 308 -60.79 -1.90 19.18
N GLU F 309 -60.07 -0.93 18.65
CA GLU F 309 -59.39 0.06 19.46
C GLU F 309 -60.10 1.41 19.41
N THR F 310 -59.94 2.13 20.52
CA THR F 310 -60.36 3.52 20.66
C THR F 310 -59.18 4.32 21.19
N PHE F 311 -57.98 3.76 21.01
CA PHE F 311 -56.71 4.25 21.50
C PHE F 311 -55.62 3.41 20.87
N VAL F 312 -54.57 4.05 20.38
CA VAL F 312 -53.46 3.34 19.75
C VAL F 312 -52.25 4.25 19.78
N ALA F 313 -51.07 3.65 19.94
CA ALA F 313 -49.81 4.38 19.99
C ALA F 313 -48.75 3.54 19.31
N ILE F 314 -47.86 4.21 18.58
CA ILE F 314 -46.84 3.54 17.77
C ILE F 314 -45.51 4.24 18.00
N LYS F 315 -44.43 3.46 17.97
CA LYS F 315 -43.08 4.02 17.91
C LYS F 315 -42.58 3.81 16.49
N ALA F 316 -42.99 4.73 15.62
CA ALA F 316 -42.61 4.66 14.22
C ALA F 316 -41.28 5.36 14.02
N HIS F 317 -40.65 5.06 12.89
CA HIS F 317 -39.36 5.62 12.53
C HIS F 317 -39.39 5.98 11.06
N VAL F 318 -38.81 7.12 10.72
CA VAL F 318 -38.58 7.48 9.32
C VAL F 318 -37.11 7.21 9.03
N ASP F 319 -36.88 6.33 8.06
CA ASP F 319 -35.56 5.77 7.80
C ASP F 319 -35.06 6.30 6.47
N ASN F 320 -34.57 7.55 6.49
CA ASN F 320 -33.89 8.07 5.32
C ASN F 320 -32.52 8.61 5.69
N TRP F 321 -31.89 9.38 4.81
CA TRP F 321 -30.60 9.96 5.13
C TRP F 321 -30.71 10.90 6.33
N ARG F 322 -31.75 11.72 6.35
CA ARG F 322 -31.91 12.73 7.40
C ARG F 322 -32.37 12.16 8.74
N TRP F 323 -33.39 11.29 8.73
CA TRP F 323 -34.18 11.04 9.93
C TRP F 323 -33.94 9.70 10.59
N HIS F 324 -32.98 8.90 10.12
CA HIS F 324 -32.76 7.57 10.69
C HIS F 324 -32.51 7.64 12.19
N GLY F 325 -33.17 6.77 12.93
CA GLY F 325 -32.89 6.70 14.34
C GLY F 325 -33.55 7.77 15.17
N VAL F 326 -34.42 8.58 14.56
CA VAL F 326 -35.19 9.60 15.30
C VAL F 326 -36.54 8.96 15.60
N PRO F 327 -36.84 8.65 16.87
CA PRO F 327 -38.09 7.95 17.16
C PRO F 327 -39.29 8.87 17.04
N PHE F 328 -40.31 8.40 16.33
CA PHE F 328 -41.61 9.03 16.32
C PHE F 328 -42.51 8.25 17.26
N TYR F 329 -42.94 8.88 18.34
CA TYR F 329 -43.89 8.27 19.25
C TYR F 329 -45.21 8.95 18.91
N ILE F 330 -46.10 8.21 18.24
CA ILE F 330 -47.35 8.78 17.76
C ILE F 330 -48.46 8.34 18.71
N ARG F 331 -49.50 9.15 18.84
CA ARG F 331 -50.53 8.87 19.83
C ARG F 331 -51.84 9.55 19.46
N THR F 332 -52.94 8.80 19.57
CA THR F 332 -54.29 9.33 19.43
C THR F 332 -55.23 8.38 20.14
N GLY F 333 -56.32 8.93 20.68
CA GLY F 333 -57.26 8.10 21.41
C GLY F 333 -58.52 8.87 21.74
N LYS F 334 -59.57 8.11 22.03
CA LYS F 334 -60.87 8.66 22.37
C LYS F 334 -61.05 8.64 23.89
N ARG F 335 -62.17 9.20 24.34
CA ARG F 335 -62.45 9.42 25.76
C ARG F 335 -61.18 9.74 26.54
N LEU F 336 -60.50 10.79 26.08
CA LEU F 336 -59.26 11.23 26.68
C LEU F 336 -59.49 12.46 27.55
N PRO F 337 -58.48 12.94 28.28
CA PRO F 337 -58.69 14.08 29.18
C PRO F 337 -58.78 15.44 28.48
N ALA F 338 -58.54 15.52 27.17
CA ALA F 338 -58.58 16.81 26.49
C ALA F 338 -58.93 16.61 25.01
N ARG F 339 -59.66 17.58 24.44
CA ARG F 339 -59.84 17.69 22.99
C ARG F 339 -58.77 18.67 22.53
N ARG F 340 -57.69 18.14 21.96
CA ARG F 340 -56.54 18.98 21.65
C ARG F 340 -55.47 18.26 20.84
N SER F 341 -55.14 18.79 19.66
CA SER F 341 -54.15 18.20 18.77
C SER F 341 -52.84 18.98 18.83
N GLU F 342 -51.75 18.31 19.19
CA GLU F 342 -50.46 18.97 19.37
C GLU F 342 -49.31 18.11 18.86
N ILE F 343 -48.21 18.77 18.47
CA ILE F 343 -46.96 18.11 18.10
C ILE F 343 -45.84 18.74 18.91
N VAL F 344 -44.98 17.91 19.53
CA VAL F 344 -43.85 18.39 20.33
C VAL F 344 -42.60 17.63 19.90
N VAL F 345 -41.75 18.27 19.12
CA VAL F 345 -40.44 17.75 18.75
C VAL F 345 -39.39 18.24 19.72
N GLN F 346 -38.70 17.32 20.38
CA GLN F 346 -37.66 17.61 21.35
C GLN F 346 -36.29 17.56 20.69
N PHE F 347 -35.48 18.59 20.93
CA PHE F 347 -34.17 18.68 20.29
C PHE F 347 -33.11 18.02 21.15
N LYS F 348 -32.07 17.52 20.49
CA LYS F 348 -31.01 16.81 21.18
C LYS F 348 -30.27 17.74 22.15
N PRO F 349 -29.69 17.20 23.21
CA PRO F 349 -29.00 18.07 24.17
C PRO F 349 -27.74 18.66 23.59
N VAL F 350 -27.35 19.80 24.15
CA VAL F 350 -26.11 20.49 23.78
C VAL F 350 -24.96 19.53 23.99
N PRO F 351 -23.90 19.57 23.19
CA PRO F 351 -22.75 18.70 23.48
C PRO F 351 -22.12 18.98 24.82
N HIS F 352 -22.35 20.15 25.44
CA HIS F 352 -21.65 20.47 26.67
C HIS F 352 -22.36 21.58 27.44
N SER F 353 -22.47 21.41 28.76
CA SER F 353 -23.05 22.46 29.63
C SER F 353 -21.92 23.20 30.35
N ILE F 354 -21.70 24.47 30.02
CA ILE F 354 -20.57 25.25 30.60
C ILE F 354 -20.75 25.38 32.12
N PHE F 355 -21.96 25.65 32.60
CA PHE F 355 -22.20 25.73 34.07
C PHE F 355 -22.52 24.35 34.66
N SER F 356 -21.54 23.44 34.72
CA SER F 356 -21.82 22.07 35.19
C SER F 356 -21.58 21.92 36.70
N SER F 357 -21.09 22.97 37.37
CA SER F 357 -20.76 22.76 38.80
C SER F 357 -22.02 22.42 39.61
N SER F 358 -23.11 23.14 39.40
CA SER F 358 -24.38 22.83 40.10
C SER F 358 -25.55 23.50 39.39
N GLY F 359 -26.77 23.07 39.67
CA GLY F 359 -27.95 23.74 39.09
C GLY F 359 -27.98 23.66 37.59
N GLY F 360 -26.98 23.01 36.99
CA GLY F 360 -27.05 22.87 35.55
C GLY F 360 -27.92 21.73 35.04
N ILE F 361 -29.23 21.82 35.24
CA ILE F 361 -30.18 20.89 34.63
C ILE F 361 -30.78 21.62 33.44
N LEU F 362 -30.71 21.00 32.27
CA LEU F 362 -30.99 21.66 31.01
C LEU F 362 -32.15 20.93 30.33
N GLN F 363 -33.32 21.54 30.35
CA GLN F 363 -34.43 20.93 29.64
C GLN F 363 -34.21 21.17 28.15
N PRO F 364 -34.26 20.12 27.33
CA PRO F 364 -33.97 20.27 25.90
C PRO F 364 -34.98 21.13 25.20
N ASN F 365 -34.55 21.69 24.06
CA ASN F 365 -35.46 22.54 23.30
C ASN F 365 -36.53 21.68 22.66
N LYS F 366 -37.78 22.10 22.81
CA LYS F 366 -38.92 21.44 22.19
C LYS F 366 -39.72 22.48 21.43
N LEU F 367 -40.23 22.08 20.28
CA LEU F 367 -41.11 22.92 19.49
C LEU F 367 -42.51 22.33 19.54
N ARG F 368 -43.45 23.06 20.12
CA ARG F 368 -44.82 22.60 20.29
C ARG F 368 -45.71 23.42 19.37
N ILE F 369 -46.44 22.72 18.50
CA ILE F 369 -47.39 23.34 17.58
C ILE F 369 -48.76 22.76 17.87
N VAL F 370 -49.74 23.62 18.08
CA VAL F 370 -51.11 23.21 18.33
C VAL F 370 -51.95 23.61 17.13
N LEU F 371 -52.71 22.65 16.60
CA LEU F 371 -53.52 22.86 15.41
C LEU F 371 -55.00 22.84 15.70
N GLN F 372 -55.42 22.17 16.77
CA GLN F 372 -56.79 22.21 17.22
C GLN F 372 -56.76 21.95 18.73
N PRO F 373 -57.56 22.66 19.51
CA PRO F 373 -58.45 23.76 19.08
C PRO F 373 -57.71 25.10 18.99
N ASP F 374 -56.53 25.16 19.58
CA ASP F 374 -55.66 26.34 19.59
C ASP F 374 -54.65 26.34 18.45
N GLU F 375 -54.43 27.52 17.87
CA GLU F 375 -53.35 27.74 16.92
C GLU F 375 -52.24 28.47 17.67
N THR F 376 -51.12 27.80 17.92
CA THR F 376 -50.12 28.34 18.84
C THR F 376 -48.75 27.75 18.53
N ILE F 377 -47.70 28.57 18.65
CA ILE F 377 -46.32 28.12 18.50
C ILE F 377 -45.46 28.69 19.63
N GLN F 378 -44.58 27.85 20.17
CA GLN F 378 -43.65 28.29 21.20
C GLN F 378 -42.39 27.44 21.16
N ILE F 379 -41.30 27.98 21.69
CA ILE F 379 -40.03 27.27 21.79
C ILE F 379 -39.54 27.42 23.21
N SER F 380 -38.86 26.38 23.70
CA SER F 380 -38.46 26.28 25.09
C SER F 380 -36.96 26.46 25.22
N ILE F 381 -36.54 27.54 25.89
CA ILE F 381 -35.14 27.84 26.10
C ILE F 381 -34.91 28.04 27.59
N MET F 382 -33.65 27.93 28.00
CA MET F 382 -33.26 28.10 29.38
C MET F 382 -32.81 29.54 29.58
N VAL F 383 -33.22 30.13 30.70
CA VAL F 383 -32.89 31.51 31.02
C VAL F 383 -32.49 31.55 32.48
N LYS F 384 -31.48 32.35 32.80
CA LYS F 384 -31.03 32.45 34.18
C LYS F 384 -32.15 32.98 35.07
N GLU F 385 -32.38 32.29 36.17
CA GLU F 385 -33.40 32.74 37.12
C GLU F 385 -32.75 33.70 38.11
N PRO F 386 -33.35 34.86 38.35
CA PRO F 386 -32.67 35.91 39.15
C PRO F 386 -32.31 35.45 40.56
N GLY F 387 -31.07 35.70 40.94
CA GLY F 387 -30.54 35.25 42.20
C GLY F 387 -29.02 35.20 42.14
N LEU F 388 -28.42 34.88 43.29
CA LEU F 388 -26.97 34.98 43.41
C LEU F 388 -26.34 33.59 43.38
N ASP F 389 -25.02 33.57 43.54
CA ASP F 389 -24.26 32.33 43.44
C ASP F 389 -24.07 31.79 44.85
N ARG F 390 -24.74 30.68 45.14
CA ARG F 390 -24.62 30.01 46.42
C ARG F 390 -24.02 28.62 46.24
N ASN F 391 -24.88 27.64 46.01
CA ASN F 391 -24.51 26.24 45.82
C ASN F 391 -24.77 25.80 44.38
N GLY F 392 -24.54 26.71 43.43
CA GLY F 392 -24.67 26.44 42.02
C GLY F 392 -25.50 27.51 41.33
N ALA F 393 -25.54 27.40 40.00
CA ALA F 393 -26.28 28.34 39.19
C ALA F 393 -27.65 27.75 38.88
N HIS F 394 -28.71 28.46 39.28
CA HIS F 394 -30.07 28.02 39.07
C HIS F 394 -30.73 28.88 38.00
N MET F 395 -31.56 28.26 37.18
CA MET F 395 -32.19 28.87 36.02
C MET F 395 -33.61 28.33 35.90
N ARG F 396 -34.41 28.98 35.07
CA ARG F 396 -35.77 28.52 34.81
C ARG F 396 -35.99 28.40 33.30
N GLU F 397 -36.81 27.43 32.93
CA GLU F 397 -37.25 27.29 31.56
C GLU F 397 -38.44 28.19 31.26
N VAL F 398 -38.50 28.66 30.01
CA VAL F 398 -39.49 29.63 29.59
C VAL F 398 -39.77 29.42 28.11
N TRP F 399 -40.89 29.97 27.65
CA TRP F 399 -41.44 29.66 26.34
C TRP F 399 -41.62 30.95 25.57
N LEU F 400 -41.01 31.02 24.37
CA LEU F 400 -41.27 32.14 23.46
C LEU F 400 -42.56 31.74 22.75
N ASP F 401 -43.69 32.35 23.10
CA ASP F 401 -45.00 31.85 22.60
C ASP F 401 -45.68 32.79 21.61
N LEU F 402 -46.11 32.24 20.47
CA LEU F 402 -46.90 33.02 19.49
C LEU F 402 -48.22 32.30 19.22
N SER F 403 -49.37 32.99 19.28
CA SER F 403 -50.63 32.36 18.86
C SER F 403 -51.10 33.06 17.58
N LEU F 404 -51.21 32.32 16.47
CA LEU F 404 -51.67 32.89 15.17
C LEU F 404 -53.13 33.36 15.28
N THR F 405 -53.97 32.62 15.98
CA THR F 405 -55.43 32.94 16.01
C THR F 405 -55.65 34.32 16.62
N ASP F 406 -54.92 34.66 17.67
CA ASP F 406 -55.04 36.01 18.28
C ASP F 406 -54.63 37.04 17.24
N VAL F 407 -53.57 36.76 16.48
CA VAL F 407 -53.13 37.70 15.41
C VAL F 407 -54.16 37.65 14.28
N PHE F 408 -54.42 36.47 13.72
CA PHE F 408 -55.45 36.36 12.68
C PHE F 408 -56.84 36.33 13.32
N LYS F 409 -57.10 37.26 14.22
CA LYS F 409 -58.41 37.31 14.89
C LYS F 409 -59.37 38.11 14.01
N ASP F 410 -58.88 39.23 13.49
CA ASP F 410 -59.72 40.08 12.60
C ASP F 410 -60.06 39.24 11.36
N ARG F 411 -59.09 38.47 10.88
CA ARG F 411 -59.32 37.66 9.67
C ARG F 411 -60.40 36.63 10.00
N LYS F 412 -61.30 36.36 9.05
CA LYS F 412 -62.42 35.40 9.27
C LYS F 412 -61.85 33.98 9.36
N ARG F 413 -62.54 33.11 10.11
CA ARG F 413 -62.08 31.71 10.25
C ARG F 413 -62.90 30.86 9.30
N ARG F 414 -62.23 30.19 8.35
CA ARG F 414 -62.95 29.41 7.33
C ARG F 414 -62.84 27.92 7.66
N ILE F 415 -63.89 27.16 7.37
CA ILE F 415 -63.93 25.71 7.71
C ILE F 415 -62.97 24.96 6.78
N ALA F 416 -62.51 23.78 7.20
CA ALA F 416 -61.53 23.01 6.42
C ALA F 416 -62.10 22.64 5.05
N TYR F 417 -63.38 22.29 4.98
CA TYR F 417 -63.99 21.81 3.70
C TYR F 417 -64.01 22.86 2.57
N GLU F 418 -64.26 24.15 2.83
CA GLU F 418 -64.45 25.12 1.71
C GLU F 418 -63.23 25.27 0.79
N ARG F 419 -62.01 25.31 1.32
CA ARG F 419 -60.83 25.57 0.45
C ARG F 419 -60.63 24.45 -0.58
N LEU F 420 -60.81 23.19 -0.19
CA LEU F 420 -60.49 22.05 -1.10
C LEU F 420 -61.25 22.17 -2.42
N MET F 421 -62.50 22.59 -2.39
CA MET F 421 -63.34 22.63 -3.58
C MET F 421 -62.73 23.51 -4.66
N LEU F 422 -62.40 24.76 -4.30
CA LEU F 422 -61.96 25.74 -5.30
C LEU F 422 -60.78 25.23 -6.10
N ASP F 423 -59.83 24.56 -5.43
CA ASP F 423 -58.67 24.02 -6.13
C ASP F 423 -59.11 23.10 -7.25
N LEU F 424 -60.11 22.26 -6.99
CA LEU F 424 -60.67 21.40 -8.02
C LEU F 424 -61.23 22.23 -9.18
N ILE F 425 -61.87 23.35 -8.86
CA ILE F 425 -62.38 24.26 -9.88
C ILE F 425 -61.25 25.10 -10.47
N GLU F 426 -60.36 25.60 -9.61
CA GLU F 426 -59.37 26.60 -10.02
C GLU F 426 -58.14 25.97 -10.65
N GLY F 427 -57.92 24.67 -10.44
CA GLY F 427 -56.82 24.03 -11.13
C GLY F 427 -56.00 23.13 -10.25
N ASP F 428 -54.70 23.38 -10.22
CA ASP F 428 -53.77 22.58 -9.45
C ASP F 428 -54.16 22.57 -7.97
N ALA F 429 -54.22 21.35 -7.41
CA ALA F 429 -54.69 21.10 -6.05
C ALA F 429 -53.68 20.20 -5.36
N THR F 430 -52.99 20.74 -4.37
CA THR F 430 -51.99 20.01 -3.61
C THR F 430 -52.56 19.35 -2.37
N LEU F 431 -53.80 19.67 -1.99
CA LEU F 431 -54.40 19.17 -0.76
C LEU F 431 -55.31 17.97 -1.00
N PHE F 432 -55.02 17.16 -2.01
CA PHE F 432 -55.83 15.98 -2.26
C PHE F 432 -54.88 14.80 -2.34
N VAL F 433 -55.23 13.71 -1.71
CA VAL F 433 -54.27 12.65 -1.52
C VAL F 433 -54.14 11.87 -2.82
N ARG F 434 -52.97 11.28 -3.04
CA ARG F 434 -52.75 10.55 -4.28
C ARG F 434 -52.47 9.09 -3.92
N ARG F 435 -52.57 8.23 -4.92
CA ARG F 435 -52.60 6.79 -4.68
C ARG F 435 -51.28 6.32 -4.10
N ASP F 436 -50.17 6.80 -4.66
CA ASP F 436 -48.85 6.44 -4.15
C ASP F 436 -48.75 6.71 -2.65
N GLU F 437 -49.38 7.79 -2.17
CA GLU F 437 -49.53 7.97 -0.74
C GLU F 437 -50.42 6.89 -0.14
N VAL F 438 -51.67 6.86 -0.60
CA VAL F 438 -52.67 5.94 -0.07
C VAL F 438 -52.22 4.50 -0.21
N GLU F 439 -51.57 4.16 -1.33
CA GLU F 439 -51.07 2.79 -1.47
C GLU F 439 -50.00 2.51 -0.43
N ALA F 440 -49.08 3.45 -0.24
CA ALA F 440 -48.08 3.29 0.82
C ALA F 440 -48.69 3.55 2.19
N GLN F 441 -49.72 4.39 2.25
CA GLN F 441 -50.44 4.59 3.51
C GLN F 441 -51.14 3.29 3.92
N TRP F 442 -51.76 2.61 2.96
CA TRP F 442 -52.49 1.39 3.27
C TRP F 442 -51.51 0.26 3.61
N ILE F 443 -50.36 0.23 2.93
CA ILE F 443 -49.39 -0.84 3.11
C ILE F 443 -48.88 -0.89 4.55
N TRP F 444 -48.49 0.26 5.11
CA TRP F 444 -47.96 0.24 6.47
C TRP F 444 -49.06 -0.10 7.47
N ILE F 445 -50.25 0.48 7.29
CA ILE F 445 -51.32 0.29 8.27
C ILE F 445 -51.83 -1.14 8.25
N ASP F 446 -51.94 -1.74 7.06
CA ASP F 446 -52.41 -3.11 6.99
C ASP F 446 -51.42 -4.07 7.66
N GLY F 447 -50.12 -3.74 7.61
CA GLY F 447 -49.13 -4.56 8.28
C GLY F 447 -49.17 -4.52 9.80
N ILE F 448 -49.63 -3.40 10.37
CA ILE F 448 -49.67 -3.31 11.83
C ILE F 448 -50.79 -4.18 12.38
N ARG F 449 -51.97 -4.14 11.75
CA ARG F 449 -53.08 -4.98 12.20
C ARG F 449 -52.76 -6.45 12.00
N GLU F 450 -52.12 -6.80 10.88
CA GLU F 450 -51.75 -8.18 10.63
C GLU F 450 -50.74 -8.68 11.67
N GLY F 451 -49.80 -7.81 12.05
CA GLY F 451 -48.76 -8.23 12.99
C GLY F 451 -49.30 -8.51 14.38
N TRP F 452 -50.18 -7.65 14.89
CA TRP F 452 -50.78 -7.84 16.20
C TRP F 452 -52.06 -8.68 16.16
N LYS F 453 -52.53 -9.05 14.96
CA LYS F 453 -53.51 -10.11 14.85
C LYS F 453 -52.85 -11.48 15.02
N ALA F 454 -51.57 -11.60 14.63
CA ALA F 454 -50.80 -12.82 14.82
C ALA F 454 -50.19 -12.92 16.22
N ASN F 455 -50.13 -11.83 16.97
CA ASN F 455 -49.58 -11.84 18.32
C ASN F 455 -50.65 -12.03 19.41
N SER F 456 -51.93 -12.06 19.04
CA SER F 456 -53.04 -12.17 19.98
C SER F 456 -53.01 -11.02 20.98
N MET F 457 -53.04 -9.80 20.43
CA MET F 457 -52.98 -8.58 21.23
C MET F 457 -54.32 -7.89 21.32
N LYS F 458 -55.27 -8.49 22.04
CA LYS F 458 -56.57 -7.83 22.20
C LYS F 458 -56.36 -6.59 23.06
N PRO F 459 -57.21 -5.58 22.91
CA PRO F 459 -56.98 -4.31 23.61
C PRO F 459 -57.13 -4.44 25.11
N LYS F 460 -56.67 -3.40 25.79
CA LYS F 460 -56.69 -3.28 27.25
C LYS F 460 -57.58 -2.10 27.64
N THR F 461 -58.33 -2.25 28.73
CA THR F 461 -59.29 -1.24 29.10
C THR F 461 -58.62 -0.07 29.81
N TYR F 462 -59.29 1.09 29.75
CA TYR F 462 -58.93 2.24 30.56
C TYR F 462 -60.22 2.94 30.99
N VAL F 463 -60.18 3.67 32.09
CA VAL F 463 -61.38 4.44 32.54
C VAL F 463 -61.36 5.80 31.86
N SER F 464 -62.53 6.43 31.67
CA SER F 464 -62.55 7.72 30.96
C SER F 464 -61.76 8.74 31.79
N GLY F 465 -60.94 9.58 31.16
CA GLY F 465 -60.11 10.52 31.93
C GLY F 465 -58.77 9.91 32.28
N THR F 466 -58.58 8.65 31.95
CA THR F 466 -57.29 7.94 32.22
C THR F 466 -56.13 8.57 31.43
N TRP F 467 -56.34 8.99 30.18
CA TRP F 467 -55.22 9.44 29.30
C TRP F 467 -54.59 8.19 28.67
N GLY F 468 -55.27 7.05 28.78
CA GLY F 468 -54.77 5.80 28.18
C GLY F 468 -54.14 4.83 29.14
N PRO F 469 -54.00 3.55 28.77
CA PRO F 469 -53.49 2.49 29.66
C PRO F 469 -52.01 2.60 30.04
N ILE F 470 -51.62 2.03 31.18
CA ILE F 470 -50.22 2.14 31.70
C ILE F 470 -49.27 1.50 30.69
N THR F 471 -49.78 0.58 29.90
CA THR F 471 -48.95 -0.08 28.85
C THR F 471 -48.48 1.02 27.90
N ALA F 472 -49.33 1.99 27.59
CA ALA F 472 -48.96 3.12 26.72
C ALA F 472 -47.82 3.92 27.38
N ILE F 473 -47.87 4.08 28.70
CA ILE F 473 -46.84 4.85 29.44
C ILE F 473 -45.47 4.18 29.25
N ALA F 474 -45.41 2.86 29.27
CA ALA F 474 -44.13 2.14 29.18
C ALA F 474 -43.44 2.40 27.84
N LEU F 475 -44.18 2.29 26.74
CA LEU F 475 -43.60 2.44 25.40
C LEU F 475 -42.66 3.64 25.28
N VAL F 476 -43.00 4.77 25.89
CA VAL F 476 -42.10 5.93 25.84
C VAL F 476 -41.08 5.90 26.97
N GLU F 477 -41.54 5.60 28.18
CA GLU F 477 -40.64 5.59 29.33
C GLU F 477 -39.57 4.52 29.19
N ARG F 478 -39.80 3.51 28.34
CA ARG F 478 -38.78 2.54 28.04
C ARG F 478 -37.63 3.19 27.27
N ASP F 479 -37.89 4.35 26.69
CA ASP F 479 -36.89 5.21 26.10
C ASP F 479 -36.57 6.39 27.00
N GLY F 480 -37.19 6.46 28.18
CA GLY F 480 -36.97 7.58 29.04
C GLY F 480 -37.91 8.71 28.74
N VAL F 481 -38.75 8.52 27.75
CA VAL F 481 -39.58 9.57 27.17
C VAL F 481 -40.93 9.58 27.86
N THR F 482 -41.50 10.78 27.94
CA THR F 482 -42.85 10.98 28.44
C THR F 482 -43.56 11.88 27.44
N TRP F 483 -44.86 11.73 27.32
CA TRP F 483 -45.64 12.57 26.37
C TRP F 483 -45.81 13.98 26.96
N TYR F 484 -46.00 14.99 26.09
CA TYR F 484 -46.10 16.37 26.61
C TYR F 484 -47.52 16.91 26.44
N ASP F 485 -48.18 17.26 27.54
CA ASP F 485 -49.52 17.92 27.43
C ASP F 485 -49.46 19.31 28.08
N LEU F 486 -48.26 19.83 28.39
CA LEU F 486 -48.14 21.12 29.13
C LEU F 486 -48.81 20.96 30.49
N GLU F 487 -49.65 21.93 30.89
CA GLU F 487 -50.39 21.87 32.18
C GLU F 487 -51.03 23.24 32.45
N ASN G 3 13.74 42.14 19.46
CA ASN G 3 14.29 41.70 18.15
C ASN G 3 15.39 40.66 18.39
N THR G 4 16.43 40.69 17.55
CA THR G 4 17.56 39.74 17.68
C THR G 4 18.26 39.97 19.01
N VAL G 5 18.72 38.89 19.65
CA VAL G 5 19.45 39.03 20.95
C VAL G 5 20.92 38.76 20.65
N SER G 6 21.81 39.67 21.04
CA SER G 6 23.24 39.52 20.65
C SER G 6 24.12 38.82 21.68
N THR G 7 23.59 38.43 22.84
CA THR G 7 24.51 37.64 23.72
C THR G 7 23.96 36.21 23.84
N MET G 8 24.77 35.22 23.49
CA MET G 8 24.31 33.81 23.54
C MET G 8 25.27 32.98 24.38
N ILE G 9 24.73 32.18 25.30
CA ILE G 9 25.60 31.27 26.11
C ILE G 9 25.22 29.84 25.76
N LEU G 10 26.20 29.01 25.42
CA LEU G 10 25.90 27.62 24.96
C LEU G 10 26.49 26.62 25.94
N PHE G 11 25.65 25.77 26.52
CA PHE G 11 26.09 24.81 27.52
C PHE G 11 26.38 23.46 26.88
N GLY G 12 26.81 22.53 27.73
CA GLY G 12 27.10 21.17 27.37
C GLY G 12 27.74 20.98 26.01
N SER G 13 28.72 21.83 25.67
CA SER G 13 29.47 21.65 24.43
C SER G 13 30.46 20.50 24.57
N THR G 14 30.89 20.23 25.80
CA THR G 14 31.53 18.97 26.15
C THR G 14 30.47 17.91 26.45
N GLY G 15 29.29 18.08 25.89
CA GLY G 15 28.14 17.26 26.18
C GLY G 15 27.83 16.23 25.11
N ASP G 16 26.67 15.60 25.26
CA ASP G 16 26.26 14.46 24.43
C ASP G 16 25.55 14.83 23.12
N LEU G 17 24.56 15.72 23.16
CA LEU G 17 23.75 16.00 21.95
C LEU G 17 24.25 17.19 21.14
N SER G 18 25.00 18.11 21.74
CA SER G 18 25.33 19.36 21.01
C SER G 18 26.16 19.14 19.74
N GLN G 19 27.17 18.28 19.81
CA GLN G 19 28.07 18.16 18.64
C GLN G 19 27.36 17.63 17.39
N ARG G 20 26.52 16.61 17.53
CA ARG G 20 25.98 15.99 16.29
C ARG G 20 25.10 16.94 15.47
N MET G 21 24.17 17.68 16.09
CA MET G 21 23.40 18.61 15.22
C MET G 21 23.37 20.06 15.71
N LEU G 22 23.39 20.27 17.04
CA LEU G 22 23.15 21.65 17.52
C LEU G 22 24.25 22.62 17.05
N LEU G 23 25.51 22.22 17.17
CA LEU G 23 26.59 23.17 16.80
C LEU G 23 26.54 23.47 15.29
N PRO G 24 26.34 22.46 14.41
CA PRO G 24 26.36 22.69 12.96
C PRO G 24 25.26 23.62 12.45
N SER G 25 24.05 23.50 12.96
CA SER G 25 22.91 24.30 12.44
C SER G 25 23.21 25.80 12.60
N LEU G 26 23.88 26.18 13.69
CA LEU G 26 24.14 27.62 13.94
C LEU G 26 24.95 28.19 12.78
N TYR G 27 25.90 27.42 12.26
CA TYR G 27 26.70 27.88 11.09
C TYR G 27 25.80 28.09 9.87
N GLY G 28 24.85 27.18 9.66
CA GLY G 28 23.97 27.27 8.47
C GLY G 28 23.23 28.58 8.45
N LEU G 29 23.12 29.22 9.61
CA LEU G 29 22.45 30.55 9.70
C LEU G 29 23.46 31.61 9.24
N ASP G 30 24.71 31.48 9.66
CA ASP G 30 25.76 32.37 9.14
C ASP G 30 25.95 32.15 7.64
N ALA G 31 25.86 30.91 7.16
CA ALA G 31 26.20 30.67 5.74
C ALA G 31 25.27 31.51 4.86
N ASP G 32 23.98 31.56 5.18
CA ASP G 32 23.10 32.53 4.47
C ASP G 32 22.53 33.39 5.58
N GLY G 33 22.76 34.70 5.59
CA GLY G 33 22.29 35.48 6.74
C GLY G 33 21.47 36.69 6.35
N LEU G 34 20.29 36.86 6.94
CA LEU G 34 19.54 38.12 6.70
C LEU G 34 19.39 38.90 8.01
N LEU G 35 19.91 38.40 9.13
CA LEU G 35 19.62 39.13 10.39
C LEU G 35 20.85 39.65 11.15
N ALA G 36 21.75 38.77 11.61
CA ALA G 36 22.81 39.29 12.50
C ALA G 36 24.25 38.97 12.10
N ASP G 37 25.10 39.99 11.97
CA ASP G 37 26.55 39.74 11.79
C ASP G 37 27.26 40.37 13.00
N ASP G 38 26.52 41.14 13.81
CA ASP G 38 27.08 41.80 15.03
C ASP G 38 26.54 41.01 16.21
N LEU G 39 27.13 39.84 16.47
CA LEU G 39 26.62 38.91 17.47
C LEU G 39 27.81 38.20 18.11
N ARG G 40 27.64 37.76 19.35
CA ARG G 40 28.72 37.06 20.03
C ARG G 40 28.20 35.73 20.56
N ILE G 41 28.76 34.65 20.03
CA ILE G 41 28.49 33.30 20.53
C ILE G 41 29.50 33.08 21.66
N VAL G 42 29.01 33.07 22.88
CA VAL G 42 29.84 32.85 24.07
C VAL G 42 29.72 31.39 24.44
N CYS G 43 30.86 30.74 24.59
CA CYS G 43 30.90 29.30 24.65
C CYS G 43 31.24 28.87 26.07
N THR G 44 30.66 27.75 26.50
CA THR G 44 30.76 27.34 27.89
C THR G 44 30.75 25.82 27.98
N SER G 45 31.71 25.30 28.80
CA SER G 45 31.80 23.89 29.18
C SER G 45 32.74 23.81 30.37
N ARG G 46 32.91 22.60 30.86
CA ARG G 46 33.79 22.38 32.05
C ARG G 46 35.18 21.93 31.59
N SER G 47 35.50 22.09 30.30
CA SER G 47 36.86 21.77 29.80
C SER G 47 37.51 23.05 29.31
N GLU G 48 38.73 23.35 29.74
CA GLU G 48 39.32 24.65 29.34
C GLU G 48 40.76 24.49 28.81
N TYR G 49 40.96 23.91 27.63
CA TYR G 49 42.34 23.88 27.10
C TYR G 49 42.83 25.31 26.85
N ASP G 50 41.99 26.15 26.22
CA ASP G 50 42.32 27.57 25.95
C ASP G 50 41.03 28.32 25.62
N THR G 51 41.02 29.66 25.67
CA THR G 51 39.82 30.44 25.25
C THR G 51 39.47 30.31 23.76
N ASP G 52 40.45 30.32 22.84
CA ASP G 52 40.09 30.35 21.39
C ASP G 52 40.34 29.04 20.62
N GLY G 53 40.68 27.93 21.26
CA GLY G 53 40.83 26.65 20.53
C GLY G 53 39.49 25.98 20.32
N PHE G 54 38.42 26.65 20.72
CA PHE G 54 37.02 26.12 20.66
C PHE G 54 36.63 25.97 19.20
N ARG G 55 37.04 26.92 18.36
CA ARG G 55 36.62 26.86 16.94
C ARG G 55 37.19 25.56 16.38
N ASP G 56 38.44 25.25 16.71
CA ASP G 56 39.02 23.93 16.31
C ASP G 56 38.22 22.85 17.02
N PHE G 57 37.85 23.09 18.28
CA PHE G 57 37.06 22.12 19.08
C PHE G 57 35.71 21.93 18.39
N ALA G 58 35.15 22.99 17.82
CA ALA G 58 33.79 22.89 17.25
C ALA G 58 33.84 21.83 16.15
N GLU G 59 34.90 21.81 15.35
CA GLU G 59 35.03 20.69 14.40
C GLU G 59 35.20 19.43 15.26
N LYS G 60 34.55 18.32 14.89
CA LYS G 60 34.60 17.11 15.76
C LYS G 60 34.24 15.88 14.93
N ASP G 73 33.84 28.04 3.33
CA ASP G 73 35.13 28.53 3.80
C ASP G 73 35.05 29.98 4.27
N ASP G 74 34.22 30.77 3.60
CA ASP G 74 34.04 32.18 3.97
C ASP G 74 32.89 32.39 4.93
N ALA G 75 31.88 31.50 4.90
CA ALA G 75 30.91 31.49 5.97
C ALA G 75 31.58 31.05 7.27
N LYS G 76 32.31 29.94 7.25
CA LYS G 76 33.00 29.44 8.44
C LYS G 76 34.10 30.39 8.88
N ALA G 77 34.24 31.52 8.20
CA ALA G 77 34.99 32.67 8.72
C ALA G 77 34.05 33.68 9.37
N LYS G 78 33.12 34.24 8.59
CA LYS G 78 32.12 35.15 9.12
C LYS G 78 31.21 34.47 10.15
N PHE G 79 31.45 33.18 10.42
CA PHE G 79 30.68 32.46 11.47
C PHE G 79 31.55 32.20 12.70
N LEU G 80 32.76 31.68 12.50
CA LEU G 80 33.69 31.30 13.61
C LEU G 80 34.10 32.50 14.45
N ASN G 81 34.29 33.67 13.86
CA ASN G 81 34.86 34.85 14.57
C ASN G 81 33.95 35.23 15.75
N LYS G 82 32.64 35.11 15.60
CA LYS G 82 31.69 35.50 16.67
C LYS G 82 31.94 34.66 17.93
N LEU G 83 32.25 33.37 17.79
CA LEU G 83 32.37 32.50 19.00
C LEU G 83 33.48 32.96 19.94
N PHE G 84 33.20 33.01 21.25
CA PHE G 84 34.22 33.34 22.29
C PHE G 84 34.07 32.32 23.42
N TYR G 85 35.17 31.82 24.00
CA TYR G 85 35.03 30.75 25.03
C TYR G 85 35.39 31.28 26.42
N ALA G 86 35.26 30.45 27.46
CA ALA G 86 35.52 30.88 28.82
C ALA G 86 36.02 29.67 29.58
N THR G 87 36.91 29.94 30.54
CA THR G 87 37.47 28.88 31.41
C THR G 87 36.95 29.16 32.82
N VAL G 88 35.67 28.87 33.06
CA VAL G 88 35.04 29.18 34.38
C VAL G 88 34.30 27.94 34.86
N ASP G 89 34.07 27.82 36.17
CA ASP G 89 33.45 26.60 36.72
C ASP G 89 32.09 26.91 37.35
N ILE G 90 31.09 26.08 37.07
CA ILE G 90 29.73 26.23 37.67
C ILE G 90 29.91 26.07 39.18
N THR G 91 30.84 25.20 39.57
CA THR G 91 31.04 24.92 41.02
C THR G 91 31.41 26.24 41.70
N ASP G 92 32.22 27.09 41.06
CA ASP G 92 32.46 28.40 41.73
C ASP G 92 31.56 29.47 41.10
N PRO G 93 30.72 30.14 41.89
CA PRO G 93 29.85 31.22 41.41
C PRO G 93 30.63 32.44 40.88
N THR G 94 31.75 32.78 41.51
CA THR G 94 32.54 34.00 41.20
C THR G 94 33.07 33.98 39.75
N GLN G 95 33.44 32.81 39.23
CA GLN G 95 34.02 32.72 37.87
C GLN G 95 32.96 33.12 36.82
N PHE G 96 31.71 33.28 37.24
CA PHE G 96 30.61 33.71 36.34
C PHE G 96 30.84 35.17 36.00
N GLY G 97 31.77 35.83 36.69
CA GLY G 97 31.96 37.28 36.48
C GLY G 97 32.62 37.63 35.16
N LYS G 98 33.00 36.65 34.34
CA LYS G 98 33.75 37.02 33.11
C LYS G 98 32.76 37.42 32.03
N ILE G 99 32.08 38.54 32.22
CA ILE G 99 31.19 39.08 31.16
C ILE G 99 31.71 40.48 30.84
N ALA G 100 31.95 40.78 29.56
CA ALA G 100 32.51 42.08 29.10
C ALA G 100 34.04 42.00 29.10
N ASP G 101 34.63 40.94 29.66
CA ASP G 101 36.09 40.74 29.49
C ASP G 101 36.22 40.52 27.99
N LEU G 102 35.28 39.74 27.45
CA LEU G 102 35.21 39.48 26.01
C LEU G 102 33.90 40.18 25.70
N CYS G 103 33.84 40.89 24.58
CA CYS G 103 32.66 41.74 24.29
C CYS G 103 31.38 40.95 23.97
N GLY G 104 30.58 40.68 25.00
CA GLY G 104 29.24 40.11 24.75
C GLY G 104 28.31 41.24 25.10
N PRO G 105 27.39 41.70 24.23
CA PRO G 105 26.63 42.89 24.55
C PRO G 105 25.29 42.64 25.23
N VAL G 106 25.20 43.06 26.49
CA VAL G 106 23.93 42.88 27.23
C VAL G 106 22.85 43.71 26.55
N GLU G 107 23.19 44.94 26.14
CA GLU G 107 22.12 45.80 25.59
C GLU G 107 21.56 45.22 24.28
N LYS G 108 22.43 44.76 23.38
CA LYS G 108 21.84 44.29 22.11
C LYS G 108 20.96 43.06 22.35
N GLY G 109 21.46 42.08 23.12
CA GLY G 109 20.61 40.94 23.47
C GLY G 109 21.12 40.05 24.59
N ILE G 110 20.24 39.26 25.22
CA ILE G 110 20.69 38.20 26.17
C ILE G 110 19.98 36.91 25.75
N ALA G 111 20.69 35.80 25.51
CA ALA G 111 20.02 34.51 25.25
C ALA G 111 20.79 33.41 25.98
N ILE G 112 20.10 32.37 26.45
CA ILE G 112 20.83 31.35 27.26
C ILE G 112 20.21 29.97 27.08
N TYR G 113 21.04 28.95 26.90
CA TYR G 113 20.57 27.55 26.85
C TYR G 113 21.30 26.79 27.95
N LEU G 114 20.55 26.14 28.85
CA LEU G 114 21.24 25.51 30.01
C LEU G 114 21.12 23.99 29.95
N SER G 115 22.26 23.30 29.95
CA SER G 115 22.28 21.82 29.98
C SER G 115 22.89 21.41 31.33
N THR G 116 22.05 21.16 32.33
CA THR G 116 22.56 20.89 33.70
C THR G 116 21.82 19.72 34.37
N SER G 117 22.41 19.16 35.42
CA SER G 117 21.74 18.09 36.20
C SER G 117 20.54 18.72 36.92
N PRO G 118 19.50 17.96 37.29
CA PRO G 118 18.29 18.57 37.85
C PRO G 118 18.62 19.35 39.13
N SER G 119 19.48 18.81 39.97
CA SER G 119 19.92 19.57 41.17
C SER G 119 20.67 20.81 40.68
N LEU G 120 21.47 20.66 39.62
CA LEU G 120 22.33 21.76 39.11
C LEU G 120 21.57 22.99 38.58
N PHE G 121 20.43 22.84 37.90
CA PHE G 121 19.81 24.01 37.21
C PHE G 121 19.39 25.19 38.09
N GLU G 122 18.75 24.96 39.24
CA GLU G 122 18.22 26.13 40.00
C GLU G 122 19.34 27.06 40.51
N GLY G 123 20.43 26.48 41.01
CA GLY G 123 21.49 27.33 41.58
C GLY G 123 22.12 28.23 40.55
N ALA G 124 22.35 27.70 39.34
CA ALA G 124 22.97 28.47 38.25
C ALA G 124 22.06 29.64 37.89
N ILE G 125 20.76 29.39 37.87
CA ILE G 125 19.80 30.46 37.45
C ILE G 125 19.90 31.62 38.43
N ALA G 126 20.02 31.32 39.72
CA ALA G 126 20.01 32.40 40.74
C ALA G 126 21.28 33.25 40.67
N GLY G 127 22.45 32.63 40.55
CA GLY G 127 23.70 33.41 40.65
C GLY G 127 24.17 34.12 39.40
N LEU G 128 23.46 35.16 38.95
CA LEU G 128 24.01 35.96 37.82
C LEU G 128 25.30 36.65 38.32
N LYS G 129 25.26 37.21 39.54
CA LYS G 129 26.44 37.91 40.11
C LYS G 129 27.22 37.00 41.06
N GLN G 130 26.75 35.79 41.27
CA GLN G 130 27.40 34.87 42.24
C GLN G 130 26.69 33.52 42.17
N ARG G 139 16.10 35.32 26.43
CA ARG G 139 15.34 34.07 26.41
C ARG G 139 16.23 32.89 26.77
N LEU G 140 15.76 32.07 27.71
CA LEU G 140 16.52 30.93 28.22
C LEU G 140 15.83 29.65 27.82
N ALA G 141 16.62 28.61 27.53
CA ALA G 141 16.02 27.36 27.01
C ALA G 141 16.35 26.15 27.87
N LEU G 142 15.39 25.62 28.62
CA LEU G 142 15.61 24.33 29.33
C LEU G 142 14.66 23.35 28.64
N GLU G 143 15.20 22.26 28.06
CA GLU G 143 14.30 21.40 27.23
C GLU G 143 13.77 20.12 27.89
N LYS G 144 14.61 19.32 28.56
CA LYS G 144 14.07 18.01 29.04
C LYS G 144 13.68 17.96 30.52
N PRO G 145 14.50 18.42 31.49
CA PRO G 145 14.16 18.26 32.92
C PRO G 145 13.27 19.37 33.49
N LEU G 146 12.01 19.42 33.08
CA LEU G 146 11.04 20.40 33.66
C LEU G 146 10.82 20.06 35.13
N GLY G 147 10.80 18.78 35.48
CA GLY G 147 10.66 18.36 36.89
C GLY G 147 10.33 16.89 37.01
N GLN G 148 9.65 16.50 38.09
CA GLN G 148 9.19 15.12 38.19
C GLN G 148 7.70 15.00 38.52
N ASP G 149 7.11 16.00 39.18
CA ASP G 149 5.67 16.15 39.30
C ASP G 149 5.40 17.65 39.17
N LEU G 150 4.15 18.08 39.41
CA LEU G 150 3.88 19.53 39.44
C LEU G 150 4.76 20.23 40.46
N ALA G 151 4.81 19.72 41.69
CA ALA G 151 5.55 20.40 42.76
C ALA G 151 7.00 20.67 42.36
N SER G 152 7.68 19.67 41.82
CA SER G 152 9.04 19.88 41.34
C SER G 152 9.08 20.88 40.19
N SER G 153 8.28 20.64 39.15
CA SER G 153 8.19 21.56 38.03
C SER G 153 7.84 22.96 38.49
N ASP G 154 7.04 23.07 39.54
CA ASP G 154 6.73 24.37 40.10
C ASP G 154 7.99 25.02 40.66
N HIS G 155 8.70 24.28 41.51
CA HIS G 155 9.96 24.76 42.08
C HIS G 155 10.94 25.26 41.03
N ILE G 156 11.21 24.46 40.00
CA ILE G 156 12.18 24.87 38.99
C ILE G 156 11.76 26.20 38.40
N ASN G 157 10.56 26.25 37.85
CA ASN G 157 10.11 27.46 37.21
C ASN G 157 9.88 28.57 38.24
N ASP G 158 9.55 28.22 39.48
CA ASP G 158 9.41 29.25 40.50
C ASP G 158 10.75 29.79 40.96
N ALA G 159 11.83 29.00 40.82
CA ALA G 159 13.17 29.49 41.13
C ALA G 159 13.92 30.05 39.92
N VAL G 160 13.48 29.74 38.69
CA VAL G 160 14.07 30.39 37.53
C VAL G 160 13.39 31.73 37.29
N LEU G 161 12.05 31.77 37.38
CA LEU G 161 11.36 33.04 37.23
C LEU G 161 11.60 33.97 38.42
N LYS G 162 12.50 33.59 39.32
CA LYS G 162 12.91 34.45 40.43
C LYS G 162 14.09 35.31 40.02
N VAL G 163 14.75 34.98 38.91
CA VAL G 163 15.70 35.85 38.28
C VAL G 163 15.22 36.31 36.90
N PHE G 164 14.64 35.39 36.11
CA PHE G 164 14.15 35.61 34.75
C PHE G 164 12.62 35.55 34.72
N SER G 165 12.03 35.76 33.55
CA SER G 165 10.60 35.53 33.33
C SER G 165 10.42 34.62 32.11
N GLU G 166 9.16 34.36 31.73
CA GLU G 166 8.93 33.64 30.50
C GLU G 166 9.40 34.47 29.32
N LYS G 167 9.34 35.80 29.47
CA LYS G 167 9.95 36.67 28.47
C LYS G 167 11.45 36.45 28.41
N GLN G 168 12.02 35.75 29.40
CA GLN G 168 13.41 35.35 29.38
C GLN G 168 13.60 33.83 29.46
N VAL G 169 12.53 33.05 29.60
CA VAL G 169 12.60 31.58 29.65
C VAL G 169 11.82 31.00 28.48
N TYR G 170 12.44 30.07 27.76
CA TYR G 170 11.90 29.45 26.54
C TYR G 170 12.10 27.94 26.67
N ARG G 171 11.12 27.24 27.23
CA ARG G 171 11.28 25.82 27.52
C ARG G 171 11.07 25.00 26.24
N ILE G 172 12.10 24.30 25.79
CA ILE G 172 12.04 23.63 24.49
C ILE G 172 11.31 22.31 24.62
N ASP G 173 10.41 22.03 23.68
CA ASP G 173 9.80 20.71 23.48
C ASP G 173 10.14 20.40 22.03
N HIS G 174 11.23 19.66 21.82
CA HIS G 174 11.85 19.56 20.51
C HIS G 174 10.96 18.86 19.47
N TYR G 175 9.73 18.51 19.86
CA TYR G 175 8.74 18.04 18.90
C TYR G 175 8.21 19.19 18.08
N LEU G 176 7.84 20.28 18.77
CA LEU G 176 7.17 21.43 18.17
C LEU G 176 7.92 21.98 16.96
N GLY G 177 9.22 21.71 16.85
CA GLY G 177 10.01 22.13 15.72
C GLY G 177 10.02 21.17 14.54
N LYS G 178 9.44 19.98 14.71
CA LYS G 178 9.39 19.01 13.63
C LYS G 178 8.47 19.48 12.52
N GLU G 179 8.93 19.37 11.27
CA GLU G 179 8.20 19.96 10.15
C GLU G 179 6.81 19.35 9.97
N THR G 180 6.70 18.03 10.00
CA THR G 180 5.38 17.41 9.91
C THR G 180 4.46 17.82 11.05
N VAL G 181 5.02 18.25 12.18
CA VAL G 181 4.20 18.63 13.31
C VAL G 181 3.68 20.07 13.17
N GLN G 182 4.49 20.98 12.63
CA GLN G 182 4.07 22.37 12.55
C GLN G 182 2.96 22.57 11.51
N ASN G 183 3.01 21.82 10.42
CA ASN G 183 2.09 21.98 9.31
C ASN G 183 0.70 21.43 9.63
N LEU G 184 0.49 20.79 10.80
CA LEU G 184 -0.86 20.44 11.20
C LEU G 184 -1.77 21.66 11.25
N LEU G 185 -1.20 22.87 11.26
CA LEU G 185 -1.96 24.10 11.32
C LEU G 185 -2.43 24.53 9.93
N THR G 186 -1.53 24.48 8.94
CA THR G 186 -2.00 24.55 7.56
C THR G 186 -2.98 23.42 7.28
N LEU G 187 -2.74 22.25 7.88
CA LEU G 187 -3.60 21.10 7.66
C LEU G 187 -4.99 21.35 8.24
N ARG G 188 -5.06 21.72 9.53
CA ARG G 188 -6.35 21.92 10.16
C ARG G 188 -6.99 23.25 9.76
N PHE G 189 -6.25 24.35 9.88
CA PHE G 189 -6.82 25.68 9.72
C PHE G 189 -6.43 26.37 8.41
N GLY G 190 -5.53 25.80 7.64
CA GLY G 190 -5.33 26.26 6.28
C GLY G 190 -6.16 25.50 5.27
N ASN G 191 -7.08 24.66 5.78
CA ASN G 191 -7.92 23.80 4.92
C ASN G 191 -9.35 23.72 5.46
N ALA G 192 -10.34 24.10 4.67
CA ALA G 192 -11.78 24.08 5.04
C ALA G 192 -12.42 22.71 5.28
N LEU G 193 -12.07 21.67 4.52
CA LEU G 193 -12.82 20.36 4.55
C LEU G 193 -12.82 19.63 5.90
N PHE G 194 -11.72 19.61 6.65
CA PHE G 194 -11.63 18.91 7.96
C PHE G 194 -12.56 19.53 9.03
N GLU G 195 -12.70 20.85 9.06
CA GLU G 195 -13.43 21.56 10.16
C GLU G 195 -14.91 21.20 10.30
N PRO G 196 -15.72 20.97 9.24
CA PRO G 196 -17.17 20.74 9.42
C PRO G 196 -17.51 19.50 10.26
N LEU G 197 -16.77 18.39 10.12
CA LEU G 197 -17.02 17.16 10.92
C LEU G 197 -16.07 17.07 12.13
N TRP G 198 -15.16 18.04 12.28
CA TRP G 198 -14.20 18.11 13.43
C TRP G 198 -15.01 18.51 14.65
N ASN G 199 -16.00 17.70 15.02
CA ASN G 199 -16.88 18.07 16.15
C ASN G 199 -17.44 16.81 16.80
N SER G 200 -18.21 16.98 17.87
CA SER G 200 -18.86 15.82 18.52
C SER G 200 -19.81 15.19 17.50
N LYS G 201 -20.51 16.02 16.73
CA LYS G 201 -21.48 15.51 15.74
C LYS G 201 -20.80 14.67 14.64
N GLY G 202 -19.66 15.06 14.09
CA GLY G 202 -19.08 14.27 12.98
C GLY G 202 -17.96 13.29 13.32
N ILE G 203 -17.52 13.22 14.59
CA ILE G 203 -16.32 12.37 14.90
C ILE G 203 -16.65 11.29 15.94
N ASP G 204 -16.24 10.06 15.66
CA ASP G 204 -16.47 8.92 16.59
C ASP G 204 -15.36 8.88 17.64
N HIS G 205 -14.12 8.69 17.21
CA HIS G 205 -13.00 8.66 18.15
C HIS G 205 -11.77 9.20 17.44
N VAL G 206 -10.76 9.53 18.24
CA VAL G 206 -9.48 10.01 17.74
C VAL G 206 -8.40 9.09 18.28
N GLN G 207 -7.41 8.81 17.45
CA GLN G 207 -6.40 7.82 17.77
C GLN G 207 -5.02 8.41 17.51
N ILE G 208 -4.20 8.49 18.55
CA ILE G 208 -2.80 8.93 18.44
C ILE G 208 -1.96 7.86 19.11
N SER G 209 -0.84 7.50 18.48
CA SER G 209 0.00 6.44 19.02
C SER G 209 1.44 6.66 18.59
N VAL G 210 2.32 6.87 19.57
CA VAL G 210 3.77 7.01 19.26
C VAL G 210 4.42 5.70 19.67
N ALA G 211 4.97 4.97 18.71
CA ALA G 211 5.52 3.64 19.03
C ALA G 211 7.02 3.61 18.78
N GLU G 212 7.79 3.14 19.77
CA GLU G 212 9.26 2.98 19.55
C GLU G 212 9.67 1.53 19.76
N THR G 213 10.36 0.93 18.80
CA THR G 213 10.87 -0.44 19.01
C THR G 213 12.07 -0.38 19.95
N VAL G 214 12.86 0.68 19.85
CA VAL G 214 14.10 0.74 20.66
C VAL G 214 13.79 0.86 22.15
N GLY G 215 14.46 0.08 22.98
CA GLY G 215 14.33 0.16 24.44
C GLY G 215 15.15 1.32 24.97
N LEU G 216 14.92 1.73 26.22
CA LEU G 216 15.81 2.78 26.77
C LEU G 216 17.04 2.08 27.36
N GLU G 217 18.21 2.24 26.76
CA GLU G 217 19.44 1.58 27.25
C GLU G 217 20.51 2.64 27.51
N GLY G 218 21.07 2.67 28.71
CA GLY G 218 22.07 3.70 29.06
C GLY G 218 21.35 4.98 29.42
N ARG G 219 20.02 4.96 29.40
CA ARG G 219 19.20 6.13 29.82
C ARG G 219 18.33 5.58 30.93
N ILE G 220 18.54 4.30 31.23
CA ILE G 220 17.83 3.60 32.34
C ILE G 220 18.27 4.20 33.68
N GLY G 221 17.53 3.96 34.76
CA GLY G 221 17.83 4.64 36.03
C GLY G 221 17.29 6.04 35.94
N TYR G 222 17.70 6.81 34.93
CA TYR G 222 17.05 8.12 34.70
C TYR G 222 15.59 7.87 34.34
N PHE G 223 15.32 6.84 33.52
CA PHE G 223 13.94 6.48 33.08
C PHE G 223 13.03 6.03 34.22
N ASP G 224 13.57 5.31 35.20
CA ASP G 224 12.70 4.71 36.25
C ASP G 224 11.96 5.84 36.97
N SER G 225 12.64 6.94 37.20
CA SER G 225 11.98 8.11 37.84
C SER G 225 10.82 8.66 37.00
N SER G 226 10.91 8.73 35.67
CA SER G 226 9.87 9.38 34.90
C SER G 226 8.82 8.40 34.38
N GLY G 227 9.20 7.62 33.38
CA GLY G 227 8.28 6.71 32.72
C GLY G 227 7.69 7.33 31.48
N SER G 228 7.20 6.48 30.58
CA SER G 228 6.70 6.96 29.29
C SER G 228 5.63 8.03 29.48
N LEU G 229 4.82 7.91 30.52
CA LEU G 229 3.82 8.94 30.83
C LEU G 229 4.49 10.29 31.07
N ARG G 230 5.43 10.36 32.02
CA ARG G 230 6.10 11.63 32.27
C ARG G 230 7.14 11.93 31.20
N ASP G 231 7.76 10.90 30.64
CA ASP G 231 8.76 11.08 29.59
C ASP G 231 8.11 11.58 28.30
N MET G 232 7.12 10.85 27.81
CA MET G 232 6.55 11.07 26.49
C MET G 232 5.19 11.74 26.52
N VAL G 233 4.35 11.42 27.49
CA VAL G 233 2.99 11.95 27.53
C VAL G 233 2.95 13.31 28.20
N GLN G 234 3.78 13.53 29.23
CA GLN G 234 3.68 14.76 30.02
C GLN G 234 3.89 15.99 29.15
N SER G 235 4.78 15.90 28.16
CA SER G 235 4.97 16.99 27.21
C SER G 235 4.60 16.55 25.80
N HIS G 236 5.43 15.71 25.17
CA HIS G 236 5.35 15.42 23.73
C HIS G 236 3.95 15.06 23.25
N ILE G 237 3.38 13.98 23.76
CA ILE G 237 2.16 13.46 23.14
C ILE G 237 0.92 14.22 23.58
N LEU G 238 1.03 15.03 24.62
CA LEU G 238 -0.05 15.96 24.94
C LEU G 238 0.00 17.19 24.05
N GLN G 239 1.18 17.50 23.50
CA GLN G 239 1.27 18.56 22.51
C GLN G 239 0.46 18.21 21.28
N LEU G 240 0.42 16.93 20.93
CA LEU G 240 -0.35 16.49 19.77
C LEU G 240 -1.85 16.68 20.02
N VAL G 241 -2.33 16.25 21.19
CA VAL G 241 -3.75 16.39 21.50
C VAL G 241 -4.15 17.85 21.52
N ALA G 242 -3.28 18.71 22.04
CA ALA G 242 -3.55 20.14 22.03
C ALA G 242 -3.57 20.66 20.60
N LEU G 243 -2.66 20.15 19.77
CA LEU G 243 -2.64 20.50 18.35
C LEU G 243 -3.88 19.98 17.64
N VAL G 244 -4.41 18.82 18.06
CA VAL G 244 -5.54 18.22 17.38
C VAL G 244 -6.86 18.87 17.79
N ALA G 245 -6.94 19.37 19.02
CA ALA G 245 -8.23 19.73 19.60
C ALA G 245 -8.50 21.23 19.69
N MET G 246 -7.50 22.08 19.54
CA MET G 246 -7.67 23.49 19.90
C MET G 246 -8.76 24.15 19.07
N GLU G 247 -9.17 25.27 19.54
CA GLU G 247 -9.99 26.14 18.74
C GLU G 247 -9.08 27.11 18.02
N PRO G 248 -9.49 27.67 16.88
CA PRO G 248 -8.55 28.46 16.09
C PRO G 248 -8.18 29.75 16.78
N PRO G 249 -6.93 30.18 16.68
CA PRO G 249 -6.57 31.55 17.04
C PRO G 249 -6.98 32.50 15.92
N ALA G 250 -6.96 33.79 16.23
CA ALA G 250 -7.32 34.76 15.22
C ALA G 250 -6.26 34.84 14.11
N HIS G 251 -4.98 34.69 14.47
CA HIS G 251 -3.92 34.79 13.47
C HIS G 251 -2.64 34.22 14.05
N MET G 252 -1.63 34.08 13.18
CA MET G 252 -0.36 33.45 13.52
C MET G 252 0.54 34.32 14.39
N GLU G 253 0.12 34.62 15.60
CA GLU G 253 0.96 35.27 16.58
C GLU G 253 1.47 34.24 17.59
N ALA G 254 2.60 34.56 18.23
CA ALA G 254 3.29 33.58 19.07
C ALA G 254 2.48 33.14 20.28
N ASN G 255 2.14 34.07 21.17
CA ASN G 255 1.55 33.69 22.44
C ASN G 255 0.04 33.51 22.39
N ALA G 256 -0.59 33.78 21.26
CA ALA G 256 -2.00 33.43 21.09
C ALA G 256 -2.18 31.94 20.78
N VAL G 257 -1.20 31.33 20.12
CA VAL G 257 -1.26 29.90 19.85
C VAL G 257 -1.23 29.11 21.15
N ARG G 258 -0.32 29.47 22.06
CA ARG G 258 -0.17 28.71 23.29
C ARG G 258 -1.40 28.85 24.18
N ASP G 259 -2.05 30.00 24.18
CA ASP G 259 -3.24 30.20 25.01
C ASP G 259 -4.44 29.36 24.58
N GLU G 260 -4.50 28.95 23.31
CA GLU G 260 -5.57 28.04 22.90
C GLU G 260 -5.19 26.59 23.18
N LYS G 261 -3.89 26.31 23.23
CA LYS G 261 -3.45 25.01 23.68
C LYS G 261 -3.59 24.92 25.19
N VAL G 262 -3.38 26.05 25.89
CA VAL G 262 -3.58 26.10 27.32
C VAL G 262 -5.06 25.90 27.68
N LYS G 263 -5.97 26.47 26.90
CA LYS G 263 -7.40 26.33 27.20
C LYS G 263 -7.86 24.89 27.06
N VAL G 264 -7.27 24.17 26.10
CA VAL G 264 -7.64 22.74 25.88
C VAL G 264 -7.06 21.88 27.01
N PHE G 265 -5.87 22.24 27.52
CA PHE G 265 -5.22 21.45 28.59
C PHE G 265 -6.11 21.49 29.84
N ARG G 266 -6.70 22.64 30.16
CA ARG G 266 -7.67 22.77 31.27
C ARG G 266 -8.92 21.94 30.95
N ALA G 267 -9.34 21.92 29.68
CA ALA G 267 -10.56 21.23 29.20
C ALA G 267 -10.51 19.72 29.43
N LEU G 268 -9.34 19.09 29.40
CA LEU G 268 -9.32 17.61 29.47
C LEU G 268 -10.04 17.17 30.76
N ARG G 269 -10.88 16.13 30.67
CA ARG G 269 -11.68 15.65 31.82
C ARG G 269 -10.79 15.04 32.91
N PRO G 270 -11.13 15.22 34.20
CA PRO G 270 -10.36 14.58 35.28
C PRO G 270 -10.35 13.05 35.44
N ILE G 271 -9.18 12.48 35.72
CA ILE G 271 -9.06 11.03 36.05
C ILE G 271 -8.90 11.04 37.56
N ASN G 272 -9.98 11.28 38.29
CA ASN G 272 -9.93 11.52 39.73
C ASN G 272 -10.28 10.25 40.49
N ASN G 273 -9.29 9.36 40.60
CA ASN G 273 -9.39 8.13 41.39
C ASN G 273 -10.47 7.20 40.86
N ASP G 274 -11.63 7.77 40.48
CA ASP G 274 -12.72 7.05 39.84
C ASP G 274 -12.57 6.97 38.32
N THR G 275 -11.37 6.82 37.76
CA THR G 275 -11.28 6.78 36.31
C THR G 275 -10.05 6.03 35.79
N VAL G 276 -8.99 5.97 36.60
CA VAL G 276 -7.72 5.46 36.10
C VAL G 276 -7.71 3.95 35.86
N ILE G 277 -8.60 3.19 36.50
CA ILE G 277 -8.56 1.74 36.38
C ILE G 277 -8.96 1.29 34.99
N THR G 278 -9.98 1.92 34.41
CA THR G 278 -10.44 1.54 33.08
C THR G 278 -9.97 2.50 32.00
N HIS G 279 -9.36 3.63 32.36
CA HIS G 279 -9.02 4.67 31.39
C HIS G 279 -7.52 4.90 31.28
N THR G 280 -6.71 4.02 31.87
CA THR G 280 -5.26 4.07 31.73
C THR G 280 -4.78 2.62 31.78
N VAL G 281 -3.71 2.32 31.05
CA VAL G 281 -3.16 0.97 31.01
C VAL G 281 -1.65 1.06 30.92
N THR G 282 -0.95 0.29 31.75
CA THR G 282 0.51 0.29 31.74
C THR G 282 1.08 -1.11 31.62
N GLY G 283 2.23 -1.18 30.95
CA GLY G 283 2.97 -2.42 30.81
C GLY G 283 4.45 -2.12 30.94
N GLN G 284 5.22 -3.16 31.23
CA GLN G 284 6.66 -3.05 31.43
C GLN G 284 7.32 -4.06 30.50
N TYR G 285 8.21 -3.60 29.62
CA TYR G 285 8.79 -4.50 28.64
C TYR G 285 9.55 -5.65 29.29
N GLY G 286 9.10 -6.86 28.97
CA GLY G 286 9.68 -8.11 29.38
C GLY G 286 10.53 -8.71 28.28
N ALA G 287 10.69 -10.03 28.33
CA ALA G 287 11.62 -10.72 27.44
C ALA G 287 10.89 -11.16 26.19
N GLY G 288 11.30 -10.60 25.04
CA GLY G 288 10.81 -11.09 23.77
C GLY G 288 11.90 -11.10 22.72
N VAL G 289 11.54 -10.92 21.45
CA VAL G 289 12.49 -10.90 20.35
C VAL G 289 12.30 -9.59 19.61
N SER G 290 13.39 -8.86 19.40
CA SER G 290 13.34 -7.60 18.60
C SER G 290 14.54 -7.59 17.65
N GLY G 291 14.30 -7.30 16.37
CA GLY G 291 15.39 -7.32 15.38
C GLY G 291 15.72 -8.71 14.87
N GLY G 292 14.89 -9.71 15.22
CA GLY G 292 15.11 -11.10 14.80
C GLY G 292 16.09 -11.78 15.71
N LYS G 293 16.52 -11.08 16.77
CA LYS G 293 17.42 -11.68 17.77
C LYS G 293 16.77 -11.44 19.13
N GLU G 294 16.88 -12.41 20.05
CA GLU G 294 16.19 -12.27 21.35
C GLU G 294 16.81 -11.13 22.15
N VAL G 295 16.01 -10.49 23.00
CA VAL G 295 16.49 -9.34 23.82
C VAL G 295 16.05 -9.57 25.28
N ALA G 296 16.75 -8.97 26.23
CA ALA G 296 16.41 -9.09 27.67
C ALA G 296 15.18 -8.30 28.11
N GLY G 297 14.51 -8.70 29.19
CA GLY G 297 13.40 -7.93 29.79
C GLY G 297 13.88 -6.71 30.57
N TYR G 298 13.04 -5.70 30.74
CA TYR G 298 13.47 -4.45 31.42
C TYR G 298 13.87 -4.65 32.87
N ILE G 299 13.10 -5.42 33.65
CA ILE G 299 13.45 -5.55 35.10
C ILE G 299 14.80 -6.26 35.18
N ASP G 300 15.00 -7.27 34.35
CA ASP G 300 16.28 -8.03 34.35
C ASP G 300 17.40 -7.07 33.95
N GLU G 301 17.14 -6.20 32.97
CA GLU G 301 18.15 -5.21 32.53
C GLU G 301 18.48 -4.25 33.69
N LEU G 302 17.47 -3.84 34.44
CA LEU G 302 17.69 -2.89 35.57
C LEU G 302 18.14 -3.68 36.80
N GLY G 303 17.64 -4.91 36.97
CA GLY G 303 18.00 -5.71 38.12
C GLY G 303 17.13 -5.40 39.31
N GLN G 304 16.75 -4.13 39.46
CA GLN G 304 15.94 -3.63 40.57
C GLN G 304 14.46 -3.95 40.33
N PRO G 305 13.71 -4.17 41.41
CA PRO G 305 12.25 -4.28 41.30
C PRO G 305 11.62 -2.92 41.03
N SER G 306 10.93 -2.81 39.90
CA SER G 306 10.33 -1.56 39.49
C SER G 306 8.82 -1.70 39.37
N ASP G 307 8.12 -0.60 39.67
CA ASP G 307 6.68 -0.53 39.51
C ASP G 307 6.32 0.49 38.43
N THR G 308 7.32 1.02 37.73
CA THR G 308 7.11 1.95 36.63
C THR G 308 6.94 1.18 35.32
N GLU G 309 6.58 1.93 34.29
CA GLU G 309 6.06 1.35 33.05
C GLU G 309 6.93 1.70 31.85
N THR G 310 6.95 0.79 30.88
CA THR G 310 7.56 0.99 29.58
C THR G 310 6.50 1.04 28.49
N PHE G 311 5.27 1.36 28.89
CA PHE G 311 4.08 1.37 28.04
C PHE G 311 2.95 1.98 28.85
N VAL G 312 2.11 2.78 28.18
CA VAL G 312 0.94 3.35 28.82
C VAL G 312 -0.06 3.71 27.73
N ALA G 313 -1.35 3.53 28.04
CA ALA G 313 -2.44 3.82 27.11
C ALA G 313 -3.60 4.39 27.91
N ILE G 314 -4.23 5.42 27.36
CA ILE G 314 -5.22 6.21 28.09
C ILE G 314 -6.45 6.46 27.22
N LYS G 315 -7.62 6.52 27.87
CA LYS G 315 -8.85 7.00 27.23
C LYS G 315 -9.17 8.37 27.80
N ALA G 316 -8.50 9.39 27.28
CA ALA G 316 -8.68 10.76 27.72
C ALA G 316 -9.80 11.44 26.92
N HIS G 317 -10.32 12.53 27.48
CA HIS G 317 -11.39 13.30 26.87
C HIS G 317 -11.11 14.78 27.04
N VAL G 318 -11.43 15.57 26.00
CA VAL G 318 -11.40 17.03 26.06
C VAL G 318 -12.84 17.53 26.22
N ASP G 319 -13.06 18.36 27.24
CA ASP G 319 -14.42 18.68 27.70
C ASP G 319 -14.79 20.10 27.30
N ASN G 320 -15.02 20.31 26.00
CA ASN G 320 -15.59 21.56 25.55
C ASN G 320 -16.75 21.27 24.61
N TRP G 321 -17.40 22.35 24.16
CA TRP G 321 -18.52 22.25 23.25
C TRP G 321 -18.15 21.46 22.00
N ARG G 322 -16.94 21.65 21.50
CA ARG G 322 -16.53 20.99 20.27
C ARG G 322 -16.29 19.49 20.48
N TRP G 323 -15.58 19.11 21.54
CA TRP G 323 -15.05 17.76 21.65
C TRP G 323 -15.73 16.92 22.70
N HIS G 324 -16.76 17.43 23.38
CA HIS G 324 -17.40 16.67 24.43
C HIS G 324 -17.89 15.32 23.91
N GLY G 325 -17.59 14.27 24.66
CA GLY G 325 -18.02 12.94 24.28
C GLY G 325 -17.18 12.31 23.22
N VAL G 326 -16.11 12.96 22.79
CA VAL G 326 -15.18 12.42 21.80
C VAL G 326 -13.95 11.92 22.53
N PRO G 327 -13.72 10.60 22.62
CA PRO G 327 -12.54 10.08 23.32
C PRO G 327 -11.29 10.19 22.45
N PHE G 328 -10.20 10.62 23.08
CA PHE G 328 -8.88 10.59 22.47
C PHE G 328 -8.12 9.39 23.00
N TYR G 329 -7.74 8.47 22.10
CA TYR G 329 -7.08 7.23 22.48
C TYR G 329 -5.58 7.38 22.22
N ILE G 330 -4.80 7.50 23.29
CA ILE G 330 -3.36 7.72 23.20
C ILE G 330 -2.65 6.41 23.53
N ARG G 331 -1.42 6.27 23.01
CA ARG G 331 -0.66 5.05 23.22
C ARG G 331 0.81 5.35 23.01
N THR G 332 1.65 4.85 23.93
CA THR G 332 3.10 4.94 23.78
C THR G 332 3.74 3.84 24.60
N GLY G 333 4.85 3.32 24.10
CA GLY G 333 5.57 2.27 24.77
C GLY G 333 6.86 1.98 24.05
N LYS G 334 7.79 1.40 24.80
CA LYS G 334 9.09 1.04 24.24
C LYS G 334 9.10 -0.46 23.97
N ARG G 335 9.88 -0.85 22.95
CA ARG G 335 9.98 -2.22 22.47
C ARG G 335 8.69 -2.73 21.83
N LEU G 336 8.20 -2.01 20.83
CA LEU G 336 7.04 -2.45 20.07
C LEU G 336 7.51 -3.01 18.74
N PRO G 337 6.61 -3.65 17.98
CA PRO G 337 7.04 -4.23 16.70
C PRO G 337 7.28 -3.19 15.62
N ALA G 338 7.04 -1.92 15.92
CA ALA G 338 7.12 -0.87 14.92
C ALA G 338 7.54 0.46 15.53
N ARG G 339 8.46 1.16 14.87
CA ARG G 339 8.78 2.54 15.21
C ARG G 339 8.01 3.42 14.24
N ARG G 340 6.90 3.98 14.69
CA ARG G 340 5.97 4.68 13.80
C ARG G 340 4.84 5.42 14.51
N SER G 341 4.73 6.73 14.28
CA SER G 341 3.73 7.57 14.91
C SER G 341 2.60 7.92 13.96
N GLU G 342 1.35 7.76 14.41
CA GLU G 342 0.20 8.01 13.56
C GLU G 342 -0.89 8.78 14.31
N ILE G 343 -1.72 9.49 13.54
CA ILE G 343 -2.96 10.10 14.02
C ILE G 343 -4.06 9.63 13.08
N VAL G 344 -5.12 9.05 13.64
CA VAL G 344 -6.21 8.46 12.86
C VAL G 344 -7.51 9.01 13.48
N VAL G 345 -8.12 10.00 12.83
CA VAL G 345 -9.41 10.58 13.22
C VAL G 345 -10.49 9.83 12.48
N GLN G 346 -11.36 9.12 13.21
CA GLN G 346 -12.41 8.34 12.60
C GLN G 346 -13.70 9.16 12.59
N PHE G 347 -14.32 9.29 11.42
CA PHE G 347 -15.50 10.11 11.32
C PHE G 347 -16.73 9.25 11.55
N LYS G 348 -17.82 9.90 11.94
CA LYS G 348 -19.01 9.17 12.30
C LYS G 348 -19.53 8.37 11.11
N PRO G 349 -20.15 7.23 11.34
CA PRO G 349 -20.71 6.47 10.23
C PRO G 349 -21.93 7.22 9.71
N VAL G 350 -22.23 6.98 8.43
CA VAL G 350 -23.39 7.64 7.81
C VAL G 350 -24.65 7.32 8.59
N PRO G 351 -25.60 8.26 8.71
CA PRO G 351 -26.85 7.94 9.43
C PRO G 351 -27.67 6.87 8.76
N HIS G 352 -27.41 6.57 7.49
CA HIS G 352 -28.21 5.59 6.76
C HIS G 352 -27.45 5.16 5.51
N SER G 353 -27.37 3.84 5.31
CA SER G 353 -26.76 3.26 4.12
C SER G 353 -27.82 3.04 3.05
N ILE G 354 -27.73 3.81 1.96
CA ILE G 354 -28.70 3.68 0.83
C ILE G 354 -28.33 2.45 0.01
N PHE G 355 -27.32 1.70 0.43
CA PHE G 355 -26.95 0.43 -0.25
C PHE G 355 -26.83 -0.66 0.82
N SER G 356 -27.96 -1.13 1.36
CA SER G 356 -27.96 -2.11 2.49
C SER G 356 -28.05 -3.54 1.96
N SER G 357 -27.99 -3.69 0.65
CA SER G 357 -28.01 -5.02 -0.01
C SER G 357 -26.67 -5.69 0.27
N SER G 358 -26.54 -7.00 0.02
CA SER G 358 -25.32 -7.70 0.46
C SER G 358 -24.09 -7.02 -0.11
N GLY G 359 -23.06 -6.87 0.73
CA GLY G 359 -21.87 -6.10 0.33
C GLY G 359 -21.97 -4.76 1.02
N GLY G 360 -23.09 -4.54 1.71
CA GLY G 360 -23.31 -3.21 2.31
C GLY G 360 -22.60 -3.13 3.65
N ILE G 361 -21.28 -3.16 3.63
CA ILE G 361 -20.48 -2.97 4.87
C ILE G 361 -19.66 -1.72 4.59
N LEU G 362 -19.96 -0.63 5.29
CA LEU G 362 -19.32 0.62 4.93
C LEU G 362 -18.38 0.98 6.06
N GLN G 363 -17.09 0.82 5.81
CA GLN G 363 -16.11 1.19 6.80
C GLN G 363 -16.03 2.71 6.88
N PRO G 364 -16.01 3.27 8.10
CA PRO G 364 -16.01 4.73 8.24
C PRO G 364 -14.76 5.36 7.66
N ASN G 365 -14.86 6.65 7.38
CA ASN G 365 -13.72 7.37 6.85
C ASN G 365 -12.68 7.53 7.95
N LYS G 366 -11.42 7.32 7.59
CA LYS G 366 -10.32 7.55 8.50
C LYS G 366 -9.37 8.55 7.84
N LEU G 367 -8.88 9.48 8.63
CA LEU G 367 -7.85 10.40 8.21
C LEU G 367 -6.59 10.01 8.95
N ARG G 368 -5.59 9.54 8.22
CA ARG G 368 -4.36 9.04 8.82
C ARG G 368 -3.23 9.98 8.49
N ILE G 369 -2.57 10.47 9.54
CA ILE G 369 -1.37 11.29 9.41
C ILE G 369 -0.27 10.52 10.12
N VAL G 370 0.81 10.23 9.40
CA VAL G 370 1.95 9.46 9.95
C VAL G 370 3.16 10.39 10.13
N LEU G 371 3.38 10.87 11.36
CA LEU G 371 4.52 11.78 11.67
C LEU G 371 5.89 11.11 11.47
N GLN G 372 6.05 9.86 11.87
CA GLN G 372 7.38 9.19 11.78
C GLN G 372 7.21 7.71 11.45
N PRO G 373 8.21 7.00 10.88
CA PRO G 373 9.33 7.65 10.19
C PRO G 373 8.85 8.25 8.87
N ASP G 374 8.07 7.50 8.11
CA ASP G 374 7.48 8.02 6.84
C ASP G 374 6.51 9.14 7.21
N GLU G 375 6.46 10.18 6.39
CA GLU G 375 5.47 11.25 6.63
C GLU G 375 4.47 11.16 5.49
N THR G 376 3.17 11.04 5.80
CA THR G 376 2.18 10.76 4.74
C THR G 376 0.78 11.20 5.17
N ILE G 377 -0.08 11.52 4.20
CA ILE G 377 -1.46 11.91 4.46
C ILE G 377 -2.35 11.03 3.60
N GLN G 378 -3.42 10.51 4.19
CA GLN G 378 -4.29 9.60 3.45
C GLN G 378 -5.71 9.65 3.99
N ILE G 379 -6.66 9.27 3.13
CA ILE G 379 -8.08 9.19 3.46
C ILE G 379 -8.59 7.85 2.96
N SER G 380 -9.52 7.26 3.70
CA SER G 380 -10.07 5.95 3.37
C SER G 380 -11.49 6.23 2.90
N ILE G 381 -11.75 5.94 1.63
CA ILE G 381 -13.06 6.23 1.06
C ILE G 381 -13.66 4.96 0.47
N MET G 382 -14.98 4.95 0.36
CA MET G 382 -15.72 3.83 -0.19
C MET G 382 -16.06 4.12 -1.65
N VAL G 383 -15.87 3.11 -2.48
CA VAL G 383 -16.10 3.20 -3.92
C VAL G 383 -16.75 1.90 -4.38
N LYS G 384 -17.70 2.01 -5.30
CA LYS G 384 -18.31 0.82 -5.87
C LYS G 384 -17.25 0.00 -6.61
N GLU G 385 -17.26 -1.31 -6.38
CA GLU G 385 -16.34 -2.26 -6.99
C GLU G 385 -16.88 -2.69 -8.35
N PRO G 386 -16.01 -2.74 -9.37
CA PRO G 386 -16.49 -3.00 -10.74
C PRO G 386 -17.19 -4.34 -10.84
N GLY G 387 -18.36 -4.33 -11.47
CA GLY G 387 -19.14 -5.56 -11.65
C GLY G 387 -20.63 -5.25 -11.69
N LEU G 388 -21.45 -6.27 -11.87
CA LEU G 388 -22.92 -6.08 -11.87
C LEU G 388 -23.39 -6.70 -10.56
N ASP G 389 -24.19 -5.98 -9.78
CA ASP G 389 -24.53 -6.54 -8.44
C ASP G 389 -25.82 -7.35 -8.53
N ARG G 390 -25.72 -8.66 -8.35
CA ARG G 390 -26.98 -9.45 -8.27
C ARG G 390 -27.25 -9.77 -6.80
N ASN G 391 -26.24 -10.29 -6.11
CA ASN G 391 -26.38 -10.60 -4.66
C ASN G 391 -26.00 -9.37 -3.85
N GLY G 392 -26.84 -8.33 -3.89
CA GLY G 392 -26.54 -7.11 -3.14
C GLY G 392 -25.57 -6.23 -3.89
N ALA G 393 -25.15 -5.11 -3.29
CA ALA G 393 -24.26 -4.16 -4.00
C ALA G 393 -22.86 -4.26 -3.40
N HIS G 394 -21.85 -4.49 -4.26
CA HIS G 394 -20.47 -4.73 -3.74
C HIS G 394 -19.63 -3.46 -3.83
N MET G 395 -18.75 -3.23 -2.84
CA MET G 395 -17.91 -2.06 -2.80
C MET G 395 -16.62 -2.43 -2.09
N ARG G 396 -15.61 -1.59 -2.25
CA ARG G 396 -14.37 -1.73 -1.51
C ARG G 396 -13.99 -0.38 -0.94
N GLU G 397 -13.34 -0.40 0.21
CA GLU G 397 -12.75 0.82 0.72
C GLU G 397 -11.39 1.01 0.08
N VAL G 398 -11.03 2.27 -0.15
CA VAL G 398 -9.84 2.61 -0.91
C VAL G 398 -9.29 3.93 -0.40
N TRP G 399 -8.03 4.20 -0.71
CA TRP G 399 -7.25 5.20 -0.02
C TRP G 399 -6.70 6.26 -0.96
N LEU G 400 -6.99 7.52 -0.65
CA LEU G 400 -6.33 8.65 -1.30
C LEU G 400 -5.00 8.88 -0.60
N ASP G 401 -3.88 8.57 -1.26
CA ASP G 401 -2.58 8.48 -0.59
C ASP G 401 -1.69 9.64 -1.03
N LEU G 402 -1.03 10.26 -0.07
CA LEU G 402 -0.09 11.33 -0.35
C LEU G 402 1.15 11.22 0.52
N SER G 403 2.33 11.38 -0.09
CA SER G 403 3.58 11.35 0.63
C SER G 403 4.29 12.69 0.50
N LEU G 404 4.46 13.38 1.63
CA LEU G 404 5.20 14.64 1.59
C LEU G 404 6.67 14.36 1.32
N THR G 405 7.14 13.16 1.71
CA THR G 405 8.48 12.76 1.33
C THR G 405 8.62 12.65 -0.18
N ASP G 406 7.52 12.30 -0.87
CA ASP G 406 7.52 12.28 -2.33
C ASP G 406 7.26 13.66 -2.91
N VAL G 407 6.23 14.35 -2.40
CA VAL G 407 5.92 15.69 -2.90
C VAL G 407 7.10 16.62 -2.71
N PHE G 408 7.70 16.60 -1.53
CA PHE G 408 8.92 17.33 -1.23
C PHE G 408 10.11 16.37 -1.25
N LYS G 409 10.32 15.71 -2.40
CA LYS G 409 11.32 14.65 -2.47
C LYS G 409 12.74 15.18 -2.55
N ASP G 410 12.92 16.39 -3.05
CA ASP G 410 14.27 16.99 -3.05
C ASP G 410 14.55 17.56 -1.65
N ARG G 411 13.60 17.39 -0.74
CA ARG G 411 13.72 17.90 0.66
C ARG G 411 14.63 17.02 1.54
N LYS G 412 15.07 17.56 2.69
CA LYS G 412 16.03 16.88 3.61
C LYS G 412 15.55 15.64 4.36
N ARG G 413 16.47 14.71 4.66
CA ARG G 413 16.22 13.49 5.48
C ARG G 413 16.86 13.74 6.86
N ARG G 414 17.15 14.99 7.21
CA ARG G 414 17.94 15.38 8.42
C ARG G 414 17.31 15.13 9.79
N ILE G 415 18.15 15.03 10.84
CA ILE G 415 17.72 14.82 12.25
C ILE G 415 17.03 16.07 12.82
N ALA G 416 16.27 15.96 13.92
CA ALA G 416 15.39 17.05 14.43
C ALA G 416 15.97 18.40 14.89
N TYR G 417 17.11 18.49 15.58
CA TYR G 417 17.51 19.81 16.17
C TYR G 417 18.24 20.73 15.18
N GLU G 418 17.52 21.24 14.18
CA GLU G 418 18.15 22.13 13.17
C GLU G 418 17.57 23.57 13.13
N ARG G 419 16.55 23.91 13.91
CA ARG G 419 15.94 25.27 13.74
C ARG G 419 15.40 25.88 15.05
N LEU G 420 15.49 25.16 16.16
CA LEU G 420 14.94 25.65 17.46
C LEU G 420 15.69 26.92 17.87
N MET G 421 16.99 26.99 17.60
CA MET G 421 17.84 28.13 18.07
C MET G 421 17.39 29.47 17.47
N LEU G 422 16.96 29.52 16.20
CA LEU G 422 16.66 30.81 15.55
C LEU G 422 15.54 31.56 16.28
N ASP G 423 14.49 30.86 16.71
CA ASP G 423 13.33 31.57 17.33
C ASP G 423 13.75 32.07 18.72
N LEU G 424 14.52 31.28 19.46
CA LEU G 424 15.05 31.70 20.75
C LEU G 424 15.76 33.03 20.59
N ILE G 425 16.53 33.17 19.50
CA ILE G 425 17.18 34.43 19.17
C ILE G 425 16.18 35.42 18.57
N GLU G 426 15.31 34.94 17.67
CA GLU G 426 14.43 35.84 16.93
C GLU G 426 13.51 36.64 17.84
N GLY G 427 12.82 35.98 18.76
CA GLY G 427 11.97 36.66 19.73
C GLY G 427 10.63 35.97 19.97
N ASP G 428 9.67 36.16 19.06
CA ASP G 428 8.34 35.57 19.24
C ASP G 428 8.44 34.05 19.23
N ALA G 429 7.93 33.41 20.28
CA ALA G 429 8.10 31.96 20.41
C ALA G 429 6.89 31.28 21.03
N THR G 430 6.16 30.50 20.23
CA THR G 430 5.11 29.65 20.77
C THR G 430 5.57 28.22 20.99
N LEU G 431 6.68 27.83 20.35
CA LEU G 431 7.20 26.47 20.40
C LEU G 431 8.30 26.33 21.45
N PHE G 432 8.21 27.14 22.49
CA PHE G 432 9.02 27.05 23.67
C PHE G 432 7.99 27.05 24.77
N VAL G 433 8.08 26.13 25.70
CA VAL G 433 6.93 25.90 26.56
C VAL G 433 6.85 26.98 27.64
N ARG G 434 5.64 27.28 28.07
CA ARG G 434 5.34 28.32 29.03
C ARG G 434 4.68 27.69 30.24
N ARG G 435 4.57 28.48 31.31
CA ARG G 435 4.25 27.92 32.63
C ARG G 435 2.85 27.33 32.68
N ASP G 436 1.84 28.09 32.24
CA ASP G 436 0.46 27.60 32.27
C ASP G 436 0.31 26.31 31.49
N GLU G 437 1.06 26.16 30.39
CA GLU G 437 1.09 24.89 29.68
C GLU G 437 1.66 23.79 30.57
N VAL G 438 2.87 24.01 31.07
CA VAL G 438 3.53 23.02 31.92
C VAL G 438 2.65 22.68 33.12
N GLU G 439 2.02 23.70 33.71
CA GLU G 439 1.16 23.46 34.87
C GLU G 439 -0.11 22.70 34.50
N ALA G 440 -0.72 23.04 33.37
CA ALA G 440 -1.92 22.31 32.96
C ALA G 440 -1.56 20.89 32.54
N GLN G 441 -0.37 20.69 31.99
CA GLN G 441 0.10 19.33 31.76
C GLN G 441 0.39 18.63 33.08
N TRP G 442 1.00 19.35 34.03
CA TRP G 442 1.41 18.70 35.28
C TRP G 442 0.23 18.39 36.19
N ILE G 443 -0.81 19.22 36.18
CA ILE G 443 -1.99 18.92 36.98
C ILE G 443 -2.56 17.57 36.58
N TRP G 444 -2.66 17.35 35.26
CA TRP G 444 -3.23 16.11 34.74
C TRP G 444 -2.33 14.91 34.98
N ILE G 445 -1.01 15.09 34.86
CA ILE G 445 -0.10 13.94 34.96
C ILE G 445 -0.06 13.41 36.38
N ASP G 446 -0.04 14.29 37.38
CA ASP G 446 0.02 13.84 38.75
C ASP G 446 -1.29 13.18 39.17
N GLY G 447 -2.41 13.63 38.60
CA GLY G 447 -3.69 13.02 38.91
C GLY G 447 -3.80 11.59 38.41
N ILE G 448 -3.15 11.28 37.29
CA ILE G 448 -3.12 9.90 36.81
C ILE G 448 -2.10 9.10 37.63
N ARG G 449 -0.95 9.70 37.90
CA ARG G 449 0.08 9.01 38.67
C ARG G 449 -0.36 8.80 40.12
N GLU G 450 -0.94 9.82 40.75
CA GLU G 450 -1.44 9.65 42.12
C GLU G 450 -2.72 8.83 42.18
N GLY G 451 -3.62 8.99 41.20
CA GLY G 451 -4.94 8.38 41.30
C GLY G 451 -4.89 6.87 41.37
N TRP G 452 -4.02 6.25 40.56
CA TRP G 452 -3.83 4.82 40.64
C TRP G 452 -2.77 4.41 41.64
N LYS G 453 -2.06 5.38 42.23
CA LYS G 453 -1.23 5.10 43.39
C LYS G 453 -2.11 4.88 44.61
N ALA G 454 -3.29 5.50 44.63
CA ALA G 454 -4.25 5.19 45.66
C ALA G 454 -4.97 3.88 45.37
N ASN G 455 -4.94 3.43 44.11
CA ASN G 455 -5.43 2.11 43.74
C ASN G 455 -4.31 1.09 43.58
N SER G 456 -3.05 1.53 43.57
CA SER G 456 -1.88 0.64 43.42
C SER G 456 -1.98 -0.17 42.11
N MET G 457 -1.89 0.56 41.00
CA MET G 457 -2.01 -0.02 39.66
C MET G 457 -0.61 -0.34 39.16
N LYS G 458 -0.18 -1.56 39.40
CA LYS G 458 1.12 -1.93 38.90
C LYS G 458 1.07 -2.24 37.40
N PRO G 459 2.16 -1.97 36.70
CA PRO G 459 2.21 -2.26 35.26
C PRO G 459 2.23 -3.76 35.03
N LYS G 460 2.13 -4.13 33.76
CA LYS G 460 2.14 -5.52 33.34
C LYS G 460 3.39 -5.79 32.52
N THR G 461 3.66 -7.06 32.29
CA THR G 461 4.80 -7.45 31.50
C THR G 461 4.30 -7.80 30.09
N TYR G 462 5.17 -7.62 29.09
CA TYR G 462 4.83 -8.08 27.76
C TYR G 462 6.07 -8.57 27.05
N VAL G 463 5.86 -9.45 26.07
CA VAL G 463 6.99 -9.96 25.25
C VAL G 463 7.38 -8.85 24.29
N SER G 464 8.67 -8.66 24.03
CA SER G 464 9.02 -7.53 23.15
C SER G 464 8.38 -7.83 21.80
N GLY G 465 7.79 -6.82 21.15
CA GLY G 465 7.05 -7.06 19.90
C GLY G 465 5.62 -7.54 20.14
N THR G 466 5.15 -7.52 21.39
CA THR G 466 3.74 -7.89 21.64
C THR G 466 2.85 -6.83 21.01
N TRP G 467 3.22 -5.56 21.13
CA TRP G 467 2.48 -4.40 20.56
C TRP G 467 1.52 -3.90 21.63
N GLY G 468 1.30 -4.70 22.65
CA GLY G 468 0.49 -4.21 23.77
C GLY G 468 0.57 -5.10 24.97
N PRO G 469 0.17 -4.60 26.14
CA PRO G 469 -0.03 -5.53 27.26
C PRO G 469 -1.31 -6.24 26.83
N ILE G 470 -1.61 -7.45 27.29
CA ILE G 470 -2.85 -8.12 26.79
C ILE G 470 -4.02 -7.22 27.22
N THR G 471 -3.88 -6.55 28.36
CA THR G 471 -4.93 -5.66 28.93
C THR G 471 -5.27 -4.51 27.98
N ALA G 472 -4.31 -3.99 27.21
CA ALA G 472 -4.53 -2.78 26.39
C ALA G 472 -5.65 -2.96 25.36
N ILE G 473 -5.80 -4.12 24.72
CA ILE G 473 -6.83 -4.27 23.65
C ILE G 473 -8.22 -3.99 24.24
N ALA G 474 -8.48 -4.45 25.46
CA ALA G 474 -9.82 -4.30 26.06
C ALA G 474 -10.30 -2.84 26.07
N LEU G 475 -9.45 -1.87 26.41
CA LEU G 475 -9.91 -0.46 26.56
C LEU G 475 -10.58 -0.02 25.27
N VAL G 476 -10.03 -0.43 24.14
CA VAL G 476 -10.63 -0.07 22.82
C VAL G 476 -11.79 -0.99 22.50
N GLU G 477 -11.60 -2.32 22.58
CA GLU G 477 -12.65 -3.23 22.14
C GLU G 477 -13.88 -3.22 23.04
N ARG G 478 -13.75 -2.81 24.31
CA ARG G 478 -14.92 -2.71 25.16
C ARG G 478 -15.82 -1.56 24.75
N ASP G 479 -15.28 -0.61 23.97
CA ASP G 479 -16.07 0.44 23.34
C ASP G 479 -16.32 0.14 21.88
N GLY G 480 -15.78 -0.97 21.36
CA GLY G 480 -15.90 -1.34 19.97
C GLY G 480 -14.73 -0.95 19.08
N VAL G 481 -13.71 -0.32 19.63
CA VAL G 481 -12.61 0.25 18.84
C VAL G 481 -11.46 -0.74 18.78
N THR G 482 -10.71 -0.68 17.68
CA THR G 482 -9.43 -1.35 17.55
C THR G 482 -8.45 -0.33 16.99
N TRP G 483 -7.18 -0.48 17.33
CA TRP G 483 -6.18 0.52 16.97
C TRP G 483 -5.82 0.36 15.50
N TYR G 484 -5.99 1.43 14.73
CA TYR G 484 -5.76 1.31 13.31
C TYR G 484 -4.26 1.17 13.06
N ASP G 485 -3.92 0.13 12.32
CA ASP G 485 -2.57 -0.12 11.84
C ASP G 485 -2.77 -0.51 10.39
N LEU G 486 -2.02 0.14 9.49
CA LEU G 486 -2.44 0.37 8.11
C LEU G 486 -3.27 -0.76 7.50
N GLU G 487 -2.92 -2.00 7.82
CA GLU G 487 -3.58 -3.16 7.23
C GLU G 487 -3.46 -3.15 5.71
N THR H 2 -38.44 -13.12 -12.12
CA THR H 2 -37.33 -12.12 -12.21
C THR H 2 -37.52 -11.31 -13.49
N ASN H 3 -38.58 -11.57 -14.23
CA ASN H 3 -38.84 -10.84 -15.50
C ASN H 3 -37.64 -10.96 -16.43
N THR H 4 -37.06 -12.15 -16.56
CA THR H 4 -35.97 -12.26 -17.54
C THR H 4 -36.57 -12.70 -18.87
N VAL H 5 -36.54 -11.82 -19.88
CA VAL H 5 -37.15 -12.11 -21.20
C VAL H 5 -36.32 -13.20 -21.89
N SER H 6 -36.99 -14.14 -22.55
CA SER H 6 -36.26 -15.27 -23.17
C SER H 6 -35.86 -14.90 -24.60
N THR H 7 -36.29 -13.73 -25.07
CA THR H 7 -36.02 -13.37 -26.49
C THR H 7 -35.47 -11.96 -26.62
N MET H 8 -34.47 -11.78 -27.48
CA MET H 8 -33.90 -10.47 -27.75
C MET H 8 -33.84 -10.31 -29.25
N ILE H 9 -34.28 -9.16 -29.75
CA ILE H 9 -34.34 -8.92 -31.17
C ILE H 9 -33.51 -7.68 -31.43
N LEU H 10 -32.57 -7.77 -32.35
CA LEU H 10 -31.57 -6.73 -32.54
C LEU H 10 -31.67 -6.26 -33.97
N PHE H 11 -31.85 -4.96 -34.14
CA PHE H 11 -32.02 -4.34 -35.44
C PHE H 11 -30.72 -3.62 -35.78
N GLY H 12 -30.06 -4.09 -36.82
CA GLY H 12 -28.85 -3.49 -37.29
C GLY H 12 -27.74 -4.43 -36.88
N SER H 13 -27.94 -5.72 -37.15
CA SER H 13 -26.93 -6.69 -36.76
C SER H 13 -25.71 -6.54 -37.64
N THR H 14 -25.92 -6.12 -38.88
CA THR H 14 -24.89 -5.79 -39.85
C THR H 14 -24.50 -4.31 -39.79
N GLY H 15 -24.40 -3.71 -38.60
CA GLY H 15 -24.14 -2.29 -38.47
C GLY H 15 -22.71 -2.00 -38.04
N ASP H 16 -22.41 -0.71 -37.88
CA ASP H 16 -21.04 -0.29 -37.50
C ASP H 16 -20.89 -0.32 -35.98
N LEU H 17 -21.69 0.49 -35.28
CA LEU H 17 -21.54 0.57 -33.82
C LEU H 17 -21.83 -0.82 -33.28
N SER H 18 -22.84 -1.47 -33.83
CA SER H 18 -23.14 -2.86 -33.40
C SER H 18 -21.96 -3.77 -33.70
N GLN H 19 -21.32 -3.62 -34.87
CA GLN H 19 -20.23 -4.58 -35.25
C GLN H 19 -19.08 -4.48 -34.25
N ARG H 20 -18.72 -3.28 -33.80
CA ARG H 20 -17.54 -3.21 -32.91
C ARG H 20 -17.89 -2.62 -31.55
N MET H 21 -17.53 -3.33 -30.47
CA MET H 21 -17.70 -2.81 -29.08
C MET H 21 -19.13 -2.99 -28.57
N LEU H 22 -20.01 -3.62 -29.36
CA LEU H 22 -21.43 -3.74 -28.95
C LEU H 22 -21.86 -5.17 -29.23
N LEU H 23 -21.71 -5.62 -30.48
CA LEU H 23 -21.99 -7.02 -30.77
C LEU H 23 -21.12 -7.98 -29.98
N PRO H 24 -19.80 -7.80 -29.91
CA PRO H 24 -19.00 -8.68 -29.03
C PRO H 24 -19.46 -8.70 -27.59
N SER H 25 -20.08 -7.61 -27.11
CA SER H 25 -20.48 -7.53 -25.72
C SER H 25 -21.52 -8.59 -25.35
N LEU H 26 -22.23 -9.16 -26.34
CA LEU H 26 -23.13 -10.27 -26.04
C LEU H 26 -22.34 -11.54 -25.76
N TYR H 27 -21.26 -11.76 -26.53
CA TYR H 27 -20.38 -12.90 -26.32
C TYR H 27 -19.78 -12.87 -24.92
N GLY H 28 -19.28 -11.71 -24.50
CA GLY H 28 -18.60 -11.62 -23.21
C GLY H 28 -19.50 -11.97 -22.03
N LEU H 29 -20.81 -11.75 -22.15
CA LEU H 29 -21.68 -12.12 -21.04
C LEU H 29 -22.03 -13.60 -21.04
N ASP H 30 -22.11 -14.24 -22.20
CA ASP H 30 -22.37 -15.67 -22.23
C ASP H 30 -21.13 -16.47 -21.88
N ALA H 31 -19.95 -15.94 -22.24
CA ALA H 31 -18.71 -16.66 -22.00
C ALA H 31 -18.48 -16.86 -20.51
N ASP H 32 -18.66 -15.81 -19.71
CA ASP H 32 -18.38 -15.87 -18.28
C ASP H 32 -19.32 -16.80 -17.52
N GLY H 33 -20.25 -17.47 -18.21
CA GLY H 33 -21.24 -18.32 -17.58
C GLY H 33 -22.56 -17.64 -17.30
N LEU H 34 -22.74 -16.40 -17.75
CA LEU H 34 -23.83 -15.55 -17.27
C LEU H 34 -25.11 -15.66 -18.08
N LEU H 35 -25.07 -16.22 -19.29
CA LEU H 35 -26.25 -16.18 -20.15
C LEU H 35 -26.96 -17.53 -20.18
N ALA H 36 -28.27 -17.45 -20.42
CA ALA H 36 -29.13 -18.63 -20.36
C ALA H 36 -28.91 -19.52 -21.59
N ASP H 37 -28.78 -20.82 -21.33
CA ASP H 37 -28.55 -21.77 -22.42
C ASP H 37 -29.74 -21.80 -23.38
N ASP H 38 -30.96 -21.75 -22.86
CA ASP H 38 -32.15 -21.67 -23.71
C ASP H 38 -32.49 -20.21 -24.06
N LEU H 39 -31.55 -19.58 -24.78
CA LEU H 39 -31.68 -18.21 -25.20
C LEU H 39 -31.61 -18.18 -26.73
N ARG H 40 -32.32 -17.24 -27.35
CA ARG H 40 -32.29 -17.11 -28.79
C ARG H 40 -32.04 -15.66 -29.15
N ILE H 41 -30.86 -15.39 -29.72
CA ILE H 41 -30.52 -14.07 -30.23
C ILE H 41 -30.98 -13.99 -31.67
N VAL H 42 -32.05 -13.23 -31.89
CA VAL H 42 -32.60 -13.06 -33.27
C VAL H 42 -32.04 -11.77 -33.83
N CYS H 43 -31.29 -11.85 -34.93
CA CYS H 43 -30.61 -10.65 -35.48
C CYS H 43 -31.27 -10.30 -36.82
N THR H 44 -31.64 -9.02 -37.00
CA THR H 44 -32.39 -8.61 -38.22
C THR H 44 -31.57 -7.61 -39.04
N SER H 45 -31.43 -7.84 -40.35
CA SER H 45 -30.71 -6.89 -41.24
C SER H 45 -31.10 -7.15 -42.71
N ARG H 46 -31.01 -6.13 -43.56
CA ARG H 46 -31.40 -6.26 -44.99
C ARG H 46 -30.16 -6.72 -45.75
N SER H 47 -29.05 -6.93 -45.05
CA SER H 47 -27.75 -7.34 -45.67
C SER H 47 -27.88 -8.71 -46.33
N GLU H 48 -28.84 -9.54 -45.90
CA GLU H 48 -29.09 -10.84 -46.62
C GLU H 48 -28.16 -11.99 -46.24
N TYR H 49 -27.48 -11.93 -45.11
CA TYR H 49 -26.66 -13.08 -44.63
C TYR H 49 -27.58 -14.23 -44.17
N ASP H 50 -27.06 -15.45 -44.01
CA ASP H 50 -27.90 -16.53 -43.42
C ASP H 50 -27.63 -16.62 -41.92
N THR H 51 -28.35 -17.45 -41.15
CA THR H 51 -27.98 -17.61 -39.75
C THR H 51 -26.55 -18.08 -39.63
N ASP H 52 -26.07 -18.85 -40.60
CA ASP H 52 -24.66 -19.18 -40.75
C ASP H 52 -24.00 -18.40 -41.88
N GLY H 53 -24.67 -17.36 -42.39
CA GLY H 53 -24.06 -16.40 -43.28
C GLY H 53 -23.83 -15.11 -42.55
N PHE H 54 -24.56 -14.93 -41.45
CA PHE H 54 -24.23 -13.88 -40.49
C PHE H 54 -23.26 -14.35 -39.44
N ARG H 55 -23.44 -15.59 -38.93
CA ARG H 55 -22.53 -16.14 -37.93
C ARG H 55 -21.09 -16.01 -38.37
N ASP H 56 -20.82 -16.25 -39.65
CA ASP H 56 -19.56 -15.90 -40.27
C ASP H 56 -19.17 -14.47 -39.93
N PHE H 57 -20.00 -13.52 -40.38
CA PHE H 57 -19.69 -12.10 -40.31
C PHE H 57 -19.35 -11.67 -38.88
N ALA H 58 -20.26 -11.94 -37.93
CA ALA H 58 -20.02 -11.53 -36.55
C ALA H 58 -18.84 -12.27 -35.94
N GLU H 59 -18.56 -13.50 -36.40
CA GLU H 59 -17.36 -14.18 -35.95
C GLU H 59 -16.10 -13.43 -36.36
N LYS H 60 -16.19 -12.59 -37.39
CA LYS H 60 -15.10 -11.69 -37.73
C LYS H 60 -15.08 -10.46 -36.83
N ALA H 61 -16.23 -10.07 -36.28
CA ALA H 61 -16.32 -8.84 -35.49
C ALA H 61 -15.35 -8.84 -34.32
N LEU H 62 -15.13 -10.00 -33.71
CA LEU H 62 -14.22 -10.11 -32.57
C LEU H 62 -12.79 -10.28 -33.03
N ALA H 75 -14.50 -21.30 -27.88
CA ALA H 75 -15.92 -21.44 -27.57
C ALA H 75 -16.67 -20.17 -27.93
N LYS H 76 -16.24 -19.50 -29.01
CA LYS H 76 -17.06 -18.45 -29.58
C LYS H 76 -18.23 -19.05 -30.36
N ALA H 77 -18.03 -20.21 -30.98
CA ALA H 77 -19.15 -20.94 -31.57
C ALA H 77 -20.15 -21.34 -30.51
N LYS H 78 -19.68 -21.81 -29.35
CA LYS H 78 -20.56 -22.05 -28.22
C LYS H 78 -21.44 -20.84 -27.95
N PHE H 79 -20.93 -19.64 -28.24
CA PHE H 79 -21.79 -18.46 -28.32
C PHE H 79 -22.40 -18.33 -29.71
N LEU H 80 -21.60 -18.54 -30.76
CA LEU H 80 -22.09 -18.28 -32.11
C LEU H 80 -23.10 -19.31 -32.58
N ASN H 81 -23.37 -20.35 -31.80
CA ASN H 81 -24.44 -21.29 -32.13
C ASN H 81 -25.82 -20.77 -31.72
N LYS H 82 -25.89 -19.62 -31.07
CA LYS H 82 -27.15 -19.09 -30.56
C LYS H 82 -27.57 -17.89 -31.36
N LEU H 83 -26.96 -17.71 -32.52
CA LEU H 83 -27.22 -16.62 -33.45
C LEU H 83 -28.03 -17.13 -34.62
N PHE H 84 -29.20 -16.54 -34.84
CA PHE H 84 -30.04 -16.88 -35.98
C PHE H 84 -30.41 -15.58 -36.68
N TYR H 85 -29.89 -15.38 -37.88
CA TYR H 85 -30.12 -14.14 -38.60
C TYR H 85 -31.41 -14.28 -39.43
N ALA H 86 -31.74 -13.22 -40.17
CA ALA H 86 -32.97 -13.08 -40.94
C ALA H 86 -32.90 -11.76 -41.67
N THR H 87 -33.61 -11.69 -42.80
CA THR H 87 -33.51 -10.58 -43.73
C THR H 87 -34.88 -9.96 -43.91
N VAL H 88 -35.06 -8.77 -43.33
CA VAL H 88 -36.33 -8.06 -43.38
C VAL H 88 -36.02 -6.61 -43.72
N ASP H 89 -37.03 -5.93 -44.24
CA ASP H 89 -36.96 -4.53 -44.62
C ASP H 89 -37.98 -3.81 -43.76
N ILE H 90 -37.74 -2.53 -43.48
CA ILE H 90 -38.68 -1.76 -42.67
C ILE H 90 -39.63 -0.96 -43.54
N THR H 91 -39.32 -0.79 -44.82
CA THR H 91 -40.31 -0.37 -45.79
C THR H 91 -41.27 -1.51 -46.08
N ASP H 92 -40.89 -2.73 -45.68
CA ASP H 92 -41.64 -3.95 -45.95
C ASP H 92 -42.65 -4.21 -44.85
N PRO H 93 -43.95 -4.02 -45.06
CA PRO H 93 -44.93 -4.33 -44.01
C PRO H 93 -45.31 -5.80 -43.93
N THR H 94 -44.67 -6.68 -44.70
CA THR H 94 -45.01 -8.10 -44.67
C THR H 94 -43.86 -9.00 -44.24
N GLN H 95 -42.62 -8.61 -44.51
CA GLN H 95 -41.53 -9.45 -44.03
C GLN H 95 -41.39 -9.42 -42.52
N PHE H 96 -42.37 -8.97 -41.75
CA PHE H 96 -42.23 -8.89 -40.31
C PHE H 96 -42.65 -10.20 -39.64
N GLY H 97 -43.27 -11.10 -40.37
CA GLY H 97 -43.62 -12.40 -39.83
C GLY H 97 -42.40 -13.30 -39.67
N LYS H 98 -41.32 -12.95 -40.37
CA LYS H 98 -40.08 -13.77 -40.28
C LYS H 98 -39.56 -13.76 -38.84
N ILE H 99 -39.41 -12.57 -38.26
CA ILE H 99 -38.86 -12.47 -36.87
C ILE H 99 -39.80 -13.17 -35.88
N ALA H 100 -41.11 -12.97 -36.02
CA ALA H 100 -42.05 -13.58 -35.06
C ALA H 100 -41.97 -15.10 -35.15
N ASP H 101 -41.85 -15.66 -36.35
CA ASP H 101 -41.70 -17.12 -36.46
C ASP H 101 -40.36 -17.58 -35.85
N LEU H 102 -39.37 -16.69 -35.80
CA LEU H 102 -38.01 -17.10 -35.32
C LEU H 102 -37.98 -17.55 -33.85
N CYS H 103 -38.69 -16.88 -32.95
CA CYS H 103 -38.57 -17.22 -31.50
C CYS H 103 -39.91 -17.60 -30.87
N GLY H 104 -39.97 -18.72 -30.16
CA GLY H 104 -41.26 -19.21 -29.60
C GLY H 104 -41.59 -18.86 -28.16
N PRO H 105 -40.80 -18.12 -27.36
CA PRO H 105 -41.14 -17.94 -25.94
C PRO H 105 -42.15 -16.81 -25.82
N VAL H 106 -43.38 -17.07 -26.23
CA VAL H 106 -44.45 -16.04 -26.19
C VAL H 106 -44.70 -15.65 -24.73
N GLU H 107 -44.67 -16.61 -23.81
CA GLU H 107 -45.02 -16.33 -22.38
C GLU H 107 -43.85 -15.70 -21.61
N LYS H 108 -42.63 -16.20 -21.78
CA LYS H 108 -41.44 -15.69 -21.03
C LYS H 108 -41.27 -14.19 -21.23
N GLY H 109 -41.50 -13.73 -22.45
CA GLY H 109 -41.30 -12.30 -22.78
C GLY H 109 -40.10 -12.06 -23.68
N ILE H 110 -40.12 -10.93 -24.38
CA ILE H 110 -39.04 -10.64 -25.36
C ILE H 110 -38.55 -9.21 -25.16
N ALA H 111 -37.26 -8.99 -25.44
CA ALA H 111 -36.66 -7.65 -25.28
C ALA H 111 -36.25 -7.21 -26.68
N ILE H 112 -36.57 -5.97 -27.06
CA ILE H 112 -36.29 -5.56 -28.46
C ILE H 112 -35.41 -4.31 -28.49
N TYR H 113 -34.41 -4.29 -29.36
CA TYR H 113 -33.57 -3.11 -29.58
C TYR H 113 -33.91 -2.50 -30.91
N LEU H 114 -34.34 -1.25 -30.91
CA LEU H 114 -34.77 -0.58 -32.14
C LEU H 114 -33.70 0.40 -32.57
N SER H 115 -33.01 0.07 -33.66
CA SER H 115 -32.00 0.93 -34.24
C SER H 115 -32.37 1.29 -35.67
N THR H 116 -33.45 2.03 -35.85
CA THR H 116 -33.88 2.43 -37.19
C THR H 116 -33.79 3.95 -37.29
N SER H 117 -34.18 4.47 -38.44
CA SER H 117 -34.08 5.90 -38.66
C SER H 117 -35.38 6.61 -38.35
N PRO H 118 -35.34 7.92 -38.13
CA PRO H 118 -36.58 8.68 -37.95
C PRO H 118 -37.53 8.41 -39.10
N SER H 119 -38.83 8.46 -38.79
CA SER H 119 -39.94 8.15 -39.70
C SER H 119 -40.04 6.66 -39.98
N LEU H 120 -39.03 5.89 -39.59
CA LEU H 120 -39.07 4.43 -39.72
C LEU H 120 -39.61 3.73 -38.48
N PHE H 121 -39.57 4.38 -37.32
CA PHE H 121 -39.96 3.76 -36.06
C PHE H 121 -41.41 3.28 -36.08
N GLU H 122 -42.36 4.22 -36.19
CA GLU H 122 -43.76 3.91 -35.92
C GLU H 122 -44.30 2.76 -36.76
N GLY H 123 -43.80 2.59 -37.99
CA GLY H 123 -44.26 1.49 -38.81
C GLY H 123 -43.77 0.13 -38.38
N ALA H 124 -42.63 0.06 -37.69
CA ALA H 124 -42.15 -1.23 -37.22
C ALA H 124 -42.84 -1.68 -35.94
N ILE H 125 -43.44 -0.76 -35.21
CA ILE H 125 -44.28 -1.16 -34.08
C ILE H 125 -45.63 -1.64 -34.62
N ALA H 126 -46.09 -1.02 -35.71
CA ALA H 126 -47.29 -1.51 -36.38
C ALA H 126 -47.11 -2.97 -36.77
N GLY H 127 -45.99 -3.29 -37.41
CA GLY H 127 -45.74 -4.66 -37.84
C GLY H 127 -45.55 -5.67 -36.72
N LEU H 128 -45.07 -5.23 -35.55
CA LEU H 128 -44.86 -6.15 -34.44
C LEU H 128 -46.08 -6.39 -33.56
N LYS H 129 -46.90 -5.37 -33.33
CA LYS H 129 -48.13 -5.57 -32.56
C LYS H 129 -49.17 -6.37 -33.33
N GLN H 130 -49.10 -6.30 -34.66
CA GLN H 130 -50.02 -7.08 -35.50
C GLN H 130 -49.80 -8.57 -35.33
N ALA H 131 -48.54 -8.99 -35.14
CA ALA H 131 -48.21 -10.38 -34.84
C ALA H 131 -47.92 -10.59 -33.36
N GLY H 132 -48.48 -9.75 -32.50
CA GLY H 132 -48.44 -10.01 -31.06
C GLY H 132 -47.05 -10.08 -30.48
N LEU H 133 -46.11 -9.35 -31.08
CA LEU H 133 -44.72 -9.27 -30.55
C LEU H 133 -44.60 -7.99 -29.73
N ALA H 134 -45.57 -7.09 -29.85
CA ALA H 134 -45.61 -5.90 -28.98
C ALA H 134 -46.86 -6.11 -28.14
N GLY H 135 -46.75 -6.04 -26.82
CA GLY H 135 -47.87 -6.43 -25.95
C GLY H 135 -47.36 -6.59 -24.54
N PRO H 136 -48.03 -7.34 -23.66
CA PRO H 136 -47.65 -7.41 -22.24
C PRO H 136 -46.24 -7.96 -21.94
N THR H 137 -45.77 -8.99 -22.65
CA THR H 137 -44.47 -9.64 -22.34
C THR H 137 -43.29 -9.04 -23.12
N SER H 138 -43.50 -8.00 -23.94
CA SER H 138 -42.41 -7.51 -24.83
C SER H 138 -41.77 -6.20 -24.37
N ARG H 139 -40.44 -6.15 -24.35
CA ARG H 139 -39.70 -4.93 -23.91
C ARG H 139 -39.01 -4.26 -25.10
N LEU H 140 -38.86 -2.94 -25.08
CA LEU H 140 -38.23 -2.20 -26.21
C LEU H 140 -37.08 -1.32 -25.71
N ALA H 141 -35.94 -1.33 -26.40
CA ALA H 141 -34.78 -0.49 -26.02
C ALA H 141 -34.43 0.49 -27.14
N LEU H 142 -34.30 1.79 -26.82
CA LEU H 142 -33.85 2.74 -27.86
C LEU H 142 -32.58 3.46 -27.41
N GLU H 143 -31.48 3.33 -28.15
CA GLU H 143 -30.25 4.12 -27.84
C GLU H 143 -29.91 5.06 -29.00
N LYS H 144 -30.58 4.94 -30.13
CA LYS H 144 -30.36 5.86 -31.29
C LYS H 144 -30.97 7.20 -30.92
N PRO H 145 -30.59 8.33 -31.55
CA PRO H 145 -31.16 9.59 -31.11
C PRO H 145 -32.68 9.54 -31.31
N LEU H 146 -33.42 9.90 -30.27
CA LEU H 146 -34.90 9.82 -30.35
C LEU H 146 -35.54 11.21 -30.50
N GLY H 147 -34.74 12.27 -30.55
CA GLY H 147 -35.38 13.60 -30.54
C GLY H 147 -34.55 14.74 -31.07
N GLN H 148 -35.20 15.87 -31.34
CA GLN H 148 -34.45 17.10 -31.69
C GLN H 148 -34.99 18.21 -30.81
N ASP H 149 -36.28 18.14 -30.44
CA ASP H 149 -36.91 19.14 -29.60
C ASP H 149 -37.91 18.42 -28.72
N LEU H 150 -38.65 19.18 -27.92
CA LEU H 150 -39.79 18.59 -27.24
C LEU H 150 -40.77 18.03 -28.26
N ALA H 151 -41.15 18.85 -29.24
CA ALA H 151 -42.17 18.47 -30.22
C ALA H 151 -41.82 17.14 -30.89
N SER H 152 -40.57 16.98 -31.32
CA SER H 152 -40.16 15.70 -31.89
C SER H 152 -40.23 14.60 -30.83
N SER H 153 -39.54 14.81 -29.70
CA SER H 153 -39.57 13.84 -28.60
C SER H 153 -41.00 13.64 -28.10
N ASP H 154 -41.80 14.70 -28.08
CA ASP H 154 -43.20 14.56 -27.69
C ASP H 154 -43.94 13.73 -28.72
N HIS H 155 -43.75 14.06 -30.00
CA HIS H 155 -44.35 13.31 -31.09
C HIS H 155 -44.10 11.80 -30.98
N ILE H 156 -42.83 11.39 -31.05
CA ILE H 156 -42.49 9.96 -31.07
C ILE H 156 -42.90 9.26 -29.78
N ASN H 157 -42.57 9.84 -28.62
CA ASN H 157 -42.76 9.12 -27.36
C ASN H 157 -44.23 8.87 -27.07
N ASP H 158 -45.11 9.79 -27.45
CA ASP H 158 -46.53 9.55 -27.29
C ASP H 158 -47.07 8.62 -28.37
N ALA H 159 -46.36 8.50 -29.49
CA ALA H 159 -46.70 7.58 -30.58
C ALA H 159 -46.16 6.18 -30.40
N VAL H 160 -45.21 5.98 -29.48
CA VAL H 160 -44.80 4.63 -29.12
C VAL H 160 -45.69 4.06 -28.02
N LEU H 161 -46.02 4.88 -27.01
CA LEU H 161 -46.84 4.43 -25.89
C LEU H 161 -48.27 4.15 -26.28
N LYS H 162 -48.54 4.02 -27.58
CA LYS H 162 -49.85 3.59 -28.03
C LYS H 162 -49.86 2.08 -28.06
N VAL H 163 -48.66 1.48 -27.99
CA VAL H 163 -48.49 0.05 -27.83
C VAL H 163 -47.85 -0.29 -26.49
N PHE H 164 -46.83 0.46 -26.07
CA PHE H 164 -46.02 0.13 -24.90
C PHE H 164 -46.29 1.07 -23.72
N SER H 165 -45.57 0.80 -22.63
CA SER H 165 -45.65 1.65 -21.42
C SER H 165 -44.22 2.04 -21.04
N GLU H 166 -44.05 2.87 -20.02
CA GLU H 166 -42.68 3.23 -19.58
C GLU H 166 -41.98 1.97 -19.09
N LYS H 167 -42.67 1.09 -18.36
CA LYS H 167 -41.98 -0.08 -17.79
C LYS H 167 -41.47 -0.95 -18.94
N GLN H 168 -42.28 -1.13 -19.97
CA GLN H 168 -41.82 -1.88 -21.17
C GLN H 168 -40.68 -1.13 -21.87
N VAL H 169 -40.78 0.20 -21.96
CA VAL H 169 -39.77 1.01 -22.70
C VAL H 169 -38.44 1.14 -21.95
N TYR H 170 -37.32 1.05 -22.68
CA TYR H 170 -35.99 1.34 -22.08
C TYR H 170 -35.35 2.44 -22.93
N ARG H 171 -34.95 3.56 -22.32
CA ARG H 171 -34.29 4.66 -23.07
C ARG H 171 -32.83 4.65 -22.65
N ILE H 172 -32.03 3.81 -23.28
CA ILE H 172 -30.66 3.62 -22.84
C ILE H 172 -29.93 4.95 -22.91
N ASP H 173 -29.09 5.22 -21.91
CA ASP H 173 -28.20 6.38 -21.91
C ASP H 173 -26.76 5.90 -21.81
N HIS H 174 -25.99 6.17 -22.87
CA HIS H 174 -24.70 5.53 -23.07
C HIS H 174 -23.66 5.88 -21.99
N TYR H 175 -23.81 6.99 -21.29
CA TYR H 175 -22.89 7.27 -20.17
C TYR H 175 -23.29 6.49 -18.92
N LEU H 176 -24.59 6.38 -18.66
CA LEU H 176 -25.11 5.79 -17.43
C LEU H 176 -24.51 4.43 -17.09
N GLY H 177 -23.93 3.71 -18.07
CA GLY H 177 -23.32 2.43 -17.77
C GLY H 177 -21.87 2.44 -17.34
N LYS H 178 -21.19 3.58 -17.45
CA LYS H 178 -19.78 3.65 -17.05
C LYS H 178 -19.64 3.63 -15.52
N GLU H 179 -18.71 2.81 -15.04
CA GLU H 179 -18.54 2.58 -13.60
C GLU H 179 -18.20 3.87 -12.86
N THR H 180 -17.26 4.66 -13.39
CA THR H 180 -16.95 5.95 -12.77
C THR H 180 -18.18 6.82 -12.64
N VAL H 181 -19.17 6.61 -13.51
CA VAL H 181 -20.41 7.37 -13.43
C VAL H 181 -21.35 6.75 -12.41
N GLN H 182 -21.36 5.42 -12.31
CA GLN H 182 -22.23 4.77 -11.32
C GLN H 182 -21.69 4.97 -9.92
N ASN H 183 -20.36 4.90 -9.75
CA ASN H 183 -19.80 5.07 -8.42
C ASN H 183 -19.81 6.53 -8.00
N LEU H 184 -20.24 7.43 -8.89
CA LEU H 184 -20.44 8.82 -8.53
C LEU H 184 -21.42 8.95 -7.38
N LEU H 185 -22.26 7.93 -7.16
CA LEU H 185 -23.21 7.87 -6.06
C LEU H 185 -22.63 7.15 -4.87
N THR H 186 -21.95 6.03 -5.10
CA THR H 186 -21.19 5.40 -4.03
C THR H 186 -20.22 6.41 -3.44
N LEU H 187 -19.65 7.24 -4.29
CA LEU H 187 -18.76 8.30 -3.83
C LEU H 187 -19.53 9.32 -3.01
N ARG H 188 -20.72 9.71 -3.49
CA ARG H 188 -21.50 10.75 -2.82
C ARG H 188 -22.07 10.25 -1.50
N PHE H 189 -22.77 9.12 -1.50
CA PHE H 189 -23.53 8.66 -0.35
C PHE H 189 -22.93 7.46 0.36
N GLY H 190 -21.83 6.91 -0.13
CA GLY H 190 -21.09 5.94 0.64
C GLY H 190 -19.99 6.52 1.51
N ASN H 191 -19.89 7.85 1.61
CA ASN H 191 -18.89 8.52 2.42
C ASN H 191 -19.52 9.71 3.12
N ALA H 192 -19.06 9.97 4.35
CA ALA H 192 -19.64 11.02 5.17
C ALA H 192 -18.82 12.32 5.20
N LEU H 193 -17.62 12.33 4.64
CA LEU H 193 -16.78 13.53 4.71
C LEU H 193 -17.17 14.57 3.67
N PHE H 194 -17.93 14.20 2.65
CA PHE H 194 -18.25 15.09 1.52
C PHE H 194 -19.55 15.86 1.67
N GLU H 195 -20.57 15.27 2.30
CA GLU H 195 -21.92 15.85 2.34
C GLU H 195 -22.10 17.11 3.22
N PRO H 196 -21.33 17.31 4.29
CA PRO H 196 -21.52 18.56 5.08
C PRO H 196 -21.27 19.83 4.28
N LEU H 197 -20.48 19.77 3.22
CA LEU H 197 -20.16 20.95 2.44
C LEU H 197 -20.86 20.96 1.09
N TRP H 198 -21.60 19.92 0.77
CA TRP H 198 -22.33 19.73 -0.48
C TRP H 198 -23.58 20.60 -0.57
N ASN H 199 -23.45 21.92 -0.69
CA ASN H 199 -24.64 22.78 -0.72
C ASN H 199 -24.27 24.18 -1.23
N SER H 200 -25.17 25.14 -0.99
CA SER H 200 -24.91 26.54 -1.35
C SER H 200 -23.90 27.21 -0.45
N LYS H 201 -23.90 26.89 0.85
CA LYS H 201 -22.96 27.44 1.82
C LYS H 201 -21.91 26.37 2.12
N GLY H 202 -20.83 26.40 1.34
CA GLY H 202 -19.75 25.46 1.56
C GLY H 202 -19.03 25.10 0.29
N ILE H 203 -19.69 25.37 -0.83
CA ILE H 203 -19.15 25.12 -2.14
C ILE H 203 -19.27 26.39 -2.96
N ASP H 204 -18.15 26.80 -3.58
CA ASP H 204 -18.14 27.99 -4.42
C ASP H 204 -18.78 27.73 -5.78
N HIS H 205 -18.24 26.78 -6.56
CA HIS H 205 -18.74 26.55 -7.89
C HIS H 205 -18.44 25.12 -8.33
N VAL H 206 -19.14 24.70 -9.40
CA VAL H 206 -18.98 23.39 -9.99
C VAL H 206 -18.67 23.56 -11.47
N GLN H 207 -17.78 22.72 -11.98
CA GLN H 207 -17.28 22.80 -13.34
C GLN H 207 -17.31 21.41 -13.96
N ILE H 208 -17.89 21.30 -15.15
CA ILE H 208 -17.92 20.04 -15.89
C ILE H 208 -17.28 20.30 -17.26
N SER H 209 -16.44 19.36 -17.69
CA SER H 209 -15.74 19.53 -18.97
C SER H 209 -15.41 18.16 -19.55
N VAL H 210 -15.96 17.89 -20.73
CA VAL H 210 -15.68 16.67 -21.49
C VAL H 210 -14.89 17.09 -22.72
N ALA H 211 -13.62 16.70 -22.77
CA ALA H 211 -12.71 17.17 -23.80
C ALA H 211 -12.55 16.09 -24.87
N GLU H 212 -12.54 16.53 -26.14
CA GLU H 212 -12.42 15.63 -27.27
C GLU H 212 -11.43 16.16 -28.30
N THR H 213 -10.64 15.25 -28.86
CA THR H 213 -9.63 15.54 -29.86
C THR H 213 -10.14 15.41 -31.30
N VAL H 214 -11.22 14.66 -31.52
CA VAL H 214 -11.63 14.25 -32.86
C VAL H 214 -12.46 15.33 -33.55
N GLY H 215 -12.61 15.13 -34.85
CA GLY H 215 -13.68 15.80 -35.56
C GLY H 215 -14.79 14.79 -35.64
N LEU H 216 -15.75 15.06 -36.51
CA LEU H 216 -16.87 14.15 -36.63
C LEU H 216 -16.81 13.35 -37.92
N GLU H 217 -15.63 13.26 -38.51
CA GLU H 217 -15.41 12.47 -39.73
C GLU H 217 -16.09 11.12 -39.57
N GLY H 218 -17.01 10.86 -40.51
CA GLY H 218 -17.87 9.67 -40.43
C GLY H 218 -19.29 10.15 -40.21
N ARG H 219 -19.50 11.02 -39.21
CA ARG H 219 -20.85 11.57 -38.88
C ARG H 219 -21.01 13.03 -39.33
N ILE H 220 -20.10 13.58 -40.14
CA ILE H 220 -20.17 15.02 -40.50
C ILE H 220 -21.45 15.28 -41.30
N GLY H 221 -22.04 16.48 -41.19
CA GLY H 221 -23.35 16.71 -41.82
C GLY H 221 -24.44 16.12 -40.94
N TYR H 222 -24.32 14.86 -40.55
CA TYR H 222 -25.27 14.29 -39.56
C TYR H 222 -25.11 15.06 -38.24
N PHE H 223 -23.87 15.39 -37.87
CA PHE H 223 -23.58 16.23 -36.68
C PHE H 223 -24.18 17.63 -36.85
N ASP H 224 -24.14 18.16 -38.07
CA ASP H 224 -24.58 19.56 -38.33
C ASP H 224 -26.05 19.71 -37.94
N SER H 225 -26.87 18.70 -38.17
CA SER H 225 -28.31 18.80 -37.85
C SER H 225 -28.50 19.05 -36.35
N SER H 226 -27.71 18.41 -35.48
CA SER H 226 -27.87 18.55 -34.00
C SER H 226 -26.93 19.60 -33.39
N GLY H 227 -25.66 19.24 -33.17
CA GLY H 227 -24.67 20.07 -32.54
C GLY H 227 -24.33 19.63 -31.12
N SER H 228 -23.17 20.09 -30.65
CA SER H 228 -22.61 19.65 -29.37
C SER H 228 -23.57 19.82 -28.21
N LEU H 229 -24.39 20.88 -28.22
CA LEU H 229 -25.36 21.05 -27.13
C LEU H 229 -26.28 19.85 -27.01
N ARG H 230 -26.96 19.50 -28.09
CA ARG H 230 -27.84 18.34 -28.05
C ARG H 230 -27.08 17.03 -28.21
N ASP H 231 -25.90 17.05 -28.84
CA ASP H 231 -25.16 15.81 -29.07
C ASP H 231 -24.76 15.18 -27.74
N MET H 232 -23.99 15.91 -26.94
CA MET H 232 -23.46 15.38 -25.70
C MET H 232 -24.08 16.02 -24.46
N VAL H 233 -24.48 17.29 -24.54
CA VAL H 233 -24.91 17.99 -23.32
C VAL H 233 -26.34 17.64 -22.97
N GLN H 234 -27.23 17.54 -23.96
CA GLN H 234 -28.65 17.36 -23.63
C GLN H 234 -28.88 16.06 -22.88
N SER H 235 -28.12 15.03 -23.23
CA SER H 235 -28.29 13.77 -22.53
C SER H 235 -27.09 13.55 -21.63
N HIS H 236 -25.97 13.14 -22.23
CA HIS H 236 -24.81 12.69 -21.48
C HIS H 236 -24.40 13.69 -20.40
N ILE H 237 -24.10 14.92 -20.80
CA ILE H 237 -23.53 15.86 -19.85
C ILE H 237 -24.61 16.44 -18.95
N LEU H 238 -25.89 16.21 -19.27
CA LEU H 238 -26.95 16.47 -18.32
C LEU H 238 -27.20 15.30 -17.38
N GLN H 239 -26.90 14.05 -17.80
CA GLN H 239 -27.02 12.93 -16.87
C GLN H 239 -26.00 13.00 -15.75
N LEU H 240 -24.79 13.49 -16.04
CA LEU H 240 -23.78 13.65 -15.01
C LEU H 240 -24.19 14.70 -13.99
N VAL H 241 -24.82 15.79 -14.46
CA VAL H 241 -25.25 16.86 -13.56
C VAL H 241 -26.20 16.33 -12.50
N ALA H 242 -27.11 15.44 -12.89
CA ALA H 242 -28.09 14.91 -11.95
C ALA H 242 -27.43 14.03 -10.90
N LEU H 243 -26.45 13.20 -11.31
CA LEU H 243 -25.74 12.40 -10.33
C LEU H 243 -24.95 13.27 -9.37
N VAL H 244 -24.51 14.44 -9.83
CA VAL H 244 -23.69 15.31 -9.00
C VAL H 244 -24.52 16.17 -8.05
N ALA H 245 -25.73 16.57 -8.46
CA ALA H 245 -26.47 17.59 -7.75
C ALA H 245 -27.69 17.10 -6.97
N MET H 246 -28.20 15.90 -7.27
CA MET H 246 -29.47 15.42 -6.71
C MET H 246 -29.42 15.28 -5.19
N GLU H 247 -30.62 15.08 -4.60
CA GLU H 247 -30.76 14.66 -3.22
C GLU H 247 -30.87 13.13 -3.17
N PRO H 248 -30.45 12.50 -2.07
CA PRO H 248 -30.49 11.03 -2.02
C PRO H 248 -31.89 10.54 -1.94
N PRO H 249 -32.20 9.38 -2.53
CA PRO H 249 -33.46 8.70 -2.27
C PRO H 249 -33.44 8.04 -0.90
N ALA H 250 -34.62 7.60 -0.46
CA ALA H 250 -34.68 6.85 0.78
C ALA H 250 -33.96 5.52 0.65
N HIS H 251 -33.92 4.97 -0.56
CA HIS H 251 -33.26 3.70 -0.80
C HIS H 251 -32.96 3.56 -2.29
N MET H 252 -32.08 2.61 -2.61
CA MET H 252 -31.55 2.38 -3.96
C MET H 252 -32.51 1.53 -4.81
N GLU H 253 -33.66 2.10 -5.10
CA GLU H 253 -34.61 1.46 -6.01
C GLU H 253 -34.44 2.04 -7.40
N ALA H 254 -34.95 1.30 -8.38
CA ALA H 254 -34.84 1.76 -9.76
C ALA H 254 -35.49 3.12 -9.95
N ASN H 255 -36.75 3.25 -9.53
CA ASN H 255 -37.52 4.46 -9.75
C ASN H 255 -37.41 5.50 -8.64
N ALA H 256 -36.90 5.14 -7.46
CA ALA H 256 -36.65 6.18 -6.45
C ALA H 256 -35.40 6.98 -6.80
N VAL H 257 -34.43 6.35 -7.46
CA VAL H 257 -33.26 7.07 -7.94
C VAL H 257 -33.65 8.06 -9.03
N ARG H 258 -34.41 7.60 -10.03
CA ARG H 258 -34.74 8.45 -11.17
C ARG H 258 -35.67 9.58 -10.78
N ASP H 259 -36.54 9.38 -9.78
CA ASP H 259 -37.35 10.48 -9.30
C ASP H 259 -36.50 11.60 -8.72
N GLU H 260 -35.27 11.29 -8.32
CA GLU H 260 -34.34 12.28 -7.79
C GLU H 260 -33.57 13.00 -8.88
N LYS H 261 -33.39 12.36 -10.04
CA LYS H 261 -32.78 13.04 -11.18
C LYS H 261 -33.78 13.94 -11.90
N VAL H 262 -35.05 13.54 -11.97
CA VAL H 262 -36.08 14.39 -12.58
C VAL H 262 -36.23 15.70 -11.83
N LYS H 263 -36.07 15.68 -10.50
CA LYS H 263 -36.22 16.90 -9.72
C LYS H 263 -35.16 17.93 -10.12
N VAL H 264 -33.95 17.47 -10.43
CA VAL H 264 -32.91 18.37 -10.91
C VAL H 264 -33.30 18.95 -12.26
N PHE H 265 -33.86 18.13 -13.14
CA PHE H 265 -34.27 18.60 -14.46
C PHE H 265 -35.35 19.66 -14.39
N ARG H 266 -36.26 19.55 -13.41
CA ARG H 266 -37.31 20.54 -13.26
C ARG H 266 -36.84 21.80 -12.54
N ALA H 267 -35.68 21.76 -11.90
CA ALA H 267 -35.12 22.93 -11.24
C ALA H 267 -34.00 23.58 -12.01
N LEU H 268 -33.74 23.14 -13.24
CA LEU H 268 -32.73 23.80 -14.05
C LEU H 268 -33.21 25.23 -14.32
N ARG H 269 -32.27 26.16 -14.39
CA ARG H 269 -32.70 27.55 -14.52
C ARG H 269 -32.92 27.89 -15.98
N PRO H 270 -34.14 28.34 -16.36
CA PRO H 270 -34.46 28.59 -17.75
C PRO H 270 -33.52 29.59 -18.41
N ILE H 271 -32.93 29.19 -19.55
CA ILE H 271 -32.12 30.20 -20.28
C ILE H 271 -33.08 30.81 -21.31
N ASN H 272 -33.56 32.02 -21.03
CA ASN H 272 -34.50 32.74 -21.92
C ASN H 272 -33.69 33.36 -23.06
N ASN H 273 -34.35 33.75 -24.13
CA ASN H 273 -33.59 34.26 -25.27
C ASN H 273 -32.81 35.48 -24.79
N ASP H 274 -33.42 36.36 -24.00
CA ASP H 274 -32.64 37.50 -23.45
C ASP H 274 -31.52 37.01 -22.52
N THR H 275 -31.80 36.03 -21.65
CA THR H 275 -30.76 35.46 -20.74
C THR H 275 -29.66 34.77 -21.54
N VAL H 276 -30.04 34.06 -22.60
CA VAL H 276 -29.04 33.27 -23.39
C VAL H 276 -27.91 34.18 -23.86
N ILE H 277 -28.13 35.49 -23.91
CA ILE H 277 -27.07 36.29 -24.50
C ILE H 277 -25.86 36.32 -23.57
N THR H 278 -26.10 36.29 -22.26
CA THR H 278 -25.02 36.35 -21.28
C THR H 278 -24.63 35.01 -20.68
N HIS H 279 -25.38 33.94 -20.90
CA HIS H 279 -25.14 32.71 -20.16
C HIS H 279 -24.79 31.48 -21.00
N THR H 280 -24.50 31.64 -22.30
CA THR H 280 -24.11 30.52 -23.15
C THR H 280 -23.09 31.02 -24.15
N VAL H 281 -22.23 30.12 -24.62
CA VAL H 281 -21.18 30.42 -25.60
C VAL H 281 -21.05 29.27 -26.58
N THR H 282 -20.82 29.60 -27.85
CA THR H 282 -20.73 28.64 -28.94
C THR H 282 -19.37 28.68 -29.64
N GLY H 283 -18.95 27.52 -30.16
CA GLY H 283 -17.71 27.43 -30.90
C GLY H 283 -17.83 26.51 -32.11
N GLN H 284 -16.93 26.73 -33.07
CA GLN H 284 -16.93 26.00 -34.35
C GLN H 284 -15.53 25.54 -34.75
N TYR H 285 -15.46 24.30 -35.25
CA TYR H 285 -14.23 23.67 -35.72
C TYR H 285 -13.49 24.53 -36.75
N GLY H 286 -12.26 24.93 -36.43
CA GLY H 286 -11.40 25.62 -37.36
C GLY H 286 -10.28 24.74 -37.88
N ALA H 287 -9.29 25.40 -38.50
CA ALA H 287 -8.18 24.72 -39.15
C ALA H 287 -6.95 24.76 -38.25
N GLY H 288 -6.57 23.61 -37.71
CA GLY H 288 -5.33 23.52 -36.97
C GLY H 288 -4.64 22.17 -37.14
N VAL H 289 -3.94 21.75 -36.10
CA VAL H 289 -3.30 20.43 -36.04
C VAL H 289 -3.85 19.77 -34.79
N SER H 290 -4.39 18.57 -34.94
CA SER H 290 -5.09 17.92 -33.84
C SER H 290 -4.65 16.47 -33.71
N GLY H 291 -4.18 16.12 -32.52
CA GLY H 291 -3.71 14.77 -32.27
C GLY H 291 -2.40 14.47 -32.91
N GLY H 292 -1.67 15.51 -33.36
CA GLY H 292 -0.44 15.34 -34.10
C GLY H 292 -0.60 15.53 -35.59
N LYS H 293 -1.76 15.15 -36.15
CA LYS H 293 -2.02 15.37 -37.56
C LYS H 293 -2.80 16.68 -37.76
N GLU H 294 -2.47 17.37 -38.85
CA GLU H 294 -3.14 18.63 -39.15
C GLU H 294 -4.55 18.37 -39.68
N VAL H 295 -5.47 19.26 -39.32
CA VAL H 295 -6.89 19.11 -39.61
C VAL H 295 -7.43 20.44 -40.14
N ALA H 296 -8.64 20.40 -40.68
CA ALA H 296 -9.16 21.55 -41.41
C ALA H 296 -10.44 22.04 -40.74
N GLY H 297 -11.09 23.00 -41.40
CA GLY H 297 -12.21 23.70 -40.81
C GLY H 297 -13.52 22.95 -40.96
N TYR H 298 -14.42 23.19 -39.99
CA TYR H 298 -15.75 22.59 -40.05
C TYR H 298 -16.41 22.91 -41.39
N ILE H 299 -16.50 24.21 -41.71
CA ILE H 299 -17.06 24.60 -43.00
C ILE H 299 -16.30 23.93 -44.13
N ASP H 300 -14.97 23.97 -44.07
CA ASP H 300 -14.15 23.34 -45.10
C ASP H 300 -14.28 21.84 -45.07
N GLU H 301 -14.73 21.28 -43.95
CA GLU H 301 -14.96 19.85 -43.83
C GLU H 301 -16.42 19.51 -44.10
N LEU H 302 -17.32 20.45 -43.84
CA LEU H 302 -18.73 20.18 -44.12
C LEU H 302 -19.03 20.36 -45.60
N GLY H 303 -18.45 21.38 -46.24
CA GLY H 303 -18.65 21.66 -47.63
C GLY H 303 -19.64 22.77 -47.96
N GLN H 304 -20.53 23.10 -47.02
CA GLN H 304 -21.55 24.13 -47.17
C GLN H 304 -21.36 25.23 -46.14
N PRO H 305 -21.82 26.44 -46.42
CA PRO H 305 -21.82 27.48 -45.36
C PRO H 305 -22.79 27.04 -44.27
N SER H 306 -22.25 26.79 -43.08
CA SER H 306 -22.93 26.14 -41.97
C SER H 306 -23.05 27.05 -40.75
N ASP H 307 -24.00 26.71 -39.87
CA ASP H 307 -24.24 27.46 -38.64
C ASP H 307 -24.08 26.71 -37.33
N THR H 308 -23.97 25.38 -37.33
CA THR H 308 -24.07 24.67 -36.07
C THR H 308 -22.75 24.56 -35.31
N GLU H 309 -22.86 24.02 -34.10
CA GLU H 309 -21.83 24.13 -33.07
C GLU H 309 -21.00 22.87 -33.02
N THR H 310 -19.71 23.03 -32.77
CA THR H 310 -18.80 21.92 -32.51
C THR H 310 -18.08 22.16 -31.18
N PHE H 311 -18.67 23.00 -30.33
CA PHE H 311 -18.16 23.43 -29.03
C PHE H 311 -19.25 24.25 -28.36
N VAL H 312 -19.41 24.06 -27.04
CA VAL H 312 -20.44 24.77 -26.30
C VAL H 312 -20.04 24.82 -24.83
N ALA H 313 -20.35 25.94 -24.17
CA ALA H 313 -20.06 26.13 -22.75
C ALA H 313 -21.19 26.93 -22.12
N ILE H 314 -21.58 26.55 -20.91
CA ILE H 314 -22.72 27.15 -20.22
C ILE H 314 -22.38 27.38 -18.75
N LYS H 315 -22.97 28.44 -18.19
CA LYS H 315 -23.01 28.68 -16.74
C LYS H 315 -24.43 28.36 -16.30
N ALA H 316 -24.68 27.09 -16.01
CA ALA H 316 -26.03 26.67 -15.64
C ALA H 316 -26.26 26.90 -14.14
N HIS H 317 -27.53 26.90 -13.76
CA HIS H 317 -27.90 27.14 -12.37
C HIS H 317 -29.00 26.18 -11.95
N VAL H 318 -28.85 25.62 -10.75
CA VAL H 318 -29.85 24.79 -10.09
C VAL H 318 -30.46 25.56 -8.92
N ASP H 319 -31.79 25.65 -8.90
CA ASP H 319 -32.55 26.49 -7.97
C ASP H 319 -33.30 25.59 -6.97
N ASN H 320 -32.57 25.07 -5.99
CA ASN H 320 -33.22 24.38 -4.87
C ASN H 320 -32.68 24.94 -3.56
N TRP H 321 -33.17 24.38 -2.44
CA TRP H 321 -32.66 24.78 -1.14
C TRP H 321 -31.16 24.53 -1.04
N ARG H 322 -30.70 23.40 -1.55
CA ARG H 322 -29.29 23.05 -1.42
C ARG H 322 -28.40 23.88 -2.34
N TRP H 323 -28.77 24.00 -3.62
CA TRP H 323 -27.83 24.41 -4.65
C TRP H 323 -28.08 25.82 -5.18
N HIS H 324 -29.00 26.56 -4.57
CA HIS H 324 -29.23 27.93 -5.03
C HIS H 324 -27.92 28.70 -4.99
N GLY H 325 -27.61 29.39 -6.08
CA GLY H 325 -26.44 30.25 -6.11
C GLY H 325 -25.10 29.58 -6.36
N VAL H 326 -25.07 28.30 -6.69
CA VAL H 326 -23.82 27.62 -7.03
C VAL H 326 -23.76 27.52 -8.55
N PRO H 327 -22.84 28.20 -9.22
CA PRO H 327 -22.81 28.18 -10.68
C PRO H 327 -22.23 26.86 -11.19
N PHE H 328 -22.91 26.27 -12.16
CA PHE H 328 -22.41 25.09 -12.86
C PHE H 328 -21.85 25.52 -14.21
N TYR H 329 -20.54 25.36 -14.38
CA TYR H 329 -19.84 25.78 -15.60
C TYR H 329 -19.55 24.54 -16.43
N ILE H 330 -20.31 24.35 -17.50
CA ILE H 330 -20.19 23.16 -18.33
C ILE H 330 -19.39 23.51 -19.57
N ARG H 331 -18.71 22.52 -20.12
CA ARG H 331 -17.85 22.73 -21.28
C ARG H 331 -17.68 21.41 -22.01
N THR H 332 -17.82 21.44 -23.32
CA THR H 332 -17.56 20.29 -24.17
C THR H 332 -17.28 20.79 -25.58
N GLY H 333 -16.47 20.04 -26.29
CA GLY H 333 -16.05 20.42 -27.62
C GLY H 333 -15.39 19.25 -28.29
N LYS H 334 -15.33 19.31 -29.62
CA LYS H 334 -14.86 18.17 -30.40
C LYS H 334 -13.39 18.28 -30.80
N ARG H 335 -12.94 19.43 -31.30
CA ARG H 335 -11.57 19.55 -31.77
C ARG H 335 -10.70 20.28 -30.74
N LEU H 336 -10.67 19.71 -29.54
CA LEU H 336 -9.93 20.27 -28.41
C LEU H 336 -8.59 19.56 -28.28
N PRO H 337 -7.70 20.03 -27.41
CA PRO H 337 -6.33 19.46 -27.39
C PRO H 337 -6.16 18.11 -26.72
N ALA H 338 -7.18 17.59 -26.05
CA ALA H 338 -7.04 16.31 -25.35
C ALA H 338 -8.39 15.64 -25.26
N ARG H 339 -8.38 14.29 -25.27
CA ARG H 339 -9.58 13.52 -24.96
C ARG H 339 -9.54 13.23 -23.46
N ARG H 340 -10.43 13.88 -22.73
CA ARG H 340 -10.39 13.85 -21.28
C ARG H 340 -11.67 14.38 -20.67
N SER H 341 -12.35 13.53 -19.90
CA SER H 341 -13.59 13.90 -19.24
C SER H 341 -13.30 14.13 -17.76
N GLU H 342 -13.65 15.32 -17.27
CA GLU H 342 -13.28 15.65 -15.87
C GLU H 342 -14.36 16.51 -15.21
N ILE H 343 -14.49 16.37 -13.90
CA ILE H 343 -15.46 17.17 -13.10
C ILE H 343 -14.65 17.91 -12.05
N VAL H 344 -14.86 19.20 -11.87
CA VAL H 344 -14.16 19.90 -10.76
C VAL H 344 -15.18 20.50 -9.79
N VAL H 345 -15.00 20.24 -8.50
CA VAL H 345 -15.85 20.90 -7.47
C VAL H 345 -14.89 21.79 -6.68
N GLN H 346 -15.21 23.07 -6.55
CA GLN H 346 -14.31 24.00 -5.85
C GLN H 346 -15.03 24.54 -4.63
N PHE H 347 -14.38 24.42 -3.48
CA PHE H 347 -15.00 24.85 -2.23
C PHE H 347 -14.66 26.30 -1.94
N LYS H 348 -15.51 26.94 -1.14
CA LYS H 348 -15.26 28.33 -0.78
C LYS H 348 -14.00 28.41 0.08
N PRO H 349 -13.30 29.53 0.07
CA PRO H 349 -12.11 29.66 0.92
C PRO H 349 -12.53 29.61 2.38
N VAL H 350 -11.56 29.31 3.23
CA VAL H 350 -11.77 29.26 4.67
C VAL H 350 -12.38 30.59 5.11
N PRO H 351 -13.26 30.60 6.11
CA PRO H 351 -13.85 31.87 6.56
C PRO H 351 -12.82 32.89 7.00
N HIS H 352 -11.57 32.49 7.23
CA HIS H 352 -10.53 33.41 7.67
C HIS H 352 -9.18 32.75 7.43
N SER H 353 -8.25 33.51 6.86
CA SER H 353 -6.87 33.05 6.74
C SER H 353 -6.15 33.54 7.99
N ILE H 354 -5.91 32.61 8.91
CA ILE H 354 -5.16 32.89 10.14
C ILE H 354 -3.70 33.02 9.76
N PHE H 355 -3.40 32.80 8.48
CA PHE H 355 -2.05 32.81 7.97
C PHE H 355 -1.65 34.00 7.10
N SER H 356 -1.96 35.24 7.51
CA SER H 356 -1.49 36.36 6.69
C SER H 356 0.02 36.51 6.89
N SER H 357 0.67 35.39 7.22
CA SER H 357 2.11 35.26 7.32
C SER H 357 2.73 35.13 5.93
N SER H 358 3.69 36.00 5.62
CA SER H 358 4.43 35.98 4.36
C SER H 358 4.51 34.58 3.76
N GLY H 359 4.10 34.46 2.49
CA GLY H 359 3.97 33.17 1.86
C GLY H 359 2.62 32.51 2.00
N GLY H 360 1.76 33.00 2.89
CA GLY H 360 0.47 32.39 3.14
C GLY H 360 -0.64 32.69 2.15
N ILE H 361 -0.54 32.13 0.95
CA ILE H 361 -1.59 32.19 -0.07
C ILE H 361 -2.39 30.90 -0.02
N LEU H 362 -3.72 31.02 -0.01
CA LEU H 362 -4.62 29.90 0.30
C LEU H 362 -5.54 29.60 -0.88
N GLN H 363 -5.25 28.52 -1.58
CA GLN H 363 -6.12 28.05 -2.65
C GLN H 363 -7.31 27.31 -2.08
N PRO H 364 -8.53 27.61 -2.51
CA PRO H 364 -9.69 26.87 -2.02
C PRO H 364 -9.61 25.40 -2.45
N ASN H 365 -10.25 24.54 -1.67
CA ASN H 365 -10.19 23.10 -1.90
C ASN H 365 -11.00 22.66 -3.12
N LYS H 366 -10.44 21.71 -3.87
CA LYS H 366 -11.10 21.11 -5.03
C LYS H 366 -11.10 19.59 -4.94
N LEU H 367 -12.19 18.98 -5.39
CA LEU H 367 -12.28 17.53 -5.58
C LEU H 367 -12.37 17.27 -7.08
N ARG H 368 -11.38 16.54 -7.60
CA ARG H 368 -11.25 16.30 -9.03
C ARG H 368 -11.48 14.83 -9.35
N ILE H 369 -12.38 14.55 -10.28
CA ILE H 369 -12.64 13.14 -10.73
C ILE H 369 -12.53 13.09 -12.25
N VAL H 370 -11.82 12.11 -12.81
CA VAL H 370 -11.80 12.01 -14.29
C VAL H 370 -12.50 10.73 -14.76
N LEU H 371 -13.58 10.85 -15.54
CA LEU H 371 -14.22 9.68 -16.16
C LEU H 371 -13.27 9.06 -17.18
N GLN H 372 -12.61 9.90 -17.97
CA GLN H 372 -11.62 9.46 -18.98
C GLN H 372 -10.55 10.55 -19.09
N PRO H 373 -9.28 10.27 -19.47
CA PRO H 373 -8.87 8.99 -20.05
C PRO H 373 -8.55 7.93 -18.98
N ASP H 374 -7.88 8.34 -17.90
CA ASP H 374 -7.57 7.39 -16.81
C ASP H 374 -8.47 7.73 -15.64
N GLU H 375 -9.29 6.77 -15.20
CA GLU H 375 -10.26 7.10 -14.13
C GLU H 375 -9.45 7.44 -12.90
N THR H 376 -9.82 8.50 -12.18
CA THR H 376 -8.96 8.96 -11.06
C THR H 376 -9.72 9.92 -10.17
N ILE H 377 -9.41 9.92 -8.89
CA ILE H 377 -10.01 10.85 -7.93
C ILE H 377 -8.89 11.47 -7.10
N GLN H 378 -8.98 12.78 -6.88
CA GLN H 378 -7.97 13.49 -6.10
C GLN H 378 -8.59 14.73 -5.47
N ILE H 379 -7.98 15.20 -4.37
CA ILE H 379 -8.46 16.37 -3.64
C ILE H 379 -7.30 17.33 -3.38
N SER H 380 -7.63 18.63 -3.31
CA SER H 380 -6.66 19.70 -3.17
C SER H 380 -6.73 20.26 -1.76
N ILE H 381 -5.64 20.14 -1.02
CA ILE H 381 -5.58 20.68 0.33
C ILE H 381 -4.36 21.58 0.42
N MET H 382 -4.39 22.45 1.42
CA MET H 382 -3.28 23.37 1.67
C MET H 382 -2.37 22.74 2.71
N VAL H 383 -1.07 22.83 2.46
CA VAL H 383 -0.07 22.22 3.32
C VAL H 383 1.08 23.21 3.46
N LYS H 384 1.62 23.31 4.68
CA LYS H 384 2.75 24.20 4.90
C LYS H 384 3.98 23.75 4.13
N GLU H 385 4.65 24.71 3.48
CA GLU H 385 5.90 24.37 2.81
C GLU H 385 7.05 24.49 3.81
N PRO H 386 7.96 23.54 3.87
CA PRO H 386 9.01 23.57 4.90
C PRO H 386 9.89 24.82 4.79
N GLY H 387 10.04 25.51 5.91
CA GLY H 387 10.79 26.74 5.95
C GLY H 387 10.75 27.31 7.35
N LEU H 388 11.67 28.24 7.61
CA LEU H 388 11.92 28.66 8.99
C LEU H 388 11.40 30.08 9.26
N ASP H 389 11.79 30.61 10.41
CA ASP H 389 11.27 31.86 10.99
C ASP H 389 12.12 33.05 10.58
N ARG H 390 11.86 33.56 9.37
CA ARG H 390 12.46 34.78 8.87
C ARG H 390 11.41 35.88 8.77
N ASN H 391 10.46 35.70 7.86
CA ASN H 391 9.27 36.51 7.73
C ASN H 391 8.07 35.61 7.91
N GLY H 392 8.32 34.31 8.01
CA GLY H 392 7.34 33.25 8.09
C GLY H 392 7.67 32.22 7.04
N ALA H 393 6.98 31.09 7.12
CA ALA H 393 7.21 30.07 6.11
C ALA H 393 6.12 30.19 5.06
N HIS H 394 6.27 29.42 3.99
CA HIS H 394 5.32 29.44 2.90
C HIS H 394 4.48 28.17 2.98
N MET H 395 3.63 28.00 1.97
CA MET H 395 2.77 26.83 1.90
C MET H 395 2.76 26.35 0.46
N ARG H 396 2.32 25.12 0.30
CA ARG H 396 2.23 24.52 -1.02
C ARG H 396 0.87 23.87 -1.21
N GLU H 397 0.49 23.74 -2.47
CA GLU H 397 -0.64 22.89 -2.81
C GLU H 397 -0.18 21.45 -2.87
N VAL H 398 -1.07 20.55 -2.51
CA VAL H 398 -0.71 19.14 -2.45
C VAL H 398 -1.99 18.35 -2.71
N TRP H 399 -1.82 17.14 -3.25
CA TRP H 399 -2.94 16.39 -3.82
C TRP H 399 -2.95 14.97 -3.26
N LEU H 400 -4.09 14.58 -2.69
CA LEU H 400 -4.34 13.20 -2.29
C LEU H 400 -4.83 12.39 -3.50
N ASP H 401 -4.03 11.45 -3.97
CA ASP H 401 -4.25 10.80 -5.25
C ASP H 401 -4.65 9.33 -5.09
N LEU H 402 -5.66 8.93 -5.87
CA LEU H 402 -6.10 7.55 -6.02
C LEU H 402 -6.37 7.28 -7.48
N SER H 403 -5.88 6.15 -7.98
CA SER H 403 -6.13 5.75 -9.36
C SER H 403 -6.92 4.46 -9.34
N LEU H 404 -8.17 4.53 -9.80
CA LEU H 404 -9.05 3.36 -9.78
C LEU H 404 -8.62 2.32 -10.80
N THR H 405 -8.06 2.74 -11.92
CA THR H 405 -7.59 1.74 -12.87
C THR H 405 -6.48 0.89 -12.24
N ASP H 406 -5.76 1.46 -11.27
CA ASP H 406 -4.70 0.75 -10.57
C ASP H 406 -5.23 -0.16 -9.47
N VAL H 407 -6.05 0.39 -8.57
CA VAL H 407 -6.61 -0.45 -7.49
C VAL H 407 -7.43 -1.58 -8.08
N PHE H 408 -8.23 -1.29 -9.09
CA PHE H 408 -9.00 -2.30 -9.77
C PHE H 408 -8.34 -2.68 -11.10
N LYS H 409 -7.06 -3.01 -11.02
CA LYS H 409 -6.27 -3.40 -12.18
C LYS H 409 -6.45 -4.87 -12.54
N ASP H 410 -7.39 -5.56 -11.91
CA ASP H 410 -7.59 -6.97 -12.18
C ASP H 410 -9.04 -7.40 -12.39
N ARG H 411 -10.01 -6.50 -12.26
CA ARG H 411 -11.40 -6.82 -12.56
C ARG H 411 -11.58 -6.39 -14.00
N LYS H 412 -11.58 -7.38 -14.91
CA LYS H 412 -11.47 -7.12 -16.35
C LYS H 412 -12.42 -6.01 -16.81
N ARG H 413 -12.05 -5.38 -17.92
CA ARG H 413 -12.83 -4.22 -18.43
C ARG H 413 -13.67 -4.62 -19.63
N ARG H 414 -14.93 -4.98 -19.39
CA ARG H 414 -15.90 -5.31 -20.48
C ARG H 414 -16.35 -4.02 -21.18
N ILE H 415 -16.87 -4.13 -22.40
CA ILE H 415 -17.40 -2.94 -23.13
C ILE H 415 -18.64 -2.46 -22.38
N ALA H 416 -18.97 -1.18 -22.49
CA ALA H 416 -20.05 -0.58 -21.66
C ALA H 416 -21.41 -1.23 -21.90
N TYR H 417 -21.75 -1.60 -23.13
CA TYR H 417 -23.14 -2.10 -23.34
C TYR H 417 -23.20 -3.55 -22.92
N GLU H 418 -22.93 -3.83 -21.64
CA GLU H 418 -23.09 -5.21 -21.10
C GLU H 418 -24.11 -5.17 -19.96
N ARG H 419 -23.97 -4.21 -19.05
CA ARG H 419 -24.94 -4.06 -17.93
C ARG H 419 -26.30 -3.74 -18.52
N LEU H 420 -26.30 -2.88 -19.54
CA LEU H 420 -27.56 -2.50 -20.21
C LEU H 420 -28.27 -3.78 -20.66
N MET H 421 -27.49 -4.82 -20.97
CA MET H 421 -28.08 -6.10 -21.37
C MET H 421 -28.83 -6.72 -20.20
N LEU H 422 -28.14 -6.87 -19.06
CA LEU H 422 -28.76 -7.49 -17.90
C LEU H 422 -30.00 -6.71 -17.48
N ASP H 423 -29.89 -5.38 -17.48
CA ASP H 423 -31.04 -4.54 -17.16
C ASP H 423 -32.18 -4.79 -18.15
N LEU H 424 -31.85 -4.83 -19.44
CA LEU H 424 -32.84 -5.07 -20.48
C LEU H 424 -33.49 -6.44 -20.32
N ILE H 425 -32.68 -7.46 -20.03
CA ILE H 425 -33.21 -8.85 -19.85
C ILE H 425 -33.94 -8.88 -18.51
N GLU H 426 -33.27 -8.44 -17.45
CA GLU H 426 -33.87 -8.37 -16.10
C GLU H 426 -34.83 -7.19 -16.04
N GLY H 427 -35.64 -7.12 -15.01
CA GLY H 427 -36.59 -6.01 -14.81
C GLY H 427 -35.88 -4.67 -14.66
N ASP H 428 -34.72 -4.63 -14.00
CA ASP H 428 -34.10 -3.33 -13.62
C ASP H 428 -33.82 -2.41 -14.80
N ALA H 429 -34.09 -1.12 -14.59
CA ALA H 429 -33.85 -0.10 -15.63
C ALA H 429 -33.54 1.22 -14.93
N THR H 430 -32.38 1.33 -14.28
CA THR H 430 -31.95 2.60 -13.68
C THR H 430 -30.97 3.37 -14.56
N LEU H 431 -30.30 2.68 -15.49
CA LEU H 431 -29.28 3.29 -16.33
C LEU H 431 -29.85 3.63 -17.69
N PHE H 432 -31.15 3.91 -17.72
CA PHE H 432 -31.94 4.19 -18.89
C PHE H 432 -32.78 5.42 -18.61
N VAL H 433 -32.99 6.25 -19.61
CA VAL H 433 -33.68 7.51 -19.38
C VAL H 433 -35.18 7.24 -19.31
N ARG H 434 -35.90 8.12 -18.61
CA ARG H 434 -37.33 7.98 -18.37
C ARG H 434 -38.05 9.15 -19.04
N ARG H 435 -39.38 9.05 -19.11
CA ARG H 435 -40.14 10.06 -19.85
C ARG H 435 -40.00 11.41 -19.17
N ASP H 436 -40.23 11.46 -17.85
CA ASP H 436 -40.05 12.69 -17.10
C ASP H 436 -38.62 13.20 -17.25
N GLU H 437 -37.64 12.29 -17.28
CA GLU H 437 -36.26 12.69 -17.57
C GLU H 437 -36.15 13.25 -18.98
N VAL H 438 -36.50 12.43 -19.98
CA VAL H 438 -36.36 12.84 -21.38
C VAL H 438 -37.16 14.12 -21.65
N GLU H 439 -38.41 14.15 -21.21
CA GLU H 439 -39.25 15.31 -21.48
C GLU H 439 -38.78 16.53 -20.70
N ALA H 440 -38.28 16.36 -19.48
CA ALA H 440 -37.74 17.50 -18.75
C ALA H 440 -36.40 17.95 -19.34
N GLN H 441 -35.65 17.03 -19.96
CA GLN H 441 -34.43 17.44 -20.66
C GLN H 441 -34.78 18.35 -21.83
N TRP H 442 -35.84 18.01 -22.56
CA TRP H 442 -36.13 18.71 -23.81
C TRP H 442 -36.61 20.13 -23.58
N ILE H 443 -37.37 20.36 -22.50
CA ILE H 443 -37.88 21.69 -22.22
C ILE H 443 -36.72 22.69 -22.07
N TRP H 444 -35.72 22.32 -21.28
CA TRP H 444 -34.62 23.23 -20.98
C TRP H 444 -33.72 23.46 -22.18
N ILE H 445 -33.47 22.43 -22.98
CA ILE H 445 -32.54 22.56 -24.11
C ILE H 445 -33.10 23.53 -25.14
N ASP H 446 -34.40 23.42 -25.41
CA ASP H 446 -35.03 24.27 -26.41
C ASP H 446 -35.09 25.73 -25.98
N GLY H 447 -35.14 26.01 -24.68
CA GLY H 447 -35.10 27.40 -24.26
C GLY H 447 -33.78 28.05 -24.62
N ILE H 448 -32.70 27.26 -24.65
CA ILE H 448 -31.42 27.76 -25.12
C ILE H 448 -31.40 27.85 -26.64
N ARG H 449 -31.94 26.82 -27.31
CA ARG H 449 -31.97 26.81 -28.76
C ARG H 449 -32.88 27.90 -29.29
N GLU H 450 -34.07 28.04 -28.72
CA GLU H 450 -34.93 29.15 -29.06
C GLU H 450 -34.32 30.46 -28.59
N GLY H 451 -33.57 30.42 -27.48
CA GLY H 451 -33.10 31.65 -26.89
C GLY H 451 -32.10 32.41 -27.76
N TRP H 452 -31.13 31.71 -28.33
CA TRP H 452 -30.22 32.41 -29.22
C TRP H 452 -30.68 32.42 -30.67
N LYS H 453 -31.81 31.77 -30.96
CA LYS H 453 -32.45 32.01 -32.25
C LYS H 453 -33.10 33.38 -32.28
N ALA H 454 -33.57 33.85 -31.11
CA ALA H 454 -34.04 35.21 -30.99
C ALA H 454 -32.91 36.21 -30.73
N ASN H 455 -31.74 35.75 -30.31
CA ASN H 455 -30.59 36.62 -30.07
C ASN H 455 -29.62 36.74 -31.23
N SER H 456 -29.74 35.90 -32.25
CA SER H 456 -28.83 35.93 -33.40
C SER H 456 -27.37 35.79 -32.95
N MET H 457 -27.10 34.66 -32.28
CA MET H 457 -25.77 34.37 -31.74
C MET H 457 -25.08 33.40 -32.68
N LYS H 458 -24.35 33.93 -33.66
CA LYS H 458 -23.59 33.05 -34.53
C LYS H 458 -22.33 32.57 -33.82
N PRO H 459 -21.88 31.36 -34.12
CA PRO H 459 -20.67 30.86 -33.46
C PRO H 459 -19.42 31.53 -33.99
N LYS H 460 -18.35 31.37 -33.22
CA LYS H 460 -17.03 31.85 -33.61
C LYS H 460 -16.13 30.62 -33.67
N THR H 461 -15.27 30.56 -34.68
CA THR H 461 -14.49 29.35 -34.84
C THR H 461 -13.32 29.34 -33.86
N TYR H 462 -12.77 28.15 -33.66
CA TYR H 462 -11.56 28.01 -32.89
C TYR H 462 -10.63 27.06 -33.61
N VAL H 463 -9.34 27.19 -33.32
CA VAL H 463 -8.31 26.38 -33.95
C VAL H 463 -8.24 25.03 -33.25
N SER H 464 -8.28 23.95 -34.03
CA SER H 464 -8.28 22.62 -33.45
C SER H 464 -7.06 22.44 -32.56
N GLY H 465 -7.31 22.27 -31.26
CA GLY H 465 -6.26 22.19 -30.28
C GLY H 465 -6.07 23.43 -29.43
N THR H 466 -7.10 24.28 -29.32
CA THR H 466 -7.01 25.55 -28.61
C THR H 466 -7.73 25.56 -27.27
N TRP H 467 -8.68 24.64 -27.06
CA TRP H 467 -9.54 24.50 -25.87
C TRP H 467 -10.77 25.40 -25.93
N GLY H 468 -11.03 25.99 -27.08
CA GLY H 468 -12.21 26.78 -27.32
C GLY H 468 -11.86 28.22 -27.59
N PRO H 469 -12.83 28.99 -28.08
CA PRO H 469 -12.56 30.37 -28.49
C PRO H 469 -12.34 31.29 -27.31
N ILE H 470 -11.51 32.30 -27.53
CA ILE H 470 -11.07 33.23 -26.49
C ILE H 470 -12.26 33.84 -25.74
N THR H 471 -13.47 33.61 -26.25
CA THR H 471 -14.68 34.04 -25.56
C THR H 471 -15.09 33.10 -24.43
N ALA H 472 -14.66 31.83 -24.48
CA ALA H 472 -14.94 30.89 -23.40
C ALA H 472 -14.21 31.24 -22.11
N ILE H 473 -13.23 32.14 -22.16
CA ILE H 473 -12.57 32.58 -20.92
C ILE H 473 -13.45 33.59 -20.21
N ALA H 474 -14.17 34.42 -20.96
CA ALA H 474 -15.04 35.42 -20.33
C ALA H 474 -16.13 34.74 -19.53
N LEU H 475 -16.66 33.63 -20.03
CA LEU H 475 -17.69 32.90 -19.32
C LEU H 475 -17.27 32.56 -17.89
N VAL H 476 -16.01 32.17 -17.70
CA VAL H 476 -15.51 31.94 -16.35
C VAL H 476 -14.93 33.20 -15.74
N GLU H 477 -14.09 33.92 -16.50
CA GLU H 477 -13.35 35.05 -15.94
C GLU H 477 -14.23 36.22 -15.52
N ARG H 478 -15.43 36.36 -16.07
CA ARG H 478 -16.29 37.46 -15.65
C ARG H 478 -16.88 37.28 -14.26
N ASP H 479 -16.87 36.07 -13.71
CA ASP H 479 -17.32 35.83 -12.34
C ASP H 479 -16.17 35.70 -11.36
N GLY H 480 -14.93 35.79 -11.83
CA GLY H 480 -13.78 35.54 -11.00
C GLY H 480 -13.28 34.12 -11.14
N VAL H 481 -13.94 33.32 -11.95
CA VAL H 481 -13.66 31.91 -12.10
C VAL H 481 -12.70 31.76 -13.28
N THR H 482 -11.88 30.73 -13.24
CA THR H 482 -11.06 30.39 -14.38
C THR H 482 -11.23 28.89 -14.58
N TRP H 483 -11.47 28.48 -15.84
CA TRP H 483 -11.73 27.08 -16.13
C TRP H 483 -10.59 26.26 -15.54
N TYR H 484 -10.89 25.32 -14.65
CA TYR H 484 -9.78 24.64 -14.01
C TYR H 484 -9.15 23.72 -15.04
N ASP H 485 -7.90 24.03 -15.37
CA ASP H 485 -7.03 23.20 -16.17
C ASP H 485 -5.65 23.34 -15.56
N LEU H 486 -4.79 22.36 -15.82
CA LEU H 486 -3.48 22.38 -15.19
C LEU H 486 -2.63 23.53 -15.73
N GLU H 487 -1.55 23.81 -15.00
CA GLU H 487 -0.67 24.94 -15.25
C GLU H 487 0.28 24.66 -16.42
#